data_6PW5
#
_entry.id   6PW5
#
_cell.length_a   1.00
_cell.length_b   1.00
_cell.length_c   1.00
_cell.angle_alpha   90.00
_cell.angle_beta   90.00
_cell.angle_gamma   90.00
#
_symmetry.space_group_name_H-M   'P 1'
#
loop_
_entity.id
_entity.type
_entity.pdbx_description
1 polymer 'TRP-like ion channel'
2 non-polymer '[(2R)-2-octanoyloxy-3-[oxidanyl-[(1R,2R,3S,4R,5R,6S)-2,3,6-tris(oxidanyl)-4,5-diphosphonooxy-cyclohexyl]oxy-phosphoryl]oxy-propyl] octanoate'
3 non-polymer 1,2-DIOLEOYL-SN-GLYCERO-3-PHOSPHOCHOLINE
4 non-polymer '(2S)-3-{[(R)-hydroxy{[(1R,2R,3S,4R,5R,6S)-2,3,6-trihydroxy-4,5-bis(phosphonooxy)cyclohexyl]oxy}phosphoryl]oxy}propane-1,2-diyl dihexadecanoate'
#
_entity_poly.entity_id   1
_entity_poly.type   'polypeptide(L)'
_entity_poly.pdbx_seq_one_letter_code
;MKVAPAPASGQPGGGSKKPSDYGCQLHYKHARVVEPESTTDDGMKRLKDVGDKGTLITAAELGLVDKYRDLKRAGQDILT
CDWPYHYSSILYACYGNQYKILQMVEREFVGSTQELTAMHTTRCWVGKNSAMVAAYQGHLETMLYIIDLDMQGKFTEDLF
KQRDVMGKNAMMWAASQGHTDTIEVLLVRSLYRLLPEDCADPLVLKTRWKLVSLLADLASHCRDYDPGCSRSFFQEVLAS
IKYDPVEGARQEEAAAAGGGGSAREGAALHEPTWGVDDGEEEERRHGVKHSDLVGKSAASTTAAAAAGGKTASGKPGEPG
GGGAVKLKDVHITVRTLQGVIVSAYRAGMNCMGVIMYCQSLLQQARYFDDLVAQLTAWEVKLLDTCRNKQEVQAILAPTE
DDPSEPVGYALATFDKAFLSHKFVQQIFTEKWDTMGVTDYTKSLFGVVWGGCSLVVAFAAWATICPLVVVARSFLSPVQD
FMMRGKVIVDSRFPWHVPLYRWLLTQCALITFTVLLSYLVFSFDPSDPVPASVAPLNTFLAVWCAAILVDEVQEYVEEGR
AEYMSSGWNVMDVTMALSYILHYILRIIAVRVTDNLNILLVVNDLLAAAALMAWFRMVSVFELSSAIGPLIQMMKQMLIK
DVTRFALLVLVILLGFSVGMEALFQEACIERDPTTNECTKYTSWGYDWQKDGLVGGMTFLQYIALGNANPVDFEQKRVTG
VIFYLIFAIVTAILLLNLFIAMLADTYTRVSTQAMVEFRYRKAKLMASYSRRDFVCPPFNLLHLVCAAVGNGLRRLVWGP
DGFTPVSMRKNETVPLFSWYFPQGEEMRQVVVLQRRVVDDFLNSNRVALFREKLNAELPNLVHEMLKQKGKGDGGALAGG
GAAASTTVLATAVSVTAAAGH
;
_entity_poly.pdbx_strand_id   A,B,C,D
#
# COMPACT_ATOMS: atom_id res chain seq x y z
N LYS A 17 -48.27 -18.68 -16.01
CA LYS A 17 -47.70 -19.53 -14.98
C LYS A 17 -46.75 -18.76 -14.07
N LYS A 18 -45.99 -19.52 -13.27
CA LYS A 18 -44.94 -18.95 -12.45
C LYS A 18 -43.84 -18.39 -13.35
N PRO A 19 -43.14 -17.35 -12.91
CA PRO A 19 -42.07 -16.80 -13.75
C PRO A 19 -40.81 -17.66 -13.73
N SER A 20 -39.74 -17.14 -14.31
CA SER A 20 -38.47 -17.87 -14.31
C SER A 20 -37.80 -17.75 -12.94
N ASP A 21 -36.58 -18.28 -12.84
CA ASP A 21 -35.79 -18.07 -11.64
C ASP A 21 -35.34 -16.62 -11.55
N TYR A 22 -34.92 -16.08 -12.70
CA TYR A 22 -34.72 -14.64 -12.90
C TYR A 22 -36.01 -13.87 -12.73
N GLY A 23 -37.17 -14.52 -12.91
CA GLY A 23 -38.43 -13.81 -12.86
C GLY A 23 -38.75 -13.25 -11.48
N CYS A 24 -38.81 -14.10 -10.49
CA CYS A 24 -39.17 -13.65 -9.15
C CYS A 24 -38.03 -12.97 -8.42
N GLN A 25 -36.91 -12.69 -9.07
CA GLN A 25 -35.78 -12.07 -8.41
C GLN A 25 -35.55 -10.64 -8.87
N LEU A 26 -35.76 -10.36 -10.15
CA LEU A 26 -35.53 -9.03 -10.70
C LEU A 26 -36.77 -8.25 -11.07
N HIS A 27 -37.88 -8.91 -11.42
CA HIS A 27 -39.04 -8.17 -11.92
C HIS A 27 -39.68 -7.28 -10.86
N TYR A 28 -40.48 -6.33 -11.33
CA TYR A 28 -41.10 -5.33 -10.48
C TYR A 28 -42.13 -6.00 -9.59
N LYS A 29 -41.99 -5.79 -8.28
CA LYS A 29 -42.67 -6.63 -7.29
C LYS A 29 -44.16 -6.35 -7.24
N HIS A 30 -44.54 -5.08 -7.18
CA HIS A 30 -45.89 -4.72 -6.81
C HIS A 30 -46.83 -4.85 -8.01
N ALA A 31 -48.11 -4.66 -7.74
CA ALA A 31 -49.14 -4.69 -8.77
C ALA A 31 -49.71 -3.29 -8.95
N ARG A 32 -50.01 -2.95 -10.20
CA ARG A 32 -50.40 -1.59 -10.58
C ARG A 32 -51.52 -1.65 -11.60
N VAL A 33 -51.97 -0.47 -12.04
CA VAL A 33 -52.98 -0.37 -13.08
C VAL A 33 -52.81 0.94 -13.83
N LYS A 53 -55.90 29.25 -14.65
CA LYS A 53 -57.31 29.18 -14.32
C LYS A 53 -57.92 30.58 -14.31
N GLY A 54 -57.28 31.51 -15.01
CA GLY A 54 -57.78 32.87 -15.08
C GLY A 54 -56.70 33.92 -15.14
N THR A 55 -55.48 33.56 -14.76
CA THR A 55 -54.32 34.42 -14.91
C THR A 55 -53.43 33.91 -16.02
N LEU A 56 -52.50 34.77 -16.43
CA LEU A 56 -51.53 34.35 -17.46
C LEU A 56 -50.54 33.35 -16.89
N ILE A 57 -50.33 33.37 -15.58
CA ILE A 57 -49.39 32.46 -14.92
C ILE A 57 -49.84 31.02 -15.07
N THR A 58 -51.09 30.72 -14.70
CA THR A 58 -51.53 29.33 -14.71
C THR A 58 -52.01 28.87 -16.07
N ALA A 59 -51.97 29.74 -17.09
CA ALA A 59 -52.03 29.28 -18.45
C ALA A 59 -50.64 29.17 -19.06
N ALA A 60 -49.65 29.79 -18.42
CA ALA A 60 -48.26 29.61 -18.85
C ALA A 60 -47.70 28.30 -18.36
N GLU A 61 -47.98 27.96 -17.11
CA GLU A 61 -47.39 26.76 -16.52
C GLU A 61 -48.00 25.51 -17.13
N LEU A 62 -49.29 25.55 -17.45
CA LEU A 62 -49.93 24.40 -18.04
C LEU A 62 -49.69 24.31 -19.54
N GLY A 63 -49.42 25.43 -20.19
CA GLY A 63 -49.02 25.42 -21.56
C GLY A 63 -50.10 25.69 -22.58
N LEU A 64 -51.23 26.25 -22.17
CA LEU A 64 -52.32 26.53 -23.08
C LEU A 64 -51.97 27.76 -23.91
N VAL A 65 -51.79 27.58 -25.21
CA VAL A 65 -51.32 28.67 -26.05
C VAL A 65 -52.44 29.67 -26.32
N ASP A 66 -53.60 29.17 -26.73
CA ASP A 66 -54.70 30.05 -27.11
C ASP A 66 -55.31 30.73 -25.90
N LYS A 67 -55.37 30.04 -24.77
CA LYS A 67 -55.86 30.65 -23.54
C LYS A 67 -54.91 31.71 -23.04
N TYR A 68 -53.61 31.58 -23.33
CA TYR A 68 -52.65 32.63 -23.06
C TYR A 68 -52.78 33.76 -24.07
N ARG A 69 -53.25 33.47 -25.28
CA ARG A 69 -53.40 34.50 -26.29
C ARG A 69 -54.66 35.32 -26.07
N ASP A 70 -55.73 34.67 -25.61
CA ASP A 70 -57.00 35.36 -25.37
C ASP A 70 -56.91 36.29 -24.17
N LEU A 71 -56.39 35.79 -23.06
CA LEU A 71 -56.35 36.57 -21.83
C LEU A 71 -55.31 37.68 -21.88
N LYS A 72 -54.35 37.59 -22.80
CA LYS A 72 -53.43 38.71 -22.98
C LYS A 72 -54.04 39.80 -23.85
N ARG A 73 -55.03 39.47 -24.68
CA ARG A 73 -55.77 40.50 -25.39
C ARG A 73 -56.72 41.26 -24.47
N ALA A 74 -57.00 40.73 -23.29
CA ALA A 74 -57.45 41.54 -22.16
C ALA A 74 -56.31 41.96 -21.25
N GLY A 75 -55.27 41.12 -21.14
CA GLY A 75 -53.99 41.52 -20.58
C GLY A 75 -53.79 41.34 -19.09
N GLN A 76 -53.96 42.46 -18.39
CA GLN A 76 -53.71 42.82 -16.98
C GLN A 76 -52.22 42.99 -16.69
N ASP A 77 -51.35 42.34 -17.48
CA ASP A 77 -49.90 42.57 -17.62
C ASP A 77 -49.41 41.58 -18.66
N ILE A 78 -48.09 41.48 -18.82
CA ILE A 78 -47.45 40.31 -19.43
C ILE A 78 -46.40 39.83 -18.43
N LEU A 79 -46.16 40.64 -17.40
CA LEU A 79 -45.28 40.29 -16.29
C LEU A 79 -46.01 40.34 -14.96
N THR A 80 -47.20 39.76 -14.87
CA THR A 80 -47.87 39.59 -13.59
C THR A 80 -47.05 38.65 -12.72
N CYS A 81 -46.48 39.17 -11.65
CA CYS A 81 -45.57 38.41 -10.81
C CYS A 81 -46.25 38.07 -9.49
N ASP A 82 -46.29 36.79 -9.16
CA ASP A 82 -46.90 36.36 -7.91
C ASP A 82 -45.97 36.68 -6.73
N TRP A 83 -46.55 36.65 -5.54
CA TRP A 83 -45.86 37.32 -4.44
C TRP A 83 -44.67 36.61 -3.81
N PRO A 84 -44.79 35.41 -3.21
CA PRO A 84 -43.71 34.97 -2.30
C PRO A 84 -42.42 34.65 -3.04
N TYR A 85 -42.53 34.23 -4.29
CA TYR A 85 -41.42 34.07 -5.22
C TYR A 85 -41.75 34.88 -6.46
N HIS A 86 -40.78 35.64 -6.94
CA HIS A 86 -41.02 36.75 -7.85
C HIS A 86 -40.92 36.28 -9.30
N TYR A 87 -41.87 35.45 -9.69
CA TYR A 87 -41.89 34.83 -11.02
C TYR A 87 -42.86 35.54 -11.95
N SER A 88 -42.38 35.92 -13.12
CA SER A 88 -43.23 36.51 -14.15
C SER A 88 -44.00 35.40 -14.85
N SER A 89 -44.80 35.79 -15.85
CA SER A 89 -45.48 34.80 -16.68
C SER A 89 -44.55 34.18 -17.70
N ILE A 90 -43.41 34.80 -17.95
CA ILE A 90 -42.38 34.19 -18.78
C ILE A 90 -41.73 33.03 -18.03
N LEU A 91 -41.32 33.28 -16.80
CA LEU A 91 -40.54 32.32 -16.02
C LEU A 91 -41.36 31.17 -15.48
N TYR A 92 -42.61 31.01 -15.87
CA TYR A 92 -43.29 29.73 -15.70
C TYR A 92 -43.29 28.90 -16.96
N ALA A 93 -43.12 29.51 -18.12
CA ALA A 93 -42.87 28.72 -19.31
C ALA A 93 -41.49 28.09 -19.25
N CYS A 94 -40.48 28.87 -18.86
CA CYS A 94 -39.14 28.35 -18.64
C CYS A 94 -39.11 27.33 -17.51
N TYR A 95 -39.96 27.51 -16.52
CA TYR A 95 -40.07 26.56 -15.43
C TYR A 95 -40.63 25.24 -15.91
N GLY A 96 -41.85 25.24 -16.42
CA GLY A 96 -42.52 24.00 -16.73
C GLY A 96 -42.39 23.50 -18.16
N ASN A 97 -41.33 23.92 -18.85
CA ASN A 97 -40.91 23.38 -20.16
C ASN A 97 -41.95 23.63 -21.23
N GLN A 98 -42.32 24.90 -21.41
CA GLN A 98 -43.09 25.32 -22.57
C GLN A 98 -42.28 26.34 -23.34
N TYR A 99 -41.51 25.86 -24.30
CA TYR A 99 -40.92 26.74 -25.29
C TYR A 99 -41.94 27.27 -26.27
N LYS A 100 -43.14 26.68 -26.31
CA LYS A 100 -44.18 27.09 -27.25
C LYS A 100 -44.62 28.51 -27.01
N ILE A 101 -45.02 28.82 -25.78
CA ILE A 101 -45.54 30.16 -25.51
C ILE A 101 -44.44 31.18 -25.23
N LEU A 102 -43.18 30.74 -25.13
CA LEU A 102 -42.08 31.70 -25.19
C LEU A 102 -41.85 32.12 -26.62
N GLN A 103 -42.24 31.26 -27.56
CA GLN A 103 -42.06 31.52 -28.97
C GLN A 103 -43.20 32.32 -29.54
N MET A 104 -44.36 32.25 -28.92
CA MET A 104 -45.48 33.07 -29.33
C MET A 104 -45.22 34.53 -29.01
N VAL A 105 -44.66 34.82 -27.82
CA VAL A 105 -44.34 36.18 -27.42
C VAL A 105 -43.26 36.76 -28.30
N GLU A 106 -42.29 35.93 -28.71
CA GLU A 106 -41.23 36.40 -29.59
C GLU A 106 -41.74 36.64 -31.00
N ARG A 107 -42.83 35.97 -31.39
CA ARG A 107 -43.46 36.25 -32.67
C ARG A 107 -44.53 37.33 -32.56
N GLU A 108 -45.47 37.18 -31.63
CA GLU A 108 -46.62 38.10 -31.60
C GLU A 108 -46.27 39.40 -30.90
N PHE A 109 -46.00 39.33 -29.59
CA PHE A 109 -46.05 40.52 -28.74
C PHE A 109 -44.67 41.07 -28.41
N VAL A 110 -43.91 41.48 -29.43
CA VAL A 110 -42.61 42.08 -29.16
C VAL A 110 -42.33 43.13 -30.23
N GLY A 111 -41.59 44.16 -29.84
CA GLY A 111 -41.28 45.25 -30.74
C GLY A 111 -39.84 45.31 -31.18
N SER A 112 -38.91 44.98 -30.29
CA SER A 112 -37.50 45.18 -30.56
C SER A 112 -36.69 44.15 -29.78
N THR A 113 -35.37 44.17 -30.00
CA THR A 113 -34.47 43.33 -29.22
C THR A 113 -34.42 43.78 -27.78
N GLN A 114 -34.42 45.09 -27.55
CA GLN A 114 -34.32 45.66 -26.22
C GLN A 114 -35.56 45.41 -25.36
N GLU A 115 -36.68 45.09 -25.99
CA GLU A 115 -37.90 44.78 -25.25
C GLU A 115 -37.98 43.30 -24.91
N LEU A 116 -37.40 42.44 -25.73
CA LEU A 116 -37.42 40.99 -25.48
C LEU A 116 -36.50 40.61 -24.36
N THR A 117 -35.32 41.22 -24.27
CA THR A 117 -34.39 40.88 -23.21
C THR A 117 -34.82 41.39 -21.86
N ALA A 118 -35.71 42.37 -21.81
CA ALA A 118 -36.27 42.78 -20.53
C ALA A 118 -37.23 41.76 -19.97
N MET A 119 -37.71 40.85 -20.81
CA MET A 119 -38.63 39.82 -20.38
C MET A 119 -37.91 38.59 -19.86
N HIS A 120 -36.84 38.18 -20.54
CA HIS A 120 -36.05 37.05 -20.08
C HIS A 120 -35.16 37.40 -18.91
N THR A 121 -34.69 38.64 -18.81
CA THR A 121 -33.89 39.05 -17.65
C THR A 121 -34.75 39.67 -16.56
N THR A 122 -35.85 39.03 -16.20
CA THR A 122 -36.69 39.48 -15.10
C THR A 122 -36.44 38.50 -13.97
N ARG A 123 -35.67 38.93 -12.99
CA ARG A 123 -35.11 38.00 -12.03
C ARG A 123 -36.17 37.47 -11.09
N CYS A 124 -35.90 36.28 -10.55
CA CYS A 124 -36.70 35.65 -9.54
C CYS A 124 -36.48 36.34 -8.19
N TRP A 125 -37.05 35.79 -7.12
CA TRP A 125 -36.69 36.35 -5.82
C TRP A 125 -35.32 35.89 -5.38
N VAL A 126 -34.84 34.78 -5.92
CA VAL A 126 -33.46 34.37 -5.74
C VAL A 126 -32.56 35.07 -6.74
N GLY A 127 -33.05 35.30 -7.95
CA GLY A 127 -32.28 36.08 -8.90
C GLY A 127 -32.05 35.35 -10.20
N LYS A 128 -32.91 34.40 -10.52
CA LYS A 128 -32.74 33.59 -11.72
C LYS A 128 -33.37 34.28 -12.91
N ASN A 129 -32.68 34.30 -14.04
CA ASN A 129 -33.26 34.82 -15.26
C ASN A 129 -33.89 33.67 -16.03
N SER A 130 -34.17 33.86 -17.31
CA SER A 130 -34.87 32.82 -18.05
C SER A 130 -33.98 31.62 -18.33
N ALA A 131 -32.69 31.83 -18.50
CA ALA A 131 -31.79 30.73 -18.82
C ALA A 131 -31.36 29.95 -17.61
N MET A 132 -31.45 30.52 -16.41
CA MET A 132 -31.10 29.74 -15.23
C MET A 132 -32.18 28.74 -14.92
N VAL A 133 -33.45 29.18 -14.94
CA VAL A 133 -34.61 28.36 -14.57
C VAL A 133 -34.77 27.17 -15.50
N ALA A 134 -34.39 27.33 -16.77
CA ALA A 134 -34.41 26.21 -17.68
C ALA A 134 -33.21 25.30 -17.52
N ALA A 135 -32.15 25.75 -16.84
CA ALA A 135 -30.99 24.91 -16.52
C ALA A 135 -30.95 24.52 -15.06
N TYR A 136 -31.67 25.24 -14.20
CA TYR A 136 -31.90 24.86 -12.81
C TYR A 136 -32.56 23.51 -12.68
N GLN A 137 -33.29 23.08 -13.70
CA GLN A 137 -33.86 21.75 -13.79
C GLN A 137 -33.91 21.37 -15.25
N GLY A 138 -33.77 20.07 -15.52
CA GLY A 138 -33.44 19.64 -16.87
C GLY A 138 -34.56 19.84 -17.86
N HIS A 139 -34.42 20.88 -18.66
CA HIS A 139 -35.41 21.25 -19.65
C HIS A 139 -34.67 21.58 -20.95
N LEU A 140 -34.00 20.58 -21.53
CA LEU A 140 -33.45 20.66 -22.88
C LEU A 140 -34.28 21.43 -23.89
N GLU A 141 -35.58 21.12 -23.97
CA GLU A 141 -36.40 21.69 -25.03
C GLU A 141 -36.62 23.19 -24.85
N THR A 142 -36.51 23.68 -23.63
CA THR A 142 -36.53 25.11 -23.40
C THR A 142 -35.15 25.73 -23.50
N MET A 143 -34.12 25.03 -23.00
CA MET A 143 -32.74 25.52 -23.11
C MET A 143 -32.30 25.62 -24.56
N LEU A 144 -32.75 24.71 -25.40
CA LEU A 144 -32.39 24.80 -26.81
C LEU A 144 -33.13 25.92 -27.51
N TYR A 145 -34.26 26.37 -26.98
CA TYR A 145 -34.90 27.53 -27.55
C TYR A 145 -34.15 28.80 -27.20
N ILE A 146 -33.68 28.91 -25.97
CA ILE A 146 -33.00 30.12 -25.51
C ILE A 146 -31.64 30.25 -26.17
N ILE A 147 -30.94 29.13 -26.33
CA ILE A 147 -29.64 29.14 -27.00
C ILE A 147 -29.80 29.49 -28.47
N ASP A 148 -30.84 28.98 -29.12
CA ASP A 148 -31.12 29.35 -30.50
C ASP A 148 -31.52 30.80 -30.63
N LEU A 149 -32.14 31.37 -29.60
CA LEU A 149 -32.36 32.80 -29.57
C LEU A 149 -31.09 33.58 -29.28
N ASP A 150 -30.04 32.91 -28.84
CA ASP A 150 -28.79 33.57 -28.52
C ASP A 150 -27.75 33.41 -29.60
N MET A 151 -27.79 32.30 -30.35
CA MET A 151 -26.94 32.16 -31.54
C MET A 151 -27.35 33.14 -32.62
N GLN A 152 -28.65 33.42 -32.74
CA GLN A 152 -29.16 34.31 -33.76
C GLN A 152 -28.96 35.78 -33.42
N GLY A 153 -28.49 36.08 -32.22
CA GLY A 153 -28.22 37.45 -31.86
C GLY A 153 -29.43 38.27 -31.51
N LYS A 154 -30.52 37.64 -31.09
CA LYS A 154 -31.74 38.33 -30.72
C LYS A 154 -31.75 38.76 -29.27
N PHE A 155 -30.60 38.79 -28.62
CA PHE A 155 -30.48 39.35 -27.28
C PHE A 155 -29.59 40.57 -27.30
N THR A 156 -29.43 41.18 -26.13
CA THR A 156 -28.54 42.31 -25.97
C THR A 156 -27.62 42.16 -24.77
N GLU A 157 -27.77 41.11 -23.97
CA GLU A 157 -26.90 40.84 -22.84
C GLU A 157 -26.51 39.38 -22.87
N ASP A 158 -25.35 39.07 -22.28
CA ASP A 158 -24.93 37.67 -22.22
C ASP A 158 -25.77 37.00 -21.15
N LEU A 159 -26.80 36.30 -21.58
CA LEU A 159 -27.80 35.76 -20.69
C LEU A 159 -27.28 34.58 -19.88
N PHE A 160 -26.20 33.96 -20.33
CA PHE A 160 -25.65 32.77 -19.71
C PHE A 160 -24.43 33.08 -18.87
N LYS A 161 -24.18 34.36 -18.61
CA LYS A 161 -23.00 34.78 -17.90
C LYS A 161 -23.40 35.56 -16.66
N GLN A 162 -24.68 35.90 -16.53
CA GLN A 162 -25.22 36.58 -15.36
C GLN A 162 -25.21 35.65 -14.16
N ARG A 163 -25.26 36.25 -12.98
CA ARG A 163 -25.22 35.54 -11.73
C ARG A 163 -26.53 35.74 -10.98
N ASP A 164 -26.61 35.17 -9.79
CA ASP A 164 -27.75 35.38 -8.90
C ASP A 164 -27.21 35.78 -7.53
N VAL A 165 -28.08 35.67 -6.52
CA VAL A 165 -27.69 35.92 -5.13
C VAL A 165 -26.49 35.08 -4.72
N MET A 166 -26.47 33.80 -5.08
CA MET A 166 -25.34 32.97 -4.69
C MET A 166 -24.17 33.02 -5.64
N GLY A 167 -24.24 33.83 -6.69
CA GLY A 167 -23.16 33.81 -7.65
C GLY A 167 -23.18 32.61 -8.55
N LYS A 168 -24.26 31.85 -8.57
CA LYS A 168 -24.36 30.72 -9.47
C LYS A 168 -24.63 31.21 -10.89
N ASN A 169 -24.53 30.30 -11.83
CA ASN A 169 -24.60 30.60 -13.24
C ASN A 169 -25.62 29.67 -13.85
N ALA A 170 -25.97 29.88 -15.13
CA ALA A 170 -26.79 28.90 -15.81
C ALA A 170 -26.05 27.61 -16.03
N MET A 171 -24.75 27.69 -16.27
CA MET A 171 -23.90 26.51 -16.38
C MET A 171 -23.55 25.95 -15.01
N MET A 172 -23.61 26.76 -13.97
CA MET A 172 -23.34 26.30 -12.61
C MET A 172 -24.58 25.80 -11.90
N TRP A 173 -25.79 26.09 -12.39
CA TRP A 173 -26.95 25.41 -11.86
C TRP A 173 -27.13 24.04 -12.49
N ALA A 174 -26.89 23.92 -13.79
CA ALA A 174 -27.08 22.66 -14.45
C ALA A 174 -26.01 21.65 -14.06
N ALA A 175 -24.87 22.10 -13.59
CA ALA A 175 -23.84 21.18 -13.11
C ALA A 175 -24.05 20.83 -11.65
N SER A 176 -24.61 21.73 -10.86
CA SER A 176 -24.86 21.49 -9.46
C SER A 176 -25.99 20.49 -9.26
N GLN A 177 -27.07 20.64 -10.01
CA GLN A 177 -28.17 19.71 -9.94
C GLN A 177 -27.84 18.40 -10.65
N GLY A 178 -27.02 18.46 -11.68
CA GLY A 178 -26.56 17.28 -12.34
C GLY A 178 -27.32 16.92 -13.59
N HIS A 179 -27.94 17.87 -14.26
CA HIS A 179 -28.71 17.55 -15.46
C HIS A 179 -27.74 17.46 -16.61
N THR A 180 -27.24 16.24 -16.82
CA THR A 180 -26.12 15.99 -17.72
C THR A 180 -26.50 16.19 -19.18
N ASP A 181 -27.78 16.28 -19.50
CA ASP A 181 -28.18 16.52 -20.87
C ASP A 181 -28.31 18.01 -21.22
N THR A 182 -28.45 18.89 -20.23
CA THR A 182 -28.34 20.31 -20.49
C THR A 182 -26.95 20.84 -20.24
N ILE A 183 -26.06 20.04 -19.66
CA ILE A 183 -24.68 20.46 -19.52
C ILE A 183 -23.98 20.39 -20.86
N GLU A 184 -24.21 19.31 -21.62
CA GLU A 184 -23.59 19.16 -22.94
C GLU A 184 -24.05 20.24 -23.89
N VAL A 185 -25.33 20.58 -23.83
CA VAL A 185 -25.87 21.65 -24.66
C VAL A 185 -25.27 22.99 -24.28
N LEU A 186 -24.90 23.16 -23.02
CA LEU A 186 -24.14 24.34 -22.63
C LEU A 186 -22.65 24.20 -22.91
N LEU A 187 -22.14 22.98 -23.03
CA LEU A 187 -20.74 22.82 -23.45
C LEU A 187 -20.57 23.12 -24.91
N VAL A 188 -21.50 22.68 -25.75
CA VAL A 188 -21.39 22.87 -27.19
C VAL A 188 -21.56 24.34 -27.55
N ARG A 189 -22.33 25.07 -26.75
CA ARG A 189 -22.46 26.50 -27.00
C ARG A 189 -21.18 27.24 -26.67
N SER A 190 -20.50 26.88 -25.59
CA SER A 190 -19.26 27.57 -25.25
C SER A 190 -18.07 27.10 -26.07
N LEU A 191 -18.18 25.97 -26.75
CA LEU A 191 -17.15 25.56 -27.70
C LEU A 191 -17.37 26.23 -29.05
N TYR A 192 -18.62 26.40 -29.44
CA TYR A 192 -18.95 27.14 -30.65
C TYR A 192 -18.57 28.60 -30.52
N ARG A 193 -18.80 29.18 -29.36
CA ARG A 193 -18.63 30.61 -29.17
C ARG A 193 -17.16 30.98 -29.04
N LEU A 194 -16.30 29.99 -28.79
CA LEU A 194 -14.86 30.18 -28.82
C LEU A 194 -14.36 30.46 -30.23
N LEU A 195 -14.87 29.74 -31.21
CA LEU A 195 -14.39 29.86 -32.59
C LEU A 195 -14.90 31.16 -33.21
N PRO A 196 -14.04 31.92 -33.88
CA PRO A 196 -14.46 33.22 -34.42
C PRO A 196 -15.28 33.06 -35.68
N GLU A 197 -16.34 33.86 -35.80
CA GLU A 197 -17.22 33.80 -36.95
C GLU A 197 -16.72 34.65 -38.11
N ASP A 198 -15.65 35.42 -37.91
CA ASP A 198 -15.18 36.34 -38.92
C ASP A 198 -14.17 35.71 -39.86
N CYS A 199 -13.37 34.76 -39.37
CA CYS A 199 -12.38 34.11 -40.21
C CYS A 199 -13.05 33.14 -41.17
N ALA A 200 -12.42 32.93 -42.33
CA ALA A 200 -12.93 32.02 -43.35
C ALA A 200 -11.80 31.08 -43.73
N ASP A 201 -11.66 30.01 -42.96
CA ASP A 201 -10.74 28.92 -43.20
C ASP A 201 -11.59 27.66 -43.31
N PRO A 202 -11.28 26.73 -44.22
CA PRO A 202 -12.20 25.62 -44.47
C PRO A 202 -12.32 24.62 -43.33
N LEU A 203 -11.41 24.62 -42.37
CA LEU A 203 -11.50 23.71 -41.25
C LEU A 203 -11.97 24.40 -39.97
N VAL A 204 -12.05 25.73 -39.96
CA VAL A 204 -12.72 26.43 -38.88
C VAL A 204 -14.18 26.70 -39.23
N LEU A 205 -14.58 26.52 -40.49
CA LEU A 205 -15.98 26.56 -40.86
C LEU A 205 -16.62 25.19 -40.87
N LYS A 206 -15.84 24.12 -40.99
CA LYS A 206 -16.41 22.80 -40.90
C LYS A 206 -16.76 22.46 -39.47
N THR A 207 -15.87 22.75 -38.54
CA THR A 207 -16.11 22.42 -37.15
C THR A 207 -17.03 23.38 -36.43
N ARG A 208 -17.37 24.52 -37.04
CA ARG A 208 -18.51 25.28 -36.53
C ARG A 208 -19.81 24.70 -37.04
N TRP A 209 -19.80 24.12 -38.24
CA TRP A 209 -20.98 23.45 -38.73
C TRP A 209 -21.22 22.15 -37.96
N LYS A 210 -20.16 21.50 -37.51
CA LYS A 210 -20.30 20.24 -36.79
C LYS A 210 -20.48 20.40 -35.30
N LEU A 211 -20.50 21.63 -34.78
CA LEU A 211 -20.96 21.83 -33.42
C LEU A 211 -22.41 22.27 -33.40
N VAL A 212 -22.82 23.11 -34.34
CA VAL A 212 -24.21 23.57 -34.35
C VAL A 212 -25.14 22.45 -34.79
N SER A 213 -24.73 21.66 -35.77
CA SER A 213 -25.53 20.51 -36.17
C SER A 213 -25.47 19.36 -35.17
N LEU A 214 -24.64 19.45 -34.15
CA LEU A 214 -24.75 18.56 -33.00
C LEU A 214 -25.90 18.96 -32.10
N LEU A 215 -26.31 20.23 -32.16
CA LEU A 215 -27.44 20.76 -31.40
C LEU A 215 -28.73 20.72 -32.19
N ALA A 216 -28.66 20.94 -33.51
CA ALA A 216 -29.85 20.88 -34.33
C ALA A 216 -30.34 19.45 -34.50
N ASP A 217 -29.41 18.48 -34.52
CA ASP A 217 -29.81 17.09 -34.46
C ASP A 217 -30.14 16.63 -33.05
N LEU A 218 -29.81 17.45 -32.05
CA LEU A 218 -30.16 17.11 -30.68
C LEU A 218 -31.62 17.43 -30.41
N ALA A 219 -32.14 18.50 -31.00
CA ALA A 219 -33.56 18.77 -30.83
C ALA A 219 -34.35 17.92 -31.80
N SER A 220 -34.37 18.28 -33.09
CA SER A 220 -34.77 17.47 -34.24
C SER A 220 -36.22 17.00 -34.28
N HIS A 221 -36.84 16.91 -33.12
CA HIS A 221 -38.26 16.87 -32.87
C HIS A 221 -38.61 18.24 -32.31
N CYS A 222 -39.78 18.36 -31.67
CA CYS A 222 -40.23 19.54 -30.95
C CYS A 222 -40.34 20.75 -31.89
N ARG A 223 -41.34 20.65 -32.76
CA ARG A 223 -41.65 21.70 -33.72
C ARG A 223 -42.32 22.87 -33.00
N ASP A 224 -42.58 23.95 -33.75
CA ASP A 224 -43.10 25.17 -33.14
C ASP A 224 -44.62 25.06 -32.93
N TYR A 225 -45.20 26.14 -32.37
CA TYR A 225 -46.60 26.08 -31.97
C TYR A 225 -47.55 26.22 -33.14
N ASP A 226 -47.14 26.94 -34.18
CA ASP A 226 -47.93 27.03 -35.40
C ASP A 226 -47.90 25.72 -36.14
N PRO A 227 -49.05 25.07 -36.36
CA PRO A 227 -49.05 23.81 -37.13
C PRO A 227 -48.91 24.01 -38.63
N GLY A 228 -48.70 25.24 -39.09
CA GLY A 228 -48.57 25.58 -40.49
C GLY A 228 -47.11 25.68 -40.86
N CYS A 229 -46.57 26.90 -40.84
CA CYS A 229 -45.15 27.10 -41.09
C CYS A 229 -44.33 26.43 -40.00
N SER A 230 -43.76 25.29 -40.32
CA SER A 230 -43.02 24.48 -39.36
C SER A 230 -41.57 24.42 -39.80
N ARG A 231 -40.67 24.64 -38.85
CA ARG A 231 -39.25 24.76 -39.13
C ARG A 231 -38.48 24.25 -37.93
N SER A 232 -37.24 23.84 -38.15
CA SER A 232 -36.42 23.26 -37.10
C SER A 232 -35.87 24.38 -36.22
N PHE A 233 -35.18 24.03 -35.14
CA PHE A 233 -34.72 25.08 -34.23
C PHE A 233 -33.57 25.90 -34.79
N PHE A 234 -32.52 25.26 -35.29
CA PHE A 234 -31.33 26.01 -35.67
C PHE A 234 -31.32 26.33 -37.15
N GLN A 235 -32.49 26.71 -37.66
CA GLN A 235 -32.66 27.02 -39.08
C GLN A 235 -31.82 28.22 -39.50
N GLU A 236 -31.87 29.31 -38.73
CA GLU A 236 -31.19 30.52 -39.17
C GLU A 236 -29.72 30.56 -38.79
N VAL A 237 -29.19 29.50 -38.19
CA VAL A 237 -27.80 29.47 -37.77
C VAL A 237 -26.97 28.56 -38.67
N LEU A 238 -27.51 27.40 -39.06
CA LEU A 238 -26.84 26.61 -40.08
C LEU A 238 -26.92 27.25 -41.45
N ALA A 239 -27.87 28.15 -41.67
CA ALA A 239 -27.96 28.82 -42.96
C ALA A 239 -26.83 29.82 -43.14
N SER A 240 -26.52 30.58 -42.10
CA SER A 240 -25.51 31.62 -42.18
C SER A 240 -24.15 31.12 -41.73
N ILE A 241 -23.68 30.03 -42.33
CA ILE A 241 -22.39 29.49 -41.94
C ILE A 241 -21.48 29.19 -43.12
N LYS A 242 -22.01 29.15 -44.34
CA LYS A 242 -21.26 29.05 -45.60
C LYS A 242 -20.38 27.80 -45.65
N TYR A 243 -21.04 26.65 -45.63
CA TYR A 243 -20.36 25.38 -45.71
C TYR A 243 -21.29 24.38 -46.39
N ASP A 244 -20.84 23.84 -47.52
CA ASP A 244 -21.56 22.78 -48.22
C ASP A 244 -20.81 21.48 -48.00
N PRO A 245 -21.41 20.51 -47.32
CA PRO A 245 -20.70 19.24 -47.06
C PRO A 245 -20.50 18.38 -48.30
N VAL A 246 -19.25 18.28 -48.75
CA VAL A 246 -18.90 17.42 -49.86
C VAL A 246 -18.41 16.08 -49.34
N ALA A 324 -29.56 4.22 -37.36
CA ALA A 324 -28.86 3.69 -36.19
C ALA A 324 -27.54 4.39 -36.00
N VAL A 325 -27.58 5.57 -35.38
CA VAL A 325 -26.36 6.27 -35.04
C VAL A 325 -25.79 5.71 -33.75
N LYS A 326 -24.51 5.97 -33.52
CA LYS A 326 -23.84 5.54 -32.32
C LYS A 326 -23.81 6.68 -31.32
N LEU A 327 -23.47 6.38 -30.08
CA LEU A 327 -23.26 7.44 -29.11
C LEU A 327 -21.84 7.98 -29.14
N LYS A 328 -21.09 7.66 -30.20
CA LYS A 328 -19.87 8.37 -30.54
C LYS A 328 -20.18 9.59 -31.41
N ASP A 329 -21.40 9.69 -31.94
CA ASP A 329 -21.76 10.68 -32.94
C ASP A 329 -22.75 11.73 -32.47
N VAL A 330 -23.29 11.62 -31.26
CA VAL A 330 -24.25 12.59 -30.74
C VAL A 330 -23.78 13.18 -29.42
N HIS A 331 -22.53 13.00 -29.05
CA HIS A 331 -21.98 13.56 -27.83
C HIS A 331 -20.65 14.20 -28.17
N ILE A 332 -20.15 15.08 -27.31
CA ILE A 332 -18.82 15.61 -27.50
C ILE A 332 -17.82 14.57 -27.00
N THR A 333 -17.02 14.06 -27.90
CA THR A 333 -16.01 13.08 -27.56
C THR A 333 -14.64 13.70 -27.76
N VAL A 334 -13.61 12.87 -27.61
CA VAL A 334 -12.25 13.38 -27.60
C VAL A 334 -11.79 13.78 -29.00
N ARG A 335 -12.39 13.24 -30.04
CA ARG A 335 -12.08 13.72 -31.37
C ARG A 335 -12.83 14.99 -31.72
N THR A 336 -13.76 15.42 -30.87
CA THR A 336 -14.46 16.68 -31.06
C THR A 336 -13.73 17.84 -30.39
N LEU A 337 -13.07 17.59 -29.26
CA LEU A 337 -12.22 18.60 -28.67
C LEU A 337 -11.00 18.86 -29.53
N GLN A 338 -10.43 17.81 -30.12
CA GLN A 338 -9.29 17.95 -31.03
C GLN A 338 -9.64 18.73 -32.28
N GLY A 339 -10.90 18.69 -32.71
CA GLY A 339 -11.31 19.55 -33.80
C GLY A 339 -11.46 21.01 -33.40
N VAL A 340 -11.52 21.29 -32.10
CA VAL A 340 -11.62 22.66 -31.64
C VAL A 340 -10.24 23.25 -31.34
N ILE A 341 -9.33 22.45 -30.76
CA ILE A 341 -7.99 22.92 -30.44
C ILE A 341 -7.21 23.23 -31.70
N VAL A 342 -7.44 22.48 -32.78
CA VAL A 342 -6.80 22.81 -34.04
C VAL A 342 -7.42 24.05 -34.65
N SER A 343 -8.75 24.08 -34.73
CA SER A 343 -9.43 25.17 -35.41
C SER A 343 -9.37 26.47 -34.64
N ALA A 344 -9.14 26.43 -33.34
CA ALA A 344 -8.83 27.67 -32.63
C ALA A 344 -7.42 28.12 -32.93
N TYR A 345 -6.51 27.17 -33.09
CA TYR A 345 -5.15 27.50 -33.45
C TYR A 345 -5.03 27.89 -34.91
N ARG A 346 -5.78 27.23 -35.78
CA ARG A 346 -5.76 27.56 -37.20
C ARG A 346 -6.36 28.95 -37.45
N ALA A 347 -7.31 29.37 -36.63
CA ALA A 347 -7.90 30.69 -36.75
C ALA A 347 -7.09 31.76 -36.04
N GLY A 348 -6.10 31.37 -35.25
CA GLY A 348 -5.20 32.31 -34.63
C GLY A 348 -5.63 32.61 -33.22
N MET A 349 -5.06 31.88 -32.28
CA MET A 349 -5.30 31.91 -30.84
C MET A 349 -4.18 31.11 -30.21
N ASN A 350 -3.97 31.33 -28.92
CA ASN A 350 -2.89 30.65 -28.24
C ASN A 350 -3.30 29.21 -27.99
N CYS A 351 -2.59 28.27 -28.59
CA CYS A 351 -2.98 26.88 -28.43
C CYS A 351 -2.74 26.36 -27.02
N MET A 352 -1.82 26.97 -26.28
CA MET A 352 -1.69 26.64 -24.88
C MET A 352 -2.84 27.21 -24.06
N GLY A 353 -3.44 28.29 -24.53
CA GLY A 353 -4.53 28.90 -23.78
C GLY A 353 -5.89 28.34 -24.12
N VAL A 354 -6.07 27.83 -25.33
CA VAL A 354 -7.32 27.15 -25.68
C VAL A 354 -7.44 25.83 -24.93
N ILE A 355 -6.31 25.17 -24.67
CA ILE A 355 -6.34 23.94 -23.89
C ILE A 355 -6.64 24.23 -22.42
N MET A 356 -6.09 25.32 -21.87
CA MET A 356 -6.44 25.68 -20.50
C MET A 356 -7.86 26.19 -20.38
N TYR A 357 -8.41 26.77 -21.44
CA TYR A 357 -9.77 27.29 -21.34
C TYR A 357 -10.79 26.19 -21.48
N CYS A 358 -10.63 25.31 -22.48
CA CYS A 358 -11.50 24.15 -22.64
C CYS A 358 -11.39 23.18 -21.48
N GLN A 359 -10.29 23.20 -20.75
CA GLN A 359 -10.20 22.38 -19.54
C GLN A 359 -11.05 22.95 -18.44
N SER A 360 -11.02 24.26 -18.25
CA SER A 360 -11.78 24.86 -17.17
C SER A 360 -13.24 25.06 -17.51
N LEU A 361 -13.65 24.78 -18.74
CA LEU A 361 -15.06 24.56 -19.03
C LEU A 361 -15.51 23.21 -18.52
N LEU A 362 -14.69 22.20 -18.67
CA LEU A 362 -15.04 20.82 -18.35
C LEU A 362 -14.80 20.46 -16.91
N GLN A 363 -14.07 21.27 -16.16
CA GLN A 363 -14.03 21.12 -14.71
C GLN A 363 -15.23 21.77 -14.05
N GLN A 364 -15.89 22.68 -14.74
CA GLN A 364 -17.08 23.33 -14.21
C GLN A 364 -18.30 22.43 -14.32
N ALA A 365 -18.25 21.44 -15.20
CA ALA A 365 -19.37 20.57 -15.49
C ALA A 365 -19.49 19.38 -14.57
N ARG A 366 -18.41 18.96 -13.90
CA ARG A 366 -18.39 17.95 -12.84
C ARG A 366 -18.75 16.54 -13.28
N TYR A 367 -19.18 16.36 -14.52
CA TYR A 367 -19.57 15.05 -15.02
C TYR A 367 -18.79 14.65 -16.26
N PHE A 368 -17.68 15.32 -16.54
CA PHE A 368 -16.85 15.00 -17.68
C PHE A 368 -15.42 14.85 -17.23
N ASP A 369 -15.21 14.08 -16.17
CA ASP A 369 -13.88 13.84 -15.64
C ASP A 369 -13.07 12.85 -16.46
N ASP A 370 -13.61 12.28 -17.52
CA ASP A 370 -12.81 11.52 -18.47
C ASP A 370 -12.28 12.38 -19.60
N LEU A 371 -12.84 13.58 -19.78
CA LEU A 371 -12.34 14.57 -20.73
C LEU A 371 -11.45 15.61 -20.09
N VAL A 372 -11.60 15.86 -18.80
CA VAL A 372 -10.66 16.72 -18.09
C VAL A 372 -9.30 16.05 -18.01
N ALA A 373 -9.26 14.74 -17.84
CA ALA A 373 -8.00 14.03 -17.75
C ALA A 373 -7.30 13.89 -19.08
N GLN A 374 -8.02 14.07 -20.17
CA GLN A 374 -7.38 14.10 -21.48
C GLN A 374 -6.82 15.47 -21.79
N LEU A 375 -7.57 16.52 -21.48
CA LEU A 375 -7.10 17.88 -21.74
C LEU A 375 -5.94 18.25 -20.85
N THR A 376 -5.88 17.70 -19.65
CA THR A 376 -4.68 17.83 -18.83
C THR A 376 -3.51 17.11 -19.47
N ALA A 377 -3.76 15.96 -20.06
CA ALA A 377 -2.68 15.21 -20.69
C ALA A 377 -2.26 15.77 -22.02
N TRP A 378 -2.90 16.84 -22.50
CA TRP A 378 -2.43 17.58 -23.65
C TRP A 378 -1.74 18.87 -23.29
N GLU A 379 -1.98 19.41 -22.11
CA GLU A 379 -1.23 20.57 -21.70
C GLU A 379 0.06 20.18 -21.02
N VAL A 380 0.35 18.89 -20.94
CA VAL A 380 1.60 18.37 -20.42
C VAL A 380 2.32 17.74 -21.59
N LYS A 381 1.57 17.37 -22.64
CA LYS A 381 2.19 16.90 -23.86
C LYS A 381 2.66 18.04 -24.74
N LEU A 382 1.90 19.12 -24.80
CA LEU A 382 2.36 20.30 -25.51
C LEU A 382 3.45 21.00 -24.74
N LEU A 383 3.49 20.84 -23.43
CA LEU A 383 4.43 21.61 -22.66
C LEU A 383 5.83 20.99 -22.68
N ASP A 384 5.96 19.72 -23.03
CA ASP A 384 7.26 19.10 -23.16
C ASP A 384 7.54 18.63 -24.58
N THR A 385 6.76 19.12 -25.55
CA THR A 385 7.17 19.11 -26.94
C THR A 385 8.27 20.14 -27.19
N CYS A 386 8.33 21.16 -26.35
CA CYS A 386 9.40 22.15 -26.39
C CYS A 386 10.74 21.50 -26.04
N ARG A 387 11.82 22.09 -26.53
CA ARG A 387 13.15 21.64 -26.18
C ARG A 387 13.94 22.66 -25.37
N ASN A 388 14.09 23.87 -25.89
CA ASN A 388 14.95 24.87 -25.28
C ASN A 388 14.17 25.61 -24.21
N LYS A 389 14.69 26.74 -23.76
CA LYS A 389 13.83 27.75 -23.17
C LYS A 389 13.23 28.67 -24.21
N GLN A 390 13.90 28.82 -25.35
CA GLN A 390 13.43 29.69 -26.41
C GLN A 390 12.13 29.21 -27.02
N GLU A 391 11.85 27.90 -26.95
CA GLU A 391 10.60 27.34 -27.40
C GLU A 391 9.53 27.30 -26.32
N VAL A 392 9.90 27.27 -25.05
CA VAL A 392 8.90 27.37 -23.98
C VAL A 392 8.32 28.76 -23.95
N GLN A 393 9.17 29.77 -23.95
CA GLN A 393 8.71 31.14 -23.88
C GLN A 393 8.26 31.69 -25.22
N ALA A 394 8.17 30.85 -26.24
CA ALA A 394 7.57 31.26 -27.49
C ALA A 394 6.11 30.87 -27.57
N ILE A 395 5.71 29.83 -26.84
CA ILE A 395 4.32 29.41 -26.82
C ILE A 395 3.59 29.86 -25.57
N LEU A 396 4.29 30.36 -24.57
CA LEU A 396 3.66 30.89 -23.37
C LEU A 396 3.57 32.40 -23.38
N ALA A 397 4.12 33.06 -24.39
CA ALA A 397 4.22 34.52 -24.43
C ALA A 397 3.00 35.11 -25.13
N PRO A 398 2.54 36.28 -24.68
CA PRO A 398 1.56 37.03 -25.43
C PRO A 398 2.23 37.97 -26.41
N THR A 399 1.53 38.28 -27.49
CA THR A 399 2.03 39.20 -28.49
C THR A 399 1.03 40.36 -28.63
N GLU A 400 1.25 41.19 -29.64
CA GLU A 400 0.25 42.22 -29.97
C GLU A 400 -0.99 41.59 -30.59
N ASP A 401 -0.82 40.45 -31.26
CA ASP A 401 -1.88 39.87 -32.06
C ASP A 401 -2.85 39.07 -31.21
N ASP A 402 -2.35 38.09 -30.44
CA ASP A 402 -3.14 37.50 -29.37
C ASP A 402 -2.56 37.93 -28.03
N PRO A 403 -3.24 38.71 -27.28
CA PRO A 403 -2.66 39.24 -26.03
C PRO A 403 -2.82 38.29 -24.86
N SER A 404 -3.05 37.01 -25.11
CA SER A 404 -3.50 36.07 -24.10
C SER A 404 -2.33 35.47 -23.36
N GLU A 405 -2.25 35.70 -22.08
CA GLU A 405 -1.22 35.04 -21.31
C GLU A 405 -1.77 33.77 -20.68
N PRO A 406 -1.10 32.64 -20.85
CA PRO A 406 -1.53 31.43 -20.15
C PRO A 406 -0.84 31.16 -18.82
N VAL A 407 0.26 31.84 -18.49
CA VAL A 407 0.87 31.65 -17.19
C VAL A 407 0.05 32.34 -16.11
N GLY A 408 -0.42 33.55 -16.39
CA GLY A 408 -1.24 34.25 -15.42
C GLY A 408 -2.61 33.65 -15.23
N TYR A 409 -3.11 32.93 -16.22
CA TYR A 409 -4.40 32.27 -16.05
C TYR A 409 -4.28 30.99 -15.25
N ALA A 410 -3.12 30.33 -15.29
CA ALA A 410 -2.99 29.08 -14.57
C ALA A 410 -2.82 29.29 -13.09
N LEU A 411 -2.10 30.32 -12.69
CA LEU A 411 -2.01 30.62 -11.27
C LEU A 411 -3.16 31.47 -10.77
N ALA A 412 -4.14 31.77 -11.61
CA ALA A 412 -5.40 32.30 -11.14
C ALA A 412 -6.42 31.21 -10.90
N THR A 413 -6.37 30.15 -11.70
CA THR A 413 -7.28 29.02 -11.56
C THR A 413 -6.62 27.80 -10.95
N PHE A 414 -5.43 27.95 -10.38
CA PHE A 414 -4.77 26.99 -9.49
C PHE A 414 -4.54 25.66 -10.20
N ASP A 415 -3.68 25.68 -11.21
CA ASP A 415 -3.57 24.60 -12.17
C ASP A 415 -2.32 23.78 -11.85
N LYS A 416 -2.44 22.87 -10.89
CA LYS A 416 -1.30 22.19 -10.29
C LYS A 416 -0.54 21.27 -11.22
N ALA A 417 -1.07 20.91 -12.37
CA ALA A 417 -0.36 20.02 -13.29
C ALA A 417 0.50 20.78 -14.27
N PHE A 418 -0.01 21.89 -14.77
CA PHE A 418 0.78 22.82 -15.56
C PHE A 418 1.85 23.46 -14.73
N LEU A 419 1.47 24.02 -13.60
CA LEU A 419 2.22 25.02 -12.88
C LEU A 419 3.38 24.43 -12.11
N SER A 420 3.61 23.12 -12.22
CA SER A 420 4.71 22.39 -11.61
C SER A 420 5.43 21.51 -12.61
N HIS A 421 5.55 21.97 -13.85
CA HIS A 421 6.28 21.19 -14.83
C HIS A 421 7.76 21.55 -14.72
N LYS A 422 8.62 20.78 -15.40
CA LYS A 422 10.05 21.10 -15.40
C LYS A 422 10.30 22.42 -16.09
N PHE A 423 9.54 22.72 -17.14
CA PHE A 423 9.79 23.90 -17.93
C PHE A 423 9.13 25.14 -17.37
N VAL A 424 8.09 24.98 -16.57
CA VAL A 424 7.48 26.13 -15.92
C VAL A 424 8.23 26.48 -14.65
N GLN A 425 8.77 25.49 -13.95
CA GLN A 425 9.63 25.77 -12.81
C GLN A 425 10.99 26.32 -13.22
N GLN A 426 11.32 26.30 -14.50
CA GLN A 426 12.56 26.83 -15.01
C GLN A 426 12.44 28.28 -15.43
N ILE A 427 11.27 28.70 -15.90
CA ILE A 427 11.09 30.10 -16.27
C ILE A 427 10.78 30.96 -15.06
N PHE A 428 10.38 30.37 -13.94
CA PHE A 428 10.25 31.13 -12.71
C PHE A 428 11.56 31.22 -11.98
N THR A 429 12.41 30.21 -12.09
CA THR A 429 13.65 30.18 -11.33
C THR A 429 14.65 31.17 -11.88
N GLU A 430 14.69 31.35 -13.18
CA GLU A 430 15.60 32.33 -13.73
C GLU A 430 15.14 33.76 -13.57
N LYS A 431 14.06 34.02 -12.84
CA LYS A 431 13.75 35.35 -12.36
C LYS A 431 13.80 35.46 -10.85
N TRP A 432 13.29 34.44 -10.16
CA TRP A 432 13.36 34.39 -8.71
C TRP A 432 14.78 34.25 -8.21
N ASP A 433 15.55 33.36 -8.80
CA ASP A 433 16.87 33.06 -8.25
C ASP A 433 17.79 32.70 -9.41
N THR A 434 18.43 33.70 -9.97
CA THR A 434 19.30 33.47 -11.11
C THR A 434 20.74 33.24 -10.69
N MET A 435 21.03 33.32 -9.40
CA MET A 435 22.38 33.20 -8.89
C MET A 435 22.64 31.93 -8.12
N GLY A 436 21.60 31.24 -7.68
CA GLY A 436 21.79 30.02 -6.93
C GLY A 436 22.07 30.24 -5.47
N VAL A 437 21.55 31.31 -4.88
CA VAL A 437 21.74 31.54 -3.46
C VAL A 437 20.99 30.51 -2.65
N THR A 438 19.94 29.90 -3.20
CA THR A 438 19.20 28.85 -2.51
C THR A 438 19.99 27.57 -2.37
N ASP A 439 21.17 27.47 -2.97
CA ASP A 439 22.03 26.31 -2.80
C ASP A 439 23.30 26.66 -2.04
N TYR A 440 23.33 27.81 -1.37
CA TYR A 440 24.41 28.07 -0.43
C TYR A 440 23.97 27.66 0.96
N THR A 441 23.39 26.49 1.04
CA THR A 441 22.99 25.88 2.30
C THR A 441 23.56 24.49 2.42
N LYS A 442 23.83 23.84 1.30
CA LYS A 442 24.30 22.47 1.26
C LYS A 442 25.80 22.38 1.39
N SER A 443 26.45 23.41 1.93
CA SER A 443 27.89 23.42 2.09
C SER A 443 28.22 24.20 3.35
N LEU A 444 29.43 23.95 3.87
CA LEU A 444 29.88 24.70 5.03
C LEU A 444 30.27 26.12 4.66
N PHE A 445 30.86 26.29 3.47
CA PHE A 445 31.17 27.62 2.96
C PHE A 445 29.90 28.42 2.68
N GLY A 446 28.82 27.75 2.30
CA GLY A 446 27.61 28.48 1.97
C GLY A 446 26.90 29.03 3.19
N VAL A 447 26.89 28.27 4.28
CA VAL A 447 26.17 28.70 5.47
C VAL A 447 26.92 29.81 6.17
N VAL A 448 28.24 29.74 6.20
CA VAL A 448 29.03 30.79 6.84
C VAL A 448 29.00 32.06 6.02
N TRP A 449 29.29 31.97 4.73
CA TRP A 449 29.36 33.20 3.95
C TRP A 449 27.99 33.70 3.53
N GLY A 450 27.02 32.81 3.36
CA GLY A 450 25.66 33.27 3.09
C GLY A 450 24.99 33.79 4.34
N GLY A 451 25.26 33.18 5.49
CA GLY A 451 24.64 33.62 6.72
C GLY A 451 25.20 34.95 7.21
N CYS A 452 26.50 35.14 7.09
CA CYS A 452 27.11 36.38 7.56
C CYS A 452 26.72 37.57 6.69
N SER A 453 26.51 37.36 5.39
CA SER A 453 26.05 38.43 4.53
C SER A 453 24.60 38.79 4.77
N LEU A 454 23.85 37.88 5.39
CA LEU A 454 22.44 38.14 5.68
C LEU A 454 22.27 39.04 6.89
N VAL A 455 23.00 38.77 7.97
CA VAL A 455 22.88 39.63 9.15
C VAL A 455 23.55 40.98 8.95
N VAL A 456 24.47 41.11 7.99
CA VAL A 456 24.98 42.41 7.64
C VAL A 456 23.97 43.19 6.84
N ALA A 457 23.44 42.58 5.77
CA ALA A 457 22.54 43.30 4.88
C ALA A 457 21.11 43.35 5.37
N PHE A 458 20.80 42.74 6.52
CA PHE A 458 19.57 43.04 7.22
C PHE A 458 19.77 44.15 8.25
N ALA A 459 20.98 44.26 8.79
CA ALA A 459 21.32 45.43 9.58
C ALA A 459 21.40 46.66 8.71
N ALA A 460 21.93 46.52 7.51
CA ALA A 460 22.00 47.64 6.58
C ALA A 460 20.65 47.97 5.98
N TRP A 461 19.72 47.02 5.97
CA TRP A 461 18.40 47.28 5.39
C TRP A 461 17.57 48.17 6.30
N ALA A 462 17.49 47.83 7.59
CA ALA A 462 16.59 48.50 8.52
C ALA A 462 17.02 49.93 8.86
N THR A 463 18.19 50.39 8.42
CA THR A 463 18.63 51.75 8.63
C THR A 463 18.55 52.62 7.39
N ILE A 464 18.44 52.03 6.20
CA ILE A 464 18.42 52.76 4.95
C ILE A 464 17.06 52.71 4.28
N CYS A 465 16.33 51.61 4.46
CA CYS A 465 14.96 51.48 3.96
C CYS A 465 13.99 52.58 4.38
N PRO A 466 14.01 53.16 5.60
CA PRO A 466 13.23 54.38 5.79
C PRO A 466 13.76 55.57 5.02
N LEU A 467 15.09 55.68 4.88
CA LEU A 467 15.68 56.83 4.21
C LEU A 467 15.54 56.79 2.71
N VAL A 468 15.16 55.64 2.15
CA VAL A 468 14.89 55.58 0.72
C VAL A 468 13.42 55.87 0.44
N VAL A 469 12.52 55.39 1.30
CA VAL A 469 11.08 55.58 1.11
C VAL A 469 10.70 57.05 1.27
N VAL A 470 11.38 57.77 2.17
CA VAL A 470 11.20 59.21 2.26
C VAL A 470 11.80 59.90 1.04
N ALA A 471 13.01 59.52 0.67
CA ALA A 471 13.71 60.15 -0.44
C ALA A 471 13.39 59.52 -1.79
N ARG A 472 12.23 58.91 -1.95
CA ARG A 472 11.78 58.49 -3.27
C ARG A 472 10.45 59.11 -3.64
N SER A 473 9.73 59.67 -2.67
CA SER A 473 8.43 60.25 -2.94
C SER A 473 8.53 61.71 -3.38
N PHE A 474 9.60 62.40 -2.99
CA PHE A 474 9.80 63.77 -3.43
C PHE A 474 11.26 64.05 -3.74
N LEU A 475 12.02 63.03 -4.12
CA LEU A 475 13.43 63.21 -4.43
C LEU A 475 13.74 62.45 -5.72
N SER A 476 13.02 62.81 -6.79
CA SER A 476 12.95 62.20 -8.12
C SER A 476 14.20 61.61 -8.78
N PRO A 477 15.42 62.12 -8.58
CA PRO A 477 16.58 61.34 -9.08
C PRO A 477 16.79 60.00 -8.39
N VAL A 478 16.14 59.73 -7.27
CA VAL A 478 16.27 58.42 -6.63
C VAL A 478 15.24 57.45 -7.18
N GLN A 479 14.01 57.93 -7.42
CA GLN A 479 12.97 57.08 -7.99
C GLN A 479 13.32 56.63 -9.42
N ASP A 480 14.00 57.47 -10.19
CA ASP A 480 14.52 57.00 -11.46
C ASP A 480 15.74 56.11 -11.31
N PHE A 481 16.36 56.11 -10.14
CA PHE A 481 17.47 55.19 -9.90
C PHE A 481 16.99 53.85 -9.38
N MET A 482 15.94 53.84 -8.55
CA MET A 482 15.43 52.58 -8.03
C MET A 482 14.65 51.77 -9.04
N MET A 483 14.33 52.33 -10.20
CA MET A 483 13.78 51.54 -11.29
C MET A 483 14.85 50.79 -12.07
N ARG A 484 16.12 51.13 -11.85
CA ARG A 484 17.20 50.51 -12.60
C ARG A 484 17.50 49.15 -12.00
N GLY A 485 17.85 48.20 -12.86
CA GLY A 485 17.92 46.81 -12.44
C GLY A 485 16.77 46.07 -13.06
N LYS A 486 16.28 45.03 -12.39
CA LYS A 486 15.01 44.33 -12.60
C LYS A 486 14.84 43.71 -13.99
N VAL A 487 15.86 43.73 -14.84
CA VAL A 487 15.90 42.90 -16.04
C VAL A 487 17.20 42.11 -15.98
N ILE A 488 18.23 42.69 -15.34
CA ILE A 488 19.47 41.97 -15.05
C ILE A 488 19.36 40.99 -13.90
N VAL A 489 18.21 40.92 -13.25
CA VAL A 489 18.06 40.95 -11.80
C VAL A 489 19.00 40.01 -11.03
N ASP A 490 19.96 40.60 -10.30
CA ASP A 490 21.03 39.85 -9.63
C ASP A 490 21.68 40.76 -8.58
N SER A 491 22.85 40.34 -8.08
CA SER A 491 23.53 40.93 -6.93
C SER A 491 24.13 42.30 -7.22
N ARG A 492 24.06 42.80 -8.46
CA ARG A 492 24.54 44.14 -8.73
C ARG A 492 23.57 45.18 -8.20
N PHE A 493 22.27 44.96 -8.39
CA PHE A 493 21.22 45.79 -7.82
C PHE A 493 20.41 44.91 -6.88
N PRO A 494 20.85 44.77 -5.62
CA PRO A 494 20.36 43.67 -4.78
C PRO A 494 18.95 43.83 -4.29
N TRP A 495 18.37 45.01 -4.37
CA TRP A 495 17.02 45.23 -3.88
C TRP A 495 15.95 44.76 -4.86
N HIS A 496 16.32 44.27 -6.04
CA HIS A 496 15.35 43.75 -6.97
C HIS A 496 15.34 42.24 -7.09
N VAL A 497 16.26 41.54 -6.41
CA VAL A 497 16.31 40.08 -6.48
C VAL A 497 15.15 39.53 -5.69
N PRO A 498 14.25 38.75 -6.31
CA PRO A 498 13.05 38.32 -5.59
C PRO A 498 13.31 37.30 -4.50
N LEU A 499 14.42 36.57 -4.55
CA LEU A 499 14.76 35.76 -3.39
C LEU A 499 15.14 36.63 -2.21
N TYR A 500 15.86 37.72 -2.47
CA TYR A 500 16.32 38.59 -1.39
C TYR A 500 15.17 39.34 -0.74
N ARG A 501 14.16 39.73 -1.53
CA ARG A 501 12.96 40.33 -0.96
C ARG A 501 12.21 39.37 -0.05
N TRP A 502 12.30 38.08 -0.32
CA TRP A 502 11.74 37.07 0.56
C TRP A 502 12.58 36.87 1.81
N LEU A 503 13.89 36.99 1.71
CA LEU A 503 14.74 36.80 2.88
C LEU A 503 14.56 37.93 3.86
N LEU A 504 14.41 39.16 3.38
CA LEU A 504 14.19 40.28 4.27
C LEU A 504 12.83 40.19 4.93
N THR A 505 11.85 39.61 4.25
CA THR A 505 10.54 39.42 4.85
C THR A 505 10.58 38.41 5.96
N GLN A 506 11.31 37.31 5.80
CA GLN A 506 11.42 36.36 6.88
C GLN A 506 12.34 36.84 7.99
N CYS A 507 13.26 37.75 7.69
CA CYS A 507 14.05 38.35 8.76
C CYS A 507 13.26 39.38 9.54
N ALA A 508 12.39 40.14 8.86
CA ALA A 508 11.48 41.06 9.54
C ALA A 508 10.28 40.35 10.13
N LEU A 509 10.21 39.04 10.00
CA LEU A 509 9.16 38.22 10.60
C LEU A 509 9.60 37.62 11.92
N ILE A 510 10.84 37.13 11.98
CA ILE A 510 11.40 36.59 13.21
C ILE A 510 11.67 37.72 14.19
N THR A 511 11.99 38.91 13.68
CA THR A 511 12.21 40.07 14.52
C THR A 511 10.93 40.48 15.24
N PHE A 512 9.77 40.26 14.63
CA PHE A 512 8.54 40.54 15.34
C PHE A 512 8.28 39.53 16.44
N THR A 513 8.65 38.26 16.26
CA THR A 513 8.36 37.26 17.27
C THR A 513 9.41 37.20 18.35
N VAL A 514 10.58 37.80 18.12
CA VAL A 514 11.54 38.00 19.20
C VAL A 514 11.14 39.21 20.02
N LEU A 515 10.78 40.31 19.36
CA LEU A 515 10.34 41.51 20.05
C LEU A 515 8.96 41.35 20.66
N LEU A 516 8.24 40.26 20.38
CA LEU A 516 6.97 40.05 21.06
C LEU A 516 7.12 39.09 22.23
N SER A 517 7.98 38.09 22.09
CA SER A 517 8.25 37.21 23.22
C SER A 517 9.17 37.86 24.24
N TYR A 518 9.91 38.89 23.85
CA TYR A 518 10.60 39.72 24.82
C TYR A 518 9.63 40.66 25.53
N LEU A 519 8.49 40.95 24.92
CA LEU A 519 7.51 41.82 25.56
C LEU A 519 6.81 41.09 26.71
N VAL A 520 6.78 39.77 26.68
CA VAL A 520 6.02 39.01 27.67
C VAL A 520 6.97 38.41 28.70
N PHE A 521 8.21 38.14 28.31
CA PHE A 521 9.20 37.73 29.29
C PHE A 521 9.80 38.91 30.04
N SER A 522 9.46 40.14 29.67
CA SER A 522 9.89 41.33 30.38
C SER A 522 8.69 42.11 30.90
N PHE A 523 7.71 41.41 31.44
CA PHE A 523 6.66 42.04 32.23
C PHE A 523 6.90 41.72 33.69
N ASP A 524 6.57 42.67 34.56
CA ASP A 524 6.76 42.56 35.98
C ASP A 524 5.57 43.15 36.74
N PRO A 525 5.29 42.69 37.97
CA PRO A 525 4.30 43.37 38.81
C PRO A 525 4.91 44.53 39.58
N SER A 526 5.33 45.56 38.84
CA SER A 526 6.16 46.61 39.43
C SER A 526 5.60 48.01 39.24
N ASP A 527 5.04 48.31 38.06
CA ASP A 527 4.60 49.67 37.79
C ASP A 527 3.41 49.68 36.83
N PRO A 528 2.22 50.05 37.29
CA PRO A 528 1.06 50.04 36.39
C PRO A 528 1.00 51.20 35.39
N VAL A 529 1.19 52.44 35.83
CA VAL A 529 0.84 53.58 34.97
C VAL A 529 1.90 54.00 33.96
N PRO A 530 3.24 54.17 34.27
CA PRO A 530 4.16 54.36 33.14
C PRO A 530 4.71 53.06 32.56
N ALA A 531 3.84 52.07 32.37
CA ALA A 531 4.19 50.89 31.60
C ALA A 531 3.05 50.47 30.68
N SER A 532 1.94 51.22 30.68
CA SER A 532 0.89 50.98 29.70
C SER A 532 1.35 51.37 28.31
N VAL A 533 2.10 52.46 28.20
CA VAL A 533 2.79 52.82 26.98
C VAL A 533 4.27 52.60 27.22
N ALA A 534 5.01 52.35 26.14
CA ALA A 534 6.43 52.04 26.25
C ALA A 534 7.10 52.36 24.93
N PRO A 535 8.43 52.44 24.86
CA PRO A 535 9.08 52.40 23.55
C PRO A 535 9.02 51.04 22.87
N LEU A 536 8.62 49.99 23.58
CA LEU A 536 8.45 48.68 22.95
C LEU A 536 6.99 48.31 22.79
N ASN A 537 6.17 48.57 23.80
CA ASN A 537 4.78 48.13 23.76
C ASN A 537 3.97 48.94 22.76
N THR A 538 4.36 50.19 22.50
CA THR A 538 3.67 50.99 21.50
C THR A 538 4.24 50.80 20.11
N PHE A 539 5.49 50.38 20.00
CA PHE A 539 6.12 50.19 18.70
C PHE A 539 5.50 49.01 17.97
N LEU A 540 5.16 47.95 18.69
CA LEU A 540 4.54 46.80 18.08
C LEU A 540 3.08 47.04 17.73
N ALA A 541 2.43 48.00 18.38
CA ALA A 541 1.08 48.35 17.99
C ALA A 541 1.06 49.07 16.65
N VAL A 542 2.13 49.80 16.34
CA VAL A 542 2.28 50.36 15.01
C VAL A 542 2.63 49.26 14.01
N TRP A 543 3.40 48.26 14.46
CA TRP A 543 3.78 47.13 13.61
C TRP A 543 2.54 46.33 13.21
N CYS A 544 1.71 45.99 14.20
CA CYS A 544 0.49 45.24 13.92
C CYS A 544 -0.54 46.09 13.20
N ALA A 545 -0.45 47.41 13.32
CA ALA A 545 -1.32 48.25 12.52
C ALA A 545 -0.96 48.14 11.04
N ALA A 546 0.31 47.96 10.75
CA ALA A 546 0.79 47.91 9.38
C ALA A 546 0.75 46.52 8.79
N ILE A 547 0.48 45.49 9.58
CA ILE A 547 0.09 44.21 9.02
C ILE A 547 -1.36 44.26 8.56
N LEU A 548 -2.22 44.93 9.32
CA LEU A 548 -3.62 45.04 8.93
C LEU A 548 -3.81 45.93 7.72
N VAL A 549 -2.94 46.92 7.51
CA VAL A 549 -2.98 47.65 6.25
C VAL A 549 -2.49 46.76 5.12
N ASP A 550 -1.56 45.84 5.42
CA ASP A 550 -1.03 44.95 4.40
C ASP A 550 -2.07 43.95 3.93
N GLU A 551 -2.93 43.50 4.83
CA GLU A 551 -3.93 42.52 4.44
C GLU A 551 -5.11 43.16 3.73
N VAL A 552 -5.32 44.47 3.92
CA VAL A 552 -6.37 45.15 3.18
C VAL A 552 -5.99 45.25 1.71
N GLN A 553 -4.84 45.83 1.42
CA GLN A 553 -4.43 45.96 0.03
C GLN A 553 -3.90 44.67 -0.57
N GLU A 554 -3.83 43.59 0.20
CA GLU A 554 -3.74 42.28 -0.42
C GLU A 554 -5.12 41.78 -0.83
N TYR A 555 -6.11 41.96 0.05
CA TYR A 555 -7.46 41.48 -0.22
C TYR A 555 -8.12 42.30 -1.32
N VAL A 556 -8.01 43.62 -1.25
CA VAL A 556 -8.66 44.51 -2.20
C VAL A 556 -8.07 44.34 -3.59
N GLU A 557 -6.76 44.19 -3.68
CA GLU A 557 -6.12 44.24 -4.98
C GLU A 557 -6.19 42.90 -5.71
N GLU A 558 -5.98 41.78 -5.01
CA GLU A 558 -6.15 40.50 -5.68
C GLU A 558 -7.61 40.04 -5.67
N GLY A 559 -8.16 39.79 -4.48
CA GLY A 559 -9.53 39.32 -4.39
C GLY A 559 -9.73 38.27 -3.32
N ARG A 560 -10.98 37.88 -3.10
CA ARG A 560 -11.33 36.97 -2.02
C ARG A 560 -10.88 35.53 -2.29
N ALA A 561 -10.67 35.18 -3.55
CA ALA A 561 -10.30 33.81 -3.89
C ALA A 561 -8.86 33.52 -3.51
N GLU A 562 -7.92 34.30 -4.05
CA GLU A 562 -6.51 34.10 -3.77
C GLU A 562 -6.10 34.55 -2.38
N TYR A 563 -6.96 35.29 -1.68
CA TYR A 563 -6.68 35.63 -0.30
C TYR A 563 -6.87 34.43 0.62
N MET A 564 -8.04 33.80 0.56
CA MET A 564 -8.31 32.67 1.43
C MET A 564 -7.56 31.41 1.04
N SER A 565 -7.12 31.31 -0.21
CA SER A 565 -6.33 30.18 -0.70
C SER A 565 -4.91 30.66 -0.98
N SER A 566 -4.10 30.66 0.06
CA SER A 566 -2.82 31.36 0.09
C SER A 566 -1.96 30.74 1.17
N GLY A 567 -0.99 31.49 1.67
CA GLY A 567 -0.22 31.04 2.80
C GLY A 567 -0.97 31.37 4.08
N TRP A 568 -0.43 32.26 4.89
CA TRP A 568 -0.99 32.51 6.22
C TRP A 568 -1.58 33.89 6.40
N ASN A 569 -2.39 34.31 5.44
CA ASN A 569 -3.00 35.63 5.53
C ASN A 569 -4.13 35.68 6.55
N VAL A 570 -4.87 34.57 6.73
CA VAL A 570 -5.95 34.56 7.70
C VAL A 570 -5.39 34.55 9.11
N MET A 571 -4.27 33.87 9.30
CA MET A 571 -3.66 33.79 10.61
C MET A 571 -2.95 35.08 11.00
N ASP A 572 -2.39 35.77 10.01
CA ASP A 572 -1.61 36.98 10.27
C ASP A 572 -2.49 38.17 10.59
N VAL A 573 -3.79 38.09 10.28
CA VAL A 573 -4.72 39.11 10.75
C VAL A 573 -4.93 38.97 12.26
N THR A 574 -5.17 37.74 12.72
CA THR A 574 -5.62 37.51 14.09
C THR A 574 -4.53 37.82 15.12
N MET A 575 -3.28 37.49 14.81
CA MET A 575 -2.18 37.87 15.68
C MET A 575 -1.90 39.36 15.63
N ALA A 576 -2.36 40.05 14.59
CA ALA A 576 -2.20 41.50 14.54
C ALA A 576 -3.41 42.19 15.14
N LEU A 577 -4.59 41.62 14.98
CA LEU A 577 -5.81 42.24 15.47
C LEU A 577 -6.00 42.02 16.95
N SER A 578 -5.47 40.93 17.50
CA SER A 578 -5.60 40.68 18.93
C SER A 578 -4.53 41.39 19.74
N TYR A 579 -3.37 41.69 19.15
CA TYR A 579 -2.40 42.48 19.88
C TYR A 579 -2.81 43.94 19.97
N ILE A 580 -3.42 44.47 18.91
CA ILE A 580 -3.97 45.82 18.96
C ILE A 580 -5.11 45.89 19.98
N LEU A 581 -5.93 44.85 20.02
CA LEU A 581 -7.02 44.81 20.97
C LEU A 581 -6.51 44.58 22.39
N HIS A 582 -5.35 43.94 22.52
CA HIS A 582 -4.64 43.93 23.80
C HIS A 582 -4.15 45.32 24.16
N TYR A 583 -3.64 46.05 23.18
CA TYR A 583 -3.00 47.34 23.44
C TYR A 583 -4.03 48.40 23.81
N ILE A 584 -5.20 48.38 23.16
CA ILE A 584 -6.23 49.37 23.45
C ILE A 584 -6.89 49.08 24.79
N LEU A 585 -7.36 47.84 24.98
CA LEU A 585 -8.05 47.46 26.20
C LEU A 585 -7.16 47.41 27.44
N ARG A 586 -5.86 47.64 27.30
CA ARG A 586 -5.02 47.87 28.47
C ARG A 586 -4.89 49.36 28.77
N ILE A 587 -4.91 50.21 27.74
CA ILE A 587 -4.88 51.65 27.96
C ILE A 587 -6.14 52.11 28.68
N ILE A 588 -7.31 51.72 28.15
CA ILE A 588 -8.56 52.21 28.72
C ILE A 588 -9.01 51.42 29.94
N ALA A 589 -8.23 50.45 30.39
CA ALA A 589 -8.53 49.75 31.64
C ALA A 589 -7.55 50.15 32.74
N VAL A 590 -6.87 51.28 32.58
CA VAL A 590 -6.05 51.84 33.64
C VAL A 590 -6.57 53.25 33.93
N ARG A 591 -7.09 53.92 32.91
CA ARG A 591 -7.43 55.32 33.03
C ARG A 591 -8.90 55.62 32.79
N VAL A 592 -9.49 55.10 31.70
CA VAL A 592 -10.88 55.44 31.38
C VAL A 592 -11.83 54.83 32.40
N THR A 593 -11.81 53.51 32.53
CA THR A 593 -12.40 52.86 33.69
C THR A 593 -11.28 52.49 34.65
N ASP A 594 -11.67 52.09 35.86
CA ASP A 594 -10.63 51.85 36.87
C ASP A 594 -10.00 50.46 36.69
N ASN A 595 -10.78 49.40 36.92
CA ASN A 595 -10.30 48.02 36.90
C ASN A 595 -11.51 47.11 37.08
N LEU A 596 -11.47 45.95 36.44
CA LEU A 596 -12.54 44.98 36.48
C LEU A 596 -11.91 43.64 36.09
N ASN A 597 -12.75 42.67 35.74
CA ASN A 597 -12.35 41.46 35.03
C ASN A 597 -11.84 41.76 33.61
N ILE A 598 -12.02 42.99 33.11
CA ILE A 598 -11.48 43.41 31.83
C ILE A 598 -9.95 43.35 31.81
N LEU A 599 -9.29 43.37 32.97
CA LEU A 599 -7.85 43.23 33.01
C LEU A 599 -7.40 41.79 32.72
N LEU A 600 -8.25 40.80 33.01
CA LEU A 600 -7.85 39.43 32.74
C LEU A 600 -8.15 38.97 31.33
N VAL A 601 -9.01 39.70 30.61
CA VAL A 601 -9.17 39.47 29.18
C VAL A 601 -7.95 40.01 28.44
N VAL A 602 -7.30 41.03 29.02
CA VAL A 602 -6.08 41.61 28.47
C VAL A 602 -4.95 40.60 28.45
N ASN A 603 -4.86 39.74 29.47
CA ASN A 603 -3.84 38.72 29.46
C ASN A 603 -4.16 37.54 28.56
N ASP A 604 -5.39 37.44 28.06
CA ASP A 604 -5.70 36.40 27.08
C ASP A 604 -5.45 36.87 25.66
N LEU A 605 -5.61 38.16 25.40
CA LEU A 605 -5.39 38.67 24.06
C LEU A 605 -3.90 38.74 23.74
N LEU A 606 -3.07 38.90 24.75
CA LEU A 606 -1.63 38.79 24.58
C LEU A 606 -1.16 37.34 24.62
N ALA A 607 -1.98 36.43 25.13
CA ALA A 607 -1.62 35.02 25.08
C ALA A 607 -1.97 34.38 23.77
N ALA A 608 -3.03 34.83 23.11
CA ALA A 608 -3.28 34.40 21.75
C ALA A 608 -2.22 34.97 20.83
N ALA A 609 -1.94 36.27 20.94
CA ALA A 609 -1.05 36.94 20.01
C ALA A 609 0.41 36.51 20.17
N ALA A 610 0.77 35.95 21.32
CA ALA A 610 2.11 35.39 21.42
C ALA A 610 2.15 33.94 20.96
N LEU A 611 1.02 33.24 20.98
CA LEU A 611 0.98 31.90 20.43
C LEU A 611 0.97 31.91 18.91
N MET A 612 0.13 32.77 18.32
CA MET A 612 -0.01 32.82 16.88
C MET A 612 1.22 33.36 16.20
N ALA A 613 2.10 34.07 16.92
CA ALA A 613 3.31 34.58 16.30
C ALA A 613 4.34 33.50 16.09
N TRP A 614 4.50 32.59 17.05
CA TRP A 614 5.48 31.53 16.88
C TRP A 614 5.00 30.48 15.89
N PHE A 615 3.70 30.26 15.79
CA PHE A 615 3.22 29.36 14.75
C PHE A 615 3.19 30.04 13.39
N ARG A 616 3.28 31.38 13.33
CA ARG A 616 3.47 32.10 12.08
C ARG A 616 4.90 31.95 11.57
N MET A 617 5.85 31.79 12.48
CA MET A 617 7.28 31.79 12.19
C MET A 617 7.76 30.48 11.58
N VAL A 618 6.86 29.57 11.27
CA VAL A 618 7.25 28.34 10.59
C VAL A 618 6.86 28.50 9.12
N SER A 619 6.82 29.74 8.67
CA SER A 619 6.79 30.03 7.25
C SER A 619 8.17 30.29 6.69
N VAL A 620 9.22 30.16 7.50
CA VAL A 620 10.58 30.19 6.97
C VAL A 620 10.92 28.89 6.27
N PHE A 621 10.10 27.87 6.42
CA PHE A 621 10.31 26.56 5.85
C PHE A 621 9.40 26.32 4.66
N GLU A 622 8.95 27.38 3.99
CA GLU A 622 8.19 27.25 2.76
C GLU A 622 9.01 26.73 1.61
N LEU A 623 10.33 26.84 1.70
CA LEU A 623 11.20 26.49 0.59
C LEU A 623 11.98 25.22 0.82
N SER A 624 12.03 24.73 2.05
CA SER A 624 12.68 23.46 2.32
C SER A 624 11.86 22.34 1.72
N SER A 625 12.52 21.33 1.18
CA SER A 625 11.78 20.21 0.63
C SER A 625 11.63 19.07 1.61
N ALA A 626 12.31 19.13 2.74
CA ALA A 626 12.09 18.16 3.79
C ALA A 626 11.10 18.66 4.83
N ILE A 627 11.22 19.91 5.25
CA ILE A 627 10.32 20.49 6.24
C ILE A 627 9.17 21.25 5.57
N GLY A 628 9.11 21.24 4.26
CA GLY A 628 8.10 21.94 3.53
C GLY A 628 6.81 21.17 3.34
N PRO A 629 6.88 19.95 2.77
CA PRO A 629 5.66 19.13 2.67
C PRO A 629 5.24 18.46 3.96
N LEU A 630 5.77 18.95 5.08
CA LEU A 630 5.44 18.52 6.41
C LEU A 630 4.63 19.55 7.15
N ILE A 631 4.83 20.83 6.85
CA ILE A 631 4.00 21.91 7.37
C ILE A 631 2.68 21.97 6.61
N GLN A 632 2.72 21.74 5.30
CA GLN A 632 1.49 21.76 4.51
C GLN A 632 0.61 20.57 4.81
N MET A 633 1.21 19.46 5.24
CA MET A 633 0.42 18.33 5.72
C MET A 633 -0.23 18.66 7.05
N MET A 634 0.56 19.10 8.01
CA MET A 634 0.12 19.38 9.37
C MET A 634 -0.85 20.55 9.44
N LYS A 635 -0.85 21.43 8.46
CA LYS A 635 -1.95 22.37 8.31
C LYS A 635 -3.22 21.66 7.88
N GLN A 636 -3.09 20.62 7.08
CA GLN A 636 -4.23 20.06 6.37
C GLN A 636 -4.90 18.92 7.13
N MET A 637 -4.15 18.17 7.94
CA MET A 637 -4.75 17.27 8.91
C MET A 637 -5.05 17.96 10.23
N LEU A 638 -5.25 19.27 10.21
CA LEU A 638 -5.67 20.05 11.36
C LEU A 638 -6.83 20.96 11.05
N ILE A 639 -6.94 21.43 9.80
CA ILE A 639 -8.10 22.22 9.42
C ILE A 639 -9.15 21.40 8.71
N LYS A 640 -8.89 20.12 8.44
CA LYS A 640 -9.90 19.24 7.89
C LYS A 640 -10.30 18.16 8.90
N ASP A 641 -9.34 17.40 9.39
CA ASP A 641 -9.63 16.21 10.17
C ASP A 641 -9.97 16.49 11.61
N VAL A 642 -9.51 17.59 12.18
CA VAL A 642 -9.73 17.82 13.59
C VAL A 642 -10.98 18.66 13.83
N THR A 643 -11.28 19.59 12.94
CA THR A 643 -12.49 20.37 13.09
C THR A 643 -13.75 19.64 12.67
N ARG A 644 -13.64 18.44 12.11
CA ARG A 644 -14.80 17.61 11.82
C ARG A 644 -14.91 16.42 12.75
N PHE A 645 -13.85 16.12 13.49
CA PHE A 645 -13.92 15.11 14.53
C PHE A 645 -14.27 15.72 15.87
N ALA A 646 -14.00 17.00 16.06
CA ALA A 646 -14.43 17.69 17.26
C ALA A 646 -15.91 17.94 17.28
N LEU A 647 -16.56 18.01 16.13
CA LEU A 647 -18.01 18.13 16.12
C LEU A 647 -18.68 16.81 16.48
N LEU A 648 -18.02 15.70 16.17
CA LEU A 648 -18.58 14.40 16.54
C LEU A 648 -18.43 14.15 18.03
N VAL A 649 -17.28 14.50 18.59
CA VAL A 649 -16.98 14.25 20.01
C VAL A 649 -17.83 15.14 20.91
N LEU A 650 -18.15 16.36 20.47
CA LEU A 650 -19.00 17.24 21.26
C LEU A 650 -20.40 16.69 21.43
N VAL A 651 -20.91 15.95 20.46
CA VAL A 651 -22.22 15.33 20.61
C VAL A 651 -22.14 14.12 21.53
N ILE A 652 -21.02 13.39 21.49
CA ILE A 652 -20.86 12.21 22.33
C ILE A 652 -20.58 12.62 23.77
N LEU A 653 -19.69 13.59 23.98
CA LEU A 653 -19.38 14.06 25.32
C LEU A 653 -20.52 14.78 26.00
N LEU A 654 -21.45 15.34 25.23
CA LEU A 654 -22.59 15.97 25.87
C LEU A 654 -23.68 14.96 26.18
N GLY A 655 -23.58 13.74 25.68
CA GLY A 655 -24.53 12.69 26.00
C GLY A 655 -24.13 11.94 27.24
N PHE A 656 -22.82 11.72 27.42
CA PHE A 656 -22.35 11.14 28.67
C PHE A 656 -22.50 12.11 29.83
N SER A 657 -22.38 13.42 29.57
CA SER A 657 -22.55 14.40 30.64
C SER A 657 -24.00 14.53 31.08
N VAL A 658 -24.94 14.33 30.16
CA VAL A 658 -26.34 14.27 30.56
C VAL A 658 -26.62 12.97 31.30
N GLY A 659 -26.10 11.86 30.80
CA GLY A 659 -26.36 10.57 31.39
C GLY A 659 -25.74 10.35 32.76
N MET A 660 -24.75 11.16 33.14
CA MET A 660 -24.27 11.09 34.52
C MET A 660 -25.26 11.74 35.48
N GLU A 661 -25.89 12.83 35.06
CA GLU A 661 -26.86 13.51 35.90
C GLU A 661 -28.10 12.67 36.13
N ALA A 662 -28.53 11.91 35.12
CA ALA A 662 -29.63 11.00 35.33
C ALA A 662 -29.24 9.79 36.17
N LEU A 663 -27.96 9.60 36.44
CA LEU A 663 -27.50 8.47 37.20
C LEU A 663 -27.28 8.80 38.67
N PHE A 664 -27.10 10.07 38.99
CA PHE A 664 -26.82 10.56 40.34
C PHE A 664 -27.98 11.30 40.98
N GLN A 665 -29.10 11.44 40.27
CA GLN A 665 -30.18 12.24 40.80
C GLN A 665 -30.90 11.49 41.91
N GLU A 666 -31.42 12.23 42.87
CA GLU A 666 -31.93 11.66 44.10
C GLU A 666 -33.43 11.38 44.00
N ALA A 667 -33.89 10.46 44.85
CA ALA A 667 -35.30 10.19 45.03
C ALA A 667 -35.50 9.89 46.49
N CYS A 668 -36.22 10.77 47.19
CA CYS A 668 -36.22 10.82 48.65
C CYS A 668 -37.63 10.52 49.16
N ILE A 669 -37.82 9.30 49.67
CA ILE A 669 -39.15 8.78 49.96
C ILE A 669 -39.36 8.50 51.44
N GLU A 670 -38.30 8.38 52.24
CA GLU A 670 -38.47 8.07 53.66
C GLU A 670 -38.94 9.33 54.39
N ARG A 671 -40.25 9.44 54.54
CA ARG A 671 -40.90 10.48 55.32
C ARG A 671 -42.30 9.98 55.69
N ASP A 672 -42.77 10.34 56.88
CA ASP A 672 -44.19 10.07 57.09
C ASP A 672 -45.09 11.21 56.57
N PRO A 673 -44.96 12.52 57.01
CA PRO A 673 -45.82 13.53 56.37
C PRO A 673 -45.43 13.91 54.95
N THR A 674 -44.29 14.62 54.83
CA THR A 674 -43.82 15.28 53.61
C THR A 674 -42.36 15.72 53.74
N THR A 675 -41.49 15.19 52.86
CA THR A 675 -40.15 15.72 52.55
C THR A 675 -39.25 15.89 53.77
N ASN A 676 -38.91 14.76 54.41
CA ASN A 676 -38.20 14.80 55.68
C ASN A 676 -36.77 14.28 55.58
N GLU A 677 -36.57 13.08 55.05
CA GLU A 677 -35.22 12.54 54.87
C GLU A 677 -34.89 12.43 53.39
N CYS A 678 -33.60 12.49 53.07
CA CYS A 678 -33.21 12.52 51.67
C CYS A 678 -31.85 11.88 51.48
N THR A 679 -31.79 10.86 50.61
CA THR A 679 -30.60 10.04 50.44
C THR A 679 -29.58 10.73 49.54
N LYS A 680 -28.36 10.90 50.04
CA LYS A 680 -27.34 11.67 49.35
C LYS A 680 -26.28 10.73 48.77
N TYR A 681 -26.23 10.65 47.44
CA TYR A 681 -25.10 10.06 46.73
C TYR A 681 -24.77 10.84 45.46
N THR A 682 -24.92 12.16 45.50
CA THR A 682 -24.66 13.01 44.34
C THR A 682 -23.19 13.34 44.19
N SER A 683 -22.76 13.53 42.93
CA SER A 683 -21.45 14.10 42.64
C SER A 683 -21.43 15.01 41.41
N TRP A 684 -22.57 15.31 40.80
CA TRP A 684 -22.59 16.00 39.52
C TRP A 684 -23.76 16.98 39.43
N PHE A 713 -23.58 1.70 53.30
CA PHE A 713 -24.90 1.16 53.57
C PHE A 713 -25.68 0.93 52.27
N GLU A 714 -25.54 1.85 51.32
CA GLU A 714 -26.13 1.73 49.99
C GLU A 714 -25.08 1.30 48.96
N GLN A 715 -24.58 0.07 49.13
CA GLN A 715 -23.49 -0.43 48.29
C GLN A 715 -23.90 -0.80 46.87
N LYS A 716 -25.08 -0.38 46.41
CA LYS A 716 -25.54 -0.66 45.06
C LYS A 716 -25.16 0.42 44.05
N ARG A 717 -24.89 1.65 44.49
CA ARG A 717 -24.77 2.75 43.53
C ARG A 717 -23.43 2.76 42.80
N VAL A 718 -22.35 2.45 43.51
CA VAL A 718 -21.01 2.49 42.92
C VAL A 718 -20.86 1.42 41.85
N THR A 719 -21.63 0.32 41.96
CA THR A 719 -21.59 -0.73 40.96
C THR A 719 -22.07 -0.22 39.60
N GLY A 720 -23.11 0.62 39.59
CA GLY A 720 -23.61 1.14 38.34
C GLY A 720 -22.75 2.22 37.73
N VAL A 721 -22.03 2.97 38.56
CA VAL A 721 -21.19 4.03 38.02
C VAL A 721 -19.90 3.43 37.46
N ILE A 722 -19.46 2.29 37.99
CA ILE A 722 -18.29 1.60 37.46
C ILE A 722 -18.59 1.04 36.07
N PHE A 723 -19.73 0.36 35.91
CA PHE A 723 -20.10 -0.18 34.61
C PHE A 723 -20.38 0.91 33.59
N TYR A 724 -20.89 2.05 34.05
CA TYR A 724 -21.14 3.17 33.13
C TYR A 724 -19.83 3.78 32.66
N LEU A 725 -18.86 3.93 33.56
CA LEU A 725 -17.56 4.47 33.17
C LEU A 725 -16.74 3.49 32.35
N ILE A 726 -17.04 2.20 32.38
CA ILE A 726 -16.40 1.26 31.47
C ILE A 726 -16.92 1.46 30.06
N PHE A 727 -18.24 1.64 29.91
CA PHE A 727 -18.85 1.91 28.61
C PHE A 727 -18.40 3.24 28.02
N ALA A 728 -17.90 4.16 28.85
CA ALA A 728 -17.32 5.39 28.34
C ALA A 728 -15.89 5.20 27.89
N ILE A 729 -15.14 4.32 28.54
CA ILE A 729 -13.74 4.09 28.17
C ILE A 729 -13.66 3.29 26.89
N VAL A 730 -14.54 2.31 26.72
CA VAL A 730 -14.66 1.60 25.43
C VAL A 730 -15.07 2.57 24.33
N THR A 731 -15.88 3.58 24.66
CA THR A 731 -16.22 4.61 23.69
C THR A 731 -15.01 5.49 23.38
N ALA A 732 -14.18 5.79 24.38
CA ALA A 732 -13.00 6.60 24.14
C ALA A 732 -11.94 5.86 23.35
N ILE A 733 -11.81 4.54 23.55
CA ILE A 733 -10.88 3.76 22.74
C ILE A 733 -11.36 3.69 21.30
N LEU A 734 -12.67 3.53 21.10
CA LEU A 734 -13.22 3.36 19.78
C LEU A 734 -13.19 4.64 18.95
N LEU A 735 -13.09 5.80 19.60
CA LEU A 735 -12.95 7.06 18.86
C LEU A 735 -11.52 7.52 18.74
N LEU A 736 -10.64 7.12 19.65
CA LEU A 736 -9.23 7.39 19.46
C LEU A 736 -8.64 6.50 18.39
N ASN A 737 -9.30 5.40 18.09
CA ASN A 737 -8.93 4.50 17.02
C ASN A 737 -9.47 4.97 15.70
N LEU A 738 -10.55 5.74 15.69
CA LEU A 738 -11.08 6.29 14.46
C LEU A 738 -10.45 7.62 14.13
N PHE A 739 -9.86 8.28 15.11
CA PHE A 739 -9.15 9.53 14.87
C PHE A 739 -7.77 9.28 14.29
N ILE A 740 -7.09 8.23 14.74
CA ILE A 740 -5.75 7.94 14.24
C ILE A 740 -5.80 7.35 12.85
N ALA A 741 -6.81 6.53 12.54
CA ALA A 741 -6.96 6.05 11.19
C ALA A 741 -7.51 7.09 10.26
N MET A 742 -8.18 8.12 10.78
CA MET A 742 -8.57 9.26 9.96
C MET A 742 -7.35 10.04 9.50
N LEU A 743 -6.38 10.23 10.39
CA LEU A 743 -5.19 11.02 10.05
C LEU A 743 -4.26 10.27 9.13
N ALA A 744 -4.15 8.96 9.29
CA ALA A 744 -3.29 8.18 8.41
C ALA A 744 -3.87 8.06 7.01
N ASP A 745 -5.17 8.31 6.83
CA ASP A 745 -5.71 8.49 5.49
C ASP A 745 -5.20 9.79 4.88
N THR A 746 -5.16 10.86 5.67
CA THR A 746 -4.74 12.15 5.17
C THR A 746 -3.23 12.20 4.94
N TYR A 747 -2.44 11.46 5.71
CA TYR A 747 -1.03 11.35 5.37
C TYR A 747 -0.82 10.65 4.05
N THR A 748 -1.65 9.66 3.74
CA THR A 748 -1.46 8.91 2.50
C THR A 748 -1.92 9.74 1.31
N ARG A 749 -2.84 10.67 1.53
CA ARG A 749 -3.35 11.45 0.40
C ARG A 749 -2.53 12.69 0.14
N VAL A 750 -1.94 13.30 1.16
CA VAL A 750 -1.14 14.50 0.90
C VAL A 750 0.32 14.16 0.65
N SER A 751 0.73 12.92 0.82
CA SER A 751 2.09 12.52 0.50
C SER A 751 2.18 11.64 -0.73
N THR A 752 1.08 11.36 -1.40
CA THR A 752 1.21 10.85 -2.76
C THR A 752 1.40 11.99 -3.74
N GLN A 753 1.21 13.23 -3.29
CA GLN A 753 1.38 14.46 -4.02
C GLN A 753 2.29 15.38 -3.24
N ALA A 754 3.45 14.88 -2.83
CA ALA A 754 4.34 15.73 -2.07
C ALA A 754 5.08 16.67 -2.98
N MET A 755 5.76 16.15 -3.99
CA MET A 755 6.53 16.98 -4.89
C MET A 755 5.75 17.42 -6.10
N VAL A 756 4.44 17.59 -5.98
CA VAL A 756 3.66 18.34 -6.96
C VAL A 756 2.97 19.51 -6.27
N GLU A 757 2.49 19.30 -5.06
CA GLU A 757 2.04 20.40 -4.24
C GLU A 757 3.17 21.34 -3.90
N PHE A 758 4.35 20.81 -3.55
CA PHE A 758 5.48 21.67 -3.18
C PHE A 758 5.90 22.54 -4.35
N ARG A 759 5.98 21.96 -5.54
CA ARG A 759 6.36 22.71 -6.72
C ARG A 759 5.22 23.57 -7.25
N TYR A 760 4.05 23.48 -6.64
CA TYR A 760 2.98 24.42 -6.92
C TYR A 760 2.92 25.52 -5.87
N ARG A 761 3.13 25.19 -4.59
CA ARG A 761 3.20 26.24 -3.58
C ARG A 761 4.46 27.07 -3.73
N LYS A 762 5.49 26.50 -4.35
CA LYS A 762 6.69 27.27 -4.65
C LYS A 762 6.41 28.28 -5.76
N ALA A 763 5.78 27.84 -6.85
CA ALA A 763 5.57 28.76 -7.95
C ALA A 763 4.44 29.75 -7.73
N LYS A 764 3.56 29.53 -6.75
CA LYS A 764 2.67 30.60 -6.33
C LYS A 764 3.42 31.63 -5.50
N LEU A 765 4.54 31.24 -4.93
CA LEU A 765 5.39 32.10 -4.13
C LEU A 765 6.45 32.80 -4.96
N MET A 766 6.99 32.13 -5.97
CA MET A 766 7.93 32.76 -6.88
C MET A 766 7.27 33.80 -7.76
N ALA A 767 5.96 33.70 -7.96
CA ALA A 767 5.23 34.70 -8.71
C ALA A 767 4.70 35.83 -7.86
N SER A 768 4.55 35.61 -6.56
CA SER A 768 4.03 36.66 -5.70
C SER A 768 5.10 37.68 -5.36
N TYR A 769 6.34 37.25 -5.18
CA TYR A 769 7.40 38.17 -4.83
C TYR A 769 8.09 38.80 -6.03
N SER A 770 7.83 38.32 -7.23
CA SER A 770 8.45 38.96 -8.38
C SER A 770 7.72 40.21 -8.79
N ARG A 771 6.55 40.48 -8.22
CA ARG A 771 5.79 41.68 -8.47
C ARG A 771 5.75 42.59 -7.26
N ARG A 772 6.30 42.17 -6.13
CA ARG A 772 6.17 42.85 -4.86
C ARG A 772 7.38 43.74 -4.62
N ASP A 773 7.14 44.90 -4.01
CA ASP A 773 8.18 45.87 -3.73
C ASP A 773 8.98 45.45 -2.49
N PHE A 774 10.13 46.08 -2.27
CA PHE A 774 11.04 45.63 -1.23
C PHE A 774 10.70 46.14 0.16
N VAL A 775 9.56 46.80 0.35
CA VAL A 775 9.19 47.32 1.66
C VAL A 775 8.32 46.32 2.41
N CYS A 776 8.90 45.72 3.45
CA CYS A 776 8.24 44.72 4.25
C CYS A 776 7.16 45.39 5.11
N PRO A 777 6.23 44.63 5.68
CA PRO A 777 5.12 45.22 6.47
C PRO A 777 5.50 46.13 7.63
N PRO A 778 6.68 46.08 8.27
CA PRO A 778 6.96 47.15 9.24
C PRO A 778 7.15 48.53 8.62
N PHE A 779 7.53 48.62 7.35
CA PHE A 779 7.65 49.91 6.68
C PHE A 779 6.63 50.06 5.59
N ASN A 780 5.61 49.20 5.59
CA ASN A 780 4.46 49.37 4.71
C ASN A 780 3.75 50.66 5.03
N LEU A 781 3.69 51.02 6.31
CA LEU A 781 2.87 52.15 6.73
C LEU A 781 3.56 53.47 6.44
N LEU A 782 4.89 53.50 6.47
CA LEU A 782 5.62 54.73 6.14
C LEU A 782 5.53 55.03 4.65
N HIS A 783 5.34 54.00 3.83
CA HIS A 783 5.26 54.21 2.39
C HIS A 783 3.94 54.85 1.98
N LEU A 784 2.86 54.53 2.68
CA LEU A 784 1.58 55.13 2.34
C LEU A 784 1.51 56.59 2.77
N VAL A 785 2.19 56.93 3.87
CA VAL A 785 2.13 58.29 4.39
C VAL A 785 2.98 59.23 3.54
N CYS A 786 4.18 58.81 3.16
CA CYS A 786 5.04 59.68 2.37
C CYS A 786 4.57 59.78 0.92
N ALA A 787 3.83 58.79 0.42
CA ALA A 787 3.32 58.88 -0.94
C ALA A 787 2.01 59.67 -1.00
N ALA A 788 1.26 59.72 0.09
CA ALA A 788 0.09 60.59 0.13
C ALA A 788 0.51 62.05 0.25
N VAL A 789 1.53 62.32 1.06
CA VAL A 789 2.06 63.67 1.17
C VAL A 789 2.83 64.04 -0.10
N GLY A 790 3.78 63.19 -0.50
CA GLY A 790 4.72 63.52 -1.56
C GLY A 790 4.12 63.60 -2.94
N ASN A 791 2.92 63.07 -3.14
CA ASN A 791 2.23 63.26 -4.41
C ASN A 791 1.17 64.33 -4.33
N GLY A 792 0.78 64.74 -3.12
CA GLY A 792 -0.04 65.93 -3.00
C GLY A 792 0.74 67.19 -3.31
N LEU A 793 2.06 67.15 -3.09
CA LEU A 793 2.91 68.29 -3.42
C LEU A 793 2.98 68.50 -4.92
N ARG A 794 3.27 67.45 -5.67
CA ARG A 794 3.40 67.56 -7.12
C ARG A 794 2.06 67.53 -7.85
N ARG A 795 0.95 67.81 -7.15
CA ARG A 795 -0.26 68.30 -7.78
C ARG A 795 -0.40 69.82 -7.72
N LEU A 796 0.22 70.46 -6.73
CA LEU A 796 0.29 71.91 -6.70
C LEU A 796 1.45 72.43 -7.55
N VAL A 797 2.67 72.00 -7.21
CA VAL A 797 3.83 72.16 -8.10
C VAL A 797 3.71 71.12 -9.19
N TRP A 798 4.68 71.12 -10.13
CA TRP A 798 4.59 70.73 -11.55
C TRP A 798 3.63 69.61 -11.93
N GLY A 799 2.99 69.74 -13.08
CA GLY A 799 1.75 69.07 -13.36
C GLY A 799 1.99 67.68 -13.90
N PRO A 800 1.95 67.51 -15.23
CA PRO A 800 2.21 66.18 -15.82
C PRO A 800 3.63 65.70 -15.59
N ASP A 801 3.88 65.27 -14.35
CA ASP A 801 5.18 64.76 -13.92
C ASP A 801 5.22 63.24 -14.02
N GLY A 802 4.24 62.58 -13.42
CA GLY A 802 4.21 61.14 -13.45
C GLY A 802 5.21 60.54 -12.49
N PHE A 803 5.55 59.27 -12.76
CA PHE A 803 6.46 58.39 -12.03
C PHE A 803 6.30 58.45 -10.51
N THR A 804 5.08 58.59 -10.05
CA THR A 804 4.81 58.63 -8.63
C THR A 804 5.08 57.26 -8.01
N PRO A 805 5.60 57.20 -6.79
CA PRO A 805 5.60 55.93 -6.06
C PRO A 805 4.17 55.50 -5.81
N VAL A 806 3.77 54.43 -6.50
CA VAL A 806 2.36 54.07 -6.56
C VAL A 806 1.91 53.50 -5.22
N SER A 807 0.71 53.88 -4.80
CA SER A 807 0.22 53.45 -3.50
C SER A 807 -0.41 52.06 -3.57
N MET A 808 0.39 51.08 -4.00
CA MET A 808 0.02 49.68 -3.93
C MET A 808 1.27 48.83 -4.02
N ARG A 809 1.24 47.70 -3.35
CA ARG A 809 2.15 46.60 -3.61
C ARG A 809 1.61 45.80 -4.79
N LYS A 810 2.39 44.80 -5.23
CA LYS A 810 2.05 43.90 -6.34
C LYS A 810 1.75 44.70 -7.62
N ASN A 811 2.84 45.30 -8.14
CA ASN A 811 2.76 46.30 -9.20
C ASN A 811 2.04 45.79 -10.43
N GLU A 812 1.23 46.65 -11.03
CA GLU A 812 0.42 46.25 -12.17
C GLU A 812 1.04 46.64 -13.49
N THR A 813 1.90 47.66 -13.51
CA THR A 813 2.42 48.19 -14.77
C THR A 813 3.73 47.48 -15.11
N VAL A 814 3.66 46.16 -14.97
CA VAL A 814 4.72 45.23 -15.29
C VAL A 814 4.07 43.95 -15.78
N PRO A 815 4.32 43.54 -17.01
CA PRO A 815 4.17 42.14 -17.35
C PRO A 815 5.13 41.35 -16.50
N LEU A 816 4.75 40.15 -16.06
CA LEU A 816 5.48 39.38 -15.07
C LEU A 816 6.90 39.08 -15.54
N PHE A 817 7.06 38.61 -16.77
CA PHE A 817 8.36 38.26 -17.31
C PHE A 817 8.79 39.28 -18.36
N SER A 818 10.09 39.37 -18.56
CA SER A 818 10.61 40.31 -19.56
C SER A 818 10.54 39.76 -20.97
N TRP A 819 10.27 38.47 -21.14
CA TRP A 819 10.09 37.91 -22.47
C TRP A 819 8.66 37.97 -22.96
N TYR A 820 7.80 38.75 -22.30
CA TYR A 820 6.47 39.04 -22.83
C TYR A 820 6.59 40.11 -23.92
N PHE A 821 5.47 40.76 -24.25
CA PHE A 821 5.04 41.21 -25.57
C PHE A 821 6.18 41.67 -26.47
N PRO A 822 6.60 40.84 -27.44
CA PRO A 822 7.83 41.10 -28.17
C PRO A 822 7.69 41.94 -29.43
N GLN A 823 7.74 43.26 -29.32
CA GLN A 823 7.63 44.09 -30.52
C GLN A 823 8.84 43.92 -31.42
N GLY A 824 8.59 43.97 -32.73
CA GLY A 824 9.66 44.06 -33.71
C GLY A 824 9.86 42.82 -34.54
N GLU A 825 11.11 42.50 -34.85
CA GLU A 825 11.46 41.27 -35.53
C GLU A 825 11.75 40.14 -34.57
N GLU A 826 11.46 40.31 -33.28
CA GLU A 826 11.33 39.17 -32.40
C GLU A 826 9.94 38.60 -32.40
N MET A 827 8.94 39.36 -32.84
CA MET A 827 7.62 38.79 -33.03
C MET A 827 7.60 37.83 -34.19
N ARG A 828 8.33 38.15 -35.25
CA ARG A 828 8.35 37.29 -36.42
C ARG A 828 9.10 36.00 -36.14
N GLN A 829 10.04 36.02 -35.20
CA GLN A 829 10.77 34.81 -34.86
C GLN A 829 10.08 33.98 -33.80
N VAL A 830 9.21 34.57 -32.98
CA VAL A 830 8.40 33.76 -32.06
C VAL A 830 7.33 33.01 -32.83
N VAL A 831 6.62 33.73 -33.72
CA VAL A 831 5.52 33.18 -34.49
C VAL A 831 5.96 32.04 -35.42
N VAL A 832 7.19 32.10 -35.91
CA VAL A 832 7.75 30.94 -36.59
C VAL A 832 8.03 29.82 -35.60
N LEU A 833 8.62 30.15 -34.46
CA LEU A 833 9.03 29.13 -33.50
C LEU A 833 7.86 28.53 -32.76
N GLN A 834 6.77 29.28 -32.61
CA GLN A 834 5.55 28.71 -32.06
C GLN A 834 4.93 27.71 -33.01
N ARG A 835 4.85 28.07 -34.30
CA ARG A 835 4.18 27.24 -35.28
C ARG A 835 4.95 25.96 -35.54
N ARG A 836 6.26 25.96 -35.31
CA ARG A 836 7.02 24.71 -35.31
C ARG A 836 6.61 23.81 -34.16
N VAL A 837 6.41 24.37 -32.97
CA VAL A 837 6.12 23.56 -31.80
C VAL A 837 4.71 23.01 -31.85
N VAL A 838 3.73 23.85 -32.21
CA VAL A 838 2.34 23.43 -32.15
C VAL A 838 2.01 22.49 -33.31
N ASP A 839 2.59 22.69 -34.49
CA ASP A 839 2.33 21.76 -35.59
C ASP A 839 2.94 20.39 -35.34
N ASP A 840 4.00 20.30 -34.54
CA ASP A 840 4.56 19.00 -34.20
C ASP A 840 3.87 18.38 -33.01
N PHE A 841 3.07 19.16 -32.29
CA PHE A 841 2.20 18.64 -31.25
C PHE A 841 0.89 18.15 -31.79
N LEU A 842 0.32 18.84 -32.77
CA LEU A 842 -0.99 18.46 -33.26
C LEU A 842 -0.95 17.20 -34.10
N ASN A 843 0.22 16.80 -34.59
CA ASN A 843 0.30 15.52 -35.28
C ASN A 843 1.04 14.46 -34.48
N SER A 844 1.12 14.61 -33.17
CA SER A 844 1.34 13.47 -32.31
C SER A 844 0.10 13.13 -31.53
N ASN A 845 -0.90 14.01 -31.56
CA ASN A 845 -2.25 13.63 -31.20
C ASN A 845 -2.95 12.90 -32.33
N ARG A 846 -2.73 13.36 -33.55
CA ARG A 846 -3.34 12.75 -34.72
C ARG A 846 -2.76 11.38 -35.01
N VAL A 847 -1.58 11.08 -34.50
CA VAL A 847 -1.06 9.72 -34.50
C VAL A 847 -1.68 8.91 -33.36
N ALA A 848 -1.74 9.48 -32.17
CA ALA A 848 -2.22 8.73 -31.02
C ALA A 848 -3.73 8.57 -30.99
N LEU A 849 -4.46 9.34 -31.77
CA LEU A 849 -5.87 9.11 -31.98
C LEU A 849 -6.14 8.19 -33.15
N PHE A 850 -5.11 7.83 -33.90
CA PHE A 850 -5.22 6.82 -34.93
C PHE A 850 -5.00 5.43 -34.39
N ARG A 851 -4.17 5.30 -33.37
CA ARG A 851 -3.96 3.99 -32.75
C ARG A 851 -5.17 3.56 -31.94
N GLU A 852 -5.95 4.52 -31.42
CA GLU A 852 -7.20 4.17 -30.76
C GLU A 852 -8.31 3.85 -31.73
N LYS A 853 -8.27 4.40 -32.94
CA LYS A 853 -9.19 3.98 -33.99
C LYS A 853 -8.84 2.57 -34.48
N LEU A 854 -7.60 2.13 -34.27
CA LEU A 854 -7.22 0.76 -34.59
C LEU A 854 -7.35 -0.19 -33.43
N ASN A 855 -7.32 0.30 -32.19
CA ASN A 855 -7.66 -0.58 -31.08
C ASN A 855 -9.12 -0.96 -31.06
N ALA A 856 -9.99 -0.18 -31.69
CA ALA A 856 -11.40 -0.51 -31.69
C ALA A 856 -11.75 -1.61 -32.66
N GLU A 857 -10.89 -1.89 -33.63
CA GLU A 857 -11.17 -2.87 -34.66
C GLU A 857 -10.02 -3.84 -34.79
N LEU A 858 -9.34 -4.10 -33.70
CA LEU A 858 -8.26 -5.06 -33.64
C LEU A 858 -8.77 -6.49 -33.86
N PRO A 859 -9.92 -6.95 -33.33
CA PRO A 859 -10.40 -8.27 -33.74
C PRO A 859 -10.98 -8.34 -35.14
N ASN A 860 -11.03 -7.23 -35.86
CA ASN A 860 -11.48 -7.25 -37.24
C ASN A 860 -10.34 -7.18 -38.22
N LEU A 861 -9.20 -6.64 -37.81
CA LEU A 861 -8.01 -6.63 -38.64
C LEU A 861 -7.25 -7.94 -38.54
N VAL A 862 -7.26 -8.57 -37.37
CA VAL A 862 -6.59 -9.86 -37.21
C VAL A 862 -7.28 -10.90 -38.07
N HIS A 863 -8.60 -10.83 -38.17
CA HIS A 863 -9.37 -11.73 -39.01
C HIS A 863 -9.11 -11.50 -40.50
N GLU A 864 -8.59 -10.33 -40.88
CA GLU A 864 -8.34 -10.05 -42.29
C GLU A 864 -6.92 -10.34 -42.72
N MET A 865 -5.94 -10.21 -41.82
CA MET A 865 -4.59 -10.64 -42.15
C MET A 865 -4.46 -12.14 -42.08
N LEU A 866 -5.36 -12.80 -41.37
CA LEU A 866 -5.28 -14.23 -41.20
C LEU A 866 -5.86 -14.93 -42.42
N LYS A 867 -6.77 -14.26 -43.11
CA LYS A 867 -7.36 -14.74 -44.35
C LYS A 867 -6.51 -14.37 -45.55
N GLN A 868 -5.80 -13.24 -45.49
CA GLN A 868 -4.84 -12.84 -46.49
C GLN A 868 -3.54 -13.65 -46.39
N LYS A 869 -3.33 -14.36 -45.29
CA LYS A 869 -2.35 -15.44 -45.21
C LYS A 869 -2.71 -16.52 -46.23
N GLY A 870 -1.74 -17.35 -46.57
CA GLY A 870 -1.91 -18.30 -47.67
C GLY A 870 -2.85 -19.47 -47.45
N LYS A 871 -3.82 -19.33 -46.55
CA LYS A 871 -5.02 -20.16 -46.61
C LYS A 871 -5.77 -19.88 -47.91
N GLY A 872 -6.06 -18.60 -48.19
CA GLY A 872 -6.71 -18.25 -49.43
C GLY A 872 -5.83 -17.61 -50.50
N ASP A 873 -5.02 -16.60 -50.13
CA ASP A 873 -4.37 -15.75 -51.13
C ASP A 873 -2.96 -15.39 -50.68
N GLY A 874 -1.99 -16.22 -51.05
CA GLY A 874 -0.59 -15.91 -50.80
C GLY A 874 -0.15 -15.77 -49.36
N LYS B 17 20.95 -50.39 -0.19
CA LYS B 17 21.02 -50.30 -1.64
C LYS B 17 19.64 -50.53 -2.24
N LYS B 18 18.84 -51.34 -1.57
CA LYS B 18 17.45 -51.61 -1.96
C LYS B 18 16.53 -50.38 -1.84
N PRO B 19 16.58 -49.54 -0.79
CA PRO B 19 15.83 -48.29 -0.89
C PRO B 19 16.56 -47.28 -1.76
N SER B 20 15.78 -46.31 -2.25
CA SER B 20 16.30 -45.19 -3.01
C SER B 20 16.33 -43.96 -2.11
N ASP B 21 16.68 -42.81 -2.69
CA ASP B 21 16.54 -41.57 -1.93
C ASP B 21 15.10 -41.11 -1.91
N TYR B 22 14.43 -41.25 -3.05
CA TYR B 22 13.00 -40.98 -3.15
C TYR B 22 12.22 -41.91 -2.23
N GLY B 23 12.69 -43.14 -2.07
CA GLY B 23 11.96 -44.12 -1.32
C GLY B 23 11.93 -43.87 0.17
N CYS B 24 13.06 -43.47 0.74
CA CYS B 24 13.12 -43.17 2.16
C CYS B 24 12.28 -41.97 2.53
N GLN B 25 12.04 -41.08 1.57
CA GLN B 25 11.50 -39.76 1.86
C GLN B 25 10.02 -39.66 1.60
N LEU B 26 9.49 -40.50 0.71
CA LEU B 26 8.17 -40.26 0.17
C LEU B 26 7.21 -41.44 0.35
N HIS B 27 7.68 -42.68 0.48
CA HIS B 27 6.75 -43.80 0.53
C HIS B 27 6.01 -43.85 1.85
N TYR B 28 5.02 -44.74 1.89
CA TYR B 28 4.21 -44.96 3.08
C TYR B 28 5.06 -45.63 4.15
N LYS B 29 4.98 -45.10 5.37
CA LYS B 29 5.97 -45.42 6.40
C LYS B 29 5.77 -46.82 6.97
N HIS B 30 4.56 -47.10 7.45
CA HIS B 30 4.31 -48.27 8.27
C HIS B 30 3.97 -49.48 7.41
N ALA B 31 3.91 -50.64 8.06
CA ALA B 31 3.55 -51.89 7.40
C ALA B 31 2.08 -52.19 7.70
N ARG B 32 1.30 -52.38 6.65
CA ARG B 32 -0.12 -52.66 6.78
C ARG B 32 -0.43 -54.11 6.44
N VAL B 33 -1.67 -54.50 6.66
CA VAL B 33 -2.17 -55.82 6.28
C VAL B 33 -3.26 -55.63 5.24
N VAL B 34 -3.13 -56.32 4.12
CA VAL B 34 -4.08 -56.22 3.02
C VAL B 34 -5.39 -56.89 3.42
N GLU B 35 -6.49 -56.12 3.38
CA GLU B 35 -7.80 -56.69 3.61
C GLU B 35 -8.17 -57.64 2.46
N PRO B 36 -8.96 -58.69 2.74
CA PRO B 36 -9.25 -59.69 1.69
C PRO B 36 -10.08 -59.15 0.53
N GLU B 37 -11.24 -58.56 0.80
CA GLU B 37 -12.05 -57.94 -0.25
C GLU B 37 -12.59 -56.63 0.30
N SER B 38 -11.84 -55.55 0.08
CA SER B 38 -12.21 -54.22 0.53
C SER B 38 -12.37 -53.34 -0.72
N THR B 39 -13.59 -52.89 -0.97
CA THR B 39 -13.88 -51.98 -2.05
C THR B 39 -13.66 -50.56 -1.58
N THR B 40 -13.54 -49.64 -2.53
CA THR B 40 -13.43 -48.22 -2.23
C THR B 40 -14.41 -47.36 -3.00
N ASP B 41 -15.44 -47.96 -3.61
CA ASP B 41 -16.52 -47.15 -4.16
C ASP B 41 -17.39 -46.64 -3.02
N ASP B 42 -18.27 -45.69 -3.35
CA ASP B 42 -18.90 -44.85 -2.32
C ASP B 42 -19.88 -45.63 -1.46
N GLY B 43 -20.76 -46.38 -2.08
CA GLY B 43 -21.41 -47.46 -1.38
C GLY B 43 -20.55 -48.68 -1.44
N MET B 44 -20.81 -49.65 -0.55
CA MET B 44 -20.11 -50.93 -0.42
C MET B 44 -18.71 -50.78 0.20
N LYS B 45 -18.23 -49.55 0.44
CA LYS B 45 -17.16 -49.35 1.39
C LYS B 45 -17.68 -49.34 2.81
N ARG B 46 -18.99 -49.39 3.00
CA ARG B 46 -19.65 -49.21 4.27
C ARG B 46 -20.56 -50.37 4.61
N LEU B 47 -20.17 -51.59 4.23
CA LEU B 47 -21.00 -52.74 4.56
C LEU B 47 -20.81 -53.17 6.01
N LYS B 48 -19.61 -52.98 6.55
CA LYS B 48 -19.39 -53.36 7.94
C LYS B 48 -20.04 -52.41 8.92
N ASP B 49 -20.35 -51.20 8.47
CA ASP B 49 -20.86 -50.15 9.34
C ASP B 49 -22.37 -50.02 9.27
N VAL B 50 -22.93 -49.88 8.07
CA VAL B 50 -24.37 -49.80 7.93
C VAL B 50 -25.00 -51.17 8.15
N GLY B 51 -24.39 -52.20 7.61
CA GLY B 51 -24.90 -53.54 7.74
C GLY B 51 -25.45 -54.04 6.42
N ASP B 52 -26.12 -55.19 6.50
CA ASP B 52 -26.81 -55.75 5.34
C ASP B 52 -28.15 -56.35 5.77
N LYS B 53 -28.94 -55.57 6.52
CA LYS B 53 -30.12 -56.13 7.17
C LYS B 53 -31.26 -56.36 6.20
N GLY B 54 -31.15 -55.85 4.97
CA GLY B 54 -32.14 -56.10 3.95
C GLY B 54 -33.43 -55.35 4.19
N THR B 55 -33.38 -54.03 4.16
CA THR B 55 -34.55 -53.26 4.55
C THR B 55 -34.82 -52.03 3.70
N LEU B 56 -34.25 -51.95 2.49
CA LEU B 56 -34.44 -50.89 1.48
C LEU B 56 -33.87 -49.54 1.87
N ILE B 57 -33.44 -49.41 3.11
CA ILE B 57 -32.84 -48.20 3.63
C ILE B 57 -31.36 -48.46 3.86
N THR B 58 -31.03 -49.75 3.94
CA THR B 58 -29.71 -50.32 3.88
C THR B 58 -29.37 -50.79 2.47
N ALA B 59 -30.37 -51.20 1.71
CA ALA B 59 -30.14 -51.62 0.34
C ALA B 59 -29.88 -50.44 -0.59
N ALA B 60 -30.27 -49.23 -0.19
CA ALA B 60 -30.00 -48.03 -0.97
C ALA B 60 -28.74 -47.32 -0.51
N GLU B 61 -28.42 -47.37 0.77
CA GLU B 61 -27.17 -46.83 1.25
C GLU B 61 -25.99 -47.62 0.73
N LEU B 62 -26.16 -48.93 0.61
CA LEU B 62 -25.10 -49.79 0.14
C LEU B 62 -25.03 -49.87 -1.37
N GLY B 63 -26.14 -49.58 -2.05
CA GLY B 63 -26.13 -49.57 -3.49
C GLY B 63 -26.48 -50.89 -4.12
N LEU B 64 -27.16 -51.76 -3.40
CA LEU B 64 -27.50 -53.10 -3.88
C LEU B 64 -28.73 -52.96 -4.77
N VAL B 65 -28.53 -52.97 -6.08
CA VAL B 65 -29.63 -52.72 -7.00
C VAL B 65 -30.59 -53.90 -7.00
N ASP B 66 -30.06 -55.12 -6.87
CA ASP B 66 -30.89 -56.32 -6.88
C ASP B 66 -31.67 -56.49 -5.58
N LYS B 67 -31.01 -56.27 -4.44
CA LYS B 67 -31.71 -56.32 -3.17
C LYS B 67 -32.62 -55.12 -2.95
N TYR B 68 -32.54 -54.08 -3.78
CA TYR B 68 -33.56 -53.06 -3.68
C TYR B 68 -34.79 -53.49 -4.46
N ARG B 69 -34.56 -54.18 -5.58
CA ARG B 69 -35.65 -54.59 -6.45
C ARG B 69 -36.44 -55.72 -5.82
N ASP B 70 -35.76 -56.75 -5.34
CA ASP B 70 -36.43 -57.93 -4.80
C ASP B 70 -37.12 -57.66 -3.48
N LEU B 71 -36.55 -56.77 -2.66
CA LEU B 71 -37.22 -56.37 -1.42
C LEU B 71 -38.42 -55.48 -1.67
N LYS B 72 -38.55 -54.92 -2.87
CA LYS B 72 -39.70 -54.10 -3.22
C LYS B 72 -40.72 -54.89 -4.03
N ARG B 73 -40.23 -55.73 -4.94
CA ARG B 73 -41.10 -56.57 -5.79
C ARG B 73 -41.89 -57.57 -4.95
N ALA B 74 -41.33 -58.01 -3.84
CA ALA B 74 -42.06 -58.87 -2.93
C ALA B 74 -42.61 -58.14 -1.72
N GLY B 75 -42.08 -56.96 -1.41
CA GLY B 75 -42.14 -56.50 -0.05
C GLY B 75 -42.48 -55.07 0.30
N GLN B 76 -41.50 -54.45 0.97
CA GLN B 76 -41.70 -53.53 2.08
C GLN B 76 -42.41 -52.22 1.79
N ASP B 77 -41.75 -51.28 1.13
CA ASP B 77 -42.22 -49.90 1.05
C ASP B 77 -41.34 -49.22 0.01
N ILE B 78 -41.39 -47.89 -0.05
CA ILE B 78 -40.37 -47.16 -0.78
C ILE B 78 -39.92 -45.96 0.04
N LEU B 79 -40.70 -45.63 1.07
CA LEU B 79 -40.56 -44.37 1.77
C LEU B 79 -40.71 -44.56 3.28
N THR B 80 -40.18 -45.66 3.79
CA THR B 80 -40.06 -45.79 5.24
C THR B 80 -38.86 -44.99 5.71
N CYS B 81 -38.76 -44.80 7.02
CA CYS B 81 -37.79 -43.84 7.54
C CYS B 81 -37.21 -44.31 8.86
N ASP B 82 -36.03 -43.77 9.19
CA ASP B 82 -35.39 -44.01 10.48
C ASP B 82 -36.06 -43.19 11.57
N TRP B 83 -35.74 -43.51 12.82
CA TRP B 83 -36.36 -42.69 13.85
C TRP B 83 -35.70 -41.33 14.03
N PRO B 84 -34.38 -41.18 14.39
CA PRO B 84 -33.91 -39.88 14.86
C PRO B 84 -33.92 -38.86 13.75
N TYR B 85 -33.26 -39.24 12.66
CA TYR B 85 -33.29 -38.52 11.40
C TYR B 85 -34.32 -39.16 10.50
N HIS B 86 -35.11 -38.33 9.83
CA HIS B 86 -36.26 -38.77 9.08
C HIS B 86 -35.87 -39.09 7.64
N TYR B 87 -34.79 -39.83 7.44
CA TYR B 87 -34.34 -40.08 6.08
C TYR B 87 -35.16 -41.20 5.46
N SER B 88 -35.68 -40.92 4.27
CA SER B 88 -36.39 -41.89 3.47
C SER B 88 -35.43 -42.95 2.94
N SER B 89 -35.97 -43.86 2.13
CA SER B 89 -35.08 -44.75 1.38
C SER B 89 -34.38 -43.99 0.26
N ILE B 90 -35.07 -43.01 -0.31
CA ILE B 90 -34.50 -42.15 -1.34
C ILE B 90 -33.38 -41.31 -0.79
N LEU B 91 -33.55 -40.80 0.43
CA LEU B 91 -32.56 -39.89 0.98
C LEU B 91 -31.31 -40.60 1.45
N TYR B 92 -31.33 -41.93 1.58
CA TYR B 92 -30.07 -42.63 1.70
C TYR B 92 -29.45 -42.93 0.36
N ALA B 93 -30.25 -42.96 -0.70
CA ALA B 93 -29.72 -43.29 -2.01
C ALA B 93 -28.82 -42.20 -2.52
N CYS B 94 -29.20 -40.95 -2.30
CA CYS B 94 -28.37 -39.80 -2.62
C CYS B 94 -27.55 -39.32 -1.43
N TYR B 95 -27.55 -40.06 -0.33
CA TYR B 95 -26.51 -39.95 0.69
C TYR B 95 -25.57 -41.14 0.46
N GLY B 96 -24.65 -40.95 -0.47
CA GLY B 96 -23.79 -42.04 -0.84
C GLY B 96 -23.91 -42.32 -2.31
N ASN B 97 -24.36 -41.30 -3.03
CA ASN B 97 -24.54 -41.13 -4.47
C ASN B 97 -24.92 -42.38 -5.24
N GLN B 98 -25.89 -43.13 -4.73
CA GLN B 98 -26.37 -44.29 -5.48
C GLN B 98 -27.44 -43.79 -6.43
N TYR B 99 -26.99 -43.19 -7.53
CA TYR B 99 -27.93 -42.84 -8.58
C TYR B 99 -28.42 -44.07 -9.32
N LYS B 100 -27.76 -45.22 -9.14
CA LYS B 100 -28.15 -46.45 -9.82
C LYS B 100 -29.54 -46.89 -9.40
N ILE B 101 -29.92 -46.64 -8.15
CA ILE B 101 -31.22 -47.10 -7.69
C ILE B 101 -32.26 -45.98 -7.72
N LEU B 102 -31.84 -44.71 -7.68
CA LEU B 102 -32.77 -43.63 -7.94
C LEU B 102 -33.24 -43.66 -9.39
N GLN B 103 -32.36 -44.07 -10.29
CA GLN B 103 -32.70 -44.22 -11.69
C GLN B 103 -33.50 -45.48 -11.94
N MET B 104 -33.35 -46.46 -11.06
CA MET B 104 -34.15 -47.67 -11.16
C MET B 104 -35.60 -47.39 -10.83
N VAL B 105 -35.84 -46.65 -9.75
CA VAL B 105 -37.19 -46.29 -9.32
C VAL B 105 -37.88 -45.39 -10.32
N GLU B 106 -37.14 -44.40 -10.85
CA GLU B 106 -37.75 -43.45 -11.77
C GLU B 106 -38.12 -44.11 -13.10
N ARG B 107 -37.38 -45.13 -13.51
CA ARG B 107 -37.71 -45.78 -14.76
C ARG B 107 -38.86 -46.78 -14.60
N GLU B 108 -38.95 -47.42 -13.44
CA GLU B 108 -40.00 -48.37 -13.14
C GLU B 108 -40.12 -48.48 -11.64
N PHE B 109 -41.36 -48.72 -11.17
CA PHE B 109 -41.92 -48.55 -9.80
C PHE B 109 -42.29 -47.11 -9.51
N VAL B 110 -42.44 -46.27 -10.52
CA VAL B 110 -43.14 -45.00 -10.35
C VAL B 110 -43.86 -44.66 -11.66
N GLY B 111 -44.96 -43.94 -11.53
CA GLY B 111 -45.63 -43.26 -12.62
C GLY B 111 -46.28 -42.05 -11.99
N SER B 112 -46.91 -41.22 -12.83
CA SER B 112 -47.63 -40.02 -12.39
C SER B 112 -46.72 -39.05 -11.65
N THR B 113 -45.88 -38.29 -12.40
CA THR B 113 -44.73 -37.53 -11.91
C THR B 113 -44.93 -36.67 -10.67
N GLN B 114 -46.19 -36.41 -10.27
CA GLN B 114 -46.45 -35.92 -8.91
C GLN B 114 -46.09 -36.95 -7.86
N GLU B 115 -46.00 -38.23 -8.21
CA GLU B 115 -45.48 -39.23 -7.28
C GLU B 115 -43.96 -39.30 -7.33
N LEU B 116 -43.35 -38.92 -8.44
CA LEU B 116 -41.89 -38.81 -8.50
C LEU B 116 -41.38 -37.64 -7.68
N THR B 117 -42.13 -36.53 -7.65
CA THR B 117 -41.73 -35.38 -6.85
C THR B 117 -41.80 -35.71 -5.37
N ALA B 118 -42.98 -36.11 -4.89
CA ALA B 118 -43.23 -36.30 -3.46
C ALA B 118 -42.36 -37.39 -2.86
N MET B 119 -41.81 -38.26 -3.69
CA MET B 119 -40.82 -39.21 -3.26
C MET B 119 -39.44 -38.55 -3.08
N HIS B 120 -39.16 -37.48 -3.82
CA HIS B 120 -37.90 -36.75 -3.68
C HIS B 120 -37.99 -35.60 -2.69
N THR B 121 -39.11 -34.86 -2.66
CA THR B 121 -39.22 -33.69 -1.81
C THR B 121 -39.79 -33.99 -0.44
N THR B 122 -39.58 -35.21 0.09
CA THR B 122 -40.40 -35.71 1.20
C THR B 122 -40.28 -34.92 2.51
N ARG B 123 -39.16 -35.02 3.25
CA ARG B 123 -38.42 -33.99 4.01
C ARG B 123 -37.46 -34.79 4.91
N CYS B 124 -36.66 -34.13 5.72
CA CYS B 124 -35.89 -34.76 6.79
C CYS B 124 -36.24 -34.11 8.10
N TRP B 125 -35.44 -34.39 9.12
CA TRP B 125 -35.67 -33.81 10.42
C TRP B 125 -35.03 -32.44 10.57
N VAL B 126 -33.98 -32.17 9.79
CA VAL B 126 -33.46 -30.83 9.66
C VAL B 126 -34.15 -30.10 8.53
N GLY B 127 -34.50 -30.80 7.46
CA GLY B 127 -35.25 -30.17 6.40
C GLY B 127 -34.73 -30.43 5.01
N LYS B 128 -33.89 -31.43 4.83
CA LYS B 128 -33.28 -31.67 3.54
C LYS B 128 -34.31 -32.22 2.55
N ASN B 129 -33.92 -32.33 1.29
CA ASN B 129 -34.68 -33.05 0.30
C ASN B 129 -33.66 -33.85 -0.50
N SER B 130 -34.05 -34.32 -1.67
CA SER B 130 -33.14 -35.19 -2.39
C SER B 130 -32.00 -34.44 -3.06
N ALA B 131 -32.12 -33.13 -3.26
CA ALA B 131 -31.07 -32.37 -3.90
C ALA B 131 -30.40 -31.42 -2.93
N MET B 132 -30.72 -31.48 -1.66
CA MET B 132 -29.89 -30.87 -0.63
C MET B 132 -29.05 -31.87 0.11
N VAL B 133 -29.45 -33.13 0.14
CA VAL B 133 -28.66 -34.15 0.81
C VAL B 133 -27.58 -34.69 -0.12
N ALA B 134 -27.75 -34.52 -1.43
CA ALA B 134 -26.72 -34.79 -2.40
C ALA B 134 -25.88 -33.58 -2.69
N ALA B 135 -26.18 -32.45 -2.06
CA ALA B 135 -25.42 -31.23 -2.26
C ALA B 135 -24.50 -30.92 -1.12
N TYR B 136 -24.86 -31.26 0.12
CA TYR B 136 -23.92 -30.93 1.18
C TYR B 136 -22.83 -31.97 1.32
N GLN B 137 -22.83 -32.97 0.45
CA GLN B 137 -21.70 -33.81 0.16
C GLN B 137 -21.47 -33.72 -1.33
N GLY B 138 -20.21 -33.72 -1.74
CA GLY B 138 -19.95 -33.51 -3.14
C GLY B 138 -20.24 -34.78 -3.88
N HIS B 139 -21.40 -34.82 -4.54
CA HIS B 139 -21.88 -36.03 -5.19
C HIS B 139 -22.32 -35.68 -6.59
N LEU B 140 -21.36 -35.16 -7.37
CA LEU B 140 -21.48 -34.97 -8.81
C LEU B 140 -22.33 -36.02 -9.54
N GLU B 141 -22.01 -37.29 -9.34
CA GLU B 141 -22.66 -38.34 -10.12
C GLU B 141 -24.14 -38.48 -9.81
N THR B 142 -24.59 -37.93 -8.69
CA THR B 142 -26.00 -37.85 -8.33
C THR B 142 -26.56 -36.45 -8.48
N MET B 143 -25.80 -35.41 -8.14
CA MET B 143 -26.26 -34.06 -8.41
C MET B 143 -26.43 -33.81 -9.90
N LEU B 144 -25.65 -34.49 -10.74
CA LEU B 144 -25.95 -34.48 -12.18
C LEU B 144 -27.16 -35.31 -12.55
N TYR B 145 -27.76 -36.05 -11.62
CA TYR B 145 -28.94 -36.81 -11.99
C TYR B 145 -30.22 -36.04 -11.66
N ILE B 146 -30.26 -35.32 -10.55
CA ILE B 146 -31.46 -34.53 -10.26
C ILE B 146 -31.53 -33.32 -11.18
N ILE B 147 -30.38 -32.72 -11.49
CA ILE B 147 -30.30 -31.64 -12.46
C ILE B 147 -30.70 -32.12 -13.85
N ASP B 148 -30.41 -33.38 -14.16
CA ASP B 148 -30.91 -34.01 -15.38
C ASP B 148 -32.43 -34.07 -15.39
N LEU B 149 -33.05 -34.25 -14.23
CA LEU B 149 -34.49 -34.45 -14.24
C LEU B 149 -35.25 -33.13 -14.32
N ASP B 150 -34.66 -32.01 -13.92
CA ASP B 150 -35.35 -30.73 -14.08
C ASP B 150 -35.41 -30.31 -15.53
N MET B 151 -34.30 -30.46 -16.25
CA MET B 151 -34.24 -30.07 -17.65
C MET B 151 -35.16 -30.92 -18.50
N GLN B 152 -35.43 -32.15 -18.09
CA GLN B 152 -36.44 -32.95 -18.75
C GLN B 152 -37.83 -32.59 -18.25
N GLY B 153 -37.93 -31.94 -17.12
CA GLY B 153 -39.21 -31.54 -16.59
C GLY B 153 -39.93 -32.62 -15.81
N LYS B 154 -39.21 -33.51 -15.13
CA LYS B 154 -39.86 -34.56 -14.37
C LYS B 154 -40.46 -34.03 -13.08
N PHE B 155 -39.79 -33.07 -12.45
CA PHE B 155 -40.29 -32.50 -11.20
C PHE B 155 -41.23 -31.35 -11.49
N THR B 156 -42.41 -31.40 -10.88
CA THR B 156 -43.31 -30.24 -10.84
C THR B 156 -43.14 -29.45 -9.56
N GLU B 157 -41.91 -29.18 -9.13
CA GLU B 157 -41.73 -28.55 -7.82
C GLU B 157 -40.63 -27.50 -7.76
N ASP B 158 -39.69 -27.47 -8.72
CA ASP B 158 -38.46 -26.67 -8.67
C ASP B 158 -37.71 -26.91 -7.36
N LEU B 159 -37.18 -28.13 -7.28
CA LEU B 159 -36.59 -28.68 -6.07
C LEU B 159 -35.15 -28.20 -5.85
N PHE B 160 -34.95 -26.90 -6.01
CA PHE B 160 -33.66 -26.25 -5.79
C PHE B 160 -33.81 -24.90 -5.13
N LYS B 161 -35.01 -24.33 -5.10
CA LYS B 161 -35.31 -23.13 -4.36
C LYS B 161 -35.91 -23.42 -3.00
N GLN B 162 -36.13 -24.69 -2.67
CA GLN B 162 -36.65 -25.05 -1.36
C GLN B 162 -35.59 -24.84 -0.30
N ARG B 163 -36.02 -24.45 0.89
CA ARG B 163 -35.13 -24.22 2.01
C ARG B 163 -35.31 -25.29 3.06
N ASP B 164 -34.22 -25.67 3.72
CA ASP B 164 -34.37 -26.48 4.92
C ASP B 164 -34.68 -25.58 6.10
N VAL B 165 -34.77 -26.16 7.30
CA VAL B 165 -35.02 -25.29 8.43
C VAL B 165 -33.66 -24.89 8.95
N MET B 166 -32.95 -24.11 8.16
CA MET B 166 -31.82 -23.31 8.61
C MET B 166 -31.64 -22.11 7.71
N GLY B 167 -32.50 -21.93 6.71
CA GLY B 167 -32.33 -20.92 5.69
C GLY B 167 -31.57 -21.36 4.47
N LYS B 168 -30.82 -22.45 4.55
CA LYS B 168 -29.96 -22.90 3.46
C LYS B 168 -30.79 -23.49 2.34
N ASN B 169 -30.18 -23.67 1.17
CA ASN B 169 -30.83 -24.37 0.08
C ASN B 169 -29.80 -25.30 -0.54
N ALA B 170 -30.07 -25.76 -1.77
CA ALA B 170 -29.18 -26.72 -2.40
C ALA B 170 -27.79 -26.15 -2.63
N MET B 171 -27.71 -24.87 -2.98
CA MET B 171 -26.41 -24.28 -3.30
C MET B 171 -25.77 -23.57 -2.13
N MET B 172 -26.50 -23.26 -1.07
CA MET B 172 -25.83 -22.75 0.11
C MET B 172 -25.19 -23.85 0.92
N TRP B 173 -25.55 -25.12 0.71
CA TRP B 173 -24.88 -26.21 1.38
C TRP B 173 -23.58 -26.59 0.69
N ALA B 174 -23.59 -26.71 -0.63
CA ALA B 174 -22.37 -27.03 -1.34
C ALA B 174 -21.38 -25.89 -1.34
N ALA B 175 -21.81 -24.67 -1.04
CA ALA B 175 -20.87 -23.57 -1.00
C ALA B 175 -20.20 -23.45 0.36
N SER B 176 -20.94 -23.70 1.43
CA SER B 176 -20.34 -23.58 2.75
C SER B 176 -19.42 -24.75 3.06
N GLN B 177 -19.82 -25.94 2.64
CA GLN B 177 -19.02 -27.12 2.86
C GLN B 177 -17.79 -27.14 1.96
N GLY B 178 -17.82 -26.41 0.86
CA GLY B 178 -16.66 -26.22 0.03
C GLY B 178 -16.53 -27.14 -1.13
N HIS B 179 -17.62 -27.69 -1.64
CA HIS B 179 -17.52 -28.66 -2.71
C HIS B 179 -17.55 -27.95 -4.04
N THR B 180 -16.36 -27.57 -4.51
CA THR B 180 -16.23 -26.73 -5.69
C THR B 180 -16.61 -27.48 -6.96
N ASP B 181 -16.51 -28.80 -6.97
CA ASP B 181 -16.88 -29.56 -8.15
C ASP B 181 -18.39 -29.58 -8.37
N THR B 182 -19.17 -29.40 -7.30
CA THR B 182 -20.63 -29.40 -7.36
C THR B 182 -21.20 -27.99 -7.49
N ILE B 183 -20.51 -26.98 -6.96
CA ILE B 183 -20.95 -25.60 -7.12
C ILE B 183 -20.94 -25.21 -8.59
N GLU B 184 -19.94 -25.68 -9.33
CA GLU B 184 -19.88 -25.44 -10.77
C GLU B 184 -21.07 -26.05 -11.49
N VAL B 185 -21.62 -27.16 -11.02
CA VAL B 185 -22.72 -27.79 -11.72
C VAL B 185 -24.05 -27.14 -11.33
N LEU B 186 -24.21 -26.78 -10.07
CA LEU B 186 -25.39 -26.06 -9.60
C LEU B 186 -25.50 -24.67 -10.17
N LEU B 187 -24.43 -24.16 -10.77
CA LEU B 187 -24.38 -22.82 -11.30
C LEU B 187 -24.52 -22.79 -12.81
N VAL B 188 -24.18 -23.88 -13.49
CA VAL B 188 -24.42 -23.95 -14.92
C VAL B 188 -25.90 -24.10 -15.21
N ARG B 189 -26.61 -24.90 -14.42
CA ARG B 189 -28.05 -25.00 -14.63
C ARG B 189 -28.77 -23.74 -14.24
N SER B 190 -28.18 -22.88 -13.42
CA SER B 190 -28.79 -21.61 -13.12
C SER B 190 -28.43 -20.54 -14.12
N LEU B 191 -27.32 -20.69 -14.84
CA LEU B 191 -27.07 -19.86 -16.00
C LEU B 191 -27.84 -20.35 -17.22
N TYR B 192 -28.35 -21.57 -17.17
CA TYR B 192 -29.11 -22.14 -18.28
C TYR B 192 -30.57 -21.74 -18.21
N ARG B 193 -31.16 -21.76 -17.03
CA ARG B 193 -32.56 -21.41 -16.89
C ARG B 193 -32.83 -19.93 -17.07
N LEU B 194 -31.79 -19.11 -17.09
CA LEU B 194 -31.92 -17.70 -17.39
C LEU B 194 -32.37 -17.51 -18.83
N LEU B 195 -31.67 -18.14 -19.77
CA LEU B 195 -31.95 -17.98 -21.18
C LEU B 195 -33.28 -18.63 -21.54
N PRO B 196 -34.11 -17.99 -22.37
CA PRO B 196 -35.50 -18.42 -22.51
C PRO B 196 -35.63 -19.70 -23.31
N GLU B 197 -36.63 -20.48 -22.94
CA GLU B 197 -36.77 -21.86 -23.42
C GLU B 197 -37.08 -21.90 -24.91
N ASP B 198 -38.13 -21.20 -25.31
CA ASP B 198 -38.59 -21.23 -26.70
C ASP B 198 -38.23 -19.89 -27.33
N CYS B 199 -37.19 -19.89 -28.16
CA CYS B 199 -36.71 -18.67 -28.80
C CYS B 199 -36.07 -19.06 -30.12
N ALA B 200 -36.46 -18.38 -31.18
CA ALA B 200 -35.90 -18.63 -32.51
C ALA B 200 -34.82 -17.58 -32.73
N ASP B 201 -33.60 -17.94 -32.40
CA ASP B 201 -32.46 -17.05 -32.47
C ASP B 201 -31.24 -17.94 -32.63
N PRO B 202 -30.45 -17.80 -33.69
CA PRO B 202 -29.35 -18.74 -33.89
C PRO B 202 -28.15 -18.55 -32.98
N LEU B 203 -28.29 -17.73 -31.93
CA LEU B 203 -27.18 -17.51 -31.04
C LEU B 203 -27.56 -17.51 -29.55
N VAL B 204 -28.84 -17.53 -29.20
CA VAL B 204 -29.15 -18.08 -27.89
C VAL B 204 -29.18 -19.60 -27.95
N LEU B 205 -29.37 -20.17 -29.14
CA LEU B 205 -29.35 -21.61 -29.26
C LEU B 205 -27.94 -22.15 -29.28
N LYS B 206 -26.96 -21.31 -29.61
CA LYS B 206 -25.58 -21.72 -29.45
C LYS B 206 -25.21 -21.81 -27.99
N THR B 207 -25.49 -20.77 -27.22
CA THR B 207 -25.07 -20.72 -25.84
C THR B 207 -25.98 -21.48 -24.91
N ARG B 208 -27.11 -22.01 -25.38
CA ARG B 208 -27.78 -23.04 -24.60
C ARG B 208 -27.17 -24.39 -24.86
N TRP B 209 -26.67 -24.62 -26.06
CA TRP B 209 -26.01 -25.86 -26.40
C TRP B 209 -24.59 -25.91 -25.84
N LYS B 210 -23.92 -24.77 -25.69
CA LYS B 210 -22.58 -24.75 -25.12
C LYS B 210 -22.58 -25.01 -23.62
N LEU B 211 -23.72 -24.85 -22.95
CA LEU B 211 -23.83 -25.06 -21.52
C LEU B 211 -24.40 -26.41 -21.16
N VAL B 212 -25.26 -27.01 -21.98
CA VAL B 212 -25.74 -28.34 -21.68
C VAL B 212 -24.72 -29.37 -22.12
N SER B 213 -23.96 -29.09 -23.16
CA SER B 213 -22.79 -29.91 -23.41
C SER B 213 -21.66 -29.65 -22.43
N LEU B 214 -21.76 -28.59 -21.64
CA LEU B 214 -20.80 -28.40 -20.55
C LEU B 214 -21.10 -29.33 -19.40
N LEU B 215 -22.36 -29.71 -19.24
CA LEU B 215 -22.77 -30.67 -18.24
C LEU B 215 -22.71 -32.10 -18.76
N ALA B 216 -23.05 -32.30 -20.03
CA ALA B 216 -23.06 -33.65 -20.59
C ALA B 216 -21.66 -34.20 -20.78
N ASP B 217 -20.71 -33.34 -21.09
CA ASP B 217 -19.32 -33.76 -21.16
C ASP B 217 -18.65 -33.77 -19.80
N LEU B 218 -19.38 -33.38 -18.75
CA LEU B 218 -18.85 -33.38 -17.40
C LEU B 218 -19.34 -34.56 -16.59
N ALA B 219 -20.52 -35.08 -16.88
CA ALA B 219 -20.86 -36.34 -16.24
C ALA B 219 -20.07 -37.43 -16.96
N SER B 220 -20.53 -37.84 -18.15
CA SER B 220 -19.84 -38.68 -19.13
C SER B 220 -19.05 -39.88 -18.62
N HIS B 221 -19.31 -40.32 -17.39
CA HIS B 221 -18.69 -41.50 -16.81
C HIS B 221 -19.71 -42.20 -15.94
N CYS B 222 -20.97 -42.08 -16.30
CA CYS B 222 -22.10 -42.32 -15.43
C CYS B 222 -23.08 -43.27 -16.11
N ARG B 223 -22.60 -44.47 -16.45
CA ARG B 223 -23.36 -45.55 -17.05
C ARG B 223 -24.63 -45.91 -16.27
N ASP B 224 -25.58 -46.61 -16.91
CA ASP B 224 -26.99 -46.46 -16.58
C ASP B 224 -27.40 -47.15 -15.27
N TYR B 225 -27.76 -48.44 -15.31
CA TYR B 225 -27.70 -49.31 -14.15
C TYR B 225 -27.59 -50.76 -14.59
N ASP B 226 -27.49 -51.01 -15.88
CA ASP B 226 -27.68 -52.24 -16.62
C ASP B 226 -26.85 -52.05 -17.88
N PRO B 227 -26.79 -52.99 -18.84
CA PRO B 227 -26.19 -52.65 -20.13
C PRO B 227 -26.84 -51.45 -20.84
N GLY B 228 -28.13 -51.52 -21.19
CA GLY B 228 -28.81 -50.41 -21.85
C GLY B 228 -28.16 -50.05 -23.19
N CYS B 229 -28.33 -48.79 -23.61
CA CYS B 229 -27.45 -48.20 -24.63
C CYS B 229 -27.01 -46.82 -24.16
N SER B 230 -26.15 -46.84 -23.14
CA SER B 230 -25.32 -45.76 -22.59
C SER B 230 -26.04 -44.53 -22.06
N ARG B 231 -27.16 -44.13 -22.68
CA ARG B 231 -28.10 -43.08 -22.25
C ARG B 231 -27.42 -41.74 -21.77
N SER B 232 -26.18 -41.41 -22.18
CA SER B 232 -25.12 -41.00 -21.27
C SER B 232 -25.52 -40.26 -19.99
N PHE B 233 -25.95 -39.00 -20.06
CA PHE B 233 -26.90 -38.48 -19.07
C PHE B 233 -27.87 -37.47 -19.65
N PHE B 234 -27.47 -36.77 -20.67
CA PHE B 234 -28.23 -35.61 -21.12
C PHE B 234 -28.68 -35.77 -22.56
N GLN B 235 -28.92 -37.02 -22.99
CA GLN B 235 -29.34 -37.27 -24.37
C GLN B 235 -30.66 -36.60 -24.69
N GLU B 236 -31.61 -36.65 -23.76
CA GLU B 236 -32.92 -36.09 -24.05
C GLU B 236 -32.96 -34.59 -23.95
N VAL B 237 -31.88 -33.95 -23.50
CA VAL B 237 -31.83 -32.51 -23.31
C VAL B 237 -31.06 -31.83 -24.42
N LEU B 238 -29.92 -32.37 -24.84
CA LEU B 238 -29.23 -31.83 -26.02
C LEU B 238 -30.01 -32.03 -27.31
N ALA B 239 -30.91 -33.01 -27.35
CA ALA B 239 -31.68 -33.28 -28.55
C ALA B 239 -32.98 -32.49 -28.60
N SER B 240 -33.15 -31.51 -27.73
CA SER B 240 -34.36 -30.69 -27.70
C SER B 240 -34.10 -29.25 -28.04
N ILE B 241 -32.90 -28.92 -28.52
CA ILE B 241 -32.49 -27.55 -28.68
C ILE B 241 -32.50 -27.10 -30.15
N LYS B 242 -32.29 -28.02 -31.09
CA LYS B 242 -32.29 -27.77 -32.54
C LYS B 242 -31.22 -26.74 -32.93
N TYR B 243 -29.98 -27.18 -32.76
CA TYR B 243 -28.82 -26.41 -33.17
C TYR B 243 -27.81 -27.35 -33.80
N ASP B 244 -27.59 -27.21 -35.10
CA ASP B 244 -26.54 -27.99 -35.75
C ASP B 244 -25.19 -27.32 -35.51
N PRO B 245 -24.30 -27.95 -34.74
CA PRO B 245 -23.08 -27.26 -34.31
C PRO B 245 -22.04 -27.07 -35.40
N VAL B 246 -22.26 -27.61 -36.59
CA VAL B 246 -21.36 -27.37 -37.71
C VAL B 246 -22.01 -26.48 -38.77
N GLU B 247 -23.34 -26.45 -38.85
CA GLU B 247 -23.98 -25.46 -39.71
C GLU B 247 -23.93 -24.08 -39.07
N GLY B 248 -24.12 -24.01 -37.76
CA GLY B 248 -23.92 -22.77 -37.03
C GLY B 248 -22.48 -22.37 -36.84
N ALA B 249 -21.55 -23.29 -37.11
CA ALA B 249 -20.13 -22.96 -37.08
C ALA B 249 -19.75 -22.07 -38.26
N ARG B 250 -20.50 -22.14 -39.35
CA ARG B 250 -20.25 -21.32 -40.53
C ARG B 250 -21.27 -20.22 -40.73
N GLN B 251 -22.30 -20.15 -39.88
CA GLN B 251 -23.14 -18.95 -39.86
C GLN B 251 -22.36 -17.75 -39.33
N GLU B 252 -21.39 -17.99 -38.44
CA GLU B 252 -20.58 -16.94 -37.87
C GLU B 252 -19.34 -16.63 -38.70
N GLU B 253 -18.80 -17.62 -39.42
CA GLU B 253 -17.66 -17.37 -40.30
C GLU B 253 -18.07 -16.55 -41.51
N ALA B 254 -19.34 -16.63 -41.91
CA ALA B 254 -19.84 -15.85 -43.03
C ALA B 254 -20.44 -14.52 -42.59
N ALA B 255 -20.93 -14.43 -41.35
CA ALA B 255 -21.43 -13.16 -40.86
C ALA B 255 -20.30 -12.23 -40.45
N ALA B 256 -19.23 -12.77 -39.88
CA ALA B 256 -18.05 -11.99 -39.54
C ALA B 256 -17.00 -12.06 -40.64
N ALA B 257 -17.44 -12.13 -41.89
CA ALA B 257 -16.55 -12.18 -43.04
C ALA B 257 -16.16 -10.79 -43.54
N GLY B 258 -16.97 -9.78 -43.28
CA GLY B 258 -16.70 -8.45 -43.78
C GLY B 258 -17.02 -7.33 -42.82
N GLY B 259 -17.30 -7.66 -41.57
CA GLY B 259 -17.53 -6.66 -40.53
C GLY B 259 -18.68 -6.97 -39.60
N GLY B 260 -19.69 -7.71 -40.04
CA GLY B 260 -20.79 -8.09 -39.17
C GLY B 260 -22.17 -8.06 -39.80
N GLY B 261 -22.85 -9.21 -39.73
CA GLY B 261 -24.19 -9.36 -40.26
C GLY B 261 -25.12 -9.83 -39.16
N SER B 262 -24.57 -9.96 -37.96
CA SER B 262 -25.35 -10.14 -36.74
C SER B 262 -25.73 -8.81 -36.11
N ALA B 263 -25.43 -7.70 -36.80
CA ALA B 263 -25.68 -6.30 -36.42
C ALA B 263 -24.97 -5.87 -35.14
N ARG B 264 -24.03 -6.68 -34.62
CA ARG B 264 -23.33 -6.36 -33.39
C ARG B 264 -21.83 -6.34 -33.64
N GLU B 265 -21.44 -5.94 -34.85
CA GLU B 265 -20.05 -5.78 -35.31
C GLU B 265 -19.29 -7.12 -35.21
N GLY B 266 -19.73 -8.05 -36.04
CA GLY B 266 -19.20 -9.39 -36.07
C GLY B 266 -20.36 -10.37 -36.01
N ALA B 267 -20.14 -11.55 -35.44
CA ALA B 267 -21.23 -12.38 -34.98
C ALA B 267 -21.41 -12.28 -33.48
N ALA B 268 -20.61 -11.42 -32.82
CA ALA B 268 -20.71 -10.97 -31.44
C ALA B 268 -20.33 -12.02 -30.42
N LEU B 269 -20.21 -13.28 -30.81
CA LEU B 269 -19.50 -14.30 -30.05
C LEU B 269 -18.70 -15.09 -31.08
N HIS B 270 -17.59 -14.51 -31.51
CA HIS B 270 -16.75 -15.11 -32.54
C HIS B 270 -15.44 -14.37 -32.58
N GLU B 271 -14.37 -15.12 -32.45
CA GLU B 271 -13.05 -14.52 -32.50
C GLU B 271 -12.17 -15.46 -33.31
N PRO B 272 -10.90 -15.13 -33.49
CA PRO B 272 -9.87 -16.18 -33.60
C PRO B 272 -9.63 -16.92 -32.28
N THR B 273 -8.49 -17.58 -32.11
CA THR B 273 -8.34 -19.04 -32.04
C THR B 273 -7.99 -19.35 -33.49
N TRP B 274 -7.01 -18.56 -33.92
CA TRP B 274 -6.13 -18.92 -35.01
C TRP B 274 -5.64 -20.36 -34.92
N GLY B 275 -5.20 -20.79 -33.74
CA GLY B 275 -4.66 -22.14 -33.54
C GLY B 275 -3.31 -22.06 -32.86
N VAL B 276 -3.20 -22.79 -31.74
CA VAL B 276 -2.00 -22.84 -30.92
C VAL B 276 -1.31 -24.17 -31.17
N ASP B 277 0.01 -24.20 -31.00
CA ASP B 277 0.80 -25.38 -31.30
C ASP B 277 1.28 -26.02 -30.00
N ASP B 278 1.78 -27.25 -30.10
CA ASP B 278 2.41 -27.99 -29.02
C ASP B 278 3.93 -27.84 -29.04
N GLY B 279 4.57 -28.29 -30.12
CA GLY B 279 6.01 -28.19 -30.31
C GLY B 279 6.82 -28.96 -29.26
N GLU B 280 8.12 -28.65 -29.27
CA GLU B 280 9.07 -29.05 -28.21
C GLU B 280 9.16 -30.55 -27.92
N LEU B 327 -15.73 -29.54 -23.98
CA LEU B 327 -14.79 -30.40 -24.67
C LEU B 327 -13.44 -30.39 -23.94
N LYS B 328 -12.87 -29.20 -23.76
CA LYS B 328 -11.76 -28.99 -22.85
C LYS B 328 -11.83 -27.66 -22.13
N ASP B 329 -12.92 -26.90 -22.31
CA ASP B 329 -13.17 -25.64 -21.61
C ASP B 329 -14.10 -25.82 -20.43
N VAL B 330 -13.89 -26.88 -19.64
CA VAL B 330 -14.88 -27.43 -18.72
C VAL B 330 -15.27 -26.44 -17.63
N HIS B 331 -14.29 -25.69 -17.12
CA HIS B 331 -14.62 -24.72 -16.10
C HIS B 331 -15.31 -23.51 -16.70
N ILE B 332 -16.04 -22.77 -15.87
CA ILE B 332 -16.77 -21.60 -16.33
C ILE B 332 -15.78 -20.44 -16.51
N THR B 333 -15.56 -20.05 -17.75
CA THR B 333 -14.62 -19.01 -18.11
C THR B 333 -15.40 -17.70 -18.15
N VAL B 334 -14.69 -16.59 -18.37
CA VAL B 334 -15.37 -15.31 -18.55
C VAL B 334 -16.08 -15.28 -19.89
N ARG B 335 -15.52 -15.93 -20.90
CA ARG B 335 -16.21 -16.09 -22.17
C ARG B 335 -17.50 -16.89 -22.08
N THR B 336 -17.67 -17.69 -21.01
CA THR B 336 -18.94 -18.33 -20.77
C THR B 336 -19.96 -17.33 -20.24
N LEU B 337 -19.53 -16.42 -19.37
CA LEU B 337 -20.48 -15.50 -18.75
C LEU B 337 -20.87 -14.36 -19.67
N GLN B 338 -20.07 -14.02 -20.66
CA GLN B 338 -20.56 -13.05 -21.64
C GLN B 338 -21.27 -13.71 -22.79
N GLY B 339 -21.18 -15.03 -22.93
CA GLY B 339 -22.10 -15.68 -23.83
C GLY B 339 -23.51 -15.73 -23.31
N VAL B 340 -23.70 -15.45 -22.02
CA VAL B 340 -25.01 -15.35 -21.42
C VAL B 340 -25.53 -13.92 -21.49
N ILE B 341 -24.69 -12.94 -21.19
CA ILE B 341 -25.13 -11.55 -21.12
C ILE B 341 -25.43 -11.00 -22.50
N VAL B 342 -24.66 -11.41 -23.51
CA VAL B 342 -25.00 -11.06 -24.88
C VAL B 342 -26.31 -11.73 -25.27
N SER B 343 -26.44 -13.01 -24.99
CA SER B 343 -27.59 -13.76 -25.46
C SER B 343 -28.85 -13.45 -24.69
N ALA B 344 -28.75 -13.14 -23.40
CA ALA B 344 -29.93 -12.70 -22.66
C ALA B 344 -30.39 -11.33 -23.14
N TYR B 345 -29.46 -10.48 -23.59
CA TYR B 345 -29.87 -9.23 -24.18
C TYR B 345 -30.49 -9.42 -25.55
N ARG B 346 -30.07 -10.42 -26.30
CA ARG B 346 -30.67 -10.68 -27.60
C ARG B 346 -31.93 -11.51 -27.50
N ALA B 347 -32.40 -11.79 -26.29
CA ALA B 347 -33.68 -12.43 -26.06
C ALA B 347 -34.73 -11.45 -25.56
N GLY B 348 -34.32 -10.28 -25.11
CA GLY B 348 -35.27 -9.25 -24.75
C GLY B 348 -35.03 -8.67 -23.38
N MET B 349 -34.14 -9.27 -22.62
CA MET B 349 -34.04 -8.97 -21.20
C MET B 349 -33.29 -7.68 -20.96
N ASN B 350 -33.34 -7.23 -19.72
CA ASN B 350 -32.56 -6.08 -19.32
C ASN B 350 -31.12 -6.51 -19.18
N CYS B 351 -30.20 -5.79 -19.82
CA CYS B 351 -28.80 -6.19 -19.72
C CYS B 351 -28.18 -5.84 -18.38
N MET B 352 -28.64 -4.78 -17.73
CA MET B 352 -28.18 -4.51 -16.37
C MET B 352 -28.76 -5.50 -15.39
N GLY B 353 -29.93 -6.07 -15.68
CA GLY B 353 -30.50 -7.05 -14.78
C GLY B 353 -29.75 -8.36 -14.77
N VAL B 354 -29.24 -8.79 -15.92
CA VAL B 354 -28.53 -10.05 -15.99
C VAL B 354 -27.17 -9.94 -15.32
N ILE B 355 -26.53 -8.77 -15.41
CA ILE B 355 -25.23 -8.59 -14.78
C ILE B 355 -25.39 -8.55 -13.25
N MET B 356 -26.46 -7.95 -12.77
CA MET B 356 -26.74 -8.02 -11.34
C MET B 356 -27.19 -9.39 -10.92
N TYR B 357 -27.88 -10.12 -11.78
CA TYR B 357 -28.34 -11.44 -11.39
C TYR B 357 -27.20 -12.43 -11.38
N CYS B 358 -26.35 -12.42 -12.42
CA CYS B 358 -25.19 -13.30 -12.45
C CYS B 358 -24.18 -12.97 -11.37
N GLN B 359 -24.16 -11.75 -10.85
CA GLN B 359 -23.27 -11.46 -9.74
C GLN B 359 -23.85 -11.97 -8.43
N SER B 360 -25.17 -11.99 -8.29
CA SER B 360 -25.75 -12.53 -7.06
C SER B 360 -25.66 -14.04 -7.02
N LEU B 361 -25.61 -14.70 -8.18
CA LEU B 361 -25.35 -16.14 -8.23
C LEU B 361 -23.96 -16.46 -7.72
N LEU B 362 -22.95 -15.82 -8.28
CA LEU B 362 -21.56 -16.14 -8.00
C LEU B 362 -21.07 -15.60 -6.66
N GLN B 363 -21.85 -14.78 -5.97
CA GLN B 363 -21.46 -14.38 -4.63
C GLN B 363 -22.01 -15.29 -3.55
N GLN B 364 -22.93 -16.19 -3.86
CA GLN B 364 -23.24 -17.28 -2.95
C GLN B 364 -22.57 -18.57 -3.37
N ALA B 365 -21.71 -18.52 -4.37
CA ALA B 365 -20.90 -19.66 -4.73
C ALA B 365 -19.56 -19.67 -4.02
N ARG B 366 -19.06 -18.52 -3.61
CA ARG B 366 -18.00 -18.31 -2.63
C ARG B 366 -16.61 -18.77 -3.04
N TYR B 367 -16.44 -19.42 -4.19
CA TYR B 367 -15.12 -19.83 -4.62
C TYR B 367 -14.83 -19.28 -6.00
N PHE B 368 -15.56 -18.22 -6.38
CA PHE B 368 -15.52 -17.60 -7.69
C PHE B 368 -15.31 -16.12 -7.42
N ASP B 369 -14.07 -15.72 -7.22
CA ASP B 369 -13.75 -14.32 -6.95
C ASP B 369 -13.02 -13.65 -8.09
N ASP B 370 -12.59 -14.39 -9.09
CA ASP B 370 -12.10 -13.82 -10.33
C ASP B 370 -13.21 -13.59 -11.32
N LEU B 371 -14.42 -14.03 -11.01
CA LEU B 371 -15.61 -13.77 -11.82
C LEU B 371 -16.53 -12.75 -11.20
N VAL B 372 -16.59 -12.66 -9.88
CA VAL B 372 -17.31 -11.55 -9.27
C VAL B 372 -16.57 -10.25 -9.50
N ALA B 373 -15.24 -10.29 -9.57
CA ALA B 373 -14.47 -9.09 -9.87
C ALA B 373 -14.67 -8.65 -11.30
N GLN B 374 -14.99 -9.57 -12.20
CA GLN B 374 -15.25 -9.23 -13.59
C GLN B 374 -16.68 -8.77 -13.80
N LEU B 375 -17.63 -9.33 -13.06
CA LEU B 375 -19.01 -8.88 -13.21
C LEU B 375 -19.31 -7.61 -12.45
N THR B 376 -18.54 -7.28 -11.43
CA THR B 376 -18.64 -5.96 -10.82
C THR B 376 -17.91 -4.93 -11.65
N ALA B 377 -16.92 -5.33 -12.43
CA ALA B 377 -16.24 -4.38 -13.30
C ALA B 377 -17.02 -4.10 -14.57
N TRP B 378 -17.90 -5.03 -14.98
CA TRP B 378 -18.78 -4.81 -16.12
C TRP B 378 -20.04 -4.05 -15.75
N GLU B 379 -20.42 -4.09 -14.49
CA GLU B 379 -21.55 -3.33 -14.03
C GLU B 379 -21.22 -1.85 -13.95
N VAL B 380 -19.98 -1.51 -13.61
CA VAL B 380 -19.52 -0.13 -13.59
C VAL B 380 -19.04 0.32 -14.97
N LYS B 381 -18.69 -0.62 -15.84
CA LYS B 381 -18.36 -0.27 -17.22
C LYS B 381 -19.61 -0.02 -18.05
N LEU B 382 -20.74 -0.64 -17.72
CA LEU B 382 -21.97 -0.32 -18.43
C LEU B 382 -22.45 1.05 -18.03
N LEU B 383 -22.25 1.41 -16.80
CA LEU B 383 -22.78 2.62 -16.23
C LEU B 383 -21.88 3.82 -16.48
N ASP B 384 -20.79 3.63 -17.22
CA ASP B 384 -19.98 4.72 -17.73
C ASP B 384 -20.07 4.86 -19.23
N THR B 385 -20.53 3.83 -19.93
CA THR B 385 -20.91 3.98 -21.32
C THR B 385 -22.06 4.96 -21.45
N CYS B 386 -22.97 4.91 -20.48
CA CYS B 386 -24.03 5.90 -20.35
C CYS B 386 -23.43 7.27 -20.15
N ARG B 387 -23.91 8.24 -20.91
CA ARG B 387 -23.26 9.53 -20.99
C ARG B 387 -24.04 10.65 -20.33
N ASN B 388 -25.33 10.77 -20.57
CA ASN B 388 -26.15 11.76 -19.89
C ASN B 388 -27.18 11.08 -19.00
N LYS B 389 -28.05 11.88 -18.38
CA LYS B 389 -29.10 11.29 -17.56
C LYS B 389 -30.17 10.61 -18.38
N GLN B 390 -30.29 10.96 -19.65
CA GLN B 390 -31.34 10.43 -20.51
C GLN B 390 -31.07 9.00 -20.88
N GLU B 391 -29.81 8.58 -20.88
CA GLU B 391 -29.40 7.22 -21.18
C GLU B 391 -29.26 6.37 -19.94
N VAL B 392 -28.95 6.97 -18.80
CA VAL B 392 -28.92 6.23 -17.55
C VAL B 392 -30.31 5.72 -17.20
N GLN B 393 -31.32 6.56 -17.33
CA GLN B 393 -32.66 6.15 -16.97
C GLN B 393 -33.38 5.46 -18.12
N ALA B 394 -32.64 5.02 -19.13
CA ALA B 394 -33.21 4.24 -20.20
C ALA B 394 -32.63 2.84 -20.26
N ILE B 395 -31.60 2.54 -19.48
CA ILE B 395 -31.16 1.17 -19.25
C ILE B 395 -31.61 0.64 -17.91
N LEU B 396 -32.15 1.48 -17.03
CA LEU B 396 -32.61 1.11 -15.72
C LEU B 396 -34.12 1.10 -15.58
N ALA B 397 -34.83 1.55 -16.58
CA ALA B 397 -36.29 1.70 -16.51
C ALA B 397 -36.94 0.39 -16.90
N PRO B 398 -37.97 -0.06 -16.16
CA PRO B 398 -38.73 -1.23 -16.61
C PRO B 398 -39.81 -0.79 -17.59
N THR B 399 -39.78 -1.35 -18.78
CA THR B 399 -40.79 -1.01 -19.76
C THR B 399 -42.00 -1.91 -19.54
N GLU B 400 -42.95 -1.86 -20.47
CA GLU B 400 -44.07 -2.78 -20.41
C GLU B 400 -43.69 -4.18 -20.87
N ASP B 401 -42.60 -4.33 -21.62
CA ASP B 401 -42.22 -5.64 -22.12
C ASP B 401 -41.55 -6.47 -21.02
N ASP B 402 -40.44 -5.97 -20.47
CA ASP B 402 -39.78 -6.64 -19.36
C ASP B 402 -39.88 -5.81 -18.10
N PRO B 403 -40.76 -6.12 -17.19
CA PRO B 403 -40.95 -5.24 -16.02
C PRO B 403 -39.91 -5.48 -14.93
N SER B 404 -38.63 -5.30 -15.27
CA SER B 404 -37.53 -5.70 -14.41
C SER B 404 -36.73 -4.47 -14.02
N GLU B 405 -36.91 -4.01 -12.80
CA GLU B 405 -36.13 -2.89 -12.33
C GLU B 405 -34.78 -3.36 -11.81
N PRO B 406 -33.69 -2.76 -12.20
CA PRO B 406 -32.43 -3.07 -11.56
C PRO B 406 -32.06 -2.09 -10.47
N VAL B 407 -32.80 -1.00 -10.28
CA VAL B 407 -32.48 -0.13 -9.17
C VAL B 407 -32.94 -0.76 -7.86
N GLY B 408 -34.22 -1.08 -7.77
CA GLY B 408 -34.78 -1.63 -6.56
C GLY B 408 -34.25 -3.01 -6.19
N TYR B 409 -33.65 -3.70 -7.13
CA TYR B 409 -32.95 -4.93 -6.82
C TYR B 409 -31.53 -4.68 -6.33
N ALA B 410 -30.93 -3.55 -6.67
CA ALA B 410 -29.65 -3.23 -6.04
C ALA B 410 -29.83 -2.72 -4.64
N LEU B 411 -30.97 -2.10 -4.33
CA LEU B 411 -31.25 -1.73 -2.96
C LEU B 411 -31.54 -2.94 -2.10
N ALA B 412 -32.11 -3.99 -2.69
CA ALA B 412 -32.55 -5.13 -1.92
C ALA B 412 -31.42 -6.10 -1.63
N THR B 413 -30.33 -6.07 -2.39
CA THR B 413 -29.17 -6.92 -2.16
C THR B 413 -27.94 -6.13 -1.77
N PHE B 414 -28.12 -4.89 -1.34
CA PHE B 414 -27.13 -4.09 -0.63
C PHE B 414 -25.89 -3.83 -1.48
N ASP B 415 -26.14 -3.39 -2.71
CA ASP B 415 -25.09 -3.24 -3.70
C ASP B 415 -24.32 -1.95 -3.45
N LYS B 416 -23.04 -2.06 -3.13
CA LYS B 416 -22.24 -0.88 -2.84
C LYS B 416 -21.73 -0.24 -4.11
N ALA B 417 -21.29 -1.03 -5.09
CA ALA B 417 -20.59 -0.50 -6.24
C ALA B 417 -21.51 0.14 -7.26
N PHE B 418 -22.81 -0.10 -7.17
CA PHE B 418 -23.80 0.46 -8.07
C PHE B 418 -24.37 1.74 -7.49
N LEU B 419 -24.83 1.68 -6.24
CA LEU B 419 -25.47 2.82 -5.60
C LEU B 419 -24.49 3.92 -5.26
N SER B 420 -23.21 3.64 -5.25
CA SER B 420 -22.20 4.66 -5.03
C SER B 420 -21.85 5.44 -6.27
N HIS B 421 -22.32 5.02 -7.44
CA HIS B 421 -21.85 5.58 -8.69
C HIS B 421 -22.39 7.00 -8.85
N LYS B 422 -21.72 7.80 -9.67
CA LYS B 422 -22.10 9.20 -9.74
C LYS B 422 -23.33 9.43 -10.58
N PHE B 423 -23.70 8.49 -11.46
CA PHE B 423 -24.93 8.62 -12.21
C PHE B 423 -26.12 8.03 -11.50
N VAL B 424 -25.89 7.16 -10.52
CA VAL B 424 -26.96 6.61 -9.71
C VAL B 424 -27.20 7.48 -8.51
N GLN B 425 -26.20 8.20 -8.03
CA GLN B 425 -26.47 9.22 -7.03
C GLN B 425 -27.19 10.43 -7.61
N GLN B 426 -27.33 10.53 -8.93
CA GLN B 426 -27.99 11.66 -9.53
C GLN B 426 -29.48 11.42 -9.72
N ILE B 427 -29.90 10.18 -9.96
CA ILE B 427 -31.32 9.94 -10.12
C ILE B 427 -32.04 10.04 -8.78
N PHE B 428 -31.35 9.79 -7.68
CA PHE B 428 -31.97 10.00 -6.37
C PHE B 428 -32.07 11.48 -6.05
N THR B 429 -30.99 12.25 -6.20
CA THR B 429 -31.01 13.64 -5.79
C THR B 429 -31.75 14.53 -6.76
N GLU B 430 -32.02 14.07 -7.97
CA GLU B 430 -32.95 14.80 -8.83
C GLU B 430 -34.35 14.74 -8.25
N LYS B 431 -34.73 13.59 -7.73
CA LYS B 431 -36.07 13.32 -7.27
C LYS B 431 -36.27 13.72 -5.83
N TRP B 432 -35.21 13.70 -5.04
CA TRP B 432 -35.32 13.94 -3.62
C TRP B 432 -35.17 15.40 -3.24
N ASP B 433 -34.54 16.20 -4.09
CA ASP B 433 -34.28 17.58 -3.75
C ASP B 433 -35.07 18.54 -4.61
N THR B 434 -34.87 18.50 -5.93
CA THR B 434 -35.62 19.11 -7.03
C THR B 434 -35.82 20.62 -6.93
N MET B 435 -35.27 21.27 -5.91
CA MET B 435 -35.33 22.71 -5.74
C MET B 435 -33.98 23.32 -5.54
N GLY B 436 -32.97 22.53 -5.18
CA GLY B 436 -31.65 23.07 -4.95
C GLY B 436 -31.41 23.60 -3.56
N VAL B 437 -32.28 23.30 -2.60
CA VAL B 437 -32.14 23.88 -1.27
C VAL B 437 -31.08 23.20 -0.43
N THR B 438 -30.46 22.13 -0.94
CA THR B 438 -29.25 21.64 -0.33
C THR B 438 -28.08 22.56 -0.65
N ASP B 439 -28.06 23.09 -1.86
CA ASP B 439 -26.96 23.91 -2.34
C ASP B 439 -27.06 25.35 -1.87
N TYR B 440 -28.09 25.70 -1.12
CA TYR B 440 -28.15 27.01 -0.48
C TYR B 440 -27.33 27.10 0.78
N THR B 441 -26.72 26.01 1.23
CA THR B 441 -25.88 26.01 2.42
C THR B 441 -24.40 26.08 2.07
N LYS B 442 -24.07 26.63 0.90
CA LYS B 442 -22.69 26.87 0.53
C LYS B 442 -22.48 28.33 0.14
N SER B 443 -23.32 29.22 0.63
CA SER B 443 -23.22 30.63 0.31
C SER B 443 -23.28 31.45 1.58
N LEU B 444 -22.87 32.71 1.45
CA LEU B 444 -22.89 33.64 2.56
C LEU B 444 -24.32 34.06 2.88
N PHE B 445 -25.14 34.28 1.84
CA PHE B 445 -26.51 34.77 1.98
C PHE B 445 -27.54 33.66 1.95
N GLY B 446 -27.14 32.41 2.15
CA GLY B 446 -28.09 31.32 2.10
C GLY B 446 -28.22 30.54 3.38
N VAL B 447 -27.14 30.47 4.16
CA VAL B 447 -27.20 29.83 5.46
C VAL B 447 -28.04 30.68 6.42
N VAL B 448 -28.04 32.00 6.23
CA VAL B 448 -28.84 32.88 7.08
C VAL B 448 -30.32 32.74 6.77
N TRP B 449 -30.69 32.84 5.49
CA TRP B 449 -32.10 32.78 5.12
C TRP B 449 -32.64 31.36 5.20
N GLY B 450 -31.81 30.37 4.91
CA GLY B 450 -32.25 28.98 4.98
C GLY B 450 -32.52 28.53 6.41
N GLY B 451 -31.70 29.00 7.36
CA GLY B 451 -31.91 28.66 8.75
C GLY B 451 -33.13 29.34 9.34
N CYS B 452 -33.51 30.49 8.79
CA CYS B 452 -34.70 31.19 9.29
C CYS B 452 -35.98 30.50 8.85
N SER B 453 -35.96 29.84 7.69
CA SER B 453 -37.17 29.17 7.22
C SER B 453 -37.44 27.88 7.99
N LEU B 454 -36.41 27.32 8.63
CA LEU B 454 -36.60 26.12 9.43
C LEU B 454 -37.39 26.42 10.69
N VAL B 455 -37.01 27.47 11.41
CA VAL B 455 -37.63 27.77 12.70
C VAL B 455 -39.05 28.30 12.51
N VAL B 456 -39.32 28.95 11.38
CA VAL B 456 -40.68 29.45 11.13
C VAL B 456 -41.60 28.31 10.71
N ALA B 457 -41.13 27.42 9.83
CA ALA B 457 -41.98 26.34 9.34
C ALA B 457 -42.20 25.28 10.39
N PHE B 458 -41.25 25.07 11.30
CA PHE B 458 -41.44 24.11 12.37
C PHE B 458 -42.41 24.66 13.42
N ALA B 459 -42.45 25.99 13.57
CA ALA B 459 -43.54 26.60 14.32
C ALA B 459 -44.86 26.47 13.57
N ALA B 460 -44.81 26.53 12.24
CA ALA B 460 -46.00 26.29 11.43
C ALA B 460 -46.36 24.82 11.39
N TRP B 461 -45.37 23.93 11.54
CA TRP B 461 -45.63 22.49 11.68
C TRP B 461 -45.77 22.13 13.16
N ALA B 462 -46.61 22.89 13.84
CA ALA B 462 -47.02 22.62 15.21
C ALA B 462 -48.47 22.93 15.46
N THR B 463 -49.10 23.76 14.65
CA THR B 463 -50.52 24.08 14.77
C THR B 463 -51.35 23.59 13.59
N ILE B 464 -50.76 23.37 12.43
CA ILE B 464 -51.52 22.85 11.30
C ILE B 464 -51.29 21.35 11.13
N CYS B 465 -50.19 20.81 11.66
CA CYS B 465 -49.94 19.38 11.52
C CYS B 465 -50.85 18.50 12.38
N PRO B 466 -51.17 18.81 13.65
CA PRO B 466 -52.21 18.00 14.31
C PRO B 466 -53.62 18.29 13.82
N LEU B 467 -53.87 19.41 13.13
CA LEU B 467 -55.22 19.66 12.65
C LEU B 467 -55.49 19.01 11.30
N VAL B 468 -54.49 18.98 10.40
CA VAL B 468 -54.66 18.31 9.12
C VAL B 468 -54.68 16.79 9.31
N VAL B 469 -53.98 16.29 10.33
CA VAL B 469 -54.04 14.88 10.70
C VAL B 469 -55.46 14.48 11.13
N VAL B 470 -56.13 15.34 11.89
CA VAL B 470 -57.51 15.07 12.27
C VAL B 470 -58.44 15.34 11.09
N ALA B 471 -58.16 16.38 10.29
CA ALA B 471 -59.08 16.77 9.22
C ALA B 471 -59.09 15.75 8.08
N ARG B 472 -57.97 15.08 7.80
CA ARG B 472 -57.93 14.11 6.72
C ARG B 472 -58.75 12.86 7.05
N SER B 473 -59.06 12.65 8.34
CA SER B 473 -59.92 11.55 8.74
C SER B 473 -61.37 11.81 8.36
N PHE B 474 -61.85 13.04 8.58
CA PHE B 474 -63.28 13.31 8.50
C PHE B 474 -63.68 14.26 7.38
N LEU B 475 -62.74 14.99 6.78
CA LEU B 475 -63.06 15.95 5.72
C LEU B 475 -62.51 15.44 4.39
N SER B 476 -63.40 15.17 3.46
CA SER B 476 -63.07 14.82 2.08
C SER B 476 -62.45 15.95 1.23
N PRO B 477 -62.81 17.25 1.38
CA PRO B 477 -62.06 18.26 0.62
C PRO B 477 -60.59 18.39 0.98
N VAL B 478 -60.21 18.12 2.24
CA VAL B 478 -58.81 18.35 2.60
C VAL B 478 -57.92 17.20 2.18
N GLN B 479 -58.46 15.99 1.98
CA GLN B 479 -57.64 14.87 1.52
C GLN B 479 -57.29 15.01 0.04
N ASP B 480 -58.23 15.49 -0.77
CA ASP B 480 -57.92 15.79 -2.16
C ASP B 480 -57.02 17.01 -2.29
N PHE B 481 -57.02 17.91 -1.30
CA PHE B 481 -56.04 18.98 -1.28
C PHE B 481 -54.66 18.47 -0.91
N MET B 482 -54.59 17.41 -0.10
CA MET B 482 -53.32 16.77 0.25
C MET B 482 -52.94 15.68 -0.73
N MET B 483 -53.49 15.70 -1.95
CA MET B 483 -53.09 14.81 -3.03
C MET B 483 -52.62 15.57 -4.26
N ARG B 484 -52.23 16.82 -4.08
CA ARG B 484 -51.77 17.64 -5.21
C ARG B 484 -50.26 17.54 -5.39
N GLY B 485 -49.79 16.29 -5.45
CA GLY B 485 -48.39 15.96 -5.69
C GLY B 485 -48.31 14.81 -6.67
N LYS B 486 -47.37 13.88 -6.43
CA LYS B 486 -47.09 12.71 -7.28
C LYS B 486 -46.75 13.12 -8.73
N VAL B 487 -46.17 14.31 -8.87
CA VAL B 487 -45.94 15.02 -10.13
C VAL B 487 -44.54 15.59 -10.04
N ILE B 488 -44.29 16.67 -10.80
CA ILE B 488 -43.05 17.48 -10.85
C ILE B 488 -42.66 18.14 -9.53
N VAL B 489 -43.19 17.65 -8.40
CA VAL B 489 -43.49 18.28 -7.11
C VAL B 489 -42.48 19.31 -6.64
N ASP B 490 -42.98 20.49 -6.30
CA ASP B 490 -42.24 21.69 -6.04
C ASP B 490 -42.54 22.25 -4.67
N SER B 491 -42.11 23.49 -4.46
CA SER B 491 -42.20 24.19 -3.20
C SER B 491 -43.57 24.81 -2.94
N ARG B 492 -44.50 24.74 -3.90
CA ARG B 492 -45.87 25.17 -3.62
C ARG B 492 -46.51 24.30 -2.56
N PHE B 493 -46.28 22.99 -2.64
CA PHE B 493 -46.85 22.03 -1.71
C PHE B 493 -45.69 21.27 -1.08
N PRO B 494 -45.14 21.78 0.03
CA PRO B 494 -43.94 21.19 0.60
C PRO B 494 -44.16 19.89 1.35
N TRP B 495 -45.35 19.33 1.30
CA TRP B 495 -45.58 18.08 1.99
C TRP B 495 -45.07 16.91 1.18
N HIS B 496 -44.79 17.12 -0.10
CA HIS B 496 -44.57 16.02 -1.02
C HIS B 496 -43.19 16.04 -1.67
N VAL B 497 -42.32 16.95 -1.26
CA VAL B 497 -40.92 16.93 -1.68
C VAL B 497 -40.12 16.19 -0.61
N PRO B 498 -39.29 15.21 -0.98
CA PRO B 498 -38.78 14.29 0.03
C PRO B 498 -37.69 14.85 0.91
N LEU B 499 -37.08 15.98 0.57
CA LEU B 499 -36.13 16.56 1.51
C LEU B 499 -36.84 17.20 2.69
N TYR B 500 -37.97 17.86 2.45
CA TYR B 500 -38.58 18.62 3.53
C TYR B 500 -39.17 17.69 4.58
N ARG B 501 -39.69 16.54 4.17
CA ARG B 501 -40.11 15.53 5.13
C ARG B 501 -38.95 14.92 5.90
N TRP B 502 -37.72 15.05 5.40
CA TRP B 502 -36.56 14.66 6.20
C TRP B 502 -36.25 15.72 7.24
N LEU B 503 -36.45 16.99 6.90
CA LEU B 503 -36.14 18.04 7.86
C LEU B 503 -37.15 18.09 9.00
N LEU B 504 -38.42 17.81 8.73
CA LEU B 504 -39.36 17.74 9.84
C LEU B 504 -39.14 16.51 10.69
N THR B 505 -38.53 15.47 10.13
CA THR B 505 -38.13 14.33 10.95
C THR B 505 -37.02 14.69 11.89
N GLN B 506 -36.02 15.42 11.42
CA GLN B 506 -34.90 15.76 12.27
C GLN B 506 -35.23 16.88 13.25
N CYS B 507 -36.07 17.84 12.86
CA CYS B 507 -36.48 18.88 13.79
C CYS B 507 -37.46 18.38 14.84
N ALA B 508 -38.12 17.26 14.60
CA ALA B 508 -38.85 16.59 15.66
C ALA B 508 -38.00 15.62 16.44
N LEU B 509 -36.71 15.57 16.14
CA LEU B 509 -35.79 14.62 16.79
C LEU B 509 -34.74 15.32 17.62
N ILE B 510 -34.35 16.53 17.23
CA ILE B 510 -33.59 17.41 18.13
C ILE B 510 -34.49 17.87 19.26
N THR B 511 -35.79 18.00 18.99
CA THR B 511 -36.77 18.38 20.00
C THR B 511 -36.93 17.29 21.06
N PHE B 512 -36.73 16.02 20.68
CA PHE B 512 -36.91 14.95 21.65
C PHE B 512 -35.77 14.89 22.66
N THR B 513 -34.55 15.18 22.23
CA THR B 513 -33.42 15.09 23.15
C THR B 513 -33.17 16.39 23.90
N VAL B 514 -33.84 17.47 23.52
CA VAL B 514 -33.83 18.66 24.36
C VAL B 514 -34.82 18.50 25.50
N LEU B 515 -36.03 18.03 25.20
CA LEU B 515 -37.01 17.78 26.25
C LEU B 515 -36.59 16.64 27.16
N LEU B 516 -35.83 15.67 26.66
CA LEU B 516 -35.39 14.60 27.53
C LEU B 516 -34.25 15.05 28.44
N SER B 517 -33.33 15.85 27.91
CA SER B 517 -32.23 16.36 28.73
C SER B 517 -32.63 17.58 29.55
N TYR B 518 -33.75 18.22 29.24
CA TYR B 518 -34.34 19.17 30.19
C TYR B 518 -35.00 18.46 31.35
N LEU B 519 -35.49 17.25 31.12
CA LEU B 519 -36.17 16.50 32.17
C LEU B 519 -35.19 16.05 33.24
N VAL B 520 -33.96 15.70 32.86
CA VAL B 520 -33.01 15.24 33.87
C VAL B 520 -32.33 16.40 34.56
N PHE B 521 -32.40 17.61 34.01
CA PHE B 521 -31.83 18.78 34.66
C PHE B 521 -32.88 19.50 35.49
N SER B 522 -34.06 19.73 34.92
CA SER B 522 -35.18 20.28 35.67
C SER B 522 -35.97 19.18 36.37
N PHE B 523 -35.26 18.45 37.20
CA PHE B 523 -35.84 17.44 38.07
C PHE B 523 -35.69 17.92 39.50
N ASP B 524 -36.82 18.20 40.14
CA ASP B 524 -36.81 18.65 41.52
C ASP B 524 -37.03 17.45 42.43
N PRO B 525 -36.09 17.15 43.33
CA PRO B 525 -36.22 15.91 44.12
C PRO B 525 -37.29 15.98 45.20
N SER B 526 -37.37 17.10 45.93
CA SER B 526 -38.38 17.28 46.97
C SER B 526 -39.69 17.65 46.29
N ASP B 527 -40.39 16.63 45.83
CA ASP B 527 -41.61 16.87 45.11
C ASP B 527 -42.48 15.65 45.41
N PRO B 528 -43.79 15.81 45.57
CA PRO B 528 -44.63 14.66 45.94
C PRO B 528 -44.83 13.68 44.80
N VAL B 529 -45.72 12.71 45.02
CA VAL B 529 -46.10 11.71 44.02
C VAL B 529 -46.63 12.24 42.67
N PRO B 530 -47.16 13.46 42.51
CA PRO B 530 -47.31 13.97 41.13
C PRO B 530 -46.01 14.35 40.42
N ALA B 531 -44.82 14.09 40.99
CA ALA B 531 -43.61 14.14 40.19
C ALA B 531 -43.53 12.97 39.22
N SER B 532 -44.23 11.88 39.51
CA SER B 532 -44.29 10.76 38.58
C SER B 532 -45.16 11.11 37.38
N VAL B 533 -46.44 11.40 37.63
CA VAL B 533 -47.36 11.79 36.55
C VAL B 533 -47.40 13.31 36.53
N ALA B 534 -46.43 13.88 35.83
CA ALA B 534 -46.36 15.29 35.49
C ALA B 534 -46.90 15.47 34.08
N PRO B 535 -47.12 16.70 33.61
CA PRO B 535 -47.45 16.85 32.18
C PRO B 535 -46.27 16.56 31.26
N LEU B 536 -45.08 17.04 31.60
CA LEU B 536 -43.91 16.83 30.75
C LEU B 536 -43.39 15.40 30.87
N ASN B 537 -43.50 14.79 32.05
CA ASN B 537 -43.05 13.43 32.22
C ASN B 537 -43.96 12.43 31.51
N THR B 538 -45.24 12.75 31.34
CA THR B 538 -46.12 11.81 30.67
C THR B 538 -46.29 12.11 29.18
N PHE B 539 -45.93 13.31 28.74
CA PHE B 539 -45.93 13.58 27.31
C PHE B 539 -44.78 12.89 26.62
N LEU B 540 -43.62 12.84 27.28
CA LEU B 540 -42.50 12.07 26.76
C LEU B 540 -42.76 10.58 26.79
N ALA B 541 -43.67 10.10 27.63
CA ALA B 541 -44.02 8.70 27.63
C ALA B 541 -45.04 8.36 26.54
N VAL B 542 -45.87 9.32 26.16
CA VAL B 542 -46.76 9.13 25.02
C VAL B 542 -45.94 9.14 23.73
N TRP B 543 -44.90 9.98 23.69
CA TRP B 543 -44.01 10.06 22.54
C TRP B 543 -43.33 8.72 22.28
N CYS B 544 -42.69 8.16 23.31
CA CYS B 544 -42.01 6.88 23.19
C CYS B 544 -42.96 5.72 23.09
N ALA B 545 -44.23 5.91 23.45
CA ALA B 545 -45.22 4.90 23.12
C ALA B 545 -45.43 4.85 21.61
N ALA B 546 -45.53 6.01 20.99
CA ALA B 546 -45.80 6.11 19.57
C ALA B 546 -44.57 5.85 18.71
N ILE B 547 -43.38 5.84 19.29
CA ILE B 547 -42.20 5.41 18.54
C ILE B 547 -42.22 3.89 18.39
N LEU B 548 -42.65 3.17 19.43
CA LEU B 548 -42.66 1.72 19.38
C LEU B 548 -43.70 1.18 18.42
N VAL B 549 -44.83 1.89 18.26
CA VAL B 549 -45.81 1.43 17.29
C VAL B 549 -45.35 1.72 15.88
N ASP B 550 -44.47 2.70 15.69
CA ASP B 550 -43.97 3.03 14.36
C ASP B 550 -42.88 2.08 13.92
N GLU B 551 -42.20 1.44 14.86
CA GLU B 551 -41.19 0.46 14.49
C GLU B 551 -41.82 -0.88 14.13
N VAL B 552 -42.96 -1.22 14.74
CA VAL B 552 -43.66 -2.43 14.37
C VAL B 552 -44.32 -2.27 13.01
N GLN B 553 -44.68 -1.05 12.63
CA GLN B 553 -45.16 -0.82 11.27
C GLN B 553 -44.05 -1.00 10.26
N GLU B 554 -42.91 -0.35 10.46
CA GLU B 554 -41.79 -0.57 9.56
C GLU B 554 -40.97 -1.81 9.92
N TYR B 555 -41.50 -2.73 10.71
CA TYR B 555 -40.95 -4.07 10.73
C TYR B 555 -41.75 -5.00 9.84
N VAL B 556 -43.06 -4.78 9.78
CA VAL B 556 -43.93 -5.66 8.99
C VAL B 556 -43.94 -5.22 7.54
N GLU B 557 -43.85 -3.92 7.28
CA GLU B 557 -43.91 -3.43 5.91
C GLU B 557 -42.62 -3.69 5.13
N GLU B 558 -41.51 -3.14 5.59
CA GLU B 558 -40.27 -3.26 4.85
C GLU B 558 -39.47 -4.52 5.19
N GLY B 559 -39.93 -5.33 6.14
CA GLY B 559 -39.37 -6.64 6.36
C GLY B 559 -38.38 -6.67 7.50
N ARG B 560 -37.50 -7.67 7.45
CA ARG B 560 -36.50 -7.91 8.48
C ARG B 560 -35.08 -7.67 8.01
N ALA B 561 -34.74 -8.05 6.78
CA ALA B 561 -33.40 -7.81 6.26
C ALA B 561 -33.19 -6.34 5.95
N GLU B 562 -34.26 -5.62 5.67
CA GLU B 562 -34.17 -4.18 5.45
C GLU B 562 -34.18 -3.42 6.77
N TYR B 563 -34.93 -3.92 7.75
CA TYR B 563 -35.04 -3.27 9.05
C TYR B 563 -33.73 -3.33 9.81
N MET B 564 -33.09 -4.49 9.84
CA MET B 564 -31.81 -4.66 10.52
C MET B 564 -30.67 -4.42 9.53
N SER B 565 -30.75 -3.30 8.80
CA SER B 565 -29.71 -2.88 7.88
C SER B 565 -29.55 -1.37 7.88
N SER B 566 -30.11 -0.70 8.88
CA SER B 566 -30.02 0.74 9.01
C SER B 566 -29.19 1.16 10.21
N GLY B 567 -29.37 0.49 11.35
CA GLY B 567 -28.62 0.80 12.53
C GLY B 567 -29.23 1.83 13.44
N TRP B 568 -30.18 2.64 12.95
CA TRP B 568 -30.89 3.56 13.81
C TRP B 568 -32.23 3.03 14.26
N ASN B 569 -32.76 2.00 13.58
CA ASN B 569 -34.01 1.39 14.01
C ASN B 569 -33.85 0.65 15.33
N VAL B 570 -32.63 0.26 15.69
CA VAL B 570 -32.40 -0.33 17.00
C VAL B 570 -32.45 0.73 18.09
N MET B 571 -31.84 1.90 17.85
CA MET B 571 -31.82 2.95 18.85
C MET B 571 -33.16 3.67 18.98
N ASP B 572 -34.01 3.63 17.96
CA ASP B 572 -35.36 4.14 18.14
C ASP B 572 -36.17 3.27 19.08
N VAL B 573 -35.91 1.96 19.09
CA VAL B 573 -36.64 1.09 20.00
C VAL B 573 -36.09 1.21 21.40
N THR B 574 -34.77 1.18 21.53
CA THR B 574 -34.15 0.94 22.82
C THR B 574 -34.21 2.15 23.74
N MET B 575 -34.22 3.38 23.19
CA MET B 575 -34.48 4.52 24.04
C MET B 575 -35.97 4.73 24.27
N ALA B 576 -36.81 4.14 23.43
CA ALA B 576 -38.24 4.24 23.72
C ALA B 576 -38.65 3.19 24.73
N LEU B 577 -38.09 1.99 24.61
CA LEU B 577 -38.43 0.91 25.52
C LEU B 577 -37.85 1.16 26.90
N SER B 578 -36.73 1.89 26.99
CA SER B 578 -36.15 2.18 28.29
C SER B 578 -36.90 3.29 29.00
N TYR B 579 -37.23 4.38 28.31
CA TYR B 579 -37.96 5.45 28.97
C TYR B 579 -39.39 5.04 29.28
N ILE B 580 -40.01 4.18 28.47
CA ILE B 580 -41.35 3.74 28.81
C ILE B 580 -41.32 2.73 29.95
N LEU B 581 -40.16 2.14 30.24
CA LEU B 581 -40.01 1.28 31.39
C LEU B 581 -39.55 2.09 32.60
N HIS B 582 -38.81 3.17 32.33
CA HIS B 582 -38.51 4.16 33.34
C HIS B 582 -39.77 4.85 33.85
N TYR B 583 -40.73 5.08 32.95
CA TYR B 583 -41.95 5.76 33.35
C TYR B 583 -42.85 4.88 34.21
N ILE B 584 -42.78 3.56 34.01
CA ILE B 584 -43.59 2.65 34.81
C ILE B 584 -42.96 2.41 36.17
N LEU B 585 -41.70 1.98 36.18
CA LEU B 585 -41.02 1.61 37.42
C LEU B 585 -40.77 2.79 38.34
N ARG B 586 -40.82 4.02 37.85
CA ARG B 586 -40.76 5.15 38.75
C ARG B 586 -42.06 5.31 39.53
N ILE B 587 -43.19 5.08 38.85
CA ILE B 587 -44.50 5.16 39.49
C ILE B 587 -44.64 4.10 40.56
N ILE B 588 -44.18 2.88 40.28
CA ILE B 588 -44.31 1.78 41.22
C ILE B 588 -43.40 1.97 42.43
N ALA B 589 -42.22 2.54 42.23
CA ALA B 589 -41.27 2.70 43.31
C ALA B 589 -41.44 3.98 44.11
N VAL B 590 -42.60 4.64 44.01
CA VAL B 590 -42.80 5.88 44.74
C VAL B 590 -44.02 5.82 45.67
N ARG B 591 -44.96 4.90 45.46
CA ARG B 591 -46.05 4.74 46.42
C ARG B 591 -46.39 3.30 46.74
N VAL B 592 -45.90 2.31 45.98
CA VAL B 592 -46.23 0.92 46.24
C VAL B 592 -45.13 0.29 47.08
N THR B 593 -43.93 0.19 46.53
CA THR B 593 -42.78 -0.41 47.22
C THR B 593 -41.61 0.57 47.14
N ASP B 594 -41.27 1.16 48.27
CA ASP B 594 -40.31 2.27 48.33
C ASP B 594 -38.98 1.73 48.84
N ASN B 595 -38.21 1.12 47.94
CA ASN B 595 -36.91 0.58 48.30
C ASN B 595 -35.86 0.99 47.28
N LEU B 596 -34.61 1.00 47.73
CA LEU B 596 -33.47 1.37 46.90
C LEU B 596 -32.98 0.25 46.01
N ASN B 597 -33.62 -0.92 46.03
CA ASN B 597 -33.23 -1.98 45.13
C ASN B 597 -33.72 -1.71 43.72
N ILE B 598 -34.99 -1.32 43.57
CA ILE B 598 -35.52 -1.02 42.25
C ILE B 598 -35.50 0.47 41.96
N LEU B 599 -35.20 1.32 42.94
CA LEU B 599 -35.06 2.74 42.67
C LEU B 599 -33.82 3.01 41.84
N LEU B 600 -32.73 2.30 42.14
CA LEU B 600 -31.50 2.47 41.40
C LEU B 600 -31.52 1.79 40.04
N VAL B 601 -32.56 1.02 39.73
CA VAL B 601 -32.80 0.61 38.36
C VAL B 601 -33.48 1.74 37.59
N VAL B 602 -34.34 2.50 38.27
CA VAL B 602 -35.07 3.59 37.62
C VAL B 602 -34.13 4.70 37.20
N ASN B 603 -33.18 5.06 38.06
CA ASN B 603 -32.17 6.03 37.66
C ASN B 603 -31.17 5.45 36.66
N ASP B 604 -31.17 4.13 36.46
CA ASP B 604 -30.25 3.52 35.52
C ASP B 604 -30.86 3.41 34.13
N LEU B 605 -32.19 3.32 34.03
CA LEU B 605 -32.84 3.31 32.72
C LEU B 605 -32.84 4.69 32.10
N LEU B 606 -33.05 5.72 32.92
CA LEU B 606 -33.06 7.07 32.39
C LEU B 606 -31.67 7.52 31.97
N ALA B 607 -30.63 6.97 32.58
CA ALA B 607 -29.28 7.22 32.08
C ALA B 607 -29.05 6.50 30.76
N ALA B 608 -29.53 5.26 30.64
CA ALA B 608 -29.41 4.54 29.39
C ALA B 608 -30.28 5.17 28.30
N ALA B 609 -31.46 5.66 28.65
CA ALA B 609 -32.31 6.30 27.67
C ALA B 609 -31.90 7.73 27.37
N ALA B 610 -30.97 8.32 28.11
CA ALA B 610 -30.48 9.63 27.75
C ALA B 610 -29.22 9.57 26.90
N LEU B 611 -28.48 8.47 26.96
CA LEU B 611 -27.40 8.27 26.00
C LEU B 611 -27.93 8.01 24.60
N MET B 612 -28.85 7.07 24.47
CA MET B 612 -29.34 6.70 23.15
C MET B 612 -30.22 7.76 22.53
N ALA B 613 -30.62 8.77 23.28
CA ALA B 613 -31.15 9.97 22.66
C ALA B 613 -30.04 10.75 21.95
N TRP B 614 -28.92 10.93 22.63
CA TRP B 614 -27.85 11.75 22.08
C TRP B 614 -26.98 11.01 21.07
N PHE B 615 -26.93 9.69 21.10
CA PHE B 615 -26.31 8.97 20.01
C PHE B 615 -27.19 8.92 18.78
N ARG B 616 -28.48 9.20 18.95
CA ARG B 616 -29.42 9.26 17.84
C ARG B 616 -29.33 10.59 17.09
N MET B 617 -28.78 11.62 17.74
CA MET B 617 -28.68 12.94 17.14
C MET B 617 -27.44 13.14 16.28
N VAL B 618 -26.61 12.11 16.08
CA VAL B 618 -25.60 12.22 15.03
C VAL B 618 -26.18 11.84 13.69
N SER B 619 -27.48 11.59 13.61
CA SER B 619 -28.15 11.23 12.38
C SER B 619 -28.42 12.41 11.47
N VAL B 620 -28.28 13.64 11.96
CA VAL B 620 -28.44 14.79 11.08
C VAL B 620 -27.24 14.96 10.17
N PHE B 621 -26.12 14.35 10.50
CA PHE B 621 -24.88 14.49 9.77
C PHE B 621 -24.72 13.44 8.69
N GLU B 622 -25.74 12.61 8.47
CA GLU B 622 -25.66 11.54 7.48
C GLU B 622 -25.57 12.05 6.05
N LEU B 623 -26.16 13.19 5.77
CA LEU B 623 -26.15 13.74 4.42
C LEU B 623 -24.97 14.65 4.17
N SER B 624 -24.37 15.16 5.24
CA SER B 624 -23.22 16.03 5.10
C SER B 624 -22.02 15.24 4.66
N SER B 625 -21.35 15.73 3.63
CA SER B 625 -19.99 15.26 3.40
C SER B 625 -19.12 15.76 4.53
N ALA B 626 -18.06 15.00 4.81
CA ALA B 626 -17.04 15.16 5.84
C ALA B 626 -17.48 14.83 7.26
N ILE B 627 -18.77 14.70 7.54
CA ILE B 627 -19.19 14.06 8.79
C ILE B 627 -20.03 12.82 8.55
N GLY B 628 -20.66 12.71 7.39
CA GLY B 628 -21.24 11.48 6.91
C GLY B 628 -20.36 10.27 6.91
N PRO B 629 -19.13 10.35 6.38
CA PRO B 629 -18.22 9.22 6.48
C PRO B 629 -17.63 8.97 7.84
N LEU B 630 -17.98 9.73 8.86
CA LEU B 630 -17.58 9.35 10.20
C LEU B 630 -18.68 8.62 10.92
N ILE B 631 -19.92 8.75 10.44
CA ILE B 631 -20.99 7.92 10.94
C ILE B 631 -20.87 6.51 10.39
N GLN B 632 -20.30 6.36 9.19
CA GLN B 632 -20.19 5.05 8.57
C GLN B 632 -18.92 4.32 8.93
N MET B 633 -17.83 5.01 9.24
CA MET B 633 -16.64 4.31 9.66
C MET B 633 -16.67 4.00 11.13
N MET B 634 -17.63 4.55 11.85
CA MET B 634 -17.91 4.17 13.22
C MET B 634 -18.95 3.08 13.29
N LYS B 635 -19.87 3.03 12.32
CA LYS B 635 -20.86 1.97 12.32
C LYS B 635 -20.23 0.64 11.91
N GLN B 636 -19.52 0.62 10.77
CA GLN B 636 -18.83 -0.57 10.31
C GLN B 636 -17.77 -1.05 11.27
N MET B 637 -17.25 -0.17 12.11
CA MET B 637 -16.29 -0.56 13.13
C MET B 637 -16.96 -1.34 14.25
N LEU B 638 -18.21 -0.99 14.57
CA LEU B 638 -18.98 -1.74 15.56
C LEU B 638 -19.63 -2.98 14.99
N ILE B 639 -19.70 -3.12 13.68
CA ILE B 639 -20.22 -4.35 13.09
C ILE B 639 -19.09 -5.34 12.94
N LYS B 640 -18.08 -4.97 12.15
CA LYS B 640 -17.08 -5.93 11.74
C LYS B 640 -16.03 -6.17 12.83
N ASP B 641 -15.50 -5.11 13.41
CA ASP B 641 -14.29 -5.30 14.18
C ASP B 641 -14.56 -5.62 15.65
N VAL B 642 -15.44 -4.85 16.30
CA VAL B 642 -15.58 -4.89 17.77
C VAL B 642 -16.02 -6.25 18.27
N THR B 643 -16.87 -6.94 17.54
CA THR B 643 -17.30 -8.23 18.03
C THR B 643 -16.30 -9.36 17.81
N ARG B 644 -15.10 -9.09 17.29
CA ARG B 644 -14.03 -10.09 17.31
C ARG B 644 -12.85 -9.68 18.16
N PHE B 645 -12.73 -8.40 18.52
CA PHE B 645 -11.68 -7.96 19.42
C PHE B 645 -12.16 -7.94 20.86
N ALA B 646 -13.46 -7.77 21.09
CA ALA B 646 -13.96 -7.79 22.45
C ALA B 646 -14.06 -9.20 23.00
N LEU B 647 -13.99 -10.21 22.15
CA LEU B 647 -13.96 -11.58 22.62
C LEU B 647 -12.56 -12.03 22.94
N LEU B 648 -11.54 -11.23 22.61
CA LEU B 648 -10.17 -11.49 22.97
C LEU B 648 -9.67 -10.61 24.09
N VAL B 649 -10.18 -9.38 24.18
CA VAL B 649 -9.93 -8.55 25.35
C VAL B 649 -10.59 -9.17 26.58
N LEU B 650 -11.71 -9.84 26.39
CA LEU B 650 -12.37 -10.53 27.49
C LEU B 650 -11.56 -11.73 27.97
N VAL B 651 -10.80 -12.37 27.09
CA VAL B 651 -9.96 -13.49 27.51
C VAL B 651 -8.68 -12.99 28.16
N ILE B 652 -8.08 -11.93 27.60
CA ILE B 652 -6.84 -11.39 28.15
C ILE B 652 -7.07 -10.73 29.49
N LEU B 653 -8.16 -9.97 29.63
CA LEU B 653 -8.41 -9.30 30.90
C LEU B 653 -8.87 -10.27 31.98
N LEU B 654 -9.63 -11.31 31.62
CA LEU B 654 -9.95 -12.33 32.62
C LEU B 654 -8.75 -13.17 32.97
N GLY B 655 -7.81 -13.33 32.04
CA GLY B 655 -6.58 -14.04 32.37
C GLY B 655 -5.70 -13.24 33.29
N PHE B 656 -5.61 -11.93 33.04
CA PHE B 656 -4.82 -11.05 33.87
C PHE B 656 -5.43 -10.86 35.25
N SER B 657 -6.76 -10.91 35.34
CA SER B 657 -7.43 -10.66 36.61
C SER B 657 -7.34 -11.84 37.56
N VAL B 658 -7.38 -13.08 37.04
CA VAL B 658 -7.24 -14.25 37.90
C VAL B 658 -5.80 -14.39 38.36
N GLY B 659 -4.84 -13.93 37.56
CA GLY B 659 -3.45 -13.99 37.99
C GLY B 659 -3.13 -13.01 39.10
N MET B 660 -3.78 -11.84 39.10
CA MET B 660 -3.52 -10.86 40.16
C MET B 660 -4.12 -11.30 41.47
N GLU B 661 -5.26 -11.99 41.45
CA GLU B 661 -5.78 -12.61 42.67
C GLU B 661 -4.85 -13.72 43.15
N ALA B 662 -4.22 -14.42 42.23
CA ALA B 662 -3.34 -15.51 42.64
C ALA B 662 -2.02 -15.02 43.20
N LEU B 663 -1.53 -13.87 42.76
CA LEU B 663 -0.36 -13.27 43.40
C LEU B 663 -0.72 -12.70 44.76
N PHE B 664 -1.66 -11.76 44.78
CA PHE B 664 -1.94 -10.95 45.96
C PHE B 664 -2.91 -11.72 46.85
N GLN B 665 -2.35 -12.77 47.45
CA GLN B 665 -3.13 -13.81 48.09
C GLN B 665 -2.51 -14.06 49.45
N GLU B 666 -3.27 -13.82 50.50
CA GLU B 666 -2.73 -13.79 51.85
C GLU B 666 -2.47 -15.20 52.37
N ALA B 667 -1.47 -15.29 53.24
CA ALA B 667 -1.05 -16.55 53.83
C ALA B 667 -0.93 -16.39 55.33
N CYS B 668 -0.77 -17.50 56.03
CA CYS B 668 -0.70 -17.52 57.49
C CYS B 668 0.60 -18.20 57.91
N ILE B 669 1.47 -17.45 58.57
CA ILE B 669 2.73 -17.99 59.07
C ILE B 669 2.76 -18.10 60.59
N GLU B 670 1.92 -17.35 61.30
CA GLU B 670 2.00 -17.23 62.75
C GLU B 670 0.87 -18.07 63.36
N ARG B 671 1.20 -19.31 63.73
CA ARG B 671 0.35 -20.14 64.58
C ARG B 671 1.22 -21.20 65.23
N ASP B 672 1.33 -21.16 66.57
CA ASP B 672 1.90 -22.37 67.16
C ASP B 672 0.82 -23.44 67.38
N PRO B 673 -0.28 -23.22 68.21
CA PRO B 673 -1.26 -24.31 68.35
C PRO B 673 -2.15 -24.47 67.13
N THR B 674 -2.99 -23.45 66.91
CA THR B 674 -4.02 -23.42 65.87
C THR B 674 -4.37 -21.97 65.62
N THR B 675 -3.98 -21.44 64.45
CA THR B 675 -4.51 -20.22 63.83
C THR B 675 -4.38 -18.98 64.74
N ASN B 676 -3.15 -18.56 64.97
CA ASN B 676 -2.93 -17.32 65.70
C ASN B 676 -3.07 -16.09 64.79
N GLU B 677 -2.20 -15.97 63.79
CA GLU B 677 -2.19 -14.80 62.91
C GLU B 677 -1.92 -15.20 61.46
N CYS B 678 -2.02 -14.20 60.58
CA CYS B 678 -1.79 -14.35 59.14
C CYS B 678 -1.19 -13.07 58.61
N THR B 679 -0.16 -13.17 57.77
CA THR B 679 0.49 -11.98 57.24
C THR B 679 -0.36 -11.31 56.17
N LYS B 680 -0.46 -9.98 56.26
CA LYS B 680 -1.30 -9.23 55.33
C LYS B 680 -0.54 -8.93 54.03
N TYR B 681 -1.17 -9.24 52.91
CA TYR B 681 -0.66 -8.93 51.57
C TYR B 681 -1.65 -7.98 50.89
N THR B 682 -1.15 -7.20 49.93
CA THR B 682 -1.58 -5.82 49.72
C THR B 682 -3.06 -5.59 49.42
N SER B 683 -3.56 -5.96 48.24
CA SER B 683 -4.86 -5.41 47.86
C SER B 683 -6.01 -6.37 47.50
N TRP B 684 -5.81 -7.22 46.50
CA TRP B 684 -6.85 -7.49 45.51
C TRP B 684 -8.13 -8.17 46.01
N PHE B 713 14.62 -8.13 54.20
CA PHE B 713 15.14 -9.44 54.54
C PHE B 713 14.37 -10.54 53.81
N GLU B 714 14.99 -11.73 53.78
CA GLU B 714 14.39 -13.00 53.37
C GLU B 714 13.87 -13.07 51.93
N GLN B 715 14.16 -12.04 51.11
CA GLN B 715 13.92 -12.02 49.67
C GLN B 715 12.42 -12.19 49.34
N LYS B 716 11.53 -11.78 50.25
CA LYS B 716 10.17 -12.32 50.16
C LYS B 716 9.23 -11.48 49.30
N ARG B 717 9.37 -10.16 49.32
CA ARG B 717 8.52 -9.32 48.50
C ARG B 717 9.11 -9.04 47.14
N VAL B 718 10.28 -9.61 46.85
CA VAL B 718 10.96 -9.38 45.58
C VAL B 718 10.59 -10.46 44.57
N THR B 719 10.40 -11.70 45.03
CA THR B 719 10.06 -12.81 44.14
C THR B 719 8.68 -12.64 43.52
N GLY B 720 7.73 -12.10 44.27
CA GLY B 720 6.40 -11.90 43.73
C GLY B 720 6.28 -10.69 42.81
N VAL B 721 7.08 -9.65 43.07
CA VAL B 721 6.96 -8.44 42.26
C VAL B 721 7.70 -8.59 40.93
N ILE B 722 8.63 -9.55 40.81
CA ILE B 722 9.21 -9.81 39.51
C ILE B 722 8.28 -10.67 38.66
N PHE B 723 7.28 -11.32 39.28
CA PHE B 723 6.17 -11.85 38.50
C PHE B 723 5.05 -10.85 38.30
N TYR B 724 4.93 -9.85 39.17
CA TYR B 724 3.99 -8.77 38.90
C TYR B 724 4.45 -7.93 37.71
N LEU B 725 5.76 -7.83 37.49
CA LEU B 725 6.24 -7.06 36.35
C LEU B 725 6.18 -7.83 35.06
N ILE B 726 6.38 -9.15 35.10
CA ILE B 726 6.25 -9.97 33.89
C ILE B 726 4.80 -10.03 33.44
N PHE B 727 3.87 -10.17 34.39
CA PHE B 727 2.45 -10.27 34.02
C PHE B 727 1.90 -8.96 33.49
N ALA B 728 2.39 -7.83 33.99
CA ALA B 728 1.86 -6.54 33.53
C ALA B 728 2.47 -6.13 32.22
N ILE B 729 3.75 -6.44 31.98
CA ILE B 729 4.36 -6.12 30.71
C ILE B 729 3.84 -7.00 29.60
N VAL B 730 3.74 -8.31 29.83
CA VAL B 730 3.29 -9.20 28.75
C VAL B 730 1.79 -9.10 28.53
N THR B 731 1.06 -8.37 29.37
CA THR B 731 -0.33 -8.05 29.06
C THR B 731 -0.45 -6.73 28.32
N ALA B 732 0.23 -5.68 28.80
CA ALA B 732 0.13 -4.37 28.15
C ALA B 732 0.74 -4.37 26.76
N ILE B 733 1.77 -5.19 26.53
CA ILE B 733 2.23 -5.41 25.18
C ILE B 733 1.21 -6.20 24.38
N LEU B 734 0.45 -7.06 25.03
CA LEU B 734 -0.49 -7.90 24.30
C LEU B 734 -1.75 -7.13 23.91
N LEU B 735 -2.11 -6.10 24.68
CA LEU B 735 -3.22 -5.22 24.31
C LEU B 735 -2.79 -4.25 23.20
N LEU B 736 -1.57 -3.73 23.28
CA LEU B 736 -1.06 -2.82 22.25
C LEU B 736 -0.89 -3.54 20.91
N ASN B 737 -0.53 -4.82 20.93
CA ASN B 737 -0.48 -5.61 19.71
C ASN B 737 -1.87 -5.76 19.10
N LEU B 738 -2.90 -5.71 19.92
CA LEU B 738 -4.28 -5.89 19.50
C LEU B 738 -4.94 -4.58 19.13
N PHE B 739 -4.34 -3.46 19.53
CA PHE B 739 -4.82 -2.14 19.15
C PHE B 739 -4.21 -1.69 17.83
N ILE B 740 -2.99 -2.14 17.54
CA ILE B 740 -2.42 -1.99 16.19
C ILE B 740 -3.19 -2.83 15.20
N ALA B 741 -3.76 -3.96 15.64
CA ALA B 741 -4.59 -4.74 14.74
C ALA B 741 -5.93 -4.09 14.47
N MET B 742 -6.37 -3.16 15.31
CA MET B 742 -7.61 -2.47 15.02
C MET B 742 -7.38 -1.17 14.26
N LEU B 743 -6.28 -0.45 14.54
CA LEU B 743 -5.91 0.71 13.74
C LEU B 743 -5.68 0.34 12.30
N ALA B 744 -5.16 -0.84 12.06
CA ALA B 744 -4.85 -1.22 10.70
C ALA B 744 -5.98 -2.01 10.04
N ASP B 745 -7.05 -2.32 10.76
CA ASP B 745 -8.26 -2.80 10.10
C ASP B 745 -9.16 -1.66 9.69
N THR B 746 -9.31 -0.65 10.54
CA THR B 746 -10.08 0.51 10.15
C THR B 746 -9.35 1.41 9.17
N TYR B 747 -8.02 1.33 9.08
CA TYR B 747 -7.32 2.10 8.06
C TYR B 747 -7.66 1.60 6.66
N THR B 748 -7.78 0.29 6.50
CA THR B 748 -7.95 -0.26 5.16
C THR B 748 -9.35 -0.04 4.66
N ARG B 749 -10.29 0.25 5.55
CA ARG B 749 -11.66 0.56 5.19
C ARG B 749 -11.88 2.05 5.02
N VAL B 750 -11.24 2.87 5.85
CA VAL B 750 -11.26 4.33 5.69
C VAL B 750 -10.62 4.73 4.37
N SER B 751 -9.46 4.15 4.07
CA SER B 751 -8.69 4.62 2.91
C SER B 751 -9.32 4.18 1.60
N THR B 752 -9.81 2.96 1.55
CA THR B 752 -10.37 2.46 0.30
C THR B 752 -11.80 2.95 0.11
N GLN B 753 -12.63 2.80 1.13
CA GLN B 753 -14.05 2.61 0.96
C GLN B 753 -14.84 3.49 1.92
N ALA B 754 -14.54 4.79 1.95
CA ALA B 754 -15.26 5.68 2.85
C ALA B 754 -16.32 6.52 2.15
N MET B 755 -16.03 7.04 0.95
CA MET B 755 -17.08 7.66 0.17
C MET B 755 -18.05 6.62 -0.37
N VAL B 756 -17.62 5.37 -0.54
CA VAL B 756 -18.52 4.35 -1.03
C VAL B 756 -19.54 3.99 0.04
N GLU B 757 -19.11 3.89 1.29
CA GLU B 757 -20.05 3.63 2.37
C GLU B 757 -20.92 4.84 2.66
N PHE B 758 -20.39 6.05 2.47
CA PHE B 758 -21.19 7.26 2.65
C PHE B 758 -22.26 7.41 1.60
N ARG B 759 -21.91 7.22 0.33
CA ARG B 759 -22.88 7.39 -0.74
C ARG B 759 -23.84 6.23 -0.85
N TYR B 760 -23.48 5.07 -0.34
CA TYR B 760 -24.44 3.98 -0.29
C TYR B 760 -25.57 4.28 0.68
N ARG B 761 -25.26 4.97 1.78
CA ARG B 761 -26.28 5.26 2.77
C ARG B 761 -27.22 6.36 2.30
N LYS B 762 -26.70 7.35 1.56
CA LYS B 762 -27.55 8.36 0.94
C LYS B 762 -28.52 7.74 -0.04
N ALA B 763 -28.08 6.76 -0.82
CA ALA B 763 -29.01 6.09 -1.70
C ALA B 763 -30.03 5.26 -0.93
N LYS B 764 -29.64 4.69 0.20
CA LYS B 764 -30.59 4.00 1.05
C LYS B 764 -31.42 4.95 1.89
N LEU B 765 -31.05 6.22 1.97
CA LEU B 765 -31.83 7.19 2.73
C LEU B 765 -32.77 7.98 1.84
N MET B 766 -32.38 8.22 0.59
CA MET B 766 -33.23 8.95 -0.33
C MET B 766 -34.34 8.08 -0.88
N ALA B 767 -34.23 6.78 -0.72
CA ALA B 767 -35.24 5.88 -1.24
C ALA B 767 -36.22 5.46 -0.19
N SER B 768 -35.88 5.62 1.08
CA SER B 768 -36.87 5.37 2.12
C SER B 768 -37.88 6.51 2.17
N TYR B 769 -37.40 7.75 2.15
CA TYR B 769 -38.28 8.91 2.20
C TYR B 769 -39.06 9.16 0.93
N SER B 770 -38.73 8.47 -0.16
CA SER B 770 -39.57 8.55 -1.35
C SER B 770 -40.85 7.77 -1.15
N ARG B 771 -40.75 6.59 -0.57
CA ARG B 771 -41.92 5.76 -0.27
C ARG B 771 -42.34 5.90 1.20
N ARG B 772 -42.77 7.10 1.55
CA ARG B 772 -43.14 7.43 2.92
C ARG B 772 -44.04 8.66 2.88
N ASP B 773 -44.97 8.77 3.84
CA ASP B 773 -45.74 9.99 4.03
C ASP B 773 -44.95 11.02 4.83
N PHE B 774 -45.62 12.05 5.31
CA PHE B 774 -44.96 13.18 5.96
C PHE B 774 -45.06 13.15 7.47
N VAL B 775 -45.61 12.08 8.05
CA VAL B 775 -45.85 12.05 9.49
C VAL B 775 -44.54 11.81 10.23
N CYS B 776 -44.58 12.07 11.53
CA CYS B 776 -43.50 11.96 12.47
C CYS B 776 -43.90 10.99 13.57
N PRO B 777 -42.96 10.52 14.38
CA PRO B 777 -43.31 9.60 15.48
C PRO B 777 -44.34 10.11 16.48
N PRO B 778 -44.39 11.40 16.89
CA PRO B 778 -45.47 11.76 17.82
C PRO B 778 -46.84 11.87 17.18
N PHE B 779 -46.95 12.06 15.87
CA PHE B 779 -48.24 12.36 15.24
C PHE B 779 -48.77 11.25 14.35
N ASN B 780 -48.11 10.09 14.29
CA ASN B 780 -48.75 9.00 13.56
C ASN B 780 -49.84 8.34 14.39
N LEU B 781 -49.60 8.19 15.69
CA LEU B 781 -50.59 7.68 16.62
C LEU B 781 -51.80 8.61 16.72
N LEU B 782 -51.61 9.88 16.39
CA LEU B 782 -52.73 10.82 16.33
C LEU B 782 -53.68 10.49 15.18
N HIS B 783 -53.21 9.82 14.12
CA HIS B 783 -54.13 9.36 13.08
C HIS B 783 -54.29 7.86 13.03
N LEU B 784 -53.41 7.08 13.67
CA LEU B 784 -53.66 5.65 13.82
C LEU B 784 -54.84 5.33 14.72
N VAL B 785 -55.34 6.32 15.47
CA VAL B 785 -56.65 6.20 16.09
C VAL B 785 -57.74 6.79 15.19
N CYS B 786 -57.43 7.84 14.44
CA CYS B 786 -58.43 8.46 13.57
C CYS B 786 -58.69 7.63 12.31
N ALA B 787 -57.66 6.98 11.75
CA ALA B 787 -57.89 6.11 10.62
C ALA B 787 -58.56 4.81 11.00
N ALA B 788 -58.59 4.47 12.30
CA ALA B 788 -59.41 3.37 12.77
C ALA B 788 -60.88 3.77 12.87
N VAL B 789 -61.17 5.06 12.81
CA VAL B 789 -62.54 5.56 12.88
C VAL B 789 -62.96 6.19 11.55
N GLY B 790 -62.13 7.05 10.98
CA GLY B 790 -62.50 7.80 9.78
C GLY B 790 -62.58 6.97 8.52
N ASN B 791 -61.95 5.80 8.50
CA ASN B 791 -62.15 4.89 7.39
C ASN B 791 -63.46 4.13 7.49
N GLY B 792 -63.87 3.79 8.72
CA GLY B 792 -65.09 3.02 8.89
C GLY B 792 -66.36 3.83 8.71
N LEU B 793 -66.30 5.13 8.96
CA LEU B 793 -67.49 5.96 8.83
C LEU B 793 -67.90 6.18 7.39
N ARG B 794 -67.01 5.97 6.44
CA ARG B 794 -67.32 6.08 5.02
C ARG B 794 -67.72 4.75 4.41
N ARG B 795 -67.76 3.67 5.19
CA ARG B 795 -68.10 2.34 4.70
C ARG B 795 -69.47 1.87 5.17
N LEU B 796 -69.99 2.41 6.26
CA LEU B 796 -71.28 1.99 6.78
C LEU B 796 -72.46 2.73 6.15
N VAL B 797 -72.28 3.98 5.73
CA VAL B 797 -73.40 4.69 5.11
C VAL B 797 -73.07 5.07 3.67
N TRP B 798 -71.83 5.47 3.39
CA TRP B 798 -71.46 5.76 2.01
C TRP B 798 -71.07 4.49 1.26
N GLY B 799 -70.02 3.81 1.71
CA GLY B 799 -69.57 2.61 1.08
C GLY B 799 -68.27 2.81 0.31
N PRO B 800 -68.32 2.59 -1.01
CA PRO B 800 -67.12 2.81 -1.84
C PRO B 800 -66.78 4.28 -2.00
N ASP B 801 -66.14 4.87 -1.00
CA ASP B 801 -65.84 6.30 -1.03
C ASP B 801 -64.65 6.59 -1.92
N GLY B 802 -63.51 5.94 -1.66
CA GLY B 802 -62.29 6.20 -2.39
C GLY B 802 -61.43 7.23 -1.71
N PHE B 803 -60.13 7.19 -2.05
CA PHE B 803 -59.00 7.90 -1.46
C PHE B 803 -59.07 8.01 0.06
N THR B 804 -59.44 6.90 0.71
CA THR B 804 -59.43 6.81 2.17
C THR B 804 -57.99 6.80 2.68
N PRO B 805 -57.75 7.38 3.84
CA PRO B 805 -56.39 7.37 4.41
C PRO B 805 -55.97 5.96 4.81
N VAL B 806 -54.95 5.45 4.14
CA VAL B 806 -54.44 4.12 4.46
C VAL B 806 -53.64 4.19 5.75
N SER B 807 -53.85 3.20 6.63
CA SER B 807 -53.05 3.13 7.84
C SER B 807 -51.68 2.54 7.60
N MET B 808 -51.50 1.83 6.48
CA MET B 808 -50.20 1.30 6.13
C MET B 808 -49.30 2.38 5.55
N ARG B 809 -48.09 2.50 6.09
CA ARG B 809 -47.11 3.40 5.50
C ARG B 809 -46.45 2.65 4.33
N LYS B 810 -45.50 3.31 3.65
CA LYS B 810 -44.84 2.80 2.44
C LYS B 810 -45.89 2.52 1.35
N ASN B 811 -46.37 3.61 0.77
CA ASN B 811 -47.29 3.55 -0.36
C ASN B 811 -46.77 2.68 -1.50
N GLU B 812 -47.43 1.55 -1.72
CA GLU B 812 -46.95 0.50 -2.61
C GLU B 812 -47.52 0.59 -4.01
N THR B 813 -48.50 1.47 -4.23
CA THR B 813 -49.09 1.60 -5.55
C THR B 813 -48.12 2.30 -6.52
N VAL B 814 -47.57 3.44 -6.11
CA VAL B 814 -46.73 4.25 -6.98
C VAL B 814 -45.35 3.62 -7.10
N PRO B 815 -44.71 3.72 -8.26
CA PRO B 815 -43.35 3.18 -8.40
C PRO B 815 -42.35 4.11 -7.75
N LEU B 816 -41.09 3.71 -7.83
CA LEU B 816 -40.04 4.43 -7.13
C LEU B 816 -39.76 5.77 -7.81
N PHE B 817 -39.57 5.75 -9.13
CA PHE B 817 -39.30 6.96 -9.89
C PHE B 817 -40.45 7.22 -10.83
N SER B 818 -40.54 8.47 -11.29
CA SER B 818 -41.62 8.86 -12.18
C SER B 818 -41.36 8.47 -13.62
N TRP B 819 -40.14 8.11 -13.95
CA TRP B 819 -39.80 7.72 -15.31
C TRP B 819 -39.78 6.21 -15.51
N TYR B 820 -40.50 5.45 -14.68
CA TYR B 820 -40.38 4.00 -14.77
C TYR B 820 -41.05 3.40 -15.99
N PHE B 821 -42.36 3.47 -16.08
CA PHE B 821 -43.04 2.78 -17.17
C PHE B 821 -43.49 3.80 -18.20
N PRO B 822 -42.85 3.88 -19.35
CA PRO B 822 -43.35 4.77 -20.40
C PRO B 822 -44.60 4.18 -21.03
N GLN B 823 -45.34 5.01 -21.74
CA GLN B 823 -46.68 4.64 -22.15
C GLN B 823 -46.89 4.80 -23.65
N GLY B 824 -45.86 5.14 -24.41
CA GLY B 824 -46.12 5.63 -25.73
C GLY B 824 -44.88 5.96 -26.51
N GLU B 825 -44.80 7.18 -27.03
CA GLU B 825 -43.58 7.64 -27.68
C GLU B 825 -42.38 7.70 -26.75
N GLU B 826 -42.59 7.79 -25.43
CA GLU B 826 -41.45 7.62 -24.54
C GLU B 826 -40.92 6.19 -24.55
N MET B 827 -41.79 5.20 -24.77
CA MET B 827 -41.33 3.82 -24.79
C MET B 827 -40.55 3.52 -26.05
N ARG B 828 -40.93 4.14 -27.16
CA ARG B 828 -40.20 3.92 -28.39
C ARG B 828 -38.87 4.64 -28.40
N GLN B 829 -38.74 5.72 -27.62
CA GLN B 829 -37.45 6.41 -27.58
C GLN B 829 -36.48 5.74 -26.62
N VAL B 830 -36.98 5.23 -25.50
CA VAL B 830 -36.13 4.55 -24.52
C VAL B 830 -35.50 3.29 -25.12
N VAL B 831 -36.26 2.56 -25.93
CA VAL B 831 -35.76 1.38 -26.62
C VAL B 831 -34.66 1.75 -27.61
N VAL B 832 -34.79 2.90 -28.26
CA VAL B 832 -33.73 3.35 -29.16
C VAL B 832 -32.51 3.80 -28.36
N LEU B 833 -32.70 4.35 -27.17
CA LEU B 833 -31.55 4.73 -26.36
C LEU B 833 -30.90 3.55 -25.66
N GLN B 834 -31.63 2.50 -25.28
CA GLN B 834 -30.91 1.40 -24.63
C GLN B 834 -30.20 0.53 -25.63
N ARG B 835 -30.71 0.40 -26.85
CA ARG B 835 -29.96 -0.30 -27.88
C ARG B 835 -28.73 0.47 -28.28
N ARG B 836 -28.77 1.80 -28.21
CA ARG B 836 -27.61 2.60 -28.57
C ARG B 836 -26.51 2.46 -27.54
N VAL B 837 -26.88 2.47 -26.26
CA VAL B 837 -25.90 2.41 -25.19
C VAL B 837 -25.31 1.01 -25.09
N VAL B 838 -26.15 0.00 -24.93
CA VAL B 838 -25.63 -1.30 -24.52
C VAL B 838 -25.11 -2.11 -25.69
N ASP B 839 -25.36 -1.71 -26.94
CA ASP B 839 -24.62 -2.31 -28.03
C ASP B 839 -23.22 -1.77 -28.14
N ASP B 840 -22.91 -0.68 -27.47
CA ASP B 840 -21.56 -0.19 -27.44
C ASP B 840 -20.89 -0.44 -26.11
N PHE B 841 -21.63 -0.92 -25.13
CA PHE B 841 -21.07 -1.66 -24.01
C PHE B 841 -20.58 -3.02 -24.46
N LEU B 842 -21.42 -3.77 -25.17
CA LEU B 842 -21.08 -5.13 -25.52
C LEU B 842 -20.04 -5.23 -26.62
N ASN B 843 -19.86 -4.20 -27.43
CA ASN B 843 -18.78 -4.25 -28.39
C ASN B 843 -17.44 -4.03 -27.73
N SER B 844 -17.38 -3.10 -26.79
CA SER B 844 -16.12 -2.75 -26.15
C SER B 844 -15.75 -3.69 -25.03
N ASN B 845 -16.52 -4.76 -24.82
CA ASN B 845 -16.06 -5.91 -24.06
C ASN B 845 -15.56 -7.02 -24.94
N ARG B 846 -16.10 -7.14 -26.15
CA ARG B 846 -15.61 -8.14 -27.06
C ARG B 846 -14.22 -7.80 -27.53
N VAL B 847 -13.94 -6.51 -27.71
CA VAL B 847 -12.61 -6.07 -28.10
C VAL B 847 -11.65 -6.18 -26.94
N ALA B 848 -12.06 -5.75 -25.75
CA ALA B 848 -11.17 -5.72 -24.61
C ALA B 848 -10.90 -7.08 -24.01
N LEU B 849 -11.73 -8.08 -24.26
CA LEU B 849 -11.36 -9.44 -23.90
C LEU B 849 -10.38 -10.03 -24.89
N PHE B 850 -10.55 -9.69 -26.16
CA PHE B 850 -9.69 -10.22 -27.20
C PHE B 850 -8.29 -9.67 -27.11
N ARG B 851 -8.15 -8.43 -26.66
CA ARG B 851 -6.84 -7.83 -26.50
C ARG B 851 -6.02 -8.55 -25.45
N GLU B 852 -6.66 -9.06 -24.39
CA GLU B 852 -5.97 -9.87 -23.39
C GLU B 852 -5.68 -11.27 -23.88
N LYS B 853 -6.41 -11.74 -24.89
CA LYS B 853 -6.03 -12.97 -25.56
C LYS B 853 -4.90 -12.74 -26.55
N LEU B 854 -4.83 -11.57 -27.15
CA LEU B 854 -3.74 -11.35 -28.08
C LEU B 854 -2.49 -10.91 -27.36
N ASN B 855 -2.58 -10.42 -26.12
CA ASN B 855 -1.36 -10.15 -25.37
C ASN B 855 -0.66 -11.45 -24.99
N ALA B 856 -1.36 -12.33 -24.30
CA ALA B 856 -0.74 -13.56 -23.80
C ALA B 856 -0.39 -14.53 -24.89
N GLU B 857 -1.00 -14.43 -26.06
CA GLU B 857 -0.78 -15.38 -27.15
C GLU B 857 -0.26 -14.67 -28.38
N LEU B 858 0.52 -13.63 -28.19
CA LEU B 858 1.10 -12.89 -29.29
C LEU B 858 2.20 -13.64 -30.06
N PRO B 859 3.13 -14.39 -29.46
CA PRO B 859 4.07 -15.14 -30.30
C PRO B 859 3.49 -16.33 -31.01
N ASN B 860 2.21 -16.64 -30.85
CA ASN B 860 1.58 -17.71 -31.59
C ASN B 860 0.87 -17.23 -32.83
N LEU B 861 0.48 -15.96 -32.85
CA LEU B 861 -0.06 -15.37 -34.07
C LEU B 861 1.05 -15.13 -35.07
N VAL B 862 2.19 -14.65 -34.59
CA VAL B 862 3.37 -14.43 -35.41
C VAL B 862 3.93 -15.76 -35.91
N HIS B 863 3.78 -16.81 -35.11
CA HIS B 863 4.26 -18.12 -35.55
C HIS B 863 3.31 -18.74 -36.56
N GLU B 864 2.02 -18.41 -36.51
CA GLU B 864 1.10 -18.89 -37.54
C GLU B 864 1.27 -18.16 -38.86
N MET B 865 1.81 -16.95 -38.84
CA MET B 865 2.08 -16.21 -40.07
C MET B 865 3.33 -16.72 -40.76
N LEU B 866 4.17 -17.46 -40.06
CA LEU B 866 5.35 -18.08 -40.63
C LEU B 866 5.17 -19.55 -40.88
N LYS B 867 4.20 -20.18 -40.22
CA LYS B 867 3.86 -21.58 -40.45
C LYS B 867 3.26 -21.79 -41.82
N GLN B 868 2.69 -20.75 -42.42
CA GLN B 868 2.15 -20.85 -43.76
C GLN B 868 3.26 -20.99 -44.80
N LYS B 869 4.45 -20.48 -44.50
CA LYS B 869 5.64 -20.82 -45.28
C LYS B 869 5.96 -22.31 -45.21
N GLY B 870 5.60 -22.95 -44.10
CA GLY B 870 5.75 -24.38 -43.96
C GLY B 870 4.77 -25.19 -44.79
N LYS B 871 3.49 -24.80 -44.82
CA LYS B 871 2.54 -25.59 -45.58
C LYS B 871 2.28 -25.02 -46.98
N GLY B 872 1.78 -23.79 -47.06
CA GLY B 872 1.37 -23.24 -48.34
C GLY B 872 1.48 -21.74 -48.50
N LYS C 17 49.31 8.61 -20.73
CA LYS C 17 48.69 9.87 -20.31
C LYS C 17 47.68 9.65 -19.19
N LYS C 18 46.91 10.70 -18.92
CA LYS C 18 45.80 10.61 -17.99
C LYS C 18 44.74 9.65 -18.53
N PRO C 19 44.00 8.98 -17.66
CA PRO C 19 42.97 8.06 -18.16
C PRO C 19 41.73 8.79 -18.64
N SER C 20 40.66 8.04 -18.94
CA SER C 20 39.42 8.65 -19.37
C SER C 20 38.68 9.23 -18.17
N ASP C 21 37.46 9.72 -18.42
CA ASP C 21 36.61 10.14 -17.32
C ASP C 21 36.13 8.93 -16.53
N TYR C 22 35.77 7.87 -17.26
CA TYR C 22 35.56 6.53 -16.71
C TYR C 22 36.83 5.97 -16.11
N GLY C 23 38.00 6.46 -16.53
CA GLY C 23 39.25 5.89 -16.06
C GLY C 23 39.48 6.11 -14.58
N CYS C 24 39.50 7.36 -14.15
CA CYS C 24 39.79 7.65 -12.75
C CYS C 24 38.60 7.42 -11.84
N GLN C 25 37.52 6.83 -12.32
CA GLN C 25 36.35 6.62 -11.50
C GLN C 25 36.11 5.15 -11.18
N LEU C 26 36.39 4.26 -12.12
CA LEU C 26 36.17 2.83 -11.93
C LEU C 26 37.42 1.99 -11.79
N HIS C 27 38.55 2.40 -12.35
CA HIS C 27 39.74 1.53 -12.35
C HIS C 27 40.29 1.31 -10.96
N TYR C 28 41.10 0.25 -10.83
CA TYR C 28 41.67 -0.16 -9.57
C TYR C 28 42.66 0.89 -9.09
N LYS C 29 42.45 1.37 -7.86
CA LYS C 29 43.08 2.60 -7.40
C LYS C 29 44.57 2.41 -7.14
N HIS C 30 44.92 1.35 -6.42
CA HIS C 30 46.24 1.25 -5.85
C HIS C 30 47.25 0.77 -6.89
N ALA C 31 48.51 0.76 -6.50
CA ALA C 31 49.60 0.28 -7.35
C ALA C 31 50.15 -1.02 -6.76
N ARG C 32 50.53 -1.94 -7.64
CA ARG C 32 50.90 -3.29 -7.25
C ARG C 32 52.08 -3.75 -8.10
N VAL C 33 52.53 -4.98 -7.86
CA VAL C 33 53.60 -5.58 -8.65
C VAL C 33 53.45 -7.09 -8.63
N LYS C 53 56.16 -31.83 5.24
CA LYS C 53 57.55 -31.58 5.56
C LYS C 53 58.15 -32.77 6.31
N GLY C 54 57.53 -33.94 6.15
CA GLY C 54 58.01 -35.13 6.82
C GLY C 54 56.92 -36.09 7.24
N THR C 55 55.69 -35.60 7.32
CA THR C 55 54.53 -36.44 7.57
C THR C 55 53.71 -36.57 6.30
N LEU C 56 52.78 -37.53 6.33
CA LEU C 56 51.89 -37.70 5.19
C LEU C 56 50.88 -36.58 5.11
N ILE C 57 50.59 -35.93 6.24
CA ILE C 57 49.64 -34.83 6.30
C ILE C 57 50.11 -33.65 5.46
N THR C 58 51.33 -33.19 5.69
CA THR C 58 51.80 -31.99 5.00
C THR C 58 52.36 -32.28 3.62
N ALA C 59 52.36 -33.54 3.20
CA ALA C 59 52.49 -33.84 1.78
C ALA C 59 51.14 -34.07 1.13
N ALA C 60 50.10 -34.30 1.94
CA ALA C 60 48.76 -34.38 1.41
C ALA C 60 48.19 -33.01 1.13
N GLU C 61 48.39 -32.08 2.05
CA GLU C 61 47.80 -30.76 1.90
C GLU C 61 48.46 -29.98 0.79
N LEU C 62 49.76 -30.16 0.61
CA LEU C 62 50.47 -29.46 -0.45
C LEU C 62 50.29 -30.16 -1.79
N GLY C 63 50.03 -31.46 -1.78
CA GLY C 63 49.70 -32.17 -3.00
C GLY C 63 50.84 -32.88 -3.67
N LEU C 64 51.94 -33.13 -2.98
CA LEU C 64 53.08 -33.82 -3.56
C LEU C 64 52.75 -35.30 -3.67
N VAL C 65 52.65 -35.80 -4.91
CA VAL C 65 52.19 -37.17 -5.11
C VAL C 65 53.30 -38.16 -4.77
N ASP C 66 54.50 -37.93 -5.32
CA ASP C 66 55.59 -38.87 -5.13
C ASP C 66 56.12 -38.85 -3.71
N LYS C 67 56.14 -37.67 -3.08
CA LYS C 67 56.57 -37.55 -1.69
C LYS C 67 55.57 -38.24 -0.77
N TYR C 68 54.30 -38.29 -1.15
CA TYR C 68 53.30 -39.07 -0.43
C TYR C 68 53.48 -40.56 -0.72
N ARG C 69 54.01 -40.91 -1.88
CA ARG C 69 54.20 -42.31 -2.22
C ARG C 69 55.44 -42.89 -1.55
N ASP C 70 56.50 -42.07 -1.42
CA ASP C 70 57.73 -42.53 -0.82
C ASP C 70 57.57 -42.72 0.68
N LEU C 71 56.99 -41.73 1.36
CA LEU C 71 56.88 -41.78 2.81
C LEU C 71 55.83 -42.77 3.27
N LYS C 72 54.92 -43.19 2.40
CA LYS C 72 54.00 -44.25 2.77
C LYS C 72 54.62 -45.63 2.59
N ARG C 73 55.67 -45.75 1.76
CA ARG C 73 56.43 -46.99 1.72
C ARG C 73 57.32 -47.16 2.94
N ALA C 74 57.57 -46.10 3.69
CA ALA C 74 57.96 -46.20 5.09
C ALA C 74 56.77 -46.11 6.03
N GLY C 75 55.71 -45.39 5.64
CA GLY C 75 54.42 -45.47 6.28
C GLY C 75 54.14 -44.52 7.42
N GLN C 76 54.31 -45.07 8.63
CA GLN C 76 53.99 -44.61 9.99
C GLN C 76 52.49 -44.66 10.28
N ASP C 77 51.65 -44.56 9.23
CA ASP C 77 50.23 -44.91 9.18
C ASP C 77 49.79 -44.60 7.75
N ILE C 78 48.49 -44.70 7.47
CA ILE C 78 47.86 -43.95 6.40
C ILE C 78 46.77 -43.02 6.93
N LEU C 79 46.33 -43.22 8.17
CA LEU C 79 45.40 -42.33 8.86
C LEU C 79 46.04 -41.68 10.07
N THR C 80 47.26 -41.14 9.91
CA THR C 80 47.87 -40.33 10.96
C THR C 80 47.03 -39.08 11.19
N CYS C 81 46.41 -38.99 12.35
CA CYS C 81 45.49 -37.91 12.65
C CYS C 81 46.12 -36.94 13.65
N ASP C 82 46.17 -35.66 13.27
CA ASP C 82 46.71 -34.65 14.16
C ASP C 82 45.73 -34.35 15.30
N TRP C 83 46.25 -33.69 16.33
CA TRP C 83 45.49 -33.73 17.59
C TRP C 83 44.29 -32.81 17.70
N PRO C 84 44.38 -31.47 17.61
CA PRO C 84 43.26 -30.65 18.11
C PRO C 84 42.03 -30.75 17.25
N TYR C 85 42.20 -31.02 15.97
CA TYR C 85 41.15 -31.37 15.04
C TYR C 85 41.53 -32.69 14.39
N HIS C 86 40.57 -33.61 14.31
CA HIS C 86 40.85 -35.03 14.12
C HIS C 86 40.83 -35.38 12.63
N TYR C 87 41.81 -34.83 11.91
CA TYR C 87 41.91 -34.97 10.47
C TYR C 87 42.92 -36.03 10.08
N SER C 88 42.49 -36.98 9.24
CA SER C 88 43.39 -37.99 8.71
C SER C 88 44.21 -37.40 7.57
N SER C 89 45.04 -38.22 6.95
CA SER C 89 45.79 -37.79 5.77
C SER C 89 44.92 -37.78 4.53
N ILE C 90 43.78 -38.46 4.58
CA ILE C 90 42.81 -38.36 3.49
C ILE C 90 42.13 -37.01 3.52
N LEU C 91 41.65 -36.60 4.68
CA LEU C 91 40.85 -35.39 4.82
C LEU C 91 41.66 -34.10 4.74
N TYR C 92 42.94 -34.15 4.39
CA TYR C 92 43.62 -32.96 3.92
C TYR C 92 43.70 -32.89 2.41
N ALA C 93 43.58 -34.02 1.72
CA ALA C 93 43.41 -33.93 0.28
C ALA C 93 42.04 -33.38 -0.06
N CYS C 94 41.00 -33.86 0.62
CA CYS C 94 39.65 -33.32 0.47
C CYS C 94 39.58 -31.87 0.92
N TYR C 95 40.37 -31.51 1.91
CA TYR C 95 40.44 -30.12 2.37
C TYR C 95 41.05 -29.22 1.31
N GLY C 96 42.30 -29.47 0.95
CA GLY C 96 42.99 -28.56 0.07
C GLY C 96 42.94 -28.86 -1.41
N ASN C 97 41.91 -29.59 -1.85
CA ASN C 97 41.57 -29.79 -3.26
C ASN C 97 42.67 -30.54 -4.01
N GLN C 98 43.02 -31.72 -3.50
CA GLN C 98 43.85 -32.66 -4.24
C GLN C 98 43.05 -33.95 -4.42
N TYR C 99 42.35 -34.03 -5.54
CA TYR C 99 41.79 -35.30 -5.97
C TYR C 99 42.87 -36.24 -6.50
N LYS C 100 44.07 -35.73 -6.76
CA LYS C 100 45.15 -36.54 -7.31
C LYS C 100 45.56 -37.65 -6.34
N ILE C 101 45.89 -37.28 -5.12
CA ILE C 101 46.38 -38.29 -4.18
C ILE C 101 45.26 -39.04 -3.48
N LEU C 102 43.99 -38.64 -3.69
CA LEU C 102 42.90 -39.51 -3.32
C LEU C 102 42.72 -40.62 -4.34
N GLN C 103 43.18 -40.36 -5.56
CA GLN C 103 43.06 -41.29 -6.65
C GLN C 103 44.22 -42.26 -6.71
N MET C 104 45.36 -41.85 -6.15
CA MET C 104 46.49 -42.76 -6.04
C MET C 104 46.20 -43.84 -5.00
N VAL C 105 45.64 -43.45 -3.86
CA VAL C 105 45.27 -44.39 -2.81
C VAL C 105 44.19 -45.34 -3.28
N GLU C 106 43.26 -44.86 -4.10
CA GLU C 106 42.22 -45.72 -4.64
C GLU C 106 42.78 -46.69 -5.67
N ARG C 107 43.90 -46.38 -6.29
CA ARG C 107 44.54 -47.31 -7.21
C ARG C 107 45.63 -48.13 -6.54
N GLU C 108 46.52 -47.49 -5.78
CA GLU C 108 47.67 -48.22 -5.24
C GLU C 108 47.28 -48.99 -3.98
N PHE C 109 46.92 -48.27 -2.92
CA PHE C 109 46.91 -48.84 -1.57
C PHE C 109 45.50 -49.17 -1.10
N VAL C 110 44.80 -50.05 -1.79
CA VAL C 110 43.48 -50.46 -1.33
C VAL C 110 43.24 -51.91 -1.73
N GLY C 111 42.46 -52.61 -0.92
CA GLY C 111 42.17 -54.01 -1.16
C GLY C 111 40.76 -54.30 -1.60
N SER C 112 39.79 -53.56 -1.06
CA SER C 112 38.39 -53.90 -1.29
C SER C 112 37.56 -52.63 -1.18
N THR C 113 36.26 -52.76 -1.44
CA THR C 113 35.32 -51.66 -1.24
C THR C 113 35.20 -51.31 0.23
N GLN C 114 35.16 -52.33 1.09
CA GLN C 114 34.99 -52.15 2.52
C GLN C 114 36.18 -51.48 3.20
N GLU C 115 37.35 -51.51 2.55
CA GLU C 115 38.52 -50.84 3.10
C GLU C 115 38.61 -49.39 2.65
N LEU C 116 38.08 -49.08 1.46
CA LEU C 116 38.11 -47.71 0.94
C LEU C 116 37.14 -46.81 1.66
N THR C 117 35.95 -47.32 1.99
CA THR C 117 34.95 -46.50 2.68
C THR C 117 35.32 -46.25 4.12
N ALA C 118 36.19 -47.05 4.71
CA ALA C 118 36.66 -46.76 6.05
C ALA C 118 37.62 -45.57 6.06
N MET C 119 38.16 -45.21 4.90
CA MET C 119 39.07 -44.09 4.79
C MET C 119 38.33 -42.77 4.57
N HIS C 120 37.31 -42.79 3.73
CA HIS C 120 36.52 -41.59 3.50
C HIS C 120 35.55 -41.30 4.64
N THR C 121 35.07 -42.33 5.33
CA THR C 121 34.21 -42.11 6.49
C THR C 121 34.99 -42.07 7.79
N THR C 122 36.08 -41.32 7.84
CA THR C 122 36.86 -41.14 9.05
C THR C 122 36.56 -39.72 9.51
N ARG C 123 35.73 -39.60 10.53
CA ARG C 123 35.14 -38.32 10.87
C ARG C 123 36.16 -37.37 11.45
N CYS C 124 35.88 -36.08 11.29
CA CYS C 124 36.65 -35.00 11.89
C CYS C 124 36.32 -34.91 13.38
N TRP C 125 36.84 -33.89 14.05
CA TRP C 125 36.42 -33.72 15.44
C TRP C 125 35.03 -33.12 15.51
N VAL C 126 34.59 -32.44 14.45
CA VAL C 126 33.21 -32.02 14.32
C VAL C 126 32.36 -33.14 13.77
N GLY C 127 32.91 -33.95 12.87
CA GLY C 127 32.18 -35.10 12.41
C GLY C 127 32.03 -35.15 10.92
N LYS C 128 32.92 -34.49 10.20
CA LYS C 128 32.82 -34.40 8.75
C LYS C 128 33.50 -35.60 8.12
N ASN C 129 32.87 -36.20 7.12
CA ASN C 129 33.51 -37.26 6.36
C ASN C 129 34.20 -36.65 5.15
N SER C 130 34.55 -37.46 4.16
CA SER C 130 35.29 -36.94 3.03
C SER C 130 34.44 -36.05 2.13
N ALA C 131 33.15 -36.35 2.02
CA ALA C 131 32.29 -35.57 1.14
C ALA C 131 31.81 -34.29 1.76
N MET C 132 31.82 -34.16 3.09
CA MET C 132 31.42 -32.90 3.69
C MET C 132 32.50 -31.86 3.50
N VAL C 133 33.76 -32.23 3.78
CA VAL C 133 34.92 -31.32 3.74
C VAL C 133 35.14 -30.77 2.34
N ALA C 134 34.83 -31.56 1.32
CA ALA C 134 34.91 -31.07 -0.04
C ALA C 134 33.71 -30.21 -0.43
N ALA C 135 32.62 -30.27 0.32
CA ALA C 135 31.46 -29.41 0.12
C ALA C 135 31.34 -28.33 1.17
N TYR C 136 32.00 -28.49 2.31
CA TYR C 136 32.17 -27.46 3.33
C TYR C 136 32.84 -26.22 2.79
N GLN C 137 33.63 -26.36 1.73
CA GLN C 137 34.22 -25.25 1.01
C GLN C 137 34.35 -25.67 -0.44
N GLY C 138 34.24 -24.69 -1.34
CA GLY C 138 34.00 -25.01 -2.74
C GLY C 138 35.16 -25.67 -3.43
N HIS C 139 35.05 -26.97 -3.60
CA HIS C 139 36.08 -27.78 -4.21
C HIS C 139 35.41 -28.74 -5.19
N LEU C 140 34.78 -28.18 -6.23
CA LEU C 140 34.30 -28.95 -7.38
C LEU C 140 35.18 -30.11 -7.81
N GLU C 141 36.48 -29.87 -7.97
CA GLU C 141 37.34 -30.89 -8.55
C GLU C 141 37.54 -32.08 -7.63
N THR C 142 37.35 -31.89 -6.33
CA THR C 142 37.34 -33.00 -5.40
C THR C 142 35.96 -33.60 -5.26
N MET C 143 34.91 -32.76 -5.23
CA MET C 143 33.54 -33.26 -5.15
C MET C 143 33.17 -34.09 -6.36
N LEU C 144 33.67 -33.72 -7.53
CA LEU C 144 33.39 -34.52 -8.71
C LEU C 144 34.15 -35.83 -8.70
N TYR C 145 35.24 -35.93 -7.96
CA TYR C 145 35.90 -37.22 -7.83
C TYR C 145 35.11 -38.14 -6.92
N ILE C 146 34.58 -37.62 -5.82
CA ILE C 146 33.86 -38.44 -4.85
C ILE C 146 32.53 -38.90 -5.43
N ILE C 147 31.86 -38.03 -6.17
CA ILE C 147 30.60 -38.40 -6.81
C ILE C 147 30.82 -39.45 -7.88
N ASP C 148 31.90 -39.32 -8.65
CA ASP C 148 32.26 -40.33 -9.64
C ASP C 148 32.63 -41.65 -8.98
N LEU C 149 33.19 -41.60 -7.78
CA LEU C 149 33.39 -42.82 -7.00
C LEU C 149 32.10 -43.36 -6.43
N ASP C 150 31.04 -42.57 -6.44
CA ASP C 150 29.76 -42.99 -5.90
C ASP C 150 28.78 -43.42 -6.97
N MET C 151 28.88 -42.85 -8.18
CA MET C 151 28.10 -43.34 -9.31
C MET C 151 28.54 -44.74 -9.72
N GLN C 152 29.84 -45.02 -9.61
CA GLN C 152 30.39 -46.30 -10.00
C GLN C 152 30.16 -47.39 -8.98
N GLY C 153 29.62 -47.05 -7.82
CA GLY C 153 29.31 -48.05 -6.82
C GLY C 153 30.49 -48.55 -6.05
N LYS C 154 31.56 -47.78 -5.95
CA LYS C 154 32.76 -48.17 -5.21
C LYS C 154 32.68 -47.81 -3.75
N PHE C 155 31.50 -47.51 -3.23
CA PHE C 155 31.30 -47.31 -1.81
C PHE C 155 30.38 -48.39 -1.25
N THR C 156 30.17 -48.32 0.06
CA THR C 156 29.26 -49.22 0.73
C THR C 156 28.27 -48.50 1.64
N GLU C 157 28.39 -47.18 1.80
CA GLU C 157 27.47 -46.39 2.58
C GLU C 157 27.10 -45.15 1.80
N ASP C 158 25.92 -44.60 2.08
CA ASP C 158 25.51 -43.37 1.40
C ASP C 158 26.31 -42.24 2.02
N LEU C 159 27.37 -41.84 1.34
CA LEU C 159 28.33 -40.91 1.89
C LEU C 159 27.79 -39.49 1.96
N PHE C 160 26.74 -39.20 1.19
CA PHE C 160 26.18 -37.86 1.09
C PHE C 160 24.90 -37.72 1.91
N LYS C 161 24.63 -38.70 2.76
CA LYS C 161 23.40 -38.71 3.54
C LYS C 161 23.73 -38.75 5.02
N GLN C 162 24.99 -38.96 5.37
CA GLN C 162 25.46 -38.94 6.75
C GLN C 162 25.40 -37.53 7.30
N ARG C 163 25.38 -37.44 8.63
CA ARG C 163 25.28 -36.19 9.34
C ARG C 163 26.55 -35.97 10.16
N ASP C 164 26.58 -34.87 10.89
CA ASP C 164 27.66 -34.58 11.82
C ASP C 164 27.05 -34.24 13.17
N VAL C 165 27.86 -33.61 14.03
CA VAL C 165 27.40 -33.13 15.34
C VAL C 165 26.19 -32.21 15.19
N MET C 166 26.21 -31.29 14.23
CA MET C 166 25.08 -30.39 14.09
C MET C 166 23.96 -30.94 13.23
N GLY C 167 24.07 -32.17 12.75
CA GLY C 167 23.04 -32.66 11.86
C GLY C 167 23.12 -32.08 10.47
N LYS C 168 24.21 -31.42 10.12
CA LYS C 168 24.38 -30.91 8.78
C LYS C 168 24.72 -32.04 7.83
N ASN C 169 24.68 -31.74 6.55
CA ASN C 169 24.82 -32.72 5.49
C ASN C 169 25.89 -32.22 4.55
N ALA C 170 26.29 -33.04 3.58
CA ALA C 170 27.17 -32.54 2.53
C ALA C 170 26.45 -31.54 1.65
N MET C 171 25.17 -31.76 1.41
CA MET C 171 24.34 -30.81 0.69
C MET C 171 23.93 -29.63 1.55
N MET C 172 23.92 -29.80 2.88
CA MET C 172 23.59 -28.72 3.78
C MET C 172 24.79 -27.91 4.20
N TRP C 173 26.02 -28.39 3.99
CA TRP C 173 27.17 -27.52 4.16
C TRP C 173 27.40 -26.66 2.93
N ALA C 174 27.23 -27.22 1.74
CA ALA C 174 27.48 -26.47 0.54
C ALA C 174 26.40 -25.42 0.30
N ALA C 175 25.23 -25.58 0.88
CA ALA C 175 24.19 -24.56 0.77
C ALA C 175 24.33 -23.51 1.86
N SER C 176 24.83 -23.88 3.02
CA SER C 176 25.01 -22.95 4.12
C SER C 176 26.14 -21.97 3.84
N GLN C 177 27.26 -22.47 3.33
CA GLN C 177 28.37 -21.62 2.97
C GLN C 177 28.09 -20.86 1.68
N GLY C 178 27.32 -21.45 0.79
CA GLY C 178 26.92 -20.77 -0.41
C GLY C 178 27.75 -21.09 -1.62
N HIS C 179 28.39 -22.24 -1.68
CA HIS C 179 29.22 -22.56 -2.84
C HIS C 179 28.32 -23.08 -3.92
N THR C 180 27.84 -22.15 -4.75
CA THR C 180 26.79 -22.41 -5.72
C THR C 180 27.23 -23.31 -6.85
N ASP C 181 28.52 -23.54 -7.01
CA ASP C 181 29.00 -24.44 -8.04
C ASP C 181 29.12 -25.89 -7.58
N THR C 182 29.20 -26.14 -6.27
CA THR C 182 29.08 -27.50 -5.78
C THR C 182 27.67 -27.86 -5.36
N ILE C 183 26.76 -26.89 -5.32
CA ILE C 183 25.38 -27.19 -5.06
C ILE C 183 24.74 -27.83 -6.28
N GLU C 184 25.03 -27.27 -7.47
CA GLU C 184 24.48 -27.83 -8.72
C GLU C 184 24.98 -29.24 -8.96
N VAL C 185 26.25 -29.48 -8.67
CA VAL C 185 26.82 -30.82 -8.81
C VAL C 185 26.18 -31.78 -7.82
N LEU C 186 25.74 -31.29 -6.67
CA LEU C 186 24.94 -32.12 -5.78
C LEU C 186 23.47 -32.17 -6.18
N LEU C 187 22.98 -31.19 -6.93
CA LEU C 187 21.61 -31.28 -7.44
C LEU C 187 21.51 -32.28 -8.56
N VAL C 188 22.50 -32.32 -9.45
CA VAL C 188 22.46 -33.22 -10.60
C VAL C 188 22.62 -34.66 -10.14
N ARG C 189 23.34 -34.88 -9.05
CA ARG C 189 23.46 -36.23 -8.53
C ARG C 189 22.15 -36.72 -7.93
N SER C 190 21.42 -35.87 -7.22
CA SER C 190 20.16 -36.31 -6.64
C SER C 190 19.03 -36.34 -7.65
N LEU C 191 19.19 -35.71 -8.80
CA LEU C 191 18.20 -35.85 -9.88
C LEU C 191 18.49 -37.11 -10.69
N TYR C 192 19.76 -37.44 -10.87
CA TYR C 192 20.14 -38.69 -11.52
C TYR C 192 19.73 -39.88 -10.68
N ARG C 193 19.89 -39.79 -9.38
CA ARG C 193 19.69 -40.93 -8.50
C ARG C 193 18.21 -41.20 -8.27
N LEU C 194 17.35 -40.24 -8.61
CA LEU C 194 15.91 -40.44 -8.62
C LEU C 194 15.48 -41.40 -9.71
N LEU C 195 16.05 -41.27 -10.89
CA LEU C 195 15.65 -42.09 -12.04
C LEU C 195 16.17 -43.51 -11.88
N PRO C 196 15.33 -44.52 -12.12
CA PRO C 196 15.77 -45.90 -11.89
C PRO C 196 16.66 -46.39 -13.02
N GLU C 197 17.70 -47.13 -12.65
CA GLU C 197 18.64 -47.65 -13.63
C GLU C 197 18.19 -48.97 -14.22
N ASP C 198 17.11 -49.56 -13.71
CA ASP C 198 16.68 -50.87 -14.14
C ASP C 198 15.73 -50.82 -15.32
N CYS C 199 14.92 -49.77 -15.42
CA CYS C 199 13.98 -49.65 -16.53
C CYS C 199 14.71 -49.29 -17.81
N ALA C 200 14.15 -49.71 -18.95
CA ALA C 200 14.72 -49.44 -20.26
C ALA C 200 13.63 -48.84 -21.13
N ASP C 201 13.47 -47.53 -21.02
CA ASP C 201 12.57 -46.73 -21.83
C ASP C 201 13.45 -45.69 -22.51
N PRO C 202 13.19 -45.36 -23.79
CA PRO C 202 14.15 -44.52 -24.52
C PRO C 202 14.22 -43.07 -24.04
N LEU C 203 13.26 -42.60 -23.26
CA LEU C 203 13.30 -41.24 -22.76
C LEU C 203 13.70 -41.17 -21.29
N VAL C 204 13.76 -42.31 -20.60
CA VAL C 204 14.36 -42.35 -19.27
C VAL C 204 15.84 -42.75 -19.36
N LEU C 205 16.30 -43.23 -20.51
CA LEU C 205 17.72 -43.43 -20.74
C LEU C 205 18.38 -42.24 -21.41
N LYS C 206 17.61 -41.40 -22.10
CA LYS C 206 18.20 -40.21 -22.67
C LYS C 206 18.49 -39.18 -21.59
N THR C 207 17.54 -38.97 -20.69
CA THR C 207 17.72 -37.98 -19.65
C THR C 207 18.58 -38.43 -18.50
N ARG C 208 18.94 -39.71 -18.43
CA ARG C 208 20.03 -40.09 -17.54
C ARG C 208 21.37 -39.83 -18.20
N TRP C 209 21.43 -39.94 -19.53
CA TRP C 209 22.65 -39.59 -20.22
C TRP C 209 22.86 -38.08 -20.22
N LYS C 210 21.79 -37.30 -20.22
CA LYS C 210 21.91 -35.86 -20.24
C LYS C 210 22.01 -35.23 -18.86
N LEU C 211 21.98 -36.02 -17.80
CA LEU C 211 22.37 -35.50 -16.50
C LEU C 211 23.81 -35.85 -16.17
N VAL C 212 24.26 -37.04 -16.54
CA VAL C 212 25.64 -37.43 -16.24
C VAL C 212 26.60 -36.67 -17.13
N SER C 213 26.25 -36.49 -18.41
CA SER C 213 27.09 -35.70 -19.30
C SER C 213 27.00 -34.21 -19.02
N LEU C 214 26.11 -33.77 -18.14
CA LEU C 214 26.18 -32.42 -17.61
C LEU C 214 27.27 -32.30 -16.56
N LEU C 215 27.67 -33.40 -15.95
CA LEU C 215 28.75 -33.46 -14.97
C LEU C 215 30.08 -33.81 -15.60
N ALA C 216 30.08 -34.67 -16.62
CA ALA C 216 31.31 -35.01 -17.30
C ALA C 216 31.81 -33.87 -18.15
N ASP C 217 30.92 -33.06 -18.70
CA ASP C 217 31.33 -31.82 -19.35
C ASP C 217 31.58 -30.70 -18.35
N LEU C 218 31.20 -30.91 -17.09
CA LEU C 218 31.48 -29.91 -16.06
C LEU C 218 32.91 -30.02 -15.59
N ALA C 219 33.45 -31.24 -15.52
CA ALA C 219 34.86 -31.36 -15.17
C ALA C 219 35.72 -31.11 -16.40
N SER C 220 35.79 -32.09 -17.32
CA SER C 220 36.26 -31.97 -18.71
C SER C 220 37.72 -31.56 -18.90
N HIS C 221 38.28 -30.89 -17.91
CA HIS C 221 39.68 -30.71 -17.64
C HIS C 221 39.99 -31.60 -16.45
N CYS C 222 41.11 -31.35 -15.78
CA CYS C 222 41.50 -32.00 -14.52
C CYS C 222 41.65 -33.51 -14.70
N ARG C 223 42.69 -33.84 -15.45
CA ARG C 223 43.06 -35.23 -15.74
C ARG C 223 43.66 -35.88 -14.49
N ASP C 224 43.96 -37.17 -14.58
CA ASP C 224 44.41 -37.92 -13.41
C ASP C 224 45.90 -37.70 -13.17
N TYR C 225 46.42 -38.35 -12.11
CA TYR C 225 47.79 -38.09 -11.70
C TYR C 225 48.81 -38.79 -12.58
N ASP C 226 48.46 -39.93 -13.16
CA ASP C 226 49.32 -40.60 -14.10
C ASP C 226 49.36 -39.82 -15.40
N PRO C 227 50.54 -39.38 -15.86
CA PRO C 227 50.61 -38.67 -17.15
C PRO C 227 50.55 -39.60 -18.36
N GLY C 228 50.34 -40.89 -18.14
CA GLY C 228 50.28 -41.88 -19.20
C GLY C 228 48.85 -42.17 -19.55
N CYS C 229 48.29 -43.23 -18.96
CA CYS C 229 46.89 -43.56 -19.15
C CYS C 229 46.01 -42.46 -18.59
N SER C 230 45.47 -41.64 -19.48
CA SER C 230 44.68 -40.47 -19.10
C SER C 230 43.26 -40.68 -19.59
N ARG C 231 42.30 -40.41 -18.71
CA ARG C 231 40.90 -40.67 -18.99
C ARG C 231 40.07 -39.64 -18.23
N SER C 232 38.84 -39.43 -18.69
CA SER C 232 37.98 -38.41 -18.12
C SER C 232 37.39 -38.91 -16.81
N PHE C 233 36.63 -38.06 -16.11
CA PHE C 233 36.10 -38.51 -14.82
C PHE C 233 34.99 -39.52 -14.94
N PHE C 234 33.97 -39.24 -15.75
CA PHE C 234 32.79 -40.10 -15.75
C PHE C 234 32.85 -41.12 -16.87
N GLN C 235 34.03 -41.69 -17.05
CA GLN C 235 34.28 -42.68 -18.10
C GLN C 235 33.43 -43.95 -17.90
N GLU C 236 33.44 -44.48 -16.68
CA GLU C 236 32.76 -45.76 -16.47
C GLU C 236 31.27 -45.62 -16.20
N VAL C 237 30.73 -44.42 -16.26
CA VAL C 237 29.31 -44.19 -15.99
C VAL C 237 28.55 -43.88 -17.26
N LEU C 238 29.13 -43.07 -18.16
CA LEU C 238 28.52 -42.92 -19.48
C LEU C 238 28.66 -44.17 -20.32
N ALA C 239 29.61 -45.04 -20.01
CA ALA C 239 29.76 -46.28 -20.76
C ALA C 239 28.62 -47.24 -20.47
N SER C 240 28.25 -47.37 -19.21
CA SER C 240 27.23 -48.33 -18.80
C SER C 240 25.85 -47.68 -18.74
N ILE C 241 25.43 -47.06 -19.83
CA ILE C 241 24.13 -46.40 -19.84
C ILE C 241 23.29 -46.76 -21.05
N LYS C 242 23.88 -47.35 -22.10
CA LYS C 242 23.21 -47.91 -23.27
C LYS C 242 22.35 -46.87 -23.99
N TYR C 243 23.02 -45.87 -24.53
CA TYR C 243 22.37 -44.82 -25.28
C TYR C 243 23.34 -44.29 -26.32
N ASP C 244 22.96 -44.41 -27.60
CA ASP C 244 23.73 -43.84 -28.69
C ASP C 244 22.99 -42.62 -29.21
N PRO C 245 23.57 -41.43 -29.09
CA PRO C 245 22.86 -40.22 -29.55
C PRO C 245 22.74 -40.11 -31.06
N VAL C 246 21.51 -40.27 -31.56
CA VAL C 246 21.23 -40.11 -32.97
C VAL C 246 20.74 -38.70 -33.24
N ALA C 324 31.41 -22.23 -28.39
CA ALA C 324 30.67 -21.19 -27.70
C ALA C 324 29.32 -21.71 -27.24
N VAL C 325 29.32 -22.41 -26.11
CA VAL C 325 28.07 -22.85 -25.52
C VAL C 325 27.44 -21.72 -24.73
N LYS C 326 26.15 -21.85 -24.47
CA LYS C 326 25.42 -20.87 -23.69
C LYS C 326 25.32 -21.35 -22.26
N LEU C 327 24.92 -20.46 -21.36
CA LEU C 327 24.64 -20.89 -20.00
C LEU C 327 23.22 -21.39 -19.83
N LYS C 328 22.53 -21.66 -20.94
CA LYS C 328 21.33 -22.47 -20.94
C LYS C 328 21.66 -23.95 -21.05
N ASP C 329 22.91 -24.30 -21.39
CA ASP C 329 23.31 -25.65 -21.72
C ASP C 329 24.25 -26.30 -20.73
N VAL C 330 24.73 -25.58 -19.72
CA VAL C 330 25.64 -26.13 -18.73
C VAL C 330 25.10 -25.98 -17.31
N HIS C 331 23.83 -25.65 -17.16
CA HIS C 331 23.21 -25.52 -15.86
C HIS C 331 21.89 -26.26 -15.89
N ILE C 332 21.34 -26.59 -14.72
CA ILE C 332 20.01 -27.16 -14.69
C ILE C 332 19.00 -26.03 -14.84
N THR C 333 18.25 -26.06 -15.92
CA THR C 333 17.24 -25.06 -16.18
C THR C 333 15.87 -25.71 -16.10
N VAL C 334 14.85 -24.94 -16.45
CA VAL C 334 13.49 -25.39 -16.26
C VAL C 334 13.10 -26.46 -17.27
N ARG C 335 13.76 -26.51 -18.41
CA ARG C 335 13.51 -27.61 -19.33
C ARG C 335 14.26 -28.87 -18.95
N THR C 336 15.13 -28.79 -17.95
CA THR C 336 15.83 -29.96 -17.43
C THR C 336 15.05 -30.63 -16.31
N LEU C 337 14.34 -29.84 -15.49
CA LEU C 337 13.43 -30.43 -14.52
C LEU C 337 12.26 -31.11 -15.20
N GLN C 338 11.74 -30.51 -16.26
CA GLN C 338 10.64 -31.12 -17.03
C GLN C 338 11.05 -32.42 -17.69
N GLY C 339 12.33 -32.58 -18.02
CA GLY C 339 12.79 -33.87 -18.49
C GLY C 339 12.89 -34.92 -17.40
N VAL C 340 12.88 -34.50 -16.13
CA VAL C 340 12.93 -35.45 -15.03
C VAL C 340 11.53 -35.82 -14.55
N ILE C 341 10.61 -34.84 -14.51
CA ILE C 341 9.24 -35.11 -14.06
C ILE C 341 8.53 -36.02 -15.03
N VAL C 342 8.83 -35.93 -16.33
CA VAL C 342 8.24 -36.86 -17.28
C VAL C 342 8.88 -38.23 -17.14
N SER C 343 10.21 -38.28 -17.12
CA SER C 343 10.91 -39.56 -17.11
C SER C 343 10.79 -40.28 -15.79
N ALA C 344 10.49 -39.59 -14.71
CA ALA C 344 10.13 -40.30 -13.48
C ALA C 344 8.73 -40.86 -13.59
N TYR C 345 7.85 -40.14 -14.26
CA TYR C 345 6.50 -40.62 -14.46
C TYR C 345 6.45 -41.70 -15.53
N ARG C 346 7.26 -41.57 -16.57
CA ARG C 346 7.31 -42.57 -17.62
C ARG C 346 7.89 -43.88 -17.10
N ALA C 347 8.80 -43.82 -16.14
CA ALA C 347 9.37 -45.01 -15.54
C ALA C 347 8.51 -45.57 -14.42
N GLY C 348 7.49 -44.86 -13.99
CA GLY C 348 6.55 -45.37 -13.03
C GLY C 348 6.90 -44.90 -11.64
N MET C 349 6.28 -43.80 -11.23
CA MET C 349 6.45 -43.09 -9.97
C MET C 349 5.31 -42.09 -9.89
N ASN C 350 5.03 -41.63 -8.69
CA ASN C 350 3.92 -40.71 -8.51
C ASN C 350 4.35 -39.35 -9.00
N CYS C 351 3.68 -38.85 -10.04
CA CYS C 351 4.08 -37.55 -10.59
C CYS C 351 3.77 -36.40 -9.65
N MET C 352 2.81 -36.56 -8.75
CA MET C 352 2.61 -35.56 -7.72
C MET C 352 3.70 -35.62 -6.67
N GLY C 353 4.32 -36.79 -6.49
CA GLY C 353 5.35 -36.92 -5.48
C GLY C 353 6.74 -36.58 -5.98
N VAL C 354 6.99 -36.75 -7.27
CA VAL C 354 8.26 -36.34 -7.85
C VAL C 354 8.36 -34.82 -7.88
N ILE C 355 7.23 -34.13 -8.05
CA ILE C 355 7.24 -32.68 -8.00
C ILE C 355 7.46 -32.17 -6.57
N MET C 356 6.86 -32.84 -5.58
CA MET C 356 7.13 -32.44 -4.20
C MET C 356 8.54 -32.80 -3.76
N TYR C 357 9.14 -33.84 -4.35
CA TYR C 357 10.48 -34.21 -3.93
C TYR C 357 11.53 -33.32 -4.56
N CYS C 358 11.42 -33.07 -5.86
CA CYS C 358 12.32 -32.14 -6.55
C CYS C 358 12.16 -30.72 -6.05
N GLN C 359 11.03 -30.38 -5.47
CA GLN C 359 10.89 -29.06 -4.86
C GLN C 359 11.67 -28.98 -3.58
N SER C 360 11.61 -30.01 -2.75
CA SER C 360 12.30 -29.97 -1.47
C SER C 360 13.78 -30.29 -1.59
N LEU C 361 14.25 -30.67 -2.77
CA LEU C 361 15.68 -30.61 -3.06
C LEU C 361 16.13 -29.19 -3.28
N LEU C 362 15.32 -28.40 -3.96
CA LEU C 362 15.68 -27.05 -4.38
C LEU C 362 15.37 -26.00 -3.33
N GLN C 363 14.59 -26.33 -2.31
CA GLN C 363 14.48 -25.46 -1.15
C GLN C 363 15.63 -25.67 -0.19
N GLN C 364 16.31 -26.79 -0.28
CA GLN C 364 17.46 -27.06 0.56
C GLN C 364 18.70 -26.33 0.08
N ALA C 365 18.71 -25.93 -1.18
CA ALA C 365 19.86 -25.31 -1.82
C ALA C 365 19.95 -23.82 -1.62
N ARG C 366 18.84 -23.13 -1.32
CA ARG C 366 18.78 -21.72 -0.92
C ARG C 366 19.18 -20.73 -2.00
N TYR C 367 19.68 -21.19 -3.14
CA TYR C 367 20.12 -20.32 -4.22
C TYR C 367 19.40 -20.62 -5.52
N PHE C 368 18.30 -21.35 -5.48
CA PHE C 368 17.54 -21.67 -6.67
C PHE C 368 16.09 -21.33 -6.44
N ASP C 369 15.83 -20.13 -5.92
CA ASP C 369 14.48 -19.67 -5.66
C ASP C 369 13.73 -19.25 -6.91
N ASP C 370 14.33 -19.29 -8.08
CA ASP C 370 13.59 -19.13 -9.33
C ASP C 370 13.11 -20.46 -9.89
N LEU C 371 13.66 -21.57 -9.41
CA LEU C 371 13.20 -22.92 -9.75
C LEU C 371 12.26 -23.50 -8.71
N VAL C 372 12.34 -23.06 -7.47
CA VAL C 372 11.35 -23.44 -6.47
C VAL C 372 10.00 -22.85 -6.81
N ALA C 373 9.97 -21.64 -7.34
CA ALA C 373 8.72 -20.99 -7.68
C ALA C 373 8.09 -21.56 -8.93
N GLN C 374 8.87 -22.27 -9.75
CA GLN C 374 8.29 -22.97 -10.89
C GLN C 374 7.73 -24.31 -10.48
N LEU C 375 8.44 -25.04 -9.65
CA LEU C 375 7.97 -26.35 -9.20
C LEU C 375 6.76 -26.24 -8.31
N THR C 376 6.64 -25.15 -7.56
CA THR C 376 5.40 -24.87 -6.85
C THR C 376 4.28 -24.59 -7.83
N ALA C 377 4.57 -23.90 -8.91
CA ALA C 377 3.55 -23.58 -9.89
C ALA C 377 3.18 -24.75 -10.77
N TRP C 378 3.83 -25.90 -10.60
CA TRP C 378 3.42 -27.14 -11.24
C TRP C 378 2.69 -28.07 -10.31
N GLU C 379 2.86 -27.93 -9.01
CA GLU C 379 2.07 -28.73 -8.10
C GLU C 379 0.75 -28.07 -7.78
N VAL C 380 0.48 -26.92 -8.39
CA VAL C 380 -0.79 -26.22 -8.27
C VAL C 380 -1.43 -26.29 -9.64
N LYS C 381 -0.63 -26.50 -10.69
CA LYS C 381 -1.18 -26.72 -12.01
C LYS C 381 -1.63 -28.16 -12.21
N LEU C 382 -0.87 -29.11 -11.67
CA LEU C 382 -1.31 -30.49 -11.70
C LEU C 382 -2.45 -30.72 -10.75
N LEU C 383 -2.56 -29.91 -9.71
CA LEU C 383 -3.55 -30.20 -8.69
C LEU C 383 -4.93 -29.70 -9.10
N ASP C 384 -5.02 -28.78 -10.05
CA ASP C 384 -6.31 -28.33 -10.56
C ASP C 384 -6.51 -28.65 -12.03
N THR C 385 -5.69 -29.56 -12.57
CA THR C 385 -6.03 -30.26 -13.80
C THR C 385 -7.12 -31.29 -13.54
N CYS C 386 -7.24 -31.75 -12.30
CA CYS C 386 -8.32 -32.63 -11.88
C CYS C 386 -9.66 -31.92 -11.98
N ARG C 387 -10.73 -32.69 -12.16
CA ARG C 387 -12.07 -32.13 -12.17
C ARG C 387 -12.91 -32.62 -10.99
N ASN C 388 -13.06 -33.93 -10.83
CA ASN C 388 -13.96 -34.49 -9.84
C ASN C 388 -13.24 -34.57 -8.50
N LYS C 389 -13.80 -35.32 -7.57
CA LYS C 389 -12.99 -35.87 -6.50
C LYS C 389 -12.35 -37.19 -6.90
N GLN C 390 -12.96 -37.91 -7.83
CA GLN C 390 -12.45 -39.19 -8.28
C GLN C 390 -11.12 -39.06 -8.98
N GLU C 391 -10.82 -37.90 -9.57
CA GLU C 391 -9.54 -37.63 -10.18
C GLU C 391 -8.53 -37.03 -9.21
N VAL C 392 -8.96 -36.37 -8.15
CA VAL C 392 -8.03 -35.89 -7.13
C VAL C 392 -7.47 -37.07 -6.37
N GLN C 393 -8.33 -37.94 -5.90
CA GLN C 393 -7.89 -39.08 -5.12
C GLN C 393 -7.38 -40.23 -5.97
N ALA C 394 -7.23 -40.03 -7.27
CA ALA C 394 -6.56 -41.01 -8.10
C ALA C 394 -5.10 -40.69 -8.29
N ILE C 395 -4.72 -39.42 -8.17
CA ILE C 395 -3.32 -39.03 -8.29
C ILE C 395 -2.67 -38.76 -6.95
N LEU C 396 -3.43 -38.70 -5.87
CA LEU C 396 -2.87 -38.53 -4.54
C LEU C 396 -2.80 -39.84 -3.78
N ALA C 397 -3.31 -40.93 -4.33
CA ALA C 397 -3.42 -42.20 -3.64
C ALA C 397 -2.19 -43.05 -3.87
N PRO C 398 -1.78 -43.82 -2.87
CA PRO C 398 -0.76 -44.84 -3.08
C PRO C 398 -1.39 -46.16 -3.48
N THR C 399 -0.63 -46.96 -4.21
CA THR C 399 -1.09 -48.27 -4.63
C THR C 399 -0.11 -49.32 -4.10
N GLU C 400 -0.28 -50.56 -4.56
CA GLU C 400 0.71 -51.59 -4.27
C GLU C 400 1.99 -51.36 -5.05
N ASP C 401 1.88 -50.72 -6.22
CA ASP C 401 2.99 -50.61 -7.15
C ASP C 401 3.92 -49.47 -6.76
N ASP C 402 3.39 -48.26 -6.63
CA ASP C 402 4.14 -47.18 -5.97
C ASP C 402 3.48 -46.87 -4.63
N PRO C 403 4.11 -47.17 -3.55
CA PRO C 403 3.45 -46.98 -2.25
C PRO C 403 3.57 -45.57 -1.71
N SER C 404 3.83 -44.60 -2.57
CA SER C 404 4.24 -43.26 -2.16
C SER C 404 3.04 -42.38 -1.89
N GLU C 405 2.89 -41.93 -0.67
CA GLU C 405 1.83 -40.98 -0.40
C GLU C 405 2.37 -39.56 -0.48
N PRO C 406 1.73 -38.68 -1.23
CA PRO C 406 2.13 -37.28 -1.23
C PRO C 406 1.38 -36.39 -0.25
N VAL C 407 0.26 -36.82 0.31
CA VAL C 407 -0.43 -35.99 1.30
C VAL C 407 0.33 -36.04 2.62
N GLY C 408 0.79 -37.21 3.03
CA GLY C 408 1.55 -37.30 4.26
C GLY C 408 2.92 -36.67 4.19
N TYR C 409 3.49 -36.55 3.00
CA TYR C 409 4.77 -35.88 2.87
C TYR C 409 4.63 -34.37 2.90
N ALA C 410 3.48 -33.84 2.47
CA ALA C 410 3.33 -32.40 2.45
C ALA C 410 3.08 -31.83 3.83
N LEU C 411 2.33 -32.52 4.65
CA LEU C 411 2.16 -32.06 6.01
C LEU C 411 3.27 -32.52 6.94
N ALA C 412 4.29 -33.19 6.41
CA ALA C 412 5.51 -33.39 7.16
C ALA C 412 6.54 -32.32 6.86
N THR C 413 6.53 -31.79 5.64
CA THR C 413 7.45 -30.75 5.22
C THR C 413 6.78 -29.39 5.10
N PHE C 414 5.56 -29.26 5.60
CA PHE C 414 4.85 -28.00 5.84
C PHE C 414 4.69 -27.20 4.54
N ASP C 415 3.88 -27.77 3.64
CA ASP C 415 3.84 -27.31 2.25
C ASP C 415 2.60 -26.47 2.04
N LYS C 416 2.68 -25.20 2.40
CA LYS C 416 1.53 -24.31 2.52
C LYS C 416 0.82 -24.01 1.22
N ALA C 417 1.42 -24.28 0.06
CA ALA C 417 0.76 -23.99 -1.21
C ALA C 417 -0.06 -25.16 -1.71
N PHE C 418 0.47 -26.36 -1.55
CA PHE C 418 -0.29 -27.58 -1.80
C PHE C 418 -1.42 -27.70 -0.81
N LEU C 419 -1.10 -27.60 0.46
CA LEU C 419 -1.90 -28.12 1.55
C LEU C 419 -3.09 -27.22 1.85
N SER C 420 -3.30 -26.17 1.08
CA SER C 420 -4.42 -25.25 1.18
C SER C 420 -5.07 -25.01 -0.17
N HIS C 421 -5.14 -26.04 -1.01
CA HIS C 421 -5.80 -25.87 -2.29
C HIS C 421 -7.29 -26.16 -2.09
N LYS C 422 -8.10 -25.85 -3.10
CA LYS C 422 -9.53 -26.14 -3.01
C LYS C 422 -9.77 -27.64 -2.95
N PHE C 423 -8.96 -28.42 -3.66
CA PHE C 423 -9.18 -29.84 -3.75
C PHE C 423 -8.56 -30.61 -2.60
N VAL C 424 -7.57 -30.05 -1.94
CA VAL C 424 -7.02 -30.70 -0.77
C VAL C 424 -7.83 -30.37 0.47
N GLN C 425 -8.39 -29.17 0.54
CA GLN C 425 -9.32 -28.84 1.60
C GLN C 425 -10.66 -29.54 1.47
N GLN C 426 -10.92 -30.18 0.34
CA GLN C 426 -12.14 -30.91 0.11
C GLN C 426 -12.02 -32.37 0.49
N ILE C 427 -10.83 -32.96 0.36
CA ILE C 427 -10.65 -34.34 0.77
C ILE C 427 -10.42 -34.46 2.26
N PHE C 428 -10.07 -33.39 2.94
CA PHE C 428 -10.01 -33.41 4.39
C PHE C 428 -11.36 -33.13 5.00
N THR C 429 -12.19 -32.33 4.34
CA THR C 429 -13.47 -31.94 4.92
C THR C 429 -14.46 -33.09 4.89
N GLU C 430 -14.43 -33.90 3.87
CA GLU C 430 -15.32 -35.04 3.84
C GLU C 430 -14.89 -36.18 4.74
N LYS C 431 -13.86 -36.02 5.56
CA LYS C 431 -13.59 -36.91 6.66
C LYS C 431 -13.72 -36.23 8.00
N TRP C 432 -13.23 -35.00 8.11
CA TRP C 432 -13.37 -34.22 9.33
C TRP C 432 -14.82 -33.87 9.61
N ASP C 433 -15.55 -33.40 8.61
CA ASP C 433 -16.89 -32.89 8.86
C ASP C 433 -17.74 -33.19 7.63
N THR C 434 -18.37 -34.34 7.62
CA THR C 434 -19.17 -34.73 6.49
C THR C 434 -20.62 -34.35 6.65
N MET C 435 -20.97 -33.75 7.78
CA MET C 435 -22.36 -33.42 8.09
C MET C 435 -22.64 -31.94 8.09
N GLY C 436 -21.61 -31.10 8.17
CA GLY C 436 -21.82 -29.68 8.19
C GLY C 436 -22.19 -29.12 9.54
N VAL C 437 -21.71 -29.74 10.62
CA VAL C 437 -21.98 -29.22 11.95
C VAL C 437 -21.26 -27.90 12.16
N THR C 438 -20.17 -27.65 11.43
CA THR C 438 -19.45 -26.39 11.52
C THR C 438 -20.23 -25.21 10.95
N ASP C 439 -21.38 -25.45 10.32
CA ASP C 439 -22.23 -24.39 9.83
C ASP C 439 -23.54 -24.32 10.59
N TYR C 440 -23.63 -24.97 11.75
CA TYR C 440 -24.76 -24.73 12.64
C TYR C 440 -24.38 -23.66 13.65
N THR C 441 -23.79 -22.60 13.15
CA THR C 441 -23.45 -21.44 13.95
C THR C 441 -24.00 -20.18 13.32
N LYS C 442 -24.20 -20.20 12.01
CA LYS C 442 -24.65 -19.05 11.25
C LYS C 442 -26.16 -18.92 11.23
N SER C 443 -26.84 -19.54 12.19
CA SER C 443 -28.29 -19.49 12.26
C SER C 443 -28.71 -19.53 13.72
N LEU C 444 -29.93 -19.06 13.97
CA LEU C 444 -30.45 -19.12 15.33
C LEU C 444 -30.85 -20.55 15.71
N PHE C 445 -31.37 -21.30 14.74
CA PHE C 445 -31.67 -22.71 14.98
C PHE C 445 -30.41 -23.52 15.20
N GLY C 446 -29.30 -23.13 14.60
CA GLY C 446 -28.08 -23.90 14.74
C GLY C 446 -27.44 -23.74 16.10
N VAL C 447 -27.48 -22.53 16.66
CA VAL C 447 -26.83 -22.28 17.94
C VAL C 447 -27.63 -22.90 19.07
N VAL C 448 -28.95 -22.84 18.99
CA VAL C 448 -29.79 -23.43 20.03
C VAL C 448 -29.73 -24.95 19.97
N TRP C 449 -29.96 -25.52 18.80
CA TRP C 449 -30.01 -26.98 18.75
C TRP C 449 -28.62 -27.61 18.73
N GLY C 450 -27.63 -26.91 18.17
CA GLY C 450 -26.28 -27.43 18.24
C GLY C 450 -25.66 -27.23 19.62
N GLY C 451 -25.99 -26.12 20.27
CA GLY C 451 -25.44 -25.87 21.59
C GLY C 451 -26.03 -26.77 22.66
N CYS C 452 -27.34 -27.02 22.58
CA CYS C 452 -27.98 -27.85 23.59
C CYS C 452 -27.58 -29.31 23.47
N SER C 453 -27.29 -29.78 22.26
CA SER C 453 -26.80 -31.14 22.09
C SER C 453 -25.38 -31.29 22.55
N LEU C 454 -24.64 -30.20 22.67
CA LEU C 454 -23.25 -30.25 23.12
C LEU C 454 -23.16 -30.42 24.63
N VAL C 455 -23.94 -29.64 25.38
CA VAL C 455 -23.90 -29.77 26.84
C VAL C 455 -24.57 -31.05 27.32
N VAL C 456 -25.44 -31.66 26.51
CA VAL C 456 -25.96 -32.97 26.84
C VAL C 456 -24.91 -34.04 26.61
N ALA C 457 -24.32 -34.05 25.41
CA ALA C 457 -23.39 -35.10 25.05
C ALA C 457 -21.98 -34.87 25.58
N PHE C 458 -21.73 -33.77 26.26
CA PHE C 458 -20.54 -33.65 27.09
C PHE C 458 -20.81 -34.09 28.52
N ALA C 459 -22.03 -33.90 29.00
CA ALA C 459 -22.43 -34.51 30.25
C ALA C 459 -22.49 -36.03 30.12
N ALA C 460 -22.96 -36.52 28.98
CA ALA C 460 -23.00 -37.95 28.76
C ALA C 460 -21.62 -38.53 28.48
N TRP C 461 -20.68 -37.71 28.03
CA TRP C 461 -19.33 -38.20 27.74
C TRP C 461 -18.57 -38.50 29.01
N ALA C 462 -18.56 -37.55 29.96
CA ALA C 462 -17.71 -37.65 31.15
C ALA C 462 -18.17 -38.71 32.14
N THR C 463 -19.32 -39.34 31.93
CA THR C 463 -19.81 -40.41 32.79
C THR C 463 -19.67 -41.78 32.17
N ILE C 464 -19.49 -41.88 30.86
CA ILE C 464 -19.42 -43.14 30.15
C ILE C 464 -18.02 -43.42 29.62
N CYS C 465 -17.28 -42.37 29.26
CA CYS C 465 -15.89 -42.51 28.83
C CYS C 465 -14.96 -43.23 29.80
N PRO C 466 -15.05 -43.11 31.13
CA PRO C 466 -14.29 -44.05 31.96
C PRO C 466 -14.82 -45.47 31.88
N LEU C 467 -16.13 -45.65 31.74
CA LEU C 467 -16.70 -46.99 31.73
C LEU C 467 -16.48 -47.71 30.42
N VAL C 468 -16.04 -47.02 29.39
CA VAL C 468 -15.69 -47.68 28.14
C VAL C 468 -14.22 -48.05 28.11
N VAL C 469 -13.36 -47.18 28.65
CA VAL C 469 -11.92 -47.43 28.67
C VAL C 469 -11.57 -48.60 29.57
N VAL C 470 -12.30 -48.77 30.68
CA VAL C 470 -12.14 -49.97 31.50
C VAL C 470 -12.69 -51.19 30.77
N ALA C 471 -13.88 -51.07 30.19
CA ALA C 471 -14.53 -52.19 29.53
C ALA C 471 -14.13 -52.32 28.06
N ARG C 472 -12.96 -51.86 27.68
CA ARG C 472 -12.42 -52.17 26.36
C ARG C 472 -11.09 -52.87 26.42
N SER C 473 -10.43 -52.85 27.57
CA SER C 473 -9.13 -53.47 27.71
C SER C 473 -9.23 -54.94 28.07
N PHE C 474 -10.32 -55.36 28.70
CA PHE C 474 -10.53 -56.76 29.00
C PHE C 474 -11.97 -57.18 28.81
N LEU C 475 -12.69 -56.51 27.92
CA LEU C 475 -14.09 -56.85 27.67
C LEU C 475 -14.31 -56.85 26.16
N SER C 476 -13.55 -57.70 25.46
CA SER C 476 -13.40 -57.85 24.01
C SER C 476 -14.60 -57.70 23.08
N PRO C 477 -15.84 -58.05 23.44
CA PRO C 477 -16.96 -57.65 22.56
C PRO C 477 -17.19 -56.15 22.46
N VAL C 478 -16.59 -55.34 23.32
CA VAL C 478 -16.74 -53.89 23.20
C VAL C 478 -15.66 -53.31 22.28
N GLN C 479 -14.43 -53.83 22.39
CA GLN C 479 -13.35 -53.37 21.51
C GLN C 479 -13.62 -53.72 20.05
N ASP C 480 -14.27 -54.84 19.77
CA ASP C 480 -14.71 -55.10 18.41
C ASP C 480 -15.93 -54.28 18.03
N PHE C 481 -16.61 -53.68 19.00
CA PHE C 481 -17.72 -52.79 18.68
C PHE C 481 -17.24 -51.36 18.47
N MET C 482 -16.24 -50.91 19.22
CA MET C 482 -15.74 -49.55 19.06
C MET C 482 -14.89 -49.37 17.82
N MET C 483 -14.53 -50.44 17.13
CA MET C 483 -13.90 -50.30 15.82
C MET C 483 -14.93 -50.07 14.72
N ARG C 484 -16.21 -50.27 15.00
CA ARG C 484 -17.24 -50.14 13.99
C ARG C 484 -17.55 -48.65 13.80
N GLY C 485 -17.84 -48.29 12.56
CA GLY C 485 -17.92 -46.89 12.20
C GLY C 485 -16.72 -46.54 11.35
N LYS C 486 -16.25 -45.29 11.43
CA LYS C 486 -14.96 -44.78 10.96
C LYS C 486 -14.71 -44.95 9.46
N VAL C 487 -15.69 -45.42 8.68
CA VAL C 487 -15.65 -45.31 7.23
C VAL C 487 -16.94 -44.62 6.81
N ILE C 488 -18.01 -44.81 7.60
CA ILE C 488 -19.25 -44.06 7.42
C ILE C 488 -19.20 -42.63 7.91
N VAL C 489 -18.08 -42.22 8.49
CA VAL C 489 -18.00 -41.51 9.76
C VAL C 489 -18.97 -40.32 9.90
N ASP C 490 -19.97 -40.47 10.77
CA ASP C 490 -21.07 -39.50 10.92
C ASP C 490 -21.78 -39.75 12.25
N SER C 491 -22.98 -39.15 12.40
CA SER C 491 -23.72 -39.10 13.65
C SER C 491 -24.32 -40.42 14.07
N ARG C 492 -24.20 -41.48 13.26
CA ARG C 492 -24.69 -42.78 13.69
C ARG C 492 -23.76 -43.40 14.72
N PHE C 493 -22.45 -43.28 14.51
CA PHE C 493 -21.44 -43.69 15.48
C PHE C 493 -20.67 -42.45 15.89
N PRO C 494 -21.17 -41.68 16.87
CA PRO C 494 -20.72 -40.31 17.05
C PRO C 494 -19.33 -40.17 17.64
N TRP C 495 -18.76 -41.23 18.20
CA TRP C 495 -17.44 -41.14 18.80
C TRP C 495 -16.32 -41.23 17.78
N HIS C 496 -16.62 -41.40 16.49
CA HIS C 496 -15.59 -41.42 15.48
C HIS C 496 -15.55 -40.17 14.61
N VAL C 497 -16.49 -39.25 14.79
CA VAL C 497 -16.52 -38.03 13.99
C VAL C 497 -15.39 -37.13 14.45
N PRO C 498 -14.45 -36.76 13.56
CA PRO C 498 -13.29 -36.01 14.02
C PRO C 498 -13.59 -34.58 14.42
N LEU C 499 -14.68 -33.99 13.95
CA LEU C 499 -15.07 -32.71 14.52
C LEU C 499 -15.53 -32.86 15.95
N TYR C 500 -16.25 -33.95 16.25
CA TYR C 500 -16.77 -34.15 17.59
C TYR C 500 -15.68 -34.45 18.60
N ARG C 501 -14.63 -35.17 18.17
CA ARG C 501 -13.47 -35.39 19.03
C ARG C 501 -12.76 -34.09 19.36
N TRP C 502 -12.82 -33.11 18.47
CA TRP C 502 -12.28 -31.78 18.74
C TRP C 502 -13.19 -30.99 19.66
N LEU C 503 -14.50 -31.16 19.57
CA LEU C 503 -15.39 -30.41 20.44
C LEU C 503 -15.29 -30.89 21.87
N LEU C 504 -15.13 -32.19 22.08
CA LEU C 504 -14.97 -32.70 23.43
C LEU C 504 -13.65 -32.26 24.03
N THR C 505 -12.63 -32.09 23.19
CA THR C 505 -11.35 -31.61 23.68
C THR C 505 -11.43 -30.17 24.12
N GLN C 506 -12.13 -29.32 23.38
CA GLN C 506 -12.28 -27.95 23.82
C GLN C 506 -13.27 -27.81 24.97
N CYS C 507 -14.19 -28.76 25.13
CA CYS C 507 -15.04 -28.74 26.32
C CYS C 507 -14.30 -29.23 27.55
N ALA C 508 -13.41 -30.20 27.40
CA ALA C 508 -12.55 -30.64 28.49
C ALA C 508 -11.38 -29.71 28.71
N LEU C 509 -11.27 -28.64 27.93
CA LEU C 509 -10.25 -27.63 28.08
C LEU C 509 -10.75 -26.45 28.88
N ILE C 510 -11.99 -26.01 28.61
CA ILE C 510 -12.60 -24.94 29.38
C ILE C 510 -12.94 -25.41 30.77
N THR C 511 -13.25 -26.70 30.92
CA THR C 511 -13.53 -27.27 32.23
C THR C 511 -12.30 -27.23 33.13
N PHE C 512 -11.10 -27.33 32.56
CA PHE C 512 -9.91 -27.20 33.37
C PHE C 512 -9.70 -25.76 33.81
N THR C 513 -10.04 -24.78 33.00
CA THR C 513 -9.78 -23.40 33.37
C THR C 513 -10.90 -22.81 34.22
N VAL C 514 -12.06 -23.45 34.26
CA VAL C 514 -13.07 -23.09 35.24
C VAL C 514 -12.74 -23.71 36.58
N LEU C 515 -12.36 -24.99 36.59
CA LEU C 515 -11.98 -25.66 37.82
C LEU C 515 -10.62 -25.19 38.33
N LEU C 516 -9.87 -24.39 37.57
CA LEU C 516 -8.64 -23.85 38.12
C LEU C 516 -8.84 -22.42 38.63
N SER C 517 -9.67 -21.65 37.96
CA SER C 517 -10.00 -20.32 38.46
C SER C 517 -10.97 -20.37 39.62
N TYR C 518 -11.71 -21.46 39.77
CA TYR C 518 -12.45 -21.70 40.99
C TYR C 518 -11.54 -22.13 42.12
N LEU C 519 -10.37 -22.67 41.81
CA LEU C 519 -9.45 -23.08 42.86
C LEU C 519 -8.79 -21.87 43.51
N VAL C 520 -8.74 -20.74 42.82
CA VAL C 520 -8.01 -19.58 43.32
C VAL C 520 -9.01 -18.54 43.85
N PHE C 521 -10.23 -18.52 43.31
CA PHE C 521 -11.27 -17.69 43.89
C PHE C 521 -11.92 -18.33 45.11
N SER C 522 -11.58 -19.58 45.43
CA SER C 522 -12.07 -20.24 46.62
C SER C 522 -10.91 -20.63 47.53
N PHE C 523 -9.94 -19.74 47.69
CA PHE C 523 -8.94 -19.87 48.73
C PHE C 523 -9.26 -18.86 49.83
N ASP C 524 -8.99 -19.22 51.07
CA ASP C 524 -9.24 -18.40 52.22
C ASP C 524 -8.11 -18.52 53.23
N PRO C 525 -7.89 -17.49 54.07
CA PRO C 525 -6.95 -17.63 55.20
C PRO C 525 -7.62 -18.25 56.42
N SER C 526 -8.01 -19.52 56.29
CA SER C 526 -8.88 -20.12 57.28
C SER C 526 -8.35 -21.43 57.86
N ASP C 527 -7.71 -22.27 57.03
CA ASP C 527 -7.28 -23.57 57.51
C ASP C 527 -6.05 -24.05 56.75
N PRO C 528 -4.89 -24.12 57.40
CA PRO C 528 -3.68 -24.56 56.69
C PRO C 528 -3.59 -26.06 56.42
N VAL C 529 -3.82 -26.91 57.43
CA VAL C 529 -3.43 -28.32 57.27
C VAL C 529 -4.46 -29.21 56.55
N PRO C 530 -5.81 -29.21 56.84
CA PRO C 530 -6.68 -29.96 55.92
C PRO C 530 -7.17 -29.16 54.73
N ALA C 531 -6.28 -28.39 54.12
CA ALA C 531 -6.57 -27.76 52.83
C ALA C 531 -5.38 -27.86 51.89
N SER C 532 -4.28 -28.49 52.32
CA SER C 532 -3.18 -28.77 51.43
C SER C 532 -3.57 -29.81 50.41
N VAL C 533 -4.33 -30.81 50.82
CA VAL C 533 -4.96 -31.76 49.93
C VAL C 533 -6.45 -31.47 49.94
N ALA C 534 -7.13 -31.82 48.85
CA ALA C 534 -8.54 -31.51 48.71
C ALA C 534 -9.15 -32.47 47.70
N PRO C 535 -10.47 -32.59 47.61
CA PRO C 535 -11.06 -33.23 46.43
C PRO C 535 -10.94 -32.41 45.16
N LEU C 536 -10.56 -31.14 45.25
CA LEU C 536 -10.34 -30.33 44.06
C LEU C 536 -8.87 -30.07 43.80
N ASN C 537 -8.10 -29.77 44.85
CA ASN C 537 -6.71 -29.39 44.66
C ASN C 537 -5.86 -30.58 44.27
N THR C 538 -6.26 -31.80 44.65
CA THR C 538 -5.52 -32.98 44.24
C THR C 538 -6.02 -33.54 42.92
N PHE C 539 -7.26 -33.25 42.54
CA PHE C 539 -7.81 -33.76 41.30
C PHE C 539 -7.14 -33.11 40.10
N LEU C 540 -6.83 -31.82 40.20
CA LEU C 540 -6.15 -31.14 39.12
C LEU C 540 -4.68 -31.50 39.02
N ALA C 541 -4.09 -31.98 40.11
CA ALA C 541 -2.71 -32.46 40.02
C ALA C 541 -2.64 -33.77 39.23
N VAL C 542 -3.70 -34.57 39.28
CA VAL C 542 -3.78 -35.73 38.41
C VAL C 542 -4.07 -35.29 36.98
N TRP C 543 -4.85 -34.22 36.82
CA TRP C 543 -5.16 -33.69 35.49
C TRP C 543 -3.90 -33.18 34.81
N CYS C 544 -3.11 -32.37 35.52
CA CYS C 544 -1.87 -31.86 34.97
C CYS C 544 -0.81 -32.93 34.84
N ALA C 545 -0.93 -34.02 35.61
CA ALA C 545 -0.04 -35.14 35.39
C ALA C 545 -0.32 -35.79 34.05
N ALA C 546 -1.57 -35.81 33.64
CA ALA C 546 -1.97 -36.47 32.41
C ALA C 546 -1.88 -35.57 31.19
N ILE C 547 -1.64 -34.27 31.36
CA ILE C 547 -1.20 -33.45 30.25
C ILE C 547 0.27 -33.71 29.96
N LEU C 548 1.09 -33.89 31.00
CA LEU C 548 2.50 -34.16 30.79
C LEU C 548 2.74 -35.54 30.22
N VAL C 549 1.86 -36.51 30.50
CA VAL C 549 1.96 -37.78 29.79
C VAL C 549 1.54 -37.59 28.34
N ASP C 550 0.61 -36.67 28.08
CA ASP C 550 0.15 -36.43 26.71
C ASP C 550 1.23 -35.79 25.86
N GLU C 551 2.05 -34.93 26.45
CA GLU C 551 3.08 -34.28 25.67
C GLU C 551 4.28 -35.17 25.45
N VAL C 552 4.47 -36.19 26.28
CA VAL C 552 5.54 -37.14 26.05
C VAL C 552 5.25 -37.99 24.83
N GLN C 553 4.10 -38.65 24.81
CA GLN C 553 3.76 -39.48 23.66
C GLN C 553 3.28 -38.67 22.46
N GLU C 554 3.19 -37.36 22.56
CA GLU C 554 3.15 -36.54 21.36
C GLU C 554 4.56 -36.30 20.83
N TYR C 555 5.49 -35.99 21.73
CA TYR C 555 6.87 -35.71 21.32
C TYR C 555 7.57 -36.96 20.82
N VAL C 556 7.43 -38.06 21.55
CA VAL C 556 8.13 -39.31 21.21
C VAL C 556 7.61 -39.87 19.91
N GLU C 557 6.31 -39.80 19.69
CA GLU C 557 5.74 -40.52 18.56
C GLU C 557 5.86 -39.74 17.26
N GLU C 558 5.63 -38.42 17.28
CA GLU C 558 5.85 -37.65 16.06
C GLU C 558 7.31 -37.24 15.91
N GLY C 559 7.80 -36.40 16.83
CA GLY C 559 9.17 -35.93 16.74
C GLY C 559 9.34 -34.48 17.14
N ARG C 560 10.58 -34.03 17.19
CA ARG C 560 10.88 -32.69 17.68
C ARG C 560 10.47 -31.60 16.70
N ALA C 561 10.33 -31.93 15.42
CA ALA C 561 10.00 -30.93 14.41
C ALA C 561 8.55 -30.51 14.52
N GLU C 562 7.63 -31.47 14.41
CA GLU C 562 6.20 -31.17 14.46
C GLU C 562 5.72 -30.85 15.86
N TYR C 563 6.54 -31.12 16.89
CA TYR C 563 6.17 -30.71 18.25
C TYR C 563 6.33 -29.21 18.42
N MET C 564 7.51 -28.68 18.11
CA MET C 564 7.75 -27.26 18.30
C MET C 564 7.03 -26.39 17.28
N SER C 565 6.66 -26.95 16.13
CA SER C 565 5.92 -26.23 15.09
C SER C 565 4.52 -26.81 15.02
N SER C 566 3.64 -26.29 15.88
CA SER C 566 2.36 -26.91 16.19
C SER C 566 1.45 -25.83 16.76
N GLY C 567 0.45 -26.23 17.52
CA GLY C 567 -0.36 -25.28 18.23
C GLY C 567 0.31 -24.91 19.54
N TRP C 568 -0.28 -25.28 20.66
CA TRP C 568 0.21 -24.80 21.95
C TRP C 568 0.78 -25.89 22.84
N ASN C 569 1.63 -26.74 22.28
CA ASN C 569 2.21 -27.81 23.05
C ASN C 569 3.29 -27.31 24.01
N VAL C 570 4.02 -26.27 23.65
CA VAL C 570 5.05 -25.74 24.54
C VAL C 570 4.41 -25.01 25.71
N MET C 571 3.30 -24.36 25.46
CA MET C 571 2.61 -23.62 26.50
C MET C 571 1.87 -24.55 27.45
N ASP C 572 1.34 -25.65 26.94
CA ASP C 572 0.54 -26.57 27.74
C ASP C 572 1.39 -27.43 28.65
N VAL C 573 2.70 -27.49 28.42
CA VAL C 573 3.59 -28.10 29.40
C VAL C 573 3.72 -27.22 30.63
N THR C 574 3.95 -25.93 30.42
CA THR C 574 4.33 -25.02 31.51
C THR C 574 3.19 -24.78 32.48
N MET C 575 1.96 -24.68 31.98
CA MET C 575 0.81 -24.58 32.86
C MET C 575 0.51 -25.89 33.57
N ALA C 576 1.02 -27.00 33.05
CA ALA C 576 0.84 -28.27 33.73
C ALA C 576 2.00 -28.55 34.67
N LEU C 577 3.19 -28.12 34.29
CA LEU C 577 4.38 -28.39 35.10
C LEU C 577 4.50 -27.44 36.27
N SER C 578 3.95 -26.23 36.15
CA SER C 578 4.01 -25.29 37.27
C SER C 578 2.89 -25.51 38.27
N TYR C 579 1.76 -26.08 37.86
CA TYR C 579 0.74 -26.40 38.84
C TYR C 579 1.13 -27.60 39.68
N ILE C 580 1.78 -28.60 39.06
CA ILE C 580 2.31 -29.72 39.82
C ILE C 580 3.39 -29.25 40.79
N LEU C 581 4.23 -28.32 40.34
CA LEU C 581 5.27 -27.79 41.20
C LEU C 581 4.68 -26.87 42.27
N HIS C 582 3.53 -26.27 42.00
CA HIS C 582 2.75 -25.62 43.06
C HIS C 582 2.23 -26.64 44.05
N TYR C 583 1.76 -27.78 43.55
CA TYR C 583 1.09 -28.76 44.40
C TYR C 583 2.08 -29.47 45.31
N ILE C 584 3.29 -29.77 44.80
CA ILE C 584 4.28 -30.46 45.61
C ILE C 584 4.88 -29.52 46.64
N LEU C 585 5.35 -28.34 46.21
CA LEU C 585 5.98 -27.39 47.10
C LEU C 585 5.03 -26.73 48.08
N ARG C 586 3.73 -27.02 48.02
CA ARG C 586 2.83 -26.64 49.10
C ARG C 586 2.66 -27.77 50.10
N ILE C 587 2.72 -29.02 49.65
CA ILE C 587 2.66 -30.15 50.57
C ILE C 587 3.88 -30.17 51.48
N ILE C 588 5.08 -30.07 50.90
CA ILE C 588 6.30 -30.19 51.69
C ILE C 588 6.70 -28.89 52.35
N ALA C 589 5.90 -27.83 52.23
CA ALA C 589 6.15 -26.60 52.96
C ALA C 589 5.12 -26.38 54.06
N VAL C 590 4.42 -27.43 54.45
CA VAL C 590 3.54 -27.39 55.62
C VAL C 590 4.01 -28.44 56.60
N ARG C 591 4.58 -29.53 56.10
CA ARG C 591 4.89 -30.69 56.93
C ARG C 591 6.37 -31.04 56.95
N VAL C 592 7.03 -31.14 55.80
CA VAL C 592 8.42 -31.57 55.76
C VAL C 592 9.33 -30.52 56.37
N THR C 593 9.31 -29.31 55.81
CA THR C 593 9.85 -28.16 56.50
C THR C 593 8.70 -27.36 57.08
N ASP C 594 9.02 -26.40 57.95
CA ASP C 594 7.94 -25.68 58.62
C ASP C 594 7.34 -24.60 57.74
N ASN C 595 8.11 -23.56 57.43
CA ASN C 595 7.66 -22.39 56.69
C ASN C 595 8.87 -21.50 56.45
N LEU C 596 8.88 -20.83 55.30
CA LEU C 596 9.96 -19.95 54.89
C LEU C 596 9.37 -19.01 53.85
N ASN C 597 10.24 -18.33 53.10
CA ASN C 597 9.90 -17.68 51.84
C ASN C 597 9.46 -18.66 50.76
N ILE C 598 9.65 -19.97 50.97
CA ILE C 598 9.18 -20.99 50.05
C ILE C 598 7.66 -20.97 49.92
N LEU C 599 6.94 -20.40 50.89
CA LEU C 599 5.48 -20.28 50.78
C LEU C 599 5.08 -19.20 49.78
N LEU C 600 5.92 -18.18 49.56
CA LEU C 600 5.55 -17.14 48.61
C LEU C 600 5.95 -17.47 47.18
N VAL C 601 6.83 -18.45 46.99
CA VAL C 601 7.06 -18.98 45.64
C VAL C 601 5.87 -19.84 45.22
N VAL C 602 5.18 -20.43 46.20
CA VAL C 602 3.98 -21.23 45.96
C VAL C 602 2.87 -20.38 45.37
N ASN C 603 2.74 -19.13 45.80
CA ASN C 603 1.73 -18.26 45.22
C ASN C 603 2.12 -17.71 43.87
N ASP C 604 3.38 -17.87 43.45
CA ASP C 604 3.75 -17.45 42.09
C ASP C 604 3.57 -18.59 41.10
N LEU C 605 3.73 -19.83 41.55
CA LEU C 605 3.56 -20.95 40.64
C LEU C 605 2.10 -21.20 40.32
N LEU C 606 1.21 -20.81 41.22
CA LEU C 606 -0.22 -20.83 40.95
C LEU C 606 -0.67 -19.59 40.21
N ALA C 607 0.14 -18.53 40.23
CA ALA C 607 -0.21 -17.34 39.46
C ALA C 607 0.23 -17.46 38.01
N ALA C 608 1.32 -18.16 37.75
CA ALA C 608 1.64 -18.48 36.37
C ALA C 608 0.62 -19.46 35.81
N ALA C 609 0.32 -20.52 36.55
CA ALA C 609 -0.54 -21.60 36.06
C ALA C 609 -1.99 -21.16 35.89
N ALA C 610 -2.41 -20.10 36.58
CA ALA C 610 -3.74 -19.57 36.30
C ALA C 610 -3.73 -18.57 35.18
N LEU C 611 -2.60 -17.93 34.90
CA LEU C 611 -2.52 -17.05 33.75
C LEU C 611 -2.42 -17.84 32.45
N MET C 612 -1.56 -18.86 32.42
CA MET C 612 -1.35 -19.65 31.22
C MET C 612 -2.55 -20.49 30.85
N ALA C 613 -3.47 -20.72 31.77
CA ALA C 613 -4.66 -21.50 31.43
C ALA C 613 -5.67 -20.69 30.65
N TRP C 614 -5.86 -19.42 31.00
CA TRP C 614 -6.81 -18.61 30.27
C TRP C 614 -6.27 -18.20 28.92
N PHE C 615 -4.96 -18.05 28.79
CA PHE C 615 -4.41 -17.81 27.46
C PHE C 615 -4.33 -19.07 26.63
N ARG C 616 -4.46 -20.25 27.26
CA ARG C 616 -4.59 -21.51 26.53
C ARG C 616 -6.00 -21.67 25.97
N MET C 617 -6.99 -21.10 26.64
CA MET C 617 -8.40 -21.26 26.32
C MET C 617 -8.82 -20.48 25.08
N VAL C 618 -7.90 -19.77 24.46
CA VAL C 618 -8.20 -19.11 23.20
C VAL C 618 -7.77 -19.99 22.02
N SER C 619 -7.65 -21.29 22.23
CA SER C 619 -7.57 -22.24 21.15
C SER C 619 -8.93 -22.76 20.73
N VAL C 620 -10.01 -22.26 21.32
CA VAL C 620 -11.34 -22.58 20.81
C VAL C 620 -11.64 -21.83 19.53
N PHE C 621 -10.82 -20.87 19.18
CA PHE C 621 -10.99 -20.03 18.01
C PHE C 621 -10.01 -20.41 16.90
N GLU C 622 -9.53 -21.66 16.90
CA GLU C 622 -8.70 -22.15 15.81
C GLU C 622 -9.46 -22.30 14.53
N LEU C 623 -10.79 -22.39 14.59
CA LEU C 623 -11.59 -22.66 13.42
C LEU C 623 -12.36 -21.46 12.92
N SER C 624 -12.46 -20.40 13.72
CA SER C 624 -13.11 -19.19 13.27
C SER C 624 -12.24 -18.52 12.23
N SER C 625 -12.86 -17.92 11.23
CA SER C 625 -12.07 -17.24 10.21
C SER C 625 -11.97 -15.76 10.45
N ALA C 626 -12.72 -15.23 11.41
CA ALA C 626 -12.57 -13.85 11.81
C ALA C 626 -11.63 -13.70 12.99
N ILE C 627 -11.78 -14.56 14.00
CA ILE C 627 -10.95 -14.49 15.20
C ILE C 627 -9.73 -15.39 15.06
N GLY C 628 -9.69 -16.25 14.06
CA GLY C 628 -8.62 -17.20 13.89
C GLY C 628 -7.33 -16.64 13.36
N PRO C 629 -7.37 -15.89 12.23
CA PRO C 629 -6.14 -15.23 11.76
C PRO C 629 -5.76 -13.98 12.54
N LEU C 630 -6.33 -13.83 13.71
CA LEU C 630 -6.05 -12.76 14.65
C LEU C 630 -5.26 -13.29 15.85
N ILE C 631 -5.46 -14.56 16.20
CA ILE C 631 -4.66 -15.19 17.25
C ILE C 631 -3.29 -15.55 16.71
N GLN C 632 -3.21 -16.01 15.46
CA GLN C 632 -1.94 -16.38 14.87
C GLN C 632 -1.07 -15.16 14.62
N MET C 633 -1.68 -14.03 14.31
CA MET C 633 -0.94 -12.77 14.23
C MET C 633 -0.38 -12.37 15.59
N MET C 634 -1.25 -12.34 16.59
CA MET C 634 -0.90 -11.89 17.93
C MET C 634 0.04 -12.86 18.64
N LYS C 635 0.11 -14.11 18.20
CA LYS C 635 1.20 -14.96 18.63
C LYS C 635 2.50 -14.56 17.96
N GLN C 636 2.43 -14.07 16.74
CA GLN C 636 3.61 -13.93 15.91
C GLN C 636 4.26 -12.55 16.03
N MET C 637 3.48 -11.51 16.30
CA MET C 637 4.03 -10.23 16.72
C MET C 637 4.24 -10.15 18.22
N LEU C 638 4.43 -11.29 18.88
CA LEU C 638 4.77 -11.37 20.29
C LEU C 638 5.93 -12.30 20.54
N ILE C 639 6.11 -13.33 19.70
CA ILE C 639 7.28 -14.19 19.85
C ILE C 639 8.38 -13.82 18.87
N LYS C 640 8.14 -12.89 17.97
CA LYS C 640 9.20 -12.40 17.10
C LYS C 640 9.55 -10.95 17.43
N ASP C 641 8.58 -10.06 17.43
CA ASP C 641 8.84 -8.64 17.49
C ASP C 641 9.07 -8.12 18.90
N VAL C 642 8.63 -8.83 19.92
CA VAL C 642 8.77 -8.30 21.27
C VAL C 642 9.99 -8.88 21.97
N THR C 643 10.33 -10.12 21.70
CA THR C 643 11.53 -10.69 22.29
C THR C 643 12.82 -10.25 21.60
N ARG C 644 12.74 -9.51 20.50
CA ARG C 644 13.93 -8.92 19.89
C ARG C 644 13.99 -7.42 20.08
N PHE C 645 12.90 -6.81 20.52
CA PHE C 645 12.92 -5.40 20.90
C PHE C 645 13.18 -5.24 22.39
N ALA C 646 12.90 -6.27 23.19
CA ALA C 646 13.25 -6.23 24.60
C ALA C 646 14.73 -6.41 24.83
N LEU C 647 15.44 -7.05 23.89
CA LEU C 647 16.88 -7.14 24.02
C LEU C 647 17.55 -5.81 23.69
N LEU C 648 16.93 -5.02 22.83
CA LEU C 648 17.48 -3.71 22.51
C LEU C 648 17.25 -2.73 23.66
N VAL C 649 16.07 -2.77 24.26
CA VAL C 649 15.70 -1.84 25.33
C VAL C 649 16.49 -2.13 26.61
N LEU C 650 16.81 -3.39 26.87
CA LEU C 650 17.61 -3.74 28.03
C LEU C 650 19.01 -3.16 27.98
N VAL C 651 19.57 -3.01 26.79
CA VAL C 651 20.88 -2.38 26.68
C VAL C 651 20.77 -0.87 26.85
N ILE C 652 19.67 -0.28 26.38
CA ILE C 652 19.48 1.16 26.50
C ILE C 652 19.12 1.54 27.93
N LEU C 653 18.21 0.79 28.55
CA LEU C 653 17.82 1.07 29.93
C LEU C 653 18.92 0.81 30.93
N LEU C 654 19.87 -0.05 30.61
CA LEU C 654 20.97 -0.25 31.54
C LEU C 654 22.06 0.79 31.35
N GLY C 655 22.00 1.59 30.29
CA GLY C 655 22.94 2.67 30.08
C GLY C 655 22.49 3.95 30.75
N PHE C 656 21.18 4.20 30.72
CA PHE C 656 20.66 5.33 31.48
C PHE C 656 20.72 5.09 32.98
N SER C 657 20.61 3.83 33.41
CA SER C 657 20.70 3.53 34.83
C SER C 657 22.13 3.66 35.36
N VAL C 658 23.12 3.38 34.52
CA VAL C 658 24.49 3.66 34.90
C VAL C 658 24.75 5.15 34.89
N GLY C 659 24.27 5.85 33.86
CA GLY C 659 24.52 7.27 33.73
C GLY C 659 23.84 8.14 34.77
N MET C 660 22.81 7.62 35.45
CA MET C 660 22.26 8.38 36.58
C MET C 660 23.20 8.33 37.78
N GLU C 661 23.83 7.18 38.01
CA GLU C 661 24.74 7.04 39.13
C GLU C 661 25.99 7.89 38.96
N ALA C 662 26.47 8.04 37.73
CA ALA C 662 27.58 8.96 37.50
C ALA C 662 27.16 10.41 37.59
N LEU C 663 25.87 10.69 37.66
CA LEU C 663 25.39 12.06 37.71
C LEU C 663 25.09 12.52 39.13
N PHE C 664 24.87 11.57 40.05
CA PHE C 664 24.51 11.85 41.44
C PHE C 664 25.63 11.55 42.42
N GLN C 665 26.77 11.08 41.95
CA GLN C 665 27.82 10.68 42.87
C GLN C 665 28.49 11.90 43.48
N GLU C 666 28.95 11.76 44.70
CA GLU C 666 29.40 12.89 45.49
C GLU C 666 30.91 13.10 45.34
N ALA C 667 31.33 14.32 45.63
CA ALA C 667 32.74 14.66 45.72
C ALA C 667 32.87 15.67 46.84
N CYS C 668 33.53 15.28 47.92
CA CYS C 668 33.46 15.98 49.20
C CYS C 668 34.85 16.52 49.56
N ILE C 669 35.04 17.82 49.39
CA ILE C 669 36.35 18.45 49.44
C ILE C 669 36.49 19.44 50.59
N GLU C 670 35.39 19.94 51.16
CA GLU C 670 35.48 20.92 52.23
C GLU C 670 35.89 20.22 53.52
N ARG C 671 37.19 20.23 53.77
CA ARG C 671 37.79 19.73 55.00
C ARG C 671 39.17 20.37 55.14
N ASP C 672 39.58 20.67 56.37
CA ASP C 672 40.98 21.03 56.49
C ASP C 672 41.89 19.80 56.67
N PRO C 673 41.73 18.90 57.71
CA PRO C 673 42.61 17.72 57.71
C PRO C 673 42.27 16.66 56.67
N THR C 674 41.14 15.97 56.87
CA THR C 674 40.72 14.78 56.13
C THR C 674 39.25 14.44 56.39
N THR C 675 38.43 14.44 55.32
CA THR C 675 37.11 13.80 55.25
C THR C 675 36.14 14.27 56.34
N ASN C 676 35.79 15.56 56.30
CA ASN C 676 35.01 16.16 57.38
C ASN C 676 33.59 16.54 56.94
N GLU C 677 33.44 17.30 55.87
CA GLU C 677 32.11 17.65 55.37
C GLU C 677 31.86 16.98 54.02
N CYS C 678 30.59 16.76 53.71
CA CYS C 678 30.28 16.00 52.50
C CYS C 678 28.93 16.45 51.94
N THR C 679 28.93 16.87 50.67
CA THR C 679 27.76 17.48 50.05
C THR C 679 26.78 16.41 49.58
N LYS C 680 25.54 16.50 50.03
CA LYS C 680 24.54 15.47 49.77
C LYS C 680 23.53 15.98 48.74
N TYR C 681 23.55 15.37 47.55
CA TYR C 681 22.47 15.50 46.58
C TYR C 681 22.19 14.17 45.87
N THR C 682 22.33 13.05 46.58
CA THR C 682 22.12 11.73 46.01
C THR C 682 20.64 11.35 45.97
N SER C 683 20.29 10.53 44.97
CA SER C 683 18.98 9.88 44.93
C SER C 683 19.01 8.48 44.34
N TRP C 684 20.18 7.93 44.03
CA TRP C 684 20.25 6.67 43.28
C TRP C 684 21.42 5.80 43.76
N PHE C 713 20.71 26.02 47.88
CA PHE C 713 22.02 26.64 47.91
C PHE C 713 22.86 26.18 46.73
N GLU C 714 22.78 24.90 46.37
CA GLU C 714 23.43 24.34 45.18
C GLU C 714 22.45 24.18 44.03
N GLN C 715 21.96 25.31 43.51
CA GLN C 715 20.93 25.30 42.48
C GLN C 715 21.42 24.89 41.10
N LYS C 716 22.62 24.32 40.98
CA LYS C 716 23.15 23.87 39.70
C LYS C 716 22.82 22.43 39.37
N ARG C 717 22.49 21.59 40.36
CA ARG C 717 22.41 20.15 40.10
C ARG C 717 21.12 19.76 39.40
N VAL C 718 19.99 20.36 39.80
CA VAL C 718 18.69 20.01 39.25
C VAL C 718 18.61 20.39 37.77
N THR C 719 19.39 21.40 37.35
CA THR C 719 19.42 21.79 35.95
C THR C 719 19.96 20.67 35.07
N GLY C 720 20.99 19.96 35.54
CA GLY C 720 21.55 18.88 34.76
C GLY C 720 20.71 17.63 34.74
N VAL C 721 19.93 17.39 35.80
CA VAL C 721 19.10 16.19 35.82
C VAL C 721 17.86 16.41 34.97
N ILE C 722 17.41 17.65 34.82
CA ILE C 722 16.28 17.95 33.95
C ILE C 722 16.65 17.74 32.49
N PHE C 723 17.81 18.26 32.07
CA PHE C 723 18.25 18.07 30.70
C PHE C 723 18.57 16.61 30.39
N TYR C 724 19.05 15.87 31.39
CA TYR C 724 19.32 14.45 31.18
C TYR C 724 18.03 13.66 31.02
N LEU C 725 17.01 13.97 31.82
CA LEU C 725 15.72 13.28 31.69
C LEU C 725 14.97 13.70 30.44
N ILE C 726 15.29 14.84 29.83
CA ILE C 726 14.70 15.17 28.54
C ILE C 726 15.30 14.29 27.45
N PHE C 727 16.62 14.08 27.48
CA PHE C 727 17.30 13.20 26.54
C PHE C 727 16.85 11.74 26.69
N ALA C 728 16.30 11.37 27.84
CA ALA C 728 15.73 10.04 27.99
C ALA C 728 14.32 9.95 27.44
N ILE C 729 13.56 11.03 27.52
CA ILE C 729 12.18 11.02 27.00
C ILE C 729 12.18 11.06 25.49
N VAL C 730 13.09 11.83 24.89
CA VAL C 730 13.28 11.78 23.44
C VAL C 730 13.74 10.39 23.00
N THR C 731 14.51 9.71 23.84
CA THR C 731 14.88 8.33 23.55
C THR C 731 13.68 7.39 23.67
N ALA C 732 12.80 7.64 24.64
CA ALA C 732 11.62 6.79 24.78
C ALA C 732 10.61 7.02 23.67
N ILE C 733 10.50 8.25 23.16
CA ILE C 733 9.62 8.50 22.02
C ILE C 733 10.17 7.83 20.77
N LEU C 734 11.49 7.89 20.59
CA LEU C 734 12.12 7.37 19.39
C LEU C 734 12.10 5.84 19.33
N LEU C 735 11.96 5.17 20.48
CA LEU C 735 11.84 3.72 20.49
C LEU C 735 10.41 3.24 20.53
N LEU C 736 9.49 4.03 21.06
CA LEU C 736 8.09 3.68 20.96
C LEU C 736 7.57 3.89 19.55
N ASN C 737 8.26 4.70 18.78
CA ASN C 737 7.97 4.93 17.38
C ASN C 737 8.56 3.85 16.51
N LEU C 738 9.63 3.20 16.96
CA LEU C 738 10.22 2.11 16.21
C LEU C 738 9.59 0.79 16.57
N PHE C 739 8.93 0.70 17.72
CA PHE C 739 8.22 -0.50 18.11
C PHE C 739 6.87 -0.60 17.41
N ILE C 740 6.19 0.52 17.22
CA ILE C 740 4.88 0.50 16.58
C ILE C 740 5.01 0.30 15.08
N ALA C 741 6.04 0.87 14.47
CA ALA C 741 6.28 0.60 13.05
C ALA C 741 6.86 -0.77 12.81
N MET C 742 7.48 -1.38 13.83
CA MET C 742 7.89 -2.77 13.72
C MET C 742 6.68 -3.70 13.66
N LEU C 743 5.66 -3.43 14.48
CA LEU C 743 4.49 -4.29 14.52
C LEU C 743 3.62 -4.13 13.29
N ALA C 744 3.52 -2.92 12.75
CA ALA C 744 2.73 -2.71 11.55
C ALA C 744 3.38 -3.32 10.32
N ASP C 745 4.68 -3.60 10.37
CA ASP C 745 5.29 -4.43 9.34
C ASP C 745 4.80 -5.86 9.45
N THR C 746 4.69 -6.38 10.68
CA THR C 746 4.27 -7.76 10.87
C THR C 746 2.79 -7.95 10.61
N TYR C 747 1.97 -6.93 10.85
CA TYR C 747 0.57 -7.02 10.45
C TYR C 747 0.45 -7.08 8.94
N THR C 748 1.30 -6.36 8.21
CA THR C 748 1.21 -6.36 6.76
C THR C 748 1.71 -7.68 6.18
N ARG C 749 2.60 -8.36 6.88
CA ARG C 749 3.14 -9.59 6.35
C ARG C 749 2.32 -10.81 6.72
N VAL C 750 1.68 -10.84 7.88
CA VAL C 750 0.88 -12.00 8.23
C VAL C 750 -0.56 -11.87 7.77
N SER C 751 -0.96 -10.71 7.24
CA SER C 751 -2.28 -10.55 6.70
C SER C 751 -2.31 -10.42 5.19
N THR C 752 -1.17 -10.50 4.53
CA THR C 752 -1.21 -10.76 3.10
C THR C 752 -1.38 -12.24 2.82
N GLN C 753 -1.22 -13.07 3.85
CA GLN C 753 -1.36 -14.52 3.84
C GLN C 753 -2.33 -14.92 4.93
N ALA C 754 -3.50 -14.29 4.96
CA ALA C 754 -4.45 -14.64 6.00
C ALA C 754 -5.15 -15.94 5.67
N MET C 755 -5.76 -16.01 4.50
CA MET C 755 -6.48 -17.20 4.11
C MET C 755 -5.62 -18.20 3.36
N VAL C 756 -4.33 -18.25 3.62
CA VAL C 756 -3.51 -19.41 3.26
C VAL C 756 -2.89 -20.01 4.50
N GLU C 757 -2.46 -19.18 5.43
CA GLU C 757 -2.05 -19.68 6.72
C GLU C 757 -3.22 -20.25 7.51
N PHE C 758 -4.44 -19.77 7.27
CA PHE C 758 -5.57 -20.35 7.96
C PHE C 758 -5.89 -21.73 7.42
N ARG C 759 -5.95 -21.85 6.10
CA ARG C 759 -6.31 -23.10 5.46
C ARG C 759 -5.19 -24.11 5.52
N TYR C 760 -3.96 -23.68 5.75
CA TYR C 760 -2.90 -24.62 6.08
C TYR C 760 -2.98 -25.08 7.53
N ARG C 761 -3.21 -24.16 8.47
CA ARG C 761 -3.32 -24.55 9.87
C ARG C 761 -4.57 -25.34 10.15
N LYS C 762 -5.63 -25.11 9.38
CA LYS C 762 -6.81 -25.93 9.49
C LYS C 762 -6.52 -27.36 9.08
N ALA C 763 -5.82 -27.57 7.97
CA ALA C 763 -5.56 -28.92 7.52
C ALA C 763 -4.46 -29.62 8.28
N LYS C 764 -3.63 -28.91 9.04
CA LYS C 764 -2.77 -29.60 10.00
C LYS C 764 -3.58 -30.07 11.20
N LEU C 765 -4.72 -29.45 11.42
CA LEU C 765 -5.63 -29.79 12.51
C LEU C 765 -6.65 -30.85 12.09
N MET C 766 -7.13 -30.79 10.86
CA MET C 766 -8.03 -31.81 10.34
C MET C 766 -7.34 -33.14 10.16
N ALA C 767 -6.03 -33.14 10.01
CA ALA C 767 -5.26 -34.37 9.91
C ALA C 767 -4.80 -34.90 11.24
N SER C 768 -4.71 -34.05 12.25
CA SER C 768 -4.25 -34.51 13.56
C SER C 768 -5.35 -35.23 14.31
N TYR C 769 -6.59 -34.78 14.18
CA TYR C 769 -7.69 -35.41 14.90
C TYR C 769 -8.32 -36.58 14.15
N SER C 770 -7.99 -36.77 12.89
CA SER C 770 -8.56 -37.91 12.19
C SER C 770 -7.83 -39.19 12.52
N ARG C 771 -6.69 -39.11 13.20
CA ARG C 771 -5.94 -40.26 13.64
C ARG C 771 -5.97 -40.43 15.15
N ARG C 772 -6.57 -39.50 15.87
CA ARG C 772 -6.53 -39.43 17.32
C ARG C 772 -7.76 -40.10 17.91
N ASP C 773 -7.56 -40.79 19.04
CA ASP C 773 -8.63 -41.49 19.72
C ASP C 773 -9.49 -40.51 20.53
N PHE C 774 -10.66 -40.96 20.98
CA PHE C 774 -11.62 -40.05 21.60
C PHE C 774 -11.35 -39.78 23.06
N VAL C 775 -10.24 -40.23 23.63
CA VAL C 775 -9.95 -40.01 25.04
C VAL C 775 -9.10 -38.76 25.21
N CYS C 776 -9.72 -37.72 25.77
CA CYS C 776 -9.10 -36.44 25.99
C CYS C 776 -8.07 -36.57 27.12
N PRO C 777 -7.16 -35.60 27.28
CA PRO C 777 -6.10 -35.69 28.31
C PRO C 777 -6.55 -35.90 29.75
N PRO C 778 -7.77 -35.54 30.21
CA PRO C 778 -8.11 -35.97 31.58
C PRO C 778 -8.29 -37.47 31.74
N PHE C 779 -8.60 -38.21 30.68
CA PHE C 779 -8.71 -39.66 30.75
C PHE C 779 -7.62 -40.33 29.94
N ASN C 780 -6.60 -39.58 29.55
CA ASN C 780 -5.41 -40.15 28.95
C ASN C 780 -4.73 -41.09 29.92
N LEU C 781 -4.74 -40.74 31.20
CA LEU C 781 -3.97 -41.49 32.18
C LEU C 781 -4.66 -42.79 32.57
N LEU C 782 -5.99 -42.82 32.54
CA LEU C 782 -6.71 -44.05 32.84
C LEU C 782 -6.55 -45.07 31.71
N HIS C 783 -6.31 -44.60 30.49
CA HIS C 783 -6.16 -45.51 29.38
C HIS C 783 -4.83 -46.25 29.42
N LEU C 784 -3.78 -45.61 29.93
CA LEU C 784 -2.49 -46.29 30.00
C LEU C 784 -2.48 -47.32 31.12
N VAL C 785 -3.20 -47.06 32.20
CA VAL C 785 -3.20 -47.96 33.34
C VAL C 785 -4.01 -49.22 33.06
N CYS C 786 -5.18 -49.06 32.44
CA CYS C 786 -6.02 -50.22 32.15
C CYS C 786 -5.47 -51.04 30.98
N ALA C 787 -4.68 -50.43 30.10
CA ALA C 787 -4.11 -51.20 29.01
C ALA C 787 -2.82 -51.90 29.43
N ALA C 788 -2.11 -51.37 30.42
CA ALA C 788 -0.97 -52.09 30.96
C ALA C 788 -1.42 -53.28 31.78
N VAL C 789 -2.48 -53.11 32.57
CA VAL C 789 -3.05 -54.23 33.31
C VAL C 789 -3.74 -55.20 32.37
N GLY C 790 -4.66 -54.69 31.55
CA GLY C 790 -5.54 -55.52 30.76
C GLY C 790 -4.87 -56.29 29.64
N ASN C 791 -3.66 -55.91 29.26
CA ASN C 791 -2.91 -56.71 28.30
C ASN C 791 -1.86 -57.58 28.97
N GLY C 792 -1.55 -57.31 30.24
CA GLY C 792 -0.76 -58.27 30.99
C GLY C 792 -1.54 -59.51 31.33
N LEU C 793 -2.86 -59.39 31.42
CA LEU C 793 -3.71 -60.55 31.69
C LEU C 793 -3.72 -61.51 30.50
N ARG C 794 -3.94 -60.98 29.30
CA ARG C 794 -4.00 -61.81 28.10
C ARG C 794 -2.62 -62.14 27.53
N ARG C 795 -1.56 -62.03 28.33
CA ARG C 795 -0.31 -62.74 28.10
C ARG C 795 -0.21 -64.02 28.94
N LEU C 796 -0.89 -64.07 30.08
CA LEU C 796 -0.97 -65.31 30.85
C LEU C 796 -2.10 -66.19 30.32
N VAL C 797 -3.33 -65.69 30.32
CA VAL C 797 -4.44 -66.28 29.58
C VAL C 797 -4.25 -65.94 28.12
N TRP C 798 -5.16 -66.43 27.26
CA TRP C 798 -4.99 -66.83 25.85
C TRP C 798 -4.00 -66.03 25.01
N GLY C 799 -3.30 -66.73 24.12
CA GLY C 799 -2.04 -66.26 23.59
C GLY C 799 -2.23 -65.35 22.41
N PRO C 800 -2.12 -65.89 21.19
CA PRO C 800 -2.33 -65.04 19.99
C PRO C 800 -3.75 -64.52 19.87
N ASP C 801 -4.06 -63.53 20.70
CA ASP C 801 -5.36 -62.89 20.75
C ASP C 801 -5.39 -61.64 19.88
N GLY C 802 -4.43 -60.75 20.11
CA GLY C 802 -4.37 -59.52 19.35
C GLY C 802 -5.42 -58.53 19.82
N PHE C 803 -5.72 -57.58 18.92
CA PHE C 803 -6.66 -56.47 19.05
C PHE C 803 -6.58 -55.74 20.39
N THR C 804 -5.38 -55.61 20.93
CA THR C 804 -5.19 -54.92 22.19
C THR C 804 -5.47 -53.43 22.00
N PRO C 805 -6.06 -52.76 22.99
CA PRO C 805 -6.08 -51.29 22.98
C PRO C 805 -4.66 -50.78 23.03
N VAL C 806 -4.21 -50.20 21.92
CA VAL C 806 -2.79 -49.91 21.77
C VAL C 806 -2.41 -48.73 22.66
N SER C 807 -1.23 -48.82 23.28
CA SER C 807 -0.80 -47.78 24.19
C SER C 807 -0.15 -46.61 23.46
N MET C 808 -0.91 -46.00 22.55
CA MET C 808 -0.53 -44.75 21.92
C MET C 808 -1.76 -44.09 21.34
N ARG C 809 -1.75 -42.77 21.34
CA ARG C 809 -2.63 -41.98 20.51
C ARG C 809 -2.01 -41.87 19.12
N LYS C 810 -2.76 -41.26 18.20
CA LYS C 810 -2.34 -41.05 16.80
C LYS C 810 -1.99 -42.37 16.13
N ASN C 811 -3.06 -43.17 15.92
CA ASN C 811 -2.94 -44.56 15.53
C ASN C 811 -2.15 -44.74 14.24
N GLU C 812 -1.32 -45.78 14.22
CA GLU C 812 -0.45 -46.00 13.07
C GLU C 812 -1.01 -47.02 12.10
N THR C 813 -1.87 -47.92 12.56
CA THR C 813 -2.34 -49.02 11.71
C THR C 813 -3.62 -48.60 10.99
N VAL C 814 -3.53 -47.40 10.45
CA VAL C 814 -4.57 -46.77 9.64
C VAL C 814 -3.87 -45.90 8.61
N PRO C 815 -4.05 -46.19 7.33
CA PRO C 815 -3.86 -45.16 6.33
C PRO C 815 -4.86 -44.06 6.61
N LEU C 816 -4.48 -42.80 6.39
CA LEU C 816 -5.25 -41.64 6.82
C LEU C 816 -6.64 -41.64 6.19
N PHE C 817 -6.72 -41.86 4.88
CA PHE C 817 -7.99 -41.86 4.17
C PHE C 817 -8.38 -43.28 3.77
N SER C 818 -9.67 -43.48 3.57
CA SER C 818 -10.15 -44.80 3.16
C SER C 818 -10.00 -45.04 1.67
N TRP C 819 -9.70 -44.02 0.88
CA TRP C 819 -9.44 -44.21 -0.53
C TRP C 819 -7.98 -44.49 -0.85
N TYR C 820 -7.17 -44.82 0.16
CA TYR C 820 -5.83 -45.32 -0.07
C TYR C 820 -5.91 -46.79 -0.47
N PHE C 821 -4.78 -47.50 -0.37
CA PHE C 821 -4.28 -48.55 -1.25
C PHE C 821 -5.38 -49.42 -1.85
N PRO C 822 -5.73 -49.21 -3.12
CA PRO C 822 -6.94 -49.82 -3.68
C PRO C 822 -6.74 -51.18 -4.33
N GLN C 823 -6.81 -52.27 -3.57
CA GLN C 823 -6.65 -53.59 -4.17
C GLN C 823 -7.82 -53.92 -5.10
N GLY C 824 -7.50 -54.63 -6.18
CA GLY C 824 -8.52 -55.21 -7.03
C GLY C 824 -8.65 -54.58 -8.39
N GLU C 825 -9.88 -54.48 -8.88
CA GLU C 825 -10.18 -53.77 -10.11
C GLU C 825 -10.50 -52.31 -9.87
N GLU C 826 -10.27 -51.80 -8.67
CA GLU C 826 -10.18 -50.37 -8.49
C GLU C 826 -8.78 -49.86 -8.70
N MET C 827 -7.77 -50.72 -8.65
CA MET C 827 -6.43 -50.31 -9.02
C MET C 827 -6.34 -50.07 -10.52
N ARG C 828 -7.02 -50.90 -11.29
CA ARG C 828 -6.96 -50.75 -12.74
C ARG C 828 -7.71 -49.51 -13.20
N GLN C 829 -8.70 -49.06 -12.42
CA GLN C 829 -9.43 -47.86 -12.79
C GLN C 829 -8.78 -46.59 -12.26
N VAL C 830 -7.96 -46.67 -11.21
CA VAL C 830 -7.19 -45.50 -10.80
C VAL C 830 -6.07 -45.23 -11.78
N VAL C 831 -5.33 -46.29 -12.15
CA VAL C 831 -4.18 -46.19 -13.03
C VAL C 831 -4.56 -45.70 -14.42
N VAL C 832 -5.76 -46.01 -14.88
CA VAL C 832 -6.26 -45.36 -16.09
C VAL C 832 -6.58 -43.90 -15.82
N LEU C 833 -7.23 -43.61 -14.71
CA LEU C 833 -7.68 -42.25 -14.43
C LEU C 833 -6.54 -41.35 -14.03
N GLN C 834 -5.47 -41.90 -13.47
CA GLN C 834 -4.28 -41.11 -13.21
C GLN C 834 -3.58 -40.73 -14.51
N ARG C 835 -3.45 -41.69 -15.43
CA ARG C 835 -2.71 -41.46 -16.66
C ARG C 835 -3.45 -40.50 -17.58
N ARG C 836 -4.78 -40.40 -17.44
CA ARG C 836 -5.50 -39.34 -18.12
C ARG C 836 -5.16 -37.97 -17.57
N VAL C 837 -5.01 -37.86 -16.25
CA VAL C 837 -4.79 -36.55 -15.64
C VAL C 837 -3.36 -36.09 -15.89
N VAL C 838 -2.38 -36.97 -15.72
CA VAL C 838 -0.99 -36.57 -15.83
C VAL C 838 -0.59 -36.34 -17.28
N ASP C 839 -1.11 -37.12 -18.22
CA ASP C 839 -0.78 -36.88 -19.61
C ASP C 839 -1.38 -35.58 -20.13
N ASP C 840 -2.47 -35.11 -19.54
CA ASP C 840 -3.03 -33.83 -19.94
C ASP C 840 -2.40 -32.68 -19.20
N PHE C 841 -1.65 -32.97 -18.16
CA PHE C 841 -0.84 -31.98 -17.47
C PHE C 841 0.52 -31.82 -18.12
N LEU C 842 1.12 -32.90 -18.57
CA LEU C 842 2.47 -32.81 -19.12
C LEU C 842 2.49 -32.15 -20.49
N ASN C 843 1.35 -32.07 -21.17
CA ASN C 843 1.32 -31.33 -22.42
C ASN C 843 0.56 -30.02 -22.32
N SER C 844 0.41 -29.48 -21.12
CA SER C 844 0.16 -28.06 -20.97
C SER C 844 1.38 -27.35 -20.41
N ASN C 845 2.35 -28.11 -19.93
CA ASN C 845 3.69 -27.58 -19.73
C ASN C 845 4.44 -27.52 -21.05
N ARG C 846 4.28 -28.54 -21.88
CA ARG C 846 4.97 -28.61 -23.15
C ARG C 846 4.43 -27.58 -24.14
N VAL C 847 3.23 -27.08 -23.92
CA VAL C 847 2.73 -25.91 -24.64
C VAL C 847 3.29 -24.63 -24.04
N ALA C 848 3.29 -24.52 -22.72
CA ALA C 848 3.71 -23.28 -22.08
C ALA C 848 5.22 -23.10 -22.07
N LEU C 849 5.99 -24.16 -22.31
CA LEU C 849 7.41 -24.04 -22.53
C LEU C 849 7.75 -23.84 -23.98
N PHE C 850 6.76 -23.92 -24.87
CA PHE C 850 6.95 -23.57 -26.27
C PHE C 850 6.72 -22.11 -26.52
N ARG C 851 5.84 -21.49 -25.75
CA ARG C 851 5.61 -20.06 -25.90
C ARG C 851 6.78 -19.26 -25.36
N GLU C 852 7.52 -19.80 -24.38
CA GLU C 852 8.75 -19.14 -23.92
C GLU C 852 9.92 -19.35 -24.86
N LYS C 853 9.93 -20.44 -25.63
CA LYS C 853 10.90 -20.60 -26.70
C LYS C 853 10.59 -19.64 -27.85
N LEU C 854 9.36 -19.17 -27.96
CA LEU C 854 9.01 -18.16 -28.96
C LEU C 854 9.10 -16.75 -28.43
N ASN C 855 8.99 -16.54 -27.12
CA ASN C 855 9.27 -15.21 -26.59
C ASN C 855 10.75 -14.85 -26.69
N ALA C 856 11.64 -15.84 -26.79
CA ALA C 856 13.05 -15.54 -26.88
C ALA C 856 13.46 -15.08 -28.26
N GLU C 857 12.64 -15.33 -29.28
CA GLU C 857 13.00 -15.00 -30.64
C GLU C 857 11.86 -14.25 -31.32
N LEU C 858 11.14 -13.48 -30.54
CA LEU C 858 10.07 -12.64 -31.05
C LEU C 858 10.61 -11.51 -31.93
N PRO C 859 11.74 -10.84 -31.65
CA PRO C 859 12.28 -9.90 -32.66
C PRO C 859 12.93 -10.56 -33.85
N ASN C 860 13.00 -11.88 -33.91
CA ASN C 860 13.52 -12.56 -35.08
C ASN C 860 12.43 -13.13 -35.95
N LEU C 861 11.26 -13.40 -35.38
CA LEU C 861 10.12 -13.85 -36.15
C LEU C 861 9.37 -12.69 -36.77
N VAL C 862 9.32 -11.55 -36.09
CA VAL C 862 8.67 -10.36 -36.64
C VAL C 862 9.42 -9.90 -37.88
N HIS C 863 10.75 -9.99 -37.86
CA HIS C 863 11.57 -9.63 -39.00
C HIS C 863 11.39 -10.60 -40.17
N GLU C 864 10.87 -11.79 -39.93
CA GLU C 864 10.69 -12.76 -41.01
C GLU C 864 9.30 -12.75 -41.60
N MET C 865 8.27 -12.43 -40.82
CA MET C 865 6.94 -12.24 -41.39
C MET C 865 6.84 -10.91 -42.11
N LEU C 866 7.70 -9.97 -41.77
CA LEU C 866 7.64 -8.65 -42.36
C LEU C 866 8.29 -8.66 -43.73
N LYS C 867 9.24 -9.58 -43.93
CA LYS C 867 9.90 -9.79 -45.21
C LYS C 867 9.11 -10.73 -46.11
N GLN C 868 8.38 -11.67 -45.52
CA GLN C 868 7.45 -12.54 -46.23
C GLN C 868 6.17 -11.82 -46.62
N LYS C 869 5.92 -10.63 -46.05
CA LYS C 869 4.95 -9.69 -46.57
C LYS C 869 5.38 -9.28 -47.99
N GLY C 870 4.44 -8.75 -48.77
CA GLY C 870 4.66 -8.47 -50.17
C GLY C 870 5.64 -7.38 -50.54
N LYS C 871 6.53 -7.00 -49.62
CA LYS C 871 7.76 -6.32 -50.02
C LYS C 871 8.59 -7.24 -50.92
N GLY C 872 8.83 -8.46 -50.48
CA GLY C 872 9.57 -9.41 -51.29
C GLY C 872 8.75 -10.49 -51.97
N ASP C 873 7.85 -11.16 -51.23
CA ASP C 873 7.25 -12.40 -51.72
C ASP C 873 5.81 -12.52 -51.21
N GLY C 874 4.86 -12.02 -52.00
CA GLY C 874 3.45 -12.19 -51.68
C GLY C 874 2.95 -11.54 -50.40
N LYS D 17 -20.18 42.97 -26.92
CA LYS D 17 -20.19 42.14 -28.12
C LYS D 17 -18.77 42.06 -28.68
N LYS D 18 -17.99 43.11 -28.47
CA LYS D 18 -16.58 43.16 -28.87
C LYS D 18 -15.69 42.18 -28.10
N PRO D 19 -15.80 41.99 -26.77
CA PRO D 19 -15.07 40.87 -26.18
C PRO D 19 -15.76 39.54 -26.45
N SER D 20 -14.97 38.48 -26.34
CA SER D 20 -15.47 37.12 -26.45
C SER D 20 -15.57 36.52 -25.05
N ASP D 21 -15.90 35.23 -24.98
CA ASP D 21 -15.82 34.56 -23.69
C ASP D 21 -14.39 34.18 -23.36
N TYR D 22 -13.66 33.74 -24.38
CA TYR D 22 -12.23 33.48 -24.25
C TYR D 22 -11.47 34.76 -23.89
N GLY D 23 -11.95 35.89 -24.40
CA GLY D 23 -11.24 37.12 -24.22
C GLY D 23 -11.29 37.67 -22.82
N CYS D 24 -12.46 37.60 -22.18
CA CYS D 24 -12.59 38.06 -20.82
C CYS D 24 -11.79 37.23 -19.84
N GLN D 25 -11.51 35.98 -20.19
CA GLN D 25 -11.01 35.00 -19.25
C GLN D 25 -9.53 34.80 -19.35
N LEU D 26 -8.93 35.08 -20.51
CA LEU D 26 -7.59 34.62 -20.78
C LEU D 26 -6.62 35.73 -21.17
N HIS D 27 -7.08 36.86 -21.72
CA HIS D 27 -6.14 37.87 -22.20
C HIS D 27 -5.47 38.60 -21.05
N TYR D 28 -4.47 39.39 -21.42
CA TYR D 28 -3.73 40.20 -20.47
C TYR D 28 -4.61 41.31 -19.93
N LYS D 29 -4.60 41.47 -18.61
CA LYS D 29 -5.64 42.25 -17.94
C LYS D 29 -5.45 43.75 -18.15
N HIS D 30 -4.27 44.26 -17.82
CA HIS D 30 -4.04 45.69 -17.69
C HIS D 30 -3.65 46.29 -19.03
N ALA D 31 -3.61 47.62 -19.06
CA ALA D 31 -3.19 48.37 -20.24
C ALA D 31 -1.75 48.80 -20.06
N ARG D 32 -0.91 48.44 -21.02
CA ARG D 32 0.51 48.78 -20.97
C ARG D 32 0.86 49.85 -22.00
N VAL D 33 2.10 50.31 -21.95
CA VAL D 33 2.65 51.27 -22.90
C VAL D 33 3.78 50.58 -23.65
N VAL D 34 3.72 50.61 -24.97
CA VAL D 34 4.72 49.97 -25.82
C VAL D 34 6.02 50.78 -25.74
N GLU D 35 7.10 50.11 -25.33
CA GLU D 35 8.42 50.73 -25.35
C GLU D 35 8.86 50.96 -26.80
N PRO D 36 9.65 52.03 -27.06
CA PRO D 36 10.01 52.35 -28.45
C PRO D 36 10.88 51.31 -29.13
N GLU D 37 12.02 50.95 -28.54
CA GLU D 37 12.89 49.91 -29.08
C GLU D 37 13.37 49.06 -27.90
N SER D 38 12.62 48.00 -27.59
CA SER D 38 12.94 47.08 -26.51
C SER D 38 13.15 45.71 -27.10
N THR D 39 14.39 45.23 -27.06
CA THR D 39 14.72 43.88 -27.50
C THR D 39 14.45 42.90 -26.38
N THR D 40 14.36 41.62 -26.73
CA THR D 40 14.22 40.56 -25.76
C THR D 40 15.23 39.44 -25.94
N ASP D 41 16.29 39.66 -26.71
CA ASP D 41 17.39 38.70 -26.71
C ASP D 41 18.20 38.86 -25.43
N ASP D 42 19.08 37.88 -25.17
CA ASP D 42 19.63 37.69 -23.84
C ASP D 42 20.58 38.81 -23.45
N GLY D 43 21.50 39.15 -24.31
CA GLY D 43 22.14 40.45 -24.22
C GLY D 43 21.29 41.46 -24.95
N MET D 44 21.52 42.74 -24.66
CA MET D 44 20.83 43.91 -25.24
C MET D 44 19.40 44.07 -24.70
N LYS D 45 18.89 43.13 -23.91
CA LYS D 45 17.77 43.42 -23.03
C LYS D 45 18.21 44.14 -21.78
N ARG D 46 19.51 44.30 -21.58
CA ARG D 46 20.10 44.80 -20.35
C ARG D 46 21.02 45.99 -20.61
N LEU D 47 20.66 46.84 -21.58
CA LEU D 47 21.48 48.02 -21.83
C LEU D 47 21.23 49.11 -20.81
N LYS D 48 20.00 49.21 -20.31
CA LYS D 48 19.71 50.24 -19.33
C LYS D 48 20.29 49.93 -17.97
N ASP D 49 20.61 48.67 -17.72
CA ASP D 49 21.06 48.21 -16.41
C ASP D 49 22.57 48.09 -16.32
N VAL D 50 23.19 47.37 -17.26
CA VAL D 50 24.63 47.25 -17.26
C VAL D 50 25.27 48.54 -17.74
N GLY D 51 24.70 49.14 -18.76
CA GLY D 51 25.23 50.38 -19.30
C GLY D 51 25.85 50.14 -20.66
N ASP D 52 26.53 51.17 -21.15
CA ASP D 52 27.29 51.08 -22.40
C ASP D 52 28.61 51.83 -22.25
N LYS D 53 29.35 51.56 -21.17
CA LYS D 53 30.50 52.38 -20.84
C LYS D 53 31.70 52.11 -21.73
N GLY D 54 31.64 51.04 -22.53
CA GLY D 54 32.69 50.75 -23.48
C GLY D 54 33.95 50.25 -22.83
N THR D 55 33.89 49.09 -22.18
CA THR D 55 35.03 48.65 -21.40
C THR D 55 35.32 47.15 -21.49
N LEU D 56 34.81 46.46 -22.52
CA LEU D 56 35.04 45.04 -22.84
C LEU D 56 34.43 44.08 -21.84
N ILE D 57 33.94 44.59 -20.73
CA ILE D 57 33.29 43.80 -19.70
C ILE D 57 31.81 44.12 -19.71
N THR D 58 31.50 45.27 -20.32
CA THR D 58 30.18 45.70 -20.73
C THR D 58 29.92 45.39 -22.19
N ALA D 59 30.97 45.37 -23.01
CA ALA D 59 30.82 45.02 -24.41
C ALA D 59 30.59 43.53 -24.62
N ALA D 60 30.94 42.71 -23.64
CA ALA D 60 30.69 41.27 -23.71
C ALA D 60 29.40 40.87 -23.03
N GLU D 61 29.02 41.56 -21.96
CA GLU D 61 27.73 41.33 -21.34
C GLU D 61 26.60 41.72 -22.26
N LEU D 62 26.79 42.80 -23.01
CA LEU D 62 25.77 43.28 -23.91
C LEU D 62 25.78 42.58 -25.25
N GLY D 63 26.92 42.00 -25.63
CA GLY D 63 26.99 41.26 -26.87
C GLY D 63 27.38 42.07 -28.06
N LEU D 64 28.04 43.20 -27.85
CA LEU D 64 28.43 44.11 -28.93
C LEU D 64 29.69 43.56 -29.55
N VAL D 65 29.57 42.90 -30.70
CA VAL D 65 30.71 42.23 -31.31
C VAL D 65 31.69 43.27 -31.85
N ASP D 66 31.17 44.37 -32.38
CA ASP D 66 32.01 45.41 -32.97
C ASP D 66 32.73 46.22 -31.90
N LYS D 67 32.00 46.61 -30.84
CA LYS D 67 32.64 47.31 -29.74
C LYS D 67 33.51 46.40 -28.88
N TYR D 68 33.46 45.09 -29.07
CA TYR D 68 34.47 44.28 -28.42
C TYR D 68 35.74 44.26 -29.24
N ARG D 69 35.58 44.28 -30.57
CA ARG D 69 36.72 44.21 -31.46
C ARG D 69 37.49 45.51 -31.44
N ASP D 70 36.80 46.64 -31.60
CA ASP D 70 37.46 47.94 -31.71
C ASP D 70 38.06 48.38 -30.40
N LEU D 71 37.45 48.03 -29.27
CA LEU D 71 38.04 48.32 -27.96
C LEU D 71 39.24 47.45 -27.67
N LYS D 72 39.43 46.35 -28.40
CA LYS D 72 40.59 45.49 -28.23
C LYS D 72 41.66 45.77 -29.27
N ARG D 73 41.23 46.03 -30.51
CA ARG D 73 42.15 46.33 -31.61
C ARG D 73 42.92 47.62 -31.37
N ALA D 74 42.30 48.57 -30.67
CA ALA D 74 43.00 49.79 -30.29
C ALA D 74 43.47 49.77 -28.84
N GLY D 75 42.91 48.90 -28.01
CA GLY D 75 42.90 49.21 -26.60
C GLY D 75 43.19 48.16 -25.55
N GLN D 76 42.17 47.94 -24.72
CA GLN D 76 42.29 47.72 -23.28
C GLN D 76 43.01 46.46 -22.82
N ASP D 77 42.37 45.31 -22.95
CA ASP D 77 42.81 44.08 -22.29
C ASP D 77 41.98 42.96 -22.88
N ILE D 78 42.02 41.78 -22.25
CA ILE D 78 41.02 40.76 -22.56
C ILE D 78 40.52 40.15 -21.27
N LEU D 79 41.23 40.40 -20.18
CA LEU D 79 41.04 39.66 -18.94
C LEU D 79 41.11 40.61 -17.74
N THR D 80 40.58 41.81 -17.88
CA THR D 80 40.39 42.65 -16.71
C THR D 80 39.14 42.18 -15.96
N CYS D 81 38.97 42.68 -14.74
CA CYS D 81 37.97 42.11 -13.86
C CYS D 81 37.32 43.18 -13.00
N ASP D 82 36.12 42.86 -12.50
CA ASP D 82 35.42 43.72 -11.55
C ASP D 82 36.02 43.58 -10.16
N TRP D 83 35.64 44.48 -9.26
CA TRP D 83 36.20 44.31 -7.93
C TRP D 83 35.51 43.22 -7.12
N PRO D 84 34.16 43.26 -6.80
CA PRO D 84 33.65 42.37 -5.76
C PRO D 84 33.70 40.93 -6.20
N TYR D 85 33.11 40.69 -7.35
CA TYR D 85 33.19 39.43 -8.08
C TYR D 85 34.28 39.54 -9.12
N HIS D 86 35.09 38.50 -9.23
CA HIS D 86 36.28 38.51 -10.04
C HIS D 86 35.98 38.04 -11.45
N TYR D 87 34.92 38.57 -12.06
CA TYR D 87 34.55 38.08 -13.38
C TYR D 87 35.42 38.74 -14.44
N SER D 88 35.99 37.90 -15.29
CA SER D 88 36.76 38.34 -16.44
C SER D 88 35.84 38.97 -17.49
N SER D 89 36.43 39.35 -18.61
CA SER D 89 35.59 39.71 -19.75
C SER D 89 34.96 38.49 -20.37
N ILE D 90 35.65 37.36 -20.31
CA ILE D 90 35.13 36.10 -20.81
C ILE D 90 33.96 35.63 -19.96
N LEU D 91 34.07 35.81 -18.64
CA LEU D 91 33.03 35.30 -17.75
C LEU D 91 31.77 36.13 -17.78
N TYR D 92 31.80 37.34 -18.35
CA TYR D 92 30.55 38.00 -18.67
C TYR D 92 30.00 37.55 -20.00
N ALA D 93 30.86 37.05 -20.89
CA ALA D 93 30.40 36.66 -22.21
C ALA D 93 29.51 35.44 -22.14
N CYS D 94 29.87 34.49 -21.30
CA CYS D 94 29.04 33.32 -21.03
C CYS D 94 28.15 33.51 -19.81
N TYR D 95 28.10 34.71 -19.24
CA TYR D 95 27.01 35.12 -18.36
C TYR D 95 26.10 36.00 -19.21
N GLY D 96 25.22 35.36 -19.96
CA GLY D 96 24.40 36.10 -20.88
C GLY D 96 24.60 35.59 -22.28
N ASN D 97 25.07 34.35 -22.36
CA ASN D 97 25.33 33.47 -23.50
C ASN D 97 25.77 34.16 -24.77
N GLN D 98 26.72 35.07 -24.68
CA GLN D 98 27.25 35.70 -25.87
C GLN D 98 28.36 34.81 -26.38
N TYR D 99 27.97 33.73 -27.04
CA TYR D 99 28.95 32.90 -27.72
C TYR D 99 29.50 33.59 -28.95
N LYS D 100 28.85 34.66 -29.42
CA LYS D 100 29.29 35.38 -30.61
C LYS D 100 30.66 35.99 -30.40
N ILE D 101 30.97 36.42 -29.18
CA ILE D 101 32.25 37.07 -28.94
C ILE D 101 33.27 36.10 -28.35
N LEU D 102 32.83 35.02 -27.69
CA LEU D 102 33.77 33.97 -27.32
C LEU D 102 34.31 33.27 -28.54
N GLN D 103 33.49 33.15 -29.58
CA GLN D 103 33.90 32.57 -30.84
C GLN D 103 34.73 33.54 -31.64
N MET D 104 34.55 34.83 -31.41
CA MET D 104 35.36 35.84 -32.07
C MET D 104 36.79 35.78 -31.57
N VAL D 105 36.97 35.70 -30.24
CA VAL D 105 38.28 35.63 -29.63
C VAL D 105 39.01 34.35 -29.99
N GLU D 106 38.30 33.22 -29.98
CA GLU D 106 38.93 31.94 -30.26
C GLU D 106 39.39 31.83 -31.71
N ARG D 107 38.68 32.49 -32.62
CA ARG D 107 39.09 32.43 -34.02
C ARG D 107 40.24 33.38 -34.32
N GLU D 108 40.27 34.52 -33.64
CA GLU D 108 41.33 35.52 -33.81
C GLU D 108 41.37 36.37 -32.56
N PHE D 109 42.59 36.84 -32.23
CA PHE D 109 43.07 37.39 -30.94
C PHE D 109 43.41 36.31 -29.94
N VAL D 110 43.60 35.07 -30.37
CA VAL D 110 44.26 34.08 -29.54
C VAL D 110 45.04 33.13 -30.45
N GLY D 111 46.13 32.59 -29.92
CA GLY D 111 46.84 31.46 -30.47
C GLY D 111 47.45 30.75 -29.29
N SER D 112 48.11 29.62 -29.55
CA SER D 112 48.78 28.82 -28.52
C SER D 112 47.83 28.34 -27.44
N THR D 113 47.02 27.30 -27.74
CA THR D 113 45.83 26.87 -26.99
C THR D 113 45.95 26.77 -25.48
N GLN D 114 47.18 26.77 -24.94
CA GLN D 114 47.35 27.04 -23.51
C GLN D 114 46.96 28.46 -23.14
N GLU D 115 46.91 29.38 -24.10
CA GLU D 115 46.36 30.70 -23.84
C GLU D 115 44.84 30.72 -24.00
N LEU D 116 44.29 29.81 -24.80
CA LEU D 116 42.83 29.68 -24.87
C LEU D 116 42.27 29.07 -23.60
N THR D 117 42.99 28.14 -22.97
CA THR D 117 42.54 27.56 -21.72
C THR D 117 42.53 28.59 -20.61
N ALA D 118 43.69 29.19 -20.32
CA ALA D 118 43.86 30.10 -19.18
C ALA D 118 42.99 31.33 -19.26
N MET D 119 42.49 31.64 -20.45
CA MET D 119 41.49 32.66 -20.62
C MET D 119 40.10 32.17 -20.20
N HIS D 120 39.84 30.86 -20.31
CA HIS D 120 38.56 30.29 -19.88
C HIS D 120 38.59 29.80 -18.44
N THR D 121 39.69 29.20 -17.98
CA THR D 121 39.75 28.65 -16.64
C THR D 121 40.27 29.62 -15.60
N THR D 122 40.05 30.93 -15.77
CA THR D 122 40.79 31.95 -15.03
C THR D 122 40.60 31.91 -13.51
N ARG D 123 39.43 32.36 -12.97
CA ARG D 123 38.64 31.85 -11.85
C ARG D 123 37.65 32.98 -11.53
N CYS D 124 36.79 32.81 -10.54
CA CYS D 124 35.98 33.89 -9.98
C CYS D 124 36.25 34.00 -8.49
N TRP D 125 35.40 34.74 -7.82
CA TRP D 125 35.56 34.91 -6.39
C TRP D 125 34.89 33.79 -5.60
N VAL D 126 33.88 33.16 -6.18
CA VAL D 126 33.34 31.93 -5.64
C VAL D 126 34.09 30.73 -6.21
N GLY D 127 34.50 30.80 -7.46
CA GLY D 127 35.29 29.73 -8.01
C GLY D 127 34.86 29.23 -9.36
N LYS D 128 34.03 30.00 -10.07
CA LYS D 128 33.50 29.53 -11.35
C LYS D 128 34.59 29.52 -12.42
N ASN D 129 34.26 28.97 -13.57
CA ASN D 129 35.09 29.09 -14.75
C ASN D 129 34.12 29.36 -15.90
N SER D 130 34.58 29.17 -17.12
CA SER D 130 33.72 29.54 -18.23
C SER D 130 32.61 28.53 -18.49
N ALA D 131 32.72 27.31 -17.98
CA ALA D 131 31.69 26.32 -18.20
C ALA D 131 30.96 25.98 -16.92
N MET D 132 31.21 26.69 -15.84
CA MET D 132 30.33 26.67 -14.69
C MET D 132 29.46 27.90 -14.61
N VAL D 133 29.88 29.01 -15.20
CA VAL D 133 29.06 30.22 -15.19
C VAL D 133 28.04 30.19 -16.32
N ALA D 134 28.28 29.37 -17.35
CA ALA D 134 27.31 29.10 -18.38
C ALA D 134 26.47 27.90 -18.05
N ALA D 135 26.72 27.25 -16.92
CA ALA D 135 25.95 26.09 -16.51
C ALA D 135 24.97 26.39 -15.42
N TYR D 136 25.26 27.32 -14.51
CA TYR D 136 24.27 27.56 -13.48
C TYR D 136 23.19 28.51 -13.94
N GLN D 137 23.25 28.93 -15.20
CA GLN D 137 22.14 29.49 -15.94
C GLN D 137 21.99 28.65 -17.18
N GLY D 138 20.75 28.43 -17.60
CA GLY D 138 20.57 27.52 -18.71
C GLY D 138 20.92 28.24 -19.98
N HIS D 139 22.11 27.97 -20.51
CA HIS D 139 22.64 28.68 -21.65
C HIS D 139 23.15 27.67 -22.65
N LEU D 140 22.22 26.81 -23.11
CA LEU D 140 22.42 25.92 -24.25
C LEU D 140 23.31 26.46 -25.36
N GLU D 141 23.01 27.65 -25.86
CA GLU D 141 23.71 28.17 -27.03
C GLU D 141 25.17 28.48 -26.75
N THR D 142 25.55 28.57 -25.49
CA THR D 142 26.94 28.70 -25.06
C THR D 142 27.49 27.44 -24.45
N MET D 143 26.70 26.70 -23.67
CA MET D 143 27.15 25.41 -23.19
C MET D 143 27.41 24.44 -24.34
N LEU D 144 26.67 24.58 -25.44
CA LEU D 144 27.04 23.84 -26.65
C LEU D 144 28.28 24.39 -27.34
N TYR D 145 28.84 25.50 -26.88
CA TYR D 145 30.06 25.99 -27.52
C TYR D 145 31.30 25.52 -26.78
N ILE D 146 31.28 25.45 -25.46
CA ILE D 146 32.45 24.95 -24.75
C ILE D 146 32.55 23.43 -24.91
N ILE D 147 31.40 22.75 -24.94
CA ILE D 147 31.36 21.32 -25.23
C ILE D 147 31.84 21.04 -26.64
N ASP D 148 31.59 21.96 -27.56
CA ASP D 148 32.16 21.87 -28.90
C ASP D 148 33.68 21.95 -28.87
N LEU D 149 34.24 22.70 -27.93
CA LEU D 149 35.68 22.88 -27.96
C LEU D 149 36.43 21.72 -27.32
N ASP D 150 35.80 20.96 -26.44
CA ASP D 150 36.48 19.79 -25.89
C ASP D 150 36.61 18.69 -26.92
N MET D 151 35.54 18.44 -27.67
CA MET D 151 35.55 17.39 -28.68
C MET D 151 36.53 17.69 -29.79
N GLN D 152 36.77 18.96 -30.05
CA GLN D 152 37.83 19.33 -30.97
C GLN D 152 39.20 19.30 -30.29
N GLY D 153 39.23 19.31 -28.98
CA GLY D 153 40.47 19.27 -28.26
C GLY D 153 41.16 20.59 -28.09
N LYS D 154 40.42 21.70 -28.00
CA LYS D 154 41.05 23.00 -27.85
C LYS D 154 41.58 23.20 -26.44
N PHE D 155 40.86 22.70 -25.45
CA PHE D 155 41.28 22.85 -24.07
C PHE D 155 42.24 21.73 -23.67
N THR D 156 43.38 22.09 -23.11
CA THR D 156 44.25 21.13 -22.44
C THR D 156 44.00 21.11 -20.94
N GLU D 157 42.74 21.05 -20.50
CA GLU D 157 42.49 21.19 -19.07
C GLU D 157 41.37 20.30 -18.54
N ASP D 158 40.49 19.78 -19.39
CA ASP D 158 39.25 19.09 -19.01
C ASP D 158 38.44 19.95 -18.05
N LEU D 159 37.92 21.03 -18.63
CA LEU D 159 37.27 22.11 -17.89
C LEU D 159 35.81 21.79 -17.54
N PHE D 160 35.59 20.59 -17.03
CA PHE D 160 34.29 20.13 -16.57
C PHE D 160 34.39 19.30 -15.31
N LYS D 161 35.57 18.84 -14.93
CA LYS D 161 35.82 18.19 -13.67
C LYS D 161 36.35 19.15 -12.62
N GLN D 162 36.57 20.41 -12.97
CA GLN D 162 37.03 21.39 -12.00
C GLN D 162 35.91 21.74 -11.04
N ARG D 163 36.27 22.01 -9.79
CA ARG D 163 35.32 22.37 -8.77
C ARG D 163 35.46 23.83 -8.40
N ASP D 164 34.34 24.48 -8.08
CA ASP D 164 34.44 25.79 -7.46
C ASP D 164 34.67 25.62 -5.96
N VAL D 165 34.71 26.73 -5.23
CA VAL D 165 34.89 26.56 -3.80
C VAL D 165 33.49 26.46 -3.22
N MET D 166 32.82 25.37 -3.53
CA MET D 166 31.66 24.90 -2.80
C MET D 166 31.51 23.40 -2.98
N GLY D 167 32.42 22.75 -3.70
CA GLY D 167 32.28 21.36 -4.07
C GLY D 167 31.60 21.11 -5.38
N LYS D 168 30.85 22.08 -5.91
CA LYS D 168 30.06 21.89 -7.12
C LYS D 168 30.96 21.85 -8.33
N ASN D 169 30.41 21.40 -9.46
CA ASN D 169 31.13 21.46 -10.72
C ASN D 169 30.14 21.93 -11.78
N ALA D 170 30.48 21.70 -13.06
CA ALA D 170 29.64 22.19 -14.14
C ALA D 170 28.26 21.56 -14.12
N MET D 171 28.18 20.28 -13.77
CA MET D 171 26.90 19.59 -13.81
C MET D 171 26.18 19.57 -12.48
N MET D 172 26.85 19.85 -11.38
CA MET D 172 26.11 20.01 -10.13
C MET D 172 25.44 21.36 -10.03
N TRP D 173 25.84 22.34 -10.84
CA TRP D 173 25.15 23.62 -10.86
C TRP D 173 23.89 23.57 -11.71
N ALA D 174 23.97 23.00 -12.90
CA ALA D 174 22.79 22.90 -13.74
C ALA D 174 21.79 21.91 -13.21
N ALA D 175 22.18 21.02 -12.31
CA ALA D 175 21.23 20.07 -11.76
C ALA D 175 20.49 20.65 -10.57
N SER D 176 21.17 21.43 -9.74
CA SER D 176 20.50 21.98 -8.57
C SER D 176 19.59 23.13 -8.95
N GLN D 177 20.03 23.95 -9.90
CA GLN D 177 19.23 25.07 -10.35
C GLN D 177 18.05 24.61 -11.21
N GLY D 178 18.13 23.42 -11.77
CA GLY D 178 17.01 22.82 -12.45
C GLY D 178 16.95 23.02 -13.92
N HIS D 179 18.08 23.24 -14.59
CA HIS D 179 18.04 23.54 -16.01
C HIS D 179 18.14 22.25 -16.78
N THR D 180 16.97 21.66 -17.05
CA THR D 180 16.89 20.34 -17.65
C THR D 180 17.34 20.34 -19.10
N ASP D 181 17.27 21.47 -19.79
CA ASP D 181 17.71 21.53 -21.17
C ASP D 181 19.23 21.46 -21.28
N THR D 182 19.95 21.86 -20.23
CA THR D 182 21.41 21.85 -20.21
C THR D 182 21.96 20.57 -19.57
N ILE D 183 21.23 19.97 -18.64
CA ILE D 183 21.66 18.70 -18.05
C ILE D 183 21.72 17.62 -19.11
N GLU D 184 20.77 17.63 -20.05
CA GLU D 184 20.78 16.70 -21.16
C GLU D 184 22.02 16.87 -22.03
N VAL D 185 22.55 18.07 -22.16
CA VAL D 185 23.70 18.28 -23.02
C VAL D 185 25.00 17.93 -22.29
N LEU D 186 25.09 18.27 -21.01
CA LEU D 186 26.23 17.90 -20.18
C LEU D 186 26.35 16.42 -19.96
N LEU D 187 25.31 15.66 -20.27
CA LEU D 187 25.27 14.23 -20.05
C LEU D 187 25.48 13.44 -21.32
N VAL D 188 25.20 14.03 -22.48
CA VAL D 188 25.51 13.37 -23.73
C VAL D 188 27.01 13.37 -23.98
N ARG D 189 27.69 14.48 -23.68
CA ARG D 189 29.14 14.46 -23.83
C ARG D 189 29.82 13.59 -22.81
N SER D 190 29.17 13.26 -21.70
CA SER D 190 29.75 12.33 -20.77
C SER D 190 29.42 10.89 -21.10
N LEU D 191 28.35 10.64 -21.85
CA LEU D 191 28.16 9.33 -22.44
C LEU D 191 28.99 9.15 -23.69
N TYR D 192 29.51 10.23 -24.24
CA TYR D 192 30.34 10.16 -25.45
C TYR D 192 31.79 9.88 -25.11
N ARG D 193 32.32 10.51 -24.08
CA ARG D 193 33.71 10.30 -23.71
C ARG D 193 33.97 8.93 -23.09
N LEU D 194 32.91 8.21 -22.74
CA LEU D 194 33.04 6.84 -22.28
C LEU D 194 33.56 5.94 -23.39
N LEU D 195 32.92 6.00 -24.56
CA LEU D 195 33.27 5.15 -25.67
C LEU D 195 34.63 5.54 -26.24
N PRO D 196 35.48 4.59 -26.59
CA PRO D 196 36.89 4.91 -26.85
C PRO D 196 37.08 5.60 -28.19
N GLU D 197 38.08 6.47 -28.21
CA GLU D 197 38.25 7.42 -29.32
C GLU D 197 38.65 6.70 -30.60
N ASP D 198 39.70 5.91 -30.54
CA ASP D 198 40.23 5.23 -31.72
C ASP D 198 39.89 3.75 -31.60
N CYS D 199 38.90 3.31 -32.36
CA CYS D 199 38.43 1.93 -32.32
C CYS D 199 37.87 1.58 -33.68
N ALA D 200 38.31 0.46 -34.24
CA ALA D 200 37.82 -0.01 -35.53
C ALA D 200 36.73 -1.04 -35.24
N ASP D 201 35.51 -0.57 -35.20
CA ASP D 201 34.36 -1.39 -34.88
C ASP D 201 33.16 -0.73 -35.53
N PRO D 202 32.43 -1.40 -36.41
CA PRO D 202 31.35 -0.71 -37.12
C PRO D 202 30.12 -0.43 -36.30
N LEU D 203 30.18 -0.60 -34.98
CA LEU D 203 29.02 -0.34 -34.15
C LEU D 203 29.32 0.42 -32.86
N VAL D 204 30.58 0.64 -32.50
CA VAL D 204 30.83 1.78 -31.63
C VAL D 204 30.89 3.05 -32.46
N LEU D 205 31.15 2.94 -33.76
CA LEU D 205 31.15 4.12 -34.60
C LEU D 205 29.75 4.55 -34.96
N LYS D 206 28.78 3.65 -34.87
CA LYS D 206 27.39 4.06 -35.02
C LYS D 206 26.95 4.88 -33.83
N THR D 207 27.18 4.37 -32.62
CA THR D 207 26.68 5.04 -31.44
C THR D 207 27.56 6.17 -30.97
N ARG D 208 28.72 6.41 -31.59
CA ARG D 208 29.36 7.70 -31.41
C ARG D 208 28.78 8.73 -32.35
N TRP D 209 28.35 8.30 -33.52
CA TRP D 209 27.73 9.18 -34.48
C TRP D 209 26.28 9.50 -34.10
N LYS D 210 25.59 8.58 -33.43
CA LYS D 210 24.22 8.84 -32.99
C LYS D 210 24.15 9.82 -31.84
N LEU D 211 25.25 10.04 -31.13
CA LEU D 211 25.28 10.96 -30.00
C LEU D 211 25.85 12.31 -30.34
N VAL D 212 26.76 12.41 -31.31
CA VAL D 212 27.25 13.72 -31.71
C VAL D 212 26.26 14.37 -32.66
N SER D 213 25.56 13.59 -33.45
CA SER D 213 24.40 14.16 -34.15
C SER D 213 23.23 14.41 -33.23
N LEU D 214 23.27 13.90 -32.00
CA LEU D 214 22.25 14.27 -31.02
C LEU D 214 22.50 15.66 -30.49
N LEU D 215 23.76 16.09 -30.48
CA LEU D 215 24.14 17.44 -30.09
C LEU D 215 24.12 18.39 -31.27
N ALA D 216 24.53 17.93 -32.45
CA ALA D 216 24.59 18.80 -33.61
C ALA D 216 23.21 19.16 -34.13
N ASP D 217 22.26 18.25 -34.01
CA ASP D 217 20.88 18.56 -34.35
C ASP D 217 20.15 19.25 -33.22
N LEU D 218 20.81 19.46 -32.09
CA LEU D 218 20.22 20.13 -30.95
C LEU D 218 20.68 21.58 -30.84
N ALA D 219 21.88 21.89 -31.28
CA ALA D 219 22.20 23.31 -31.36
C ALA D 219 21.47 23.86 -32.57
N SER D 220 21.99 23.62 -33.78
CA SER D 220 21.37 23.82 -35.08
C SER D 220 20.57 25.11 -35.30
N HIS D 221 20.77 26.12 -34.45
CA HIS D 221 20.14 27.43 -34.59
C HIS D 221 21.12 28.49 -34.15
N CYS D 222 22.40 28.21 -34.33
CA CYS D 222 23.48 28.89 -33.64
C CYS D 222 24.51 29.37 -34.66
N ARG D 223 24.06 30.22 -35.59
CA ARG D 223 24.88 30.86 -36.61
C ARG D 223 26.11 31.58 -36.06
N ASP D 224 27.10 31.86 -36.92
CA ASP D 224 28.49 31.92 -36.48
C ASP D 224 28.83 33.19 -35.69
N TYR D 225 29.22 34.29 -36.36
CA TYR D 225 29.10 35.63 -35.81
C TYR D 225 29.04 36.65 -36.93
N ASP D 226 29.01 36.21 -38.17
CA ASP D 226 29.26 36.89 -39.43
C ASP D 226 28.49 36.08 -40.45
N PRO D 227 28.50 36.40 -41.76
CA PRO D 227 27.96 35.43 -42.72
C PRO D 227 28.63 34.05 -42.69
N GLY D 228 29.94 33.95 -42.96
CA GLY D 228 30.64 32.67 -42.93
C GLY D 228 30.06 31.68 -43.93
N CYS D 229 30.23 30.38 -43.64
CA CYS D 229 29.40 29.34 -44.26
C CYS D 229 28.90 28.38 -43.17
N SER D 230 27.99 28.90 -42.35
CA SER D 230 27.12 28.24 -41.38
C SER D 230 27.80 27.47 -40.26
N ARG D 231 28.95 26.82 -40.52
CA ARG D 231 29.85 26.15 -39.57
C ARG D 231 29.12 25.23 -38.52
N SER D 232 27.90 24.72 -38.77
CA SER D 232 26.78 24.81 -37.83
C SER D 232 27.11 24.83 -36.33
N PHE D 233 27.53 23.72 -35.73
CA PHE D 233 28.41 23.79 -34.56
C PHE D 233 29.40 22.64 -34.49
N PHE D 234 29.04 21.51 -35.03
CA PHE D 234 29.80 20.30 -34.79
C PHE D 234 30.33 19.71 -36.09
N GLN D 235 30.62 20.57 -37.08
CA GLN D 235 31.11 20.09 -38.37
C GLN D 235 32.44 19.37 -38.24
N GLU D 236 33.34 19.89 -37.41
CA GLU D 236 34.66 19.30 -37.31
C GLU D 236 34.66 18.04 -36.45
N VAL D 237 33.55 17.71 -35.81
CA VAL D 237 33.48 16.57 -34.91
C VAL D 237 32.75 15.40 -35.56
N LEU D 238 31.64 15.64 -36.26
CA LEU D 238 31.01 14.57 -37.03
C LEU D 238 31.86 14.09 -38.19
N ALA D 239 32.78 14.92 -38.68
CA ALA D 239 33.61 14.56 -39.80
C ALA D 239 34.89 13.88 -39.38
N SER D 240 35.00 13.47 -38.13
CA SER D 240 36.20 12.81 -37.62
C SER D 240 35.94 11.38 -37.19
N ILE D 241 34.76 10.85 -37.50
CA ILE D 241 34.34 9.57 -36.97
C ILE D 241 34.42 8.44 -37.99
N LYS D 242 34.27 8.75 -39.28
CA LYS D 242 34.34 7.80 -40.40
C LYS D 242 33.29 6.70 -40.26
N TYR D 243 32.05 7.14 -40.41
CA TYR D 243 30.90 6.26 -40.43
C TYR D 243 29.93 6.72 -41.51
N ASP D 244 29.78 5.94 -42.56
CA ASP D 244 28.78 6.27 -43.57
C ASP D 244 27.41 5.80 -43.10
N PRO D 245 26.49 6.71 -42.79
CA PRO D 245 25.23 6.32 -42.14
C PRO D 245 24.25 5.59 -43.04
N VAL D 246 24.54 5.45 -44.32
CA VAL D 246 23.70 4.66 -45.22
C VAL D 246 24.39 3.37 -45.64
N GLU D 247 25.72 3.32 -45.62
CA GLU D 247 26.39 2.04 -45.82
C GLU D 247 26.29 1.18 -44.57
N GLY D 248 26.40 1.79 -43.40
CA GLY D 248 26.15 1.08 -42.15
C GLY D 248 24.70 0.82 -41.86
N ALA D 249 23.80 1.46 -42.61
CA ALA D 249 22.38 1.17 -42.49
C ALA D 249 22.04 -0.20 -43.07
N ARG D 250 22.85 -0.69 -44.00
CA ARG D 250 22.65 -2.00 -44.61
C ARG D 250 23.66 -3.03 -44.17
N GLN D 251 24.65 -2.65 -43.35
CA GLN D 251 25.47 -3.65 -42.68
C GLN D 251 24.64 -4.43 -41.65
N GLU D 252 23.64 -3.78 -41.06
CA GLU D 252 22.78 -4.41 -40.08
C GLU D 252 21.58 -5.12 -40.70
N GLU D 253 21.09 -4.63 -41.85
CA GLU D 253 20.01 -5.32 -42.53
C GLU D 253 20.46 -6.63 -43.14
N ALA D 254 21.75 -6.75 -43.46
CA ALA D 254 22.29 -7.98 -43.99
C ALA D 254 22.85 -8.89 -42.91
N ALA D 255 23.27 -8.34 -41.77
CA ALA D 255 23.73 -9.18 -40.68
C ALA D 255 22.58 -9.78 -39.91
N ALA D 256 21.48 -9.04 -39.75
CA ALA D 256 20.26 -9.55 -39.13
C ALA D 256 19.28 -10.07 -40.16
N ALA D 257 19.79 -10.64 -41.25
CA ALA D 257 18.95 -11.19 -42.30
C ALA D 257 18.57 -12.65 -42.05
N GLY D 258 19.36 -13.37 -41.27
CA GLY D 258 19.09 -14.78 -41.04
C GLY D 258 19.34 -15.25 -39.63
N GLY D 259 19.56 -14.33 -38.70
CA GLY D 259 19.73 -14.65 -37.29
C GLY D 259 20.83 -13.90 -36.58
N GLY D 260 21.87 -13.47 -37.29
CA GLY D 260 22.92 -12.68 -36.68
C GLY D 260 24.34 -13.00 -37.12
N GLY D 261 25.02 -11.98 -37.62
CA GLY D 261 26.40 -12.09 -38.08
C GLY D 261 27.27 -11.12 -37.33
N SER D 262 26.66 -10.40 -36.38
CA SER D 262 27.38 -9.62 -35.39
C SER D 262 27.72 -10.44 -34.15
N ALA D 263 27.43 -11.74 -34.20
CA ALA D 263 27.65 -12.75 -33.15
C ALA D 263 26.86 -12.47 -31.87
N ARG D 264 25.91 -11.53 -31.88
CA ARG D 264 25.14 -11.20 -30.70
C ARG D 264 23.65 -11.36 -30.99
N GLU D 265 23.32 -12.34 -31.84
CA GLU D 265 21.95 -12.71 -32.23
C GLU D 265 21.21 -11.52 -32.86
N GLY D 266 21.71 -11.13 -34.02
CA GLY D 266 21.20 -10.01 -34.77
C GLY D 266 22.36 -9.12 -35.14
N ALA D 267 22.13 -7.81 -35.26
CA ALA D 267 23.21 -6.85 -35.23
C ALA D 267 23.31 -6.17 -33.88
N ALA D 268 22.47 -6.58 -32.93
CA ALA D 268 22.49 -6.27 -31.50
C ALA D 268 22.07 -4.85 -31.18
N LEU D 269 22.00 -3.96 -32.18
CA LEU D 269 21.26 -2.71 -32.07
C LEU D 269 20.53 -2.57 -33.40
N HIS D 270 19.44 -3.31 -33.54
CA HIS D 270 18.65 -3.33 -34.76
C HIS D 270 17.34 -4.00 -34.47
N GLU D 271 16.27 -3.33 -34.79
CA GLU D 271 14.95 -3.88 -34.56
C GLU D 271 14.08 -3.52 -35.77
N PRO D 272 12.83 -3.91 -35.75
CA PRO D 272 11.81 -3.11 -36.44
C PRO D 272 11.55 -1.76 -35.78
N THR D 273 10.43 -1.10 -36.06
CA THR D 273 10.28 0.16 -36.78
C THR D 273 10.02 -0.34 -38.19
N TRP D 274 9.04 -1.25 -38.20
CA TRP D 274 8.23 -1.50 -39.38
C TRP D 274 7.78 -0.21 -40.07
N GLY D 275 7.30 0.76 -39.31
CA GLY D 275 6.76 2.01 -39.86
C GLY D 275 5.39 2.29 -39.32
N VAL D 276 5.23 3.46 -38.72
CA VAL D 276 3.99 3.90 -38.09
C VAL D 276 3.34 4.92 -39.01
N ASP D 277 2.01 5.02 -38.94
CA ASP D 277 1.25 5.87 -39.84
C ASP D 277 0.70 7.07 -39.08
N ASP D 278 0.22 8.07 -39.82
CA ASP D 278 -0.45 9.24 -39.29
C ASP D 278 -1.96 9.09 -39.32
N GLY D 279 -2.54 8.92 -40.51
CA GLY D 279 -3.97 8.72 -40.70
C GLY D 279 -4.82 9.91 -40.25
N GLU D 280 -6.13 9.64 -40.16
CA GLU D 280 -7.13 10.49 -39.51
C GLU D 280 -7.22 11.93 -40.03
N LEU D 327 17.40 13.44 -34.81
CA LEU D 327 16.50 13.81 -35.89
C LEU D 327 15.11 14.16 -35.33
N LYS D 328 14.52 13.22 -34.60
CA LYS D 328 13.35 13.49 -33.78
C LYS D 328 13.37 12.71 -32.47
N ASP D 329 14.45 11.98 -32.18
CA ASP D 329 14.66 11.25 -30.93
C ASP D 329 15.52 12.02 -29.95
N VAL D 330 15.28 13.33 -29.83
CA VAL D 330 16.23 14.28 -29.27
C VAL D 330 16.55 13.99 -27.81
N HIS D 331 15.54 13.60 -27.03
CA HIS D 331 15.80 13.29 -25.65
C HIS D 331 16.50 11.95 -25.52
N ILE D 332 17.18 11.74 -24.38
CA ILE D 332 17.91 10.51 -24.14
C ILE D 332 16.92 9.41 -23.76
N THR D 333 16.76 8.44 -24.64
CA THR D 333 15.82 7.35 -24.46
C THR D 333 16.58 6.21 -23.80
N VAL D 334 15.87 5.13 -23.45
CA VAL D 334 16.54 3.95 -22.92
C VAL D 334 17.32 3.25 -24.03
N ARG D 335 16.82 3.29 -25.25
CA ARG D 335 17.58 2.79 -26.39
C ARG D 335 18.87 3.55 -26.65
N THR D 336 19.00 4.77 -26.14
CA THR D 336 20.27 5.47 -26.18
C THR D 336 21.24 4.89 -25.17
N LEU D 337 20.76 4.55 -23.97
CA LEU D 337 21.65 4.08 -22.93
C LEU D 337 22.08 2.65 -23.11
N GLN D 338 21.32 1.83 -23.84
CA GLN D 338 21.85 0.52 -24.16
C GLN D 338 22.63 0.50 -25.46
N GLY D 339 22.58 1.56 -26.25
CA GLY D 339 23.54 1.67 -27.31
C GLY D 339 24.92 2.00 -26.80
N VAL D 340 25.04 2.43 -25.54
CA VAL D 340 26.32 2.66 -24.91
C VAL D 340 26.82 1.41 -24.21
N ILE D 341 25.95 0.70 -23.50
CA ILE D 341 26.36 -0.45 -22.71
C ILE D 341 26.73 -1.62 -23.60
N VAL D 342 26.02 -1.80 -24.71
CA VAL D 342 26.43 -2.79 -25.69
C VAL D 342 27.76 -2.40 -26.30
N SER D 343 27.90 -1.14 -26.70
CA SER D 343 29.08 -0.73 -27.43
C SER D 343 30.30 -0.58 -26.54
N ALA D 344 30.12 -0.19 -25.28
CA ALA D 344 31.25 -0.18 -24.36
C ALA D 344 31.72 -1.60 -24.05
N TYR D 345 30.80 -2.56 -24.06
CA TYR D 345 31.23 -3.94 -23.90
C TYR D 345 31.92 -4.46 -25.15
N ARG D 346 31.55 -3.99 -26.32
CA ARG D 346 32.22 -4.42 -27.54
C ARG D 346 33.49 -3.64 -27.81
N ALA D 347 33.90 -2.77 -26.89
CA ALA D 347 35.18 -2.08 -26.95
C ALA D 347 36.18 -2.66 -25.96
N GLY D 348 35.74 -3.45 -25.00
CA GLY D 348 36.65 -4.14 -24.12
C GLY D 348 36.34 -3.94 -22.66
N MET D 349 35.42 -3.05 -22.36
CA MET D 349 35.23 -2.59 -21.00
C MET D 349 34.45 -3.58 -20.17
N ASN D 350 34.43 -3.34 -18.87
CA ASN D 350 33.61 -4.14 -17.99
C ASN D 350 32.17 -3.72 -18.16
N CYS D 351 31.27 -4.67 -18.39
CA CYS D 351 29.88 -4.30 -18.59
C CYS D 351 29.18 -3.92 -17.29
N MET D 352 29.59 -4.50 -16.16
CA MET D 352 29.06 -4.05 -14.88
C MET D 352 29.61 -2.68 -14.51
N GLY D 353 30.79 -2.33 -14.99
CA GLY D 353 31.33 -1.03 -14.68
C GLY D 353 30.60 0.10 -15.38
N VAL D 354 30.16 -0.12 -16.62
CA VAL D 354 29.47 0.91 -17.36
C VAL D 354 28.08 1.14 -16.80
N ILE D 355 27.42 0.08 -16.32
CA ILE D 355 26.09 0.23 -15.74
C ILE D 355 26.17 0.98 -14.41
N MET D 356 27.21 0.72 -13.63
CA MET D 356 27.41 1.51 -12.43
C MET D 356 27.86 2.91 -12.74
N TYR D 357 28.60 3.11 -13.81
CA TYR D 357 29.06 4.45 -14.12
C TYR D 357 27.93 5.30 -14.68
N CYS D 358 27.14 4.75 -15.61
CA CYS D 358 25.99 5.47 -16.14
C CYS D 358 24.92 5.72 -15.10
N GLN D 359 24.87 4.93 -14.04
CA GLN D 359 23.92 5.23 -12.98
C GLN D 359 24.43 6.35 -12.08
N SER D 360 25.74 6.46 -11.91
CA SER D 360 26.26 7.56 -11.10
C SER D 360 26.19 8.88 -11.83
N LEU D 361 26.21 8.86 -13.16
CA LEU D 361 25.97 10.06 -13.96
C LEU D 361 24.57 10.57 -13.75
N LEU D 362 23.58 9.73 -13.96
CA LEU D 362 22.18 10.12 -13.96
C LEU D 362 21.61 10.34 -12.56
N GLN D 363 22.34 10.00 -11.51
CA GLN D 363 21.88 10.32 -10.17
C GLN D 363 22.38 11.67 -9.68
N GLN D 364 23.33 12.29 -10.36
CA GLN D 364 23.61 13.70 -10.11
C GLN D 364 22.98 14.59 -11.16
N ALA D 365 22.17 14.02 -12.05
CA ALA D 365 21.39 14.81 -12.98
C ALA D 365 20.02 15.17 -12.44
N ARG D 366 19.49 14.37 -11.53
CA ARG D 366 18.38 14.68 -10.64
C ARG D 366 17.02 14.84 -11.30
N TYR D 367 16.91 14.82 -12.62
CA TYR D 367 15.62 14.93 -13.27
C TYR D 367 15.40 13.75 -14.19
N PHE D 368 16.13 12.66 -13.93
CA PHE D 368 16.15 11.46 -14.75
C PHE D 368 15.91 10.31 -13.78
N ASP D 369 14.65 10.05 -13.47
CA ASP D 369 14.30 8.99 -12.54
C ASP D 369 13.62 7.81 -13.21
N ASP D 370 13.25 7.94 -14.47
CA ASP D 370 12.82 6.81 -15.27
C ASP D 370 13.98 6.12 -15.95
N LEU D 371 15.18 6.67 -15.84
CA LEU D 371 16.39 6.06 -16.35
C LEU D 371 17.28 5.51 -15.25
N VAL D 372 17.27 6.10 -14.06
CA VAL D 372 17.94 5.46 -12.94
C VAL D 372 17.19 4.22 -12.51
N ALA D 373 15.86 4.20 -12.66
CA ALA D 373 15.10 3.00 -12.35
C ALA D 373 15.37 1.90 -13.34
N GLN D 374 15.74 2.24 -14.57
CA GLN D 374 16.07 1.24 -15.58
C GLN D 374 17.50 0.76 -15.45
N LEU D 375 18.42 1.63 -15.05
CA LEU D 375 19.80 1.19 -14.88
C LEU D 375 20.04 0.49 -13.56
N THR D 376 19.21 0.71 -12.55
CA THR D 376 19.26 -0.11 -11.35
C THR D 376 18.56 -1.44 -11.58
N ALA D 377 17.62 -1.50 -12.50
CA ALA D 377 16.98 -2.77 -12.80
C ALA D 377 17.82 -3.64 -13.71
N TRP D 378 18.73 -3.05 -14.49
CA TRP D 378 19.66 -3.80 -15.31
C TRP D 378 20.89 -4.24 -14.54
N GLU D 379 21.20 -3.56 -13.46
CA GLU D 379 22.29 -3.98 -12.61
C GLU D 379 21.94 -5.21 -11.81
N VAL D 380 20.69 -5.34 -11.41
CA VAL D 380 20.21 -6.53 -10.72
C VAL D 380 19.80 -7.62 -11.70
N LYS D 381 19.50 -7.26 -12.94
CA LYS D 381 19.25 -8.27 -13.97
C LYS D 381 20.53 -8.89 -14.49
N LEU D 382 21.64 -8.17 -14.46
CA LEU D 382 22.91 -8.79 -14.83
C LEU D 382 23.34 -9.76 -13.78
N LEU D 383 23.07 -9.45 -12.54
CA LEU D 383 23.56 -10.19 -11.40
C LEU D 383 22.66 -11.36 -11.07
N ASP D 384 21.61 -11.59 -11.85
CA ASP D 384 20.82 -12.80 -11.78
C ASP D 384 20.98 -13.68 -13.00
N THR D 385 21.48 -13.14 -14.10
CA THR D 385 21.94 -13.98 -15.19
C THR D 385 23.08 -14.87 -14.74
N CYS D 386 23.94 -14.32 -13.89
CA CYS D 386 24.97 -15.09 -13.22
C CYS D 386 24.34 -16.18 -12.38
N ARG D 387 24.85 -17.39 -12.52
CA ARG D 387 24.18 -18.55 -11.96
C ARG D 387 24.92 -19.17 -10.78
N ASN D 388 26.22 -19.37 -10.86
CA ASN D 388 26.98 -19.87 -9.72
C ASN D 388 27.98 -18.82 -9.26
N LYS D 389 28.81 -19.18 -8.28
CA LYS D 389 29.81 -18.24 -7.81
C LYS D 389 30.94 -18.06 -8.80
N GLN D 390 31.12 -19.00 -9.71
CA GLN D 390 32.22 -18.97 -10.66
C GLN D 390 31.99 -17.92 -11.72
N GLU D 391 30.73 -17.59 -12.01
CA GLU D 391 30.36 -16.58 -12.98
C GLU D 391 30.17 -15.22 -12.35
N VAL D 392 29.79 -15.16 -11.08
CA VAL D 392 29.71 -13.88 -10.39
C VAL D 392 31.08 -13.24 -10.27
N GLN D 393 32.09 -14.02 -9.91
CA GLN D 393 33.41 -13.46 -9.74
C GLN D 393 34.20 -13.44 -11.03
N ALA D 394 33.54 -13.59 -12.16
CA ALA D 394 34.16 -13.46 -13.46
C ALA D 394 33.61 -12.29 -14.25
N ILE D 395 32.54 -11.65 -13.78
CA ILE D 395 32.11 -10.36 -14.31
C ILE D 395 32.50 -9.21 -13.40
N LEU D 396 32.97 -9.48 -12.19
CA LEU D 396 33.37 -8.49 -11.23
C LEU D 396 34.87 -8.39 -11.04
N ALA D 397 35.63 -9.28 -11.63
CA ALA D 397 37.07 -9.35 -11.42
C ALA D 397 37.77 -8.41 -12.38
N PRO D 398 38.76 -7.63 -11.93
CA PRO D 398 39.56 -6.85 -12.86
C PRO D 398 40.68 -7.70 -13.43
N THR D 399 40.72 -7.83 -14.73
CA THR D 399 41.78 -8.60 -15.35
C THR D 399 42.99 -7.70 -15.55
N GLU D 400 43.98 -8.20 -16.28
CA GLU D 400 45.12 -7.36 -16.64
C GLU D 400 44.77 -6.40 -17.77
N ASP D 401 43.73 -6.66 -18.54
CA ASP D 401 43.39 -5.80 -19.66
C ASP D 401 42.68 -4.54 -19.18
N ASP D 402 41.54 -4.70 -18.51
CA ASP D 402 40.83 -3.57 -17.93
C ASP D 402 40.86 -3.64 -16.41
N PRO D 403 41.69 -2.90 -15.74
CA PRO D 403 41.80 -3.06 -14.29
C PRO D 403 40.71 -2.31 -13.53
N SER D 404 39.45 -2.66 -13.80
CA SER D 404 38.31 -1.89 -13.31
C SER D 404 37.47 -2.76 -12.39
N GLU D 405 37.59 -2.54 -11.10
CA GLU D 405 36.76 -3.27 -10.17
C GLU D 405 35.40 -2.62 -10.03
N PRO D 406 34.32 -3.36 -10.12
CA PRO D 406 33.03 -2.78 -9.80
C PRO D 406 32.60 -3.08 -8.38
N VAL D 407 33.31 -3.90 -7.62
CA VAL D 407 32.91 -4.09 -6.24
C VAL D 407 33.31 -2.88 -5.41
N GLY D 408 34.59 -2.53 -5.43
CA GLY D 408 35.10 -1.43 -4.64
C GLY D 408 34.57 -0.07 -5.05
N TYR D 409 34.02 0.04 -6.25
CA TYR D 409 33.33 1.24 -6.64
C TYR D 409 31.88 1.26 -6.16
N ALA D 410 31.28 0.11 -5.92
CA ALA D 410 29.97 0.13 -5.29
C ALA D 410 30.07 0.41 -3.80
N LEU D 411 31.19 0.05 -3.16
CA LEU D 411 31.38 0.44 -1.78
C LEU D 411 31.65 1.92 -1.65
N ALA D 412 32.26 2.52 -2.66
CA ALA D 412 32.67 3.91 -2.55
C ALA D 412 31.55 4.88 -2.86
N THR D 413 30.50 4.44 -3.56
CA THR D 413 29.34 5.27 -3.85
C THR D 413 28.07 4.77 -3.18
N PHE D 414 28.21 3.93 -2.16
CA PHE D 414 27.18 3.59 -1.20
C PHE D 414 25.98 2.91 -1.87
N ASP D 415 26.29 1.91 -2.68
CA ASP D 415 25.28 1.27 -3.51
C ASP D 415 24.49 0.27 -2.68
N LYS D 416 23.20 0.52 -2.52
CA LYS D 416 22.37 -0.37 -1.72
C LYS D 416 21.91 -1.58 -2.51
N ALA D 417 21.55 -1.39 -3.78
CA ALA D 417 20.89 -2.45 -4.53
C ALA D 417 21.86 -3.51 -5.03
N PHE D 418 23.15 -3.23 -5.01
CA PHE D 418 24.18 -4.16 -5.45
C PHE D 418 24.70 -4.96 -4.27
N LEU D 419 25.10 -4.27 -3.20
CA LEU D 419 25.68 -4.91 -2.05
C LEU D 419 24.67 -5.70 -1.23
N SER D 420 23.39 -5.47 -1.44
CA SER D 420 22.36 -6.25 -0.79
C SER D 420 22.07 -7.56 -1.47
N HIS D 421 22.61 -7.79 -2.66
CA HIS D 421 22.20 -8.91 -3.47
C HIS D 421 22.72 -10.21 -2.87
N LYS D 422 22.08 -11.33 -3.20
CA LYS D 422 22.45 -12.56 -2.52
C LYS D 422 23.72 -13.17 -3.06
N PHE D 423 24.15 -12.80 -4.27
CA PHE D 423 25.41 -13.28 -4.79
C PHE D 423 26.57 -12.39 -4.42
N VAL D 424 26.30 -11.14 -4.03
CA VAL D 424 27.33 -10.24 -3.57
C VAL D 424 27.50 -10.38 -2.07
N GLN D 425 26.46 -10.77 -1.35
CA GLN D 425 26.67 -11.13 0.04
C GLN D 425 27.40 -12.46 0.20
N GLN D 426 27.60 -13.21 -0.88
CA GLN D 426 28.28 -14.48 -0.78
C GLN D 426 29.78 -14.35 -0.99
N ILE D 427 30.23 -13.40 -1.81
CA ILE D 427 31.67 -13.25 -1.99
C ILE D 427 32.30 -12.65 -0.76
N PHE D 428 31.56 -11.88 0.03
CA PHE D 428 32.11 -11.39 1.29
C PHE D 428 32.18 -12.50 2.33
N THR D 429 31.09 -13.25 2.54
CA THR D 429 31.07 -14.24 3.60
C THR D 429 31.85 -15.49 3.26
N GLU D 430 32.19 -15.71 2.00
CA GLU D 430 33.16 -16.75 1.68
C GLU D 430 34.51 -16.39 2.22
N LYS D 431 34.88 -15.13 2.10
CA LYS D 431 36.21 -14.64 2.43
C LYS D 431 36.33 -14.25 3.88
N TRP D 432 35.23 -13.85 4.49
CA TRP D 432 35.26 -13.33 5.84
C TRP D 432 35.06 -14.40 6.90
N ASP D 433 34.46 -15.53 6.55
CA ASP D 433 34.17 -16.55 7.53
C ASP D 433 34.99 -17.81 7.32
N THR D 434 34.87 -18.44 6.15
CA THR D 434 35.66 -19.51 5.55
C THR D 434 35.83 -20.76 6.42
N MET D 435 35.21 -20.81 7.59
CA MET D 435 35.25 -21.95 8.48
C MET D 435 33.87 -22.40 8.91
N GLY D 436 32.87 -21.55 8.76
CA GLY D 436 31.52 -21.91 9.16
C GLY D 436 31.21 -21.66 10.61
N VAL D 437 32.04 -20.91 11.32
CA VAL D 437 31.82 -20.74 12.75
C VAL D 437 30.73 -19.74 13.07
N THR D 438 30.15 -19.08 12.05
CA THR D 438 28.90 -18.36 12.27
C THR D 438 27.75 -19.34 12.40
N ASP D 439 27.79 -20.42 11.63
CA ASP D 439 26.70 -21.38 11.58
C ASP D 439 26.75 -22.38 12.72
N TYR D 440 27.74 -22.28 13.60
CA TYR D 440 27.76 -23.09 14.82
C TYR D 440 26.86 -22.53 15.90
N THR D 441 26.24 -21.37 15.70
CA THR D 441 25.34 -20.78 16.68
C THR D 441 23.88 -21.04 16.33
N LYS D 442 23.61 -22.11 15.59
CA LYS D 442 22.24 -22.53 15.33
C LYS D 442 22.03 -23.99 15.72
N SER D 443 22.83 -24.49 16.65
CA SER D 443 22.73 -25.87 17.07
C SER D 443 22.71 -25.93 18.59
N LEU D 444 22.29 -27.08 19.10
CA LEU D 444 22.24 -27.32 20.53
C LEU D 444 23.64 -27.49 21.09
N PHE D 445 24.51 -28.20 20.36
CA PHE D 445 25.87 -28.53 20.80
C PHE D 445 26.92 -27.58 20.25
N GLY D 446 26.52 -26.41 19.78
CA GLY D 446 27.49 -25.48 19.22
C GLY D 446 27.56 -24.16 19.94
N VAL D 447 26.44 -23.72 20.51
CA VAL D 447 26.45 -22.50 21.31
C VAL D 447 27.22 -22.73 22.60
N VAL D 448 27.21 -23.96 23.11
CA VAL D 448 27.95 -24.28 24.34
C VAL D 448 29.45 -24.29 24.07
N TRP D 449 29.88 -25.02 23.04
CA TRP D 449 31.31 -25.14 22.77
C TRP D 449 31.86 -23.87 22.15
N GLY D 450 31.06 -23.18 21.34
CA GLY D 450 31.53 -21.94 20.73
C GLY D 450 31.72 -20.82 21.73
N GLY D 451 30.85 -20.76 22.75
CA GLY D 451 31.00 -19.75 23.78
C GLY D 451 32.18 -20.02 24.70
N CYS D 452 32.57 -21.29 24.83
CA CYS D 452 33.71 -21.62 25.68
C CYS D 452 35.03 -21.23 25.02
N SER D 453 35.09 -21.25 23.69
CA SER D 453 36.32 -20.90 23.00
C SER D 453 36.57 -19.39 23.02
N LEU D 454 35.51 -18.59 23.23
CA LEU D 454 35.68 -17.15 23.32
C LEU D 454 36.39 -16.75 24.60
N VAL D 455 35.96 -17.30 25.73
CA VAL D 455 36.51 -16.89 27.02
C VAL D 455 37.93 -17.43 27.20
N VAL D 456 38.26 -18.56 26.58
CA VAL D 456 39.61 -19.09 26.69
C VAL D 456 40.57 -18.31 25.80
N ALA D 457 40.16 -18.00 24.56
CA ALA D 457 41.05 -17.31 23.64
C ALA D 457 41.23 -15.85 24.01
N PHE D 458 40.22 -15.22 24.63
CA PHE D 458 40.39 -13.85 25.08
C PHE D 458 41.28 -13.78 26.31
N ALA D 459 41.30 -14.84 27.12
CA ALA D 459 42.35 -14.97 28.13
C ALA D 459 43.70 -15.22 27.49
N ALA D 460 43.72 -15.95 26.36
CA ALA D 460 44.95 -16.14 25.62
C ALA D 460 45.34 -14.88 24.85
N TRP D 461 44.35 -14.06 24.47
CA TRP D 461 44.62 -12.75 23.87
C TRP D 461 44.69 -11.68 24.97
N ALA D 462 45.50 -11.98 25.98
CA ALA D 462 45.83 -11.04 27.03
C ALA D 462 47.27 -11.16 27.50
N THR D 463 47.93 -12.29 27.26
CA THR D 463 49.32 -12.48 27.60
C THR D 463 50.22 -12.65 26.39
N ILE D 464 49.70 -13.06 25.24
CA ILE D 464 50.53 -13.17 24.05
C ILE D 464 50.32 -11.97 23.12
N CYS D 465 49.21 -11.26 23.25
CA CYS D 465 48.98 -10.11 22.39
C CYS D 465 49.87 -8.90 22.73
N PRO D 466 50.11 -8.51 23.98
CA PRO D 466 51.12 -7.45 24.20
C PRO D 466 52.55 -7.93 24.02
N LEU D 467 52.81 -9.24 23.99
CA LEU D 467 54.19 -9.69 23.77
C LEU D 467 54.53 -9.80 22.29
N VAL D 468 53.59 -10.26 21.46
CA VAL D 468 53.83 -10.32 20.01
C VAL D 468 53.86 -8.92 19.41
N VAL D 469 53.12 -7.98 20.00
CA VAL D 469 53.19 -6.58 19.60
C VAL D 469 54.58 -6.00 19.84
N VAL D 470 55.19 -6.34 20.97
CA VAL D 470 56.56 -5.91 21.22
C VAL D 470 57.55 -6.72 20.41
N ALA D 471 57.29 -8.03 20.23
CA ALA D 471 58.26 -8.88 19.55
C ALA D 471 58.35 -8.61 18.06
N ARG D 472 57.25 -8.18 17.42
CA ARG D 472 57.29 -7.87 15.99
C ARG D 472 58.12 -6.63 15.70
N SER D 473 58.36 -5.79 16.71
CA SER D 473 59.21 -4.63 16.54
C SER D 473 60.68 -5.03 16.42
N PHE D 474 61.14 -5.97 17.24
CA PHE D 474 62.55 -6.23 17.38
C PHE D 474 63.00 -7.61 16.92
N LEU D 475 62.08 -8.56 16.74
CA LEU D 475 62.43 -9.92 16.34
C LEU D 475 61.96 -10.16 14.92
N SER D 476 62.91 -10.36 14.01
CA SER D 476 62.65 -10.78 12.64
C SER D 476 62.08 -12.19 12.45
N PRO D 477 62.40 -13.22 13.27
CA PRO D 477 61.67 -14.49 13.09
C PRO D 477 60.19 -14.43 13.38
N VAL D 478 59.74 -13.59 14.31
CA VAL D 478 58.33 -13.62 14.66
C VAL D 478 57.47 -12.86 13.66
N GLN D 479 58.04 -11.91 12.91
CA GLN D 479 57.26 -11.19 11.91
C GLN D 479 56.99 -12.07 10.69
N ASP D 480 57.97 -12.88 10.28
CA ASP D 480 57.72 -13.85 9.23
C ASP D 480 56.81 -14.99 9.69
N PHE D 481 56.75 -15.25 11.00
CA PHE D 481 55.75 -16.18 11.51
C PHE D 481 54.36 -15.57 11.49
N MET D 482 54.26 -14.25 11.64
CA MET D 482 52.99 -13.54 11.55
C MET D 482 52.67 -13.10 10.13
N MET D 483 53.28 -13.74 9.13
CA MET D 483 52.96 -13.52 7.72
C MET D 483 52.55 -14.80 7.03
N ARG D 484 52.12 -15.80 7.79
CA ARG D 484 51.72 -17.08 7.22
C ARG D 484 50.22 -17.12 6.93
N GLY D 485 49.76 -16.08 6.23
CA GLY D 485 48.40 -15.94 5.78
C GLY D 485 48.37 -15.45 4.34
N LYS D 486 47.43 -14.54 4.02
CA LYS D 486 47.22 -13.98 2.67
C LYS D 486 46.96 -15.08 1.63
N VAL D 487 46.36 -16.18 2.07
CA VAL D 487 46.19 -17.43 1.35
C VAL D 487 44.78 -17.91 1.64
N ILE D 488 44.57 -19.23 1.54
CA ILE D 488 43.34 -19.98 1.84
C ILE D 488 42.86 -19.88 3.30
N VAL D 489 43.34 -18.87 4.04
CA VAL D 489 43.54 -18.72 5.48
C VAL D 489 42.48 -19.37 6.36
N ASP D 490 42.94 -20.17 7.31
CA ASP D 490 42.15 -21.09 8.10
C ASP D 490 42.40 -20.90 9.59
N SER D 491 41.94 -21.89 10.35
CA SER D 491 41.96 -21.86 11.80
C SER D 491 43.30 -22.24 12.40
N ARG D 492 44.28 -22.65 11.57
CA ARG D 492 45.63 -22.85 12.09
C ARG D 492 46.22 -21.55 12.60
N PHE D 493 46.02 -20.47 11.86
CA PHE D 493 46.56 -19.16 12.21
C PHE D 493 45.37 -18.21 12.30
N PRO D 494 44.76 -18.09 13.47
CA PRO D 494 43.53 -17.31 13.62
C PRO D 494 43.74 -15.81 13.60
N TRP D 495 44.95 -15.32 13.34
CA TRP D 495 45.16 -13.89 13.31
C TRP D 495 44.70 -13.30 11.99
N HIS D 496 44.48 -14.14 10.99
CA HIS D 496 44.33 -13.65 9.63
C HIS D 496 42.99 -14.02 9.01
N VAL D 497 42.08 -14.61 9.77
CA VAL D 497 40.71 -14.84 9.32
C VAL D 497 39.87 -13.67 9.82
N PRO D 498 39.07 -13.02 8.97
CA PRO D 498 38.52 -11.72 9.34
C PRO D 498 37.37 -11.77 10.32
N LEU D 499 36.77 -12.93 10.58
CA LEU D 499 35.76 -12.96 11.63
C LEU D 499 36.39 -12.92 13.00
N TYR D 500 37.53 -13.58 13.19
CA TYR D 500 38.07 -13.67 14.54
C TYR D 500 38.62 -12.33 15.00
N ARG D 501 39.17 -11.54 14.08
CA ARG D 501 39.56 -10.17 14.41
C ARG D 501 38.37 -9.28 14.70
N TRP D 502 37.16 -9.66 14.28
CA TRP D 502 35.97 -8.94 14.71
C TRP D 502 35.59 -9.32 16.12
N LEU D 503 35.80 -10.58 16.50
CA LEU D 503 35.42 -11.00 17.83
C LEU D 503 36.36 -10.45 18.89
N LEU D 504 37.65 -10.33 18.58
CA LEU D 504 38.53 -9.69 19.55
C LEU D 504 38.29 -8.20 19.64
N THR D 505 37.71 -7.60 18.60
CA THR D 505 37.30 -6.21 18.70
C THR D 505 36.13 -6.05 19.64
N GLN D 506 35.14 -6.94 19.55
CA GLN D 506 33.97 -6.81 20.40
C GLN D 506 34.24 -7.27 21.83
N CYS D 507 35.09 -8.28 22.02
CA CYS D 507 35.43 -8.71 23.37
C CYS D 507 36.36 -7.72 24.06
N ALA D 508 37.05 -6.86 23.32
CA ALA D 508 37.75 -5.75 23.94
C ALA D 508 36.85 -4.53 24.06
N LEU D 509 35.58 -4.65 23.72
CA LEU D 509 34.65 -3.52 23.75
C LEU D 509 33.54 -3.72 24.75
N ILE D 510 33.16 -4.96 25.02
CA ILE D 510 32.34 -5.27 26.19
C ILE D 510 33.18 -5.08 27.45
N THR D 511 34.49 -5.31 27.35
CA THR D 511 35.39 -5.10 28.46
C THR D 511 35.52 -3.63 28.83
N PHE D 512 35.36 -2.73 27.86
CA PHE D 512 35.51 -1.31 28.15
C PHE D 512 34.32 -0.77 28.93
N THR D 513 33.12 -1.25 28.64
CA THR D 513 31.94 -0.72 29.32
C THR D 513 31.63 -1.46 30.62
N VAL D 514 32.30 -2.57 30.88
CA VAL D 514 32.23 -3.17 32.20
C VAL D 514 33.16 -2.44 33.15
N LEU D 515 34.40 -2.17 32.71
CA LEU D 515 35.32 -1.40 33.55
C LEU D 515 34.87 0.04 33.72
N LEU D 516 34.15 0.60 32.76
CA LEU D 516 33.68 1.96 32.94
C LEU D 516 32.49 2.01 33.89
N SER D 517 31.59 1.05 33.81
CA SER D 517 30.44 1.01 34.70
C SER D 517 30.78 0.39 36.05
N TYR D 518 31.91 -0.30 36.17
CA TYR D 518 32.43 -0.63 37.50
C TYR D 518 33.04 0.58 38.17
N LEU D 519 33.56 1.51 37.38
CA LEU D 519 34.19 2.70 37.93
C LEU D 519 33.16 3.62 38.57
N VAL D 520 31.96 3.71 38.01
CA VAL D 520 30.96 4.60 38.59
C VAL D 520 30.23 3.95 39.74
N PHE D 521 30.32 2.62 39.89
CA PHE D 521 29.69 1.94 41.01
C PHE D 521 30.69 1.76 42.15
N SER D 522 31.90 1.29 41.83
CA SER D 522 32.97 1.21 42.82
C SER D 522 33.73 2.53 42.89
N PHE D 523 32.99 3.57 43.20
CA PHE D 523 33.54 4.89 43.46
C PHE D 523 33.31 5.21 44.93
N ASP D 524 34.39 5.30 45.69
CA ASP D 524 34.31 5.62 47.09
C ASP D 524 34.50 7.12 47.28
N PRO D 525 33.51 7.82 47.85
CA PRO D 525 33.63 9.29 47.90
C PRO D 525 34.64 9.80 48.92
N SER D 526 34.67 9.21 50.12
CA SER D 526 35.61 9.60 51.16
C SER D 526 36.94 8.95 50.84
N ASP D 527 37.69 9.60 49.96
CA ASP D 527 38.94 9.05 49.52
C ASP D 527 39.80 10.26 49.21
N PRO D 528 41.11 10.22 49.50
CA PRO D 528 41.94 11.41 49.27
C PRO D 528 42.23 11.68 47.80
N VAL D 529 43.11 12.64 47.54
CA VAL D 529 43.56 13.00 46.19
C VAL D 529 44.15 11.87 45.34
N PRO D 530 44.67 10.74 45.85
CA PRO D 530 44.88 9.60 44.93
C PRO D 530 43.61 8.90 44.44
N ALA D 531 42.40 9.39 44.74
CA ALA D 531 41.23 8.92 44.02
C ALA D 531 41.22 9.44 42.58
N SER D 532 41.92 10.53 42.31
CA SER D 532 42.05 11.02 40.95
C SER D 532 42.98 10.12 40.14
N VAL D 533 44.23 10.01 40.57
CA VAL D 533 45.21 9.14 39.89
C VAL D 533 45.22 7.82 40.65
N ALA D 534 44.29 6.96 40.28
CA ALA D 534 44.21 5.58 40.70
C ALA D 534 44.82 4.71 39.61
N PRO D 535 45.05 3.41 39.85
CA PRO D 535 45.45 2.56 38.71
C PRO D 535 44.33 2.33 37.72
N LEU D 536 43.11 2.07 38.19
CA LEU D 536 41.99 1.81 37.29
C LEU D 536 41.49 3.09 36.64
N ASN D 537 41.55 4.21 37.35
CA ASN D 537 41.10 5.47 36.78
C ASN D 537 42.05 5.98 35.70
N THR D 538 43.34 5.64 35.79
CA THR D 538 44.27 6.12 34.77
C THR D 538 44.52 5.10 33.66
N PHE D 539 44.16 3.84 33.88
CA PHE D 539 44.24 2.88 32.78
C PHE D 539 43.13 3.11 31.78
N LEU D 540 41.94 3.47 32.26
CA LEU D 540 40.86 3.85 31.36
C LEU D 540 41.14 5.15 30.64
N ALA D 541 42.01 6.00 31.17
CA ALA D 541 42.38 7.22 30.47
C ALA D 541 43.46 6.96 29.42
N VAL D 542 44.30 5.96 29.63
CA VAL D 542 45.24 5.55 28.59
C VAL D 542 44.50 4.87 27.45
N TRP D 543 43.45 4.12 27.78
CA TRP D 543 42.62 3.45 26.79
C TRP D 543 41.97 4.46 25.85
N CYS D 544 41.28 5.46 26.42
CA CYS D 544 40.63 6.49 25.63
C CYS D 544 41.61 7.45 25.01
N ALA D 545 42.85 7.49 25.47
CA ALA D 545 43.88 8.20 24.73
C ALA D 545 44.16 7.48 23.42
N ALA D 546 44.27 6.17 23.48
CA ALA D 546 44.62 5.36 22.32
C ALA D 546 43.44 5.13 21.39
N ILE D 547 42.21 5.42 21.82
CA ILE D 547 41.09 5.39 20.90
C ILE D 547 41.13 6.62 19.99
N LEU D 548 41.52 7.78 20.55
CA LEU D 548 41.56 9.00 19.77
C LEU D 548 42.65 8.99 18.72
N VAL D 549 43.78 8.32 19.00
CA VAL D 549 44.82 8.23 17.99
C VAL D 549 44.43 7.26 16.89
N ASP D 550 43.54 6.31 17.19
CA ASP D 550 43.11 5.34 16.19
C ASP D 550 42.06 5.91 15.26
N GLU D 551 41.34 6.93 15.71
CA GLU D 551 40.36 7.57 14.84
C GLU D 551 41.03 8.55 13.89
N VAL D 552 42.13 9.17 14.30
CA VAL D 552 42.87 10.04 13.40
C VAL D 552 43.59 9.22 12.34
N GLN D 553 43.96 7.98 12.66
CA GLN D 553 44.51 7.09 11.64
C GLN D 553 43.45 6.72 10.61
N GLU D 554 42.30 6.24 11.06
CA GLU D 554 41.23 5.96 10.11
C GLU D 554 40.41 7.19 9.75
N TYR D 555 40.92 8.40 9.99
CA TYR D 555 40.38 9.55 9.29
C TYR D 555 41.24 9.91 8.10
N VAL D 556 42.55 9.72 8.22
CA VAL D 556 43.48 10.08 7.15
C VAL D 556 43.56 8.96 6.12
N GLU D 557 43.46 7.71 6.56
CA GLU D 557 43.59 6.58 5.63
C GLU D 557 42.34 6.41 4.77
N GLU D 558 41.20 6.15 5.39
CA GLU D 558 40.00 5.85 4.62
C GLU D 558 39.21 7.10 4.24
N GLY D 559 39.63 8.28 4.66
CA GLY D 559 39.08 9.52 4.15
C GLY D 559 38.02 10.11 5.06
N ARG D 560 37.17 10.93 4.46
CA ARG D 560 36.11 11.64 5.18
C ARG D 560 34.71 11.18 4.82
N ALA D 561 34.45 10.87 3.55
CA ALA D 561 33.14 10.40 3.14
C ALA D 561 32.90 8.97 3.62
N GLU D 562 33.98 8.21 3.81
CA GLU D 562 33.87 6.87 4.36
C GLU D 562 33.81 6.88 5.88
N TYR D 563 34.53 7.81 6.50
CA TYR D 563 34.57 7.92 7.95
C TYR D 563 33.21 8.33 8.50
N MET D 564 32.60 9.35 7.91
CA MET D 564 31.29 9.82 8.33
C MET D 564 30.18 9.10 7.54
N SER D 565 30.29 7.77 7.50
CA SER D 565 29.29 6.92 6.87
C SER D 565 29.12 5.61 7.63
N SER D 566 29.61 5.55 8.85
CA SER D 566 29.50 4.38 9.70
C SER D 566 28.60 4.62 10.89
N GLY D 567 28.72 5.77 11.54
CA GLY D 567 27.90 6.10 12.67
C GLY D 567 28.45 5.68 14.01
N TRP D 568 29.42 4.75 14.04
CA TRP D 568 30.07 4.41 15.30
C TRP D 568 31.40 5.13 15.48
N ASN D 569 31.96 5.66 14.40
CA ASN D 569 33.20 6.42 14.53
C ASN D 569 32.99 7.73 15.28
N VAL D 570 31.76 8.24 15.32
CA VAL D 570 31.47 9.41 16.13
C VAL D 570 31.45 9.04 17.61
N MET D 571 30.83 7.91 17.97
CA MET D 571 30.74 7.52 19.37
C MET D 571 32.06 6.98 19.92
N ASP D 572 32.96 6.51 19.07
CA ASP D 572 34.30 6.18 19.55
C ASP D 572 35.07 7.42 19.95
N VAL D 573 34.83 8.55 19.29
CA VAL D 573 35.52 9.77 19.65
C VAL D 573 34.89 10.38 20.89
N THR D 574 33.57 10.45 20.92
CA THR D 574 32.89 11.30 21.87
C THR D 574 32.88 10.72 23.28
N MET D 575 32.90 9.40 23.44
CA MET D 575 33.11 8.84 24.77
C MET D 575 34.57 8.80 25.14
N ALA D 576 35.47 8.90 24.17
CA ALA D 576 36.88 8.98 24.54
C ALA D 576 37.25 10.39 24.89
N LEU D 577 36.71 11.36 24.16
CA LEU D 577 37.02 12.76 24.41
C LEU D 577 36.36 13.24 25.69
N SER D 578 35.23 12.64 26.08
CA SER D 578 34.58 13.05 27.31
C SER D 578 35.28 12.47 28.52
N TYR D 579 35.62 11.18 28.50
CA TYR D 579 36.30 10.60 29.65
C TYR D 579 37.73 11.13 29.79
N ILE D 580 38.40 11.47 28.69
CA ILE D 580 39.72 12.04 28.83
C ILE D 580 39.65 13.50 29.29
N LEU D 581 38.49 14.13 29.17
CA LEU D 581 38.29 15.46 29.72
C LEU D 581 37.75 15.37 31.14
N HIS D 582 37.01 14.30 31.42
CA HIS D 582 36.65 13.96 32.78
C HIS D 582 37.87 13.63 33.63
N TYR D 583 38.87 12.99 33.03
CA TYR D 583 40.06 12.62 33.78
C TYR D 583 40.92 13.83 34.12
N ILE D 584 40.89 14.86 33.27
CA ILE D 584 41.66 16.06 33.54
C ILE D 584 40.96 16.95 34.55
N LEU D 585 39.71 17.32 34.28
CA LEU D 585 38.98 18.26 35.11
C LEU D 585 38.65 17.71 36.50
N ARG D 586 38.72 16.40 36.70
CA ARG D 586 38.59 15.88 38.05
C ARG D 586 39.85 16.16 38.86
N ILE D 587 41.02 16.02 38.23
CA ILE D 587 42.28 16.30 38.88
C ILE D 587 42.39 17.77 39.27
N ILE D 588 41.96 18.66 38.38
CA ILE D 588 42.06 20.09 38.64
C ILE D 588 41.09 20.53 39.72
N ALA D 589 39.91 19.92 39.79
CA ALA D 589 38.90 20.32 40.75
C ALA D 589 39.02 19.62 42.09
N VAL D 590 40.16 19.02 42.40
CA VAL D 590 40.31 18.34 43.67
C VAL D 590 41.48 18.87 44.50
N ARG D 591 42.44 19.57 43.91
CA ARG D 591 43.48 20.22 44.70
C ARG D 591 43.83 21.63 44.26
N VAL D 592 43.39 22.08 43.09
CA VAL D 592 43.72 23.42 42.62
C VAL D 592 42.59 24.37 42.96
N THR D 593 41.42 24.16 42.37
CA THR D 593 40.25 25.00 42.59
C THR D 593 39.07 24.10 42.97
N ASP D 594 38.66 24.17 44.23
CA ASP D 594 37.68 23.23 44.79
C ASP D 594 36.33 23.94 44.88
N ASN D 595 35.62 23.99 43.76
CA ASN D 595 34.31 24.62 43.72
C ASN D 595 33.31 23.73 43.01
N LEU D 596 32.04 23.94 43.33
CA LEU D 596 30.95 23.18 42.75
C LEU D 596 30.51 23.69 41.38
N ASN D 597 31.17 24.71 40.85
CA ASN D 597 30.84 25.16 39.51
C ASN D 597 31.40 24.21 38.45
N ILE D 598 32.67 23.83 38.60
CA ILE D 598 33.26 22.90 37.64
C ILE D 598 33.24 21.46 38.15
N LEU D 599 32.88 21.24 39.40
CA LEU D 599 32.74 19.87 39.89
C LEU D 599 31.53 19.19 39.25
N LEU D 600 30.44 19.94 39.09
CA LEU D 600 29.24 19.40 38.48
C LEU D 600 29.35 19.30 36.96
N VAL D 601 30.42 19.82 36.36
CA VAL D 601 30.73 19.48 34.98
C VAL D 601 31.44 18.12 34.94
N VAL D 602 32.25 17.82 35.95
CA VAL D 602 32.99 16.57 36.00
C VAL D 602 32.06 15.39 36.14
N ASN D 603 31.06 15.50 37.01
CA ASN D 603 30.06 14.44 37.11
C ASN D 603 29.12 14.42 35.90
N ASP D 604 29.15 15.45 35.06
CA ASP D 604 28.30 15.49 33.89
C ASP D 604 28.98 14.88 32.67
N LEU D 605 30.31 14.94 32.61
CA LEU D 605 31.02 14.28 31.52
C LEU D 605 31.04 12.79 31.70
N LEU D 606 31.19 12.31 32.93
CA LEU D 606 31.21 10.88 33.16
C LEU D 606 29.84 10.26 32.96
N ALA D 607 28.77 11.03 33.14
CA ALA D 607 27.45 10.54 32.77
C ALA D 607 27.30 10.48 31.26
N ALA D 608 27.80 11.49 30.55
CA ALA D 608 27.76 11.48 29.10
C ALA D 608 28.68 10.40 28.53
N ALA D 609 29.83 10.17 29.14
CA ALA D 609 30.72 9.13 28.68
C ALA D 609 30.31 7.74 29.12
N ALA D 610 29.33 7.60 30.01
CA ALA D 610 28.84 6.27 30.34
C ALA D 610 27.63 5.88 29.51
N LEU D 611 26.90 6.85 28.97
CA LEU D 611 25.87 6.51 27.98
C LEU D 611 26.48 6.03 26.68
N MET D 612 27.42 6.79 26.13
CA MET D 612 27.98 6.44 24.84
C MET D 612 28.88 5.22 24.89
N ALA D 613 29.23 4.74 26.07
CA ALA D 613 29.77 3.40 26.17
C ALA D 613 28.69 2.36 25.91
N TRP D 614 27.53 2.53 26.53
CA TRP D 614 26.48 1.53 26.41
C TRP D 614 25.67 1.64 25.12
N PHE D 615 25.65 2.80 24.48
CA PHE D 615 25.09 2.85 23.13
C PHE D 615 26.04 2.28 22.10
N ARG D 616 27.31 2.14 22.46
CA ARG D 616 28.30 1.54 21.58
C ARG D 616 28.23 0.01 21.61
N MET D 617 27.63 -0.55 22.66
CA MET D 617 27.54 -2.00 22.82
C MET D 617 26.34 -2.62 22.13
N VAL D 618 25.55 -1.86 21.38
CA VAL D 618 24.60 -2.50 20.48
C VAL D 618 25.25 -2.84 19.16
N SER D 619 26.56 -2.65 19.04
CA SER D 619 27.30 -2.96 17.83
C SER D 619 27.59 -4.43 17.67
N VAL D 620 27.41 -5.25 18.70
CA VAL D 620 27.60 -6.69 18.55
C VAL D 620 26.45 -7.31 17.78
N PHE D 621 25.33 -6.63 17.70
CA PHE D 621 24.12 -7.14 17.08
C PHE D 621 24.03 -6.78 15.61
N GLU D 622 25.08 -6.18 15.05
CA GLU D 622 25.06 -5.75 13.64
C GLU D 622 25.04 -6.92 12.68
N LEU D 623 25.63 -8.04 13.04
CA LEU D 623 25.68 -9.20 12.17
C LEU D 623 24.51 -10.13 12.36
N SER D 624 23.84 -10.03 13.49
CA SER D 624 22.69 -10.87 13.76
C SER D 624 21.53 -10.43 12.92
N SER D 625 20.90 -11.39 12.25
CA SER D 625 19.57 -11.11 11.74
C SER D 625 18.63 -10.98 12.92
N ALA D 626 17.57 -10.20 12.72
CA ALA D 626 16.49 -9.83 13.63
C ALA D 626 16.86 -8.82 14.71
N ILE D 627 18.14 -8.54 14.95
CA ILE D 627 18.49 -7.35 15.72
C ILE D 627 19.37 -6.40 14.92
N GLY D 628 20.06 -6.88 13.90
CA GLY D 628 20.68 -6.06 12.90
C GLY D 628 19.82 -5.03 12.23
N PRO D 629 18.62 -5.38 11.75
CA PRO D 629 17.72 -4.37 11.21
C PRO D 629 17.06 -3.48 12.23
N LEU D 630 17.34 -3.60 13.51
CA LEU D 630 16.89 -2.60 14.46
C LEU D 630 17.96 -1.59 14.75
N ILE D 631 19.22 -1.92 14.46
CA ILE D 631 20.27 -0.94 14.54
C ILE D 631 20.20 -0.02 13.33
N GLN D 632 19.69 -0.50 12.20
CA GLN D 632 19.64 0.30 10.99
C GLN D 632 18.37 1.10 10.86
N MET D 633 17.25 0.64 11.41
CA MET D 633 16.05 1.46 11.36
C MET D 633 16.00 2.47 12.47
N MET D 634 16.91 2.37 13.42
CA MET D 634 17.12 3.39 14.42
C MET D 634 18.18 4.39 13.98
N LYS D 635 19.15 3.95 13.17
CA LYS D 635 20.15 4.88 12.68
C LYS D 635 19.57 5.80 11.62
N GLN D 636 18.92 5.23 10.60
CA GLN D 636 18.27 6.01 9.55
C GLN D 636 17.16 6.89 10.08
N MET D 637 16.59 6.56 11.23
CA MET D 637 15.58 7.40 11.85
C MET D 637 16.20 8.65 12.45
N LEU D 638 17.43 8.54 12.97
CA LEU D 638 18.16 9.69 13.48
C LEU D 638 18.86 10.48 12.39
N ILE D 639 18.99 9.94 11.20
CA ILE D 639 19.57 10.70 10.09
C ILE D 639 18.46 11.46 9.40
N LYS D 640 17.49 10.73 8.86
CA LYS D 640 16.51 11.34 7.96
C LYS D 640 15.43 12.08 8.73
N ASP D 641 14.84 11.47 9.74
CA ASP D 641 13.59 12.00 10.24
C ASP D 641 13.79 13.02 11.35
N VAL D 642 14.63 12.71 12.34
CA VAL D 642 14.69 13.48 13.59
C VAL D 642 15.15 14.92 13.36
N THR D 643 16.02 15.15 12.40
CA THR D 643 16.46 16.52 12.20
C THR D 643 15.48 17.36 11.38
N ARG D 644 14.30 16.84 11.02
CA ARG D 644 13.26 17.70 10.47
C ARG D 644 12.02 17.77 11.35
N PHE D 645 11.86 16.85 12.30
CA PHE D 645 10.77 16.91 13.25
C PHE D 645 11.16 17.63 14.51
N ALA D 646 12.44 17.62 14.86
CA ALA D 646 12.88 18.34 16.05
C ALA D 646 12.97 19.83 15.82
N LEU D 647 12.96 20.26 14.57
CA LEU D 647 12.93 21.68 14.27
C LEU D 647 11.51 22.22 14.24
N LEU D 648 10.51 21.34 14.32
CA LEU D 648 9.11 21.73 14.43
C LEU D 648 8.54 21.52 15.81
N VAL D 649 9.03 20.52 16.54
CA VAL D 649 8.70 20.40 17.95
C VAL D 649 9.30 21.57 18.72
N LEU D 650 10.45 22.07 18.28
CA LEU D 650 11.05 23.24 18.91
C LEU D 650 10.23 24.50 18.66
N VAL D 651 9.53 24.60 17.54
CA VAL D 651 8.70 25.76 17.29
C VAL D 651 7.38 25.64 18.03
N ILE D 652 6.79 24.44 18.06
CA ILE D 652 5.50 24.23 18.74
C ILE D 652 5.66 24.35 20.24
N LEU D 653 6.73 23.79 20.80
CA LEU D 653 6.91 23.86 22.25
C LEU D 653 7.34 25.24 22.70
N LEU D 654 8.13 25.97 21.91
CA LEU D 654 8.41 27.36 22.27
C LEU D 654 7.20 28.25 22.07
N GLY D 655 6.31 27.89 21.15
CA GLY D 655 5.09 28.67 21.01
C GLY D 655 4.13 28.42 22.16
N PHE D 656 4.04 27.17 22.60
CA PHE D 656 3.18 26.82 23.72
C PHE D 656 3.73 27.37 25.04
N SER D 657 5.05 27.49 25.15
CA SER D 657 5.65 27.92 26.41
C SER D 657 5.53 29.42 26.62
N VAL D 658 5.62 30.22 25.55
CA VAL D 658 5.45 31.66 25.69
C VAL D 658 3.98 32.00 25.93
N GLY D 659 3.07 31.18 25.43
CA GLY D 659 1.66 31.43 25.69
C GLY D 659 1.27 31.15 27.13
N MET D 660 1.90 30.15 27.76
CA MET D 660 1.57 29.84 29.15
C MET D 660 2.10 30.90 30.09
N GLU D 661 3.25 31.50 29.78
CA GLU D 661 3.72 32.66 30.54
C GLU D 661 2.78 33.84 30.34
N ALA D 662 2.21 33.97 29.16
CA ALA D 662 1.33 35.10 28.91
C ALA D 662 -0.03 34.96 29.57
N LEU D 663 -0.51 33.72 29.75
CA LEU D 663 -1.72 33.52 30.55
C LEU D 663 -1.45 33.73 32.03
N PHE D 664 -0.52 32.94 32.57
CA PHE D 664 -0.32 32.85 34.01
C PHE D 664 0.61 33.98 34.43
N GLN D 665 0.04 35.19 34.39
CA GLN D 665 0.80 36.42 34.44
C GLN D 665 0.11 37.31 35.46
N GLU D 666 0.82 37.65 36.52
CA GLU D 666 0.20 38.31 37.67
C GLU D 666 -0.06 39.78 37.38
N ALA D 667 -1.11 40.29 38.03
CA ALA D 667 -1.54 41.66 37.87
C ALA D 667 -1.74 42.29 39.24
N CYS D 668 -1.92 43.61 39.27
CA CYS D 668 -2.07 44.36 40.51
C CYS D 668 -3.38 45.14 40.45
N ILE D 669 -4.29 44.81 41.36
CA ILE D 669 -5.57 45.52 41.44
C ILE D 669 -5.67 46.38 42.70
N GLU D 670 -4.88 46.11 43.73
CA GLU D 670 -5.03 46.75 45.03
C GLU D 670 -3.94 47.79 45.20
N ARG D 671 -4.26 49.04 44.86
CA ARG D 671 -3.45 50.20 45.21
C ARG D 671 -4.34 51.44 45.18
N ASP D 672 -4.52 52.08 46.34
CA ASP D 672 -5.10 53.41 46.21
C ASP D 672 -4.01 54.45 45.91
N PRO D 673 -2.97 54.72 46.79
CA PRO D 673 -1.98 55.73 46.41
C PRO D 673 -1.03 55.26 45.33
N THR D 674 -0.19 54.29 45.70
CA THR D 674 0.89 53.75 44.87
C THR D 674 1.23 52.37 45.42
N THR D 675 0.90 51.32 44.66
CA THR D 675 1.45 49.96 44.78
C THR D 675 1.26 49.36 46.18
N ASN D 676 0.00 49.10 46.53
CA ASN D 676 -0.26 48.40 47.78
C ASN D 676 -0.10 46.88 47.63
N GLU D 677 -0.92 46.25 46.77
CA GLU D 677 -0.90 44.80 46.62
C GLU D 677 -1.10 44.39 45.17
N CYS D 678 -0.95 43.09 44.92
CA CYS D 678 -1.09 42.50 43.60
C CYS D 678 -1.70 41.10 43.76
N THR D 679 -2.68 40.75 42.93
CA THR D 679 -3.32 39.44 43.05
C THR D 679 -2.43 38.34 42.52
N LYS D 680 -2.34 37.24 43.28
CA LYS D 680 -1.47 36.14 42.91
C LYS D 680 -2.16 35.20 41.91
N TYR D 681 -1.46 34.90 40.82
CA TYR D 681 -1.91 33.94 39.81
C TYR D 681 -0.91 32.81 39.76
N THR D 682 -1.36 31.65 39.29
CA THR D 682 -0.94 30.35 39.83
C THR D 682 0.55 30.01 39.77
N SER D 683 1.11 29.74 38.59
CA SER D 683 2.42 29.09 38.61
C SER D 683 3.60 29.75 37.88
N TRP D 684 3.46 29.98 36.56
CA TRP D 684 4.56 29.71 35.63
C TRP D 684 5.82 30.57 35.79
N PHE D 713 -17.33 34.39 41.65
CA PHE D 713 -17.84 35.69 41.23
C PHE D 713 -17.02 36.28 40.09
N GLU D 714 -17.60 37.27 39.43
CA GLU D 714 -16.97 38.16 38.46
C GLU D 714 -16.38 37.49 37.21
N GLN D 715 -16.64 36.19 37.02
CA GLN D 715 -16.32 35.42 35.80
C GLN D 715 -14.81 35.43 35.52
N LYS D 716 -13.97 35.57 36.55
CA LYS D 716 -12.60 35.99 36.28
C LYS D 716 -11.63 34.83 36.03
N ARG D 717 -11.79 33.71 36.72
CA ARG D 717 -10.91 32.57 36.51
C ARG D 717 -11.45 31.63 35.44
N VAL D 718 -12.58 31.98 34.82
CA VAL D 718 -13.19 31.12 33.81
C VAL D 718 -12.76 31.54 32.40
N THR D 719 -12.57 32.84 32.18
CA THR D 719 -12.18 33.35 30.86
C THR D 719 -10.77 32.91 30.49
N GLY D 720 -9.86 32.84 31.45
CA GLY D 720 -8.51 32.40 31.15
C GLY D 720 -8.36 30.91 31.00
N VAL D 721 -9.19 30.13 31.71
CA VAL D 721 -9.05 28.68 31.63
C VAL D 721 -9.72 28.12 30.37
N ILE D 722 -10.61 28.87 29.74
CA ILE D 722 -11.13 28.42 28.46
C ILE D 722 -10.15 28.77 27.34
N PHE D 723 -9.17 29.63 27.60
CA PHE D 723 -8.01 29.71 26.72
C PHE D 723 -6.89 28.76 27.11
N TYR D 724 -6.84 28.35 28.38
CA TYR D 724 -5.90 27.29 28.75
C TYR D 724 -6.31 25.96 28.13
N LEU D 725 -7.61 25.74 27.91
CA LEU D 725 -8.03 24.49 27.31
C LEU D 725 -7.90 24.50 25.80
N ILE D 726 -8.09 25.65 25.16
CA ILE D 726 -7.88 25.74 23.71
C ILE D 726 -6.40 25.59 23.37
N PHE D 727 -5.52 26.20 24.16
CA PHE D 727 -4.08 26.12 23.87
C PHE D 727 -3.53 24.73 24.11
N ALA D 728 -4.06 24.01 25.09
CA ALA D 728 -3.53 22.68 25.38
C ALA D 728 -4.07 21.64 24.41
N ILE D 729 -5.32 21.78 24.00
CA ILE D 729 -5.88 20.84 23.04
C ILE D 729 -5.29 21.03 21.65
N VAL D 730 -5.18 22.29 21.20
CA VAL D 730 -4.66 22.51 19.85
C VAL D 730 -3.15 22.33 19.78
N THR D 731 -2.48 22.14 20.91
CA THR D 731 -1.08 21.73 20.88
C THR D 731 -0.94 20.22 20.93
N ALA D 732 -1.66 19.55 21.84
CA ALA D 732 -1.55 18.09 21.95
C ALA D 732 -2.07 17.37 20.72
N ILE D 733 -3.08 17.95 20.06
CA ILE D 733 -3.47 17.44 18.76
C ILE D 733 -2.40 17.73 17.72
N LEU D 734 -1.66 18.81 17.88
CA LEU D 734 -0.67 19.17 16.88
C LEU D 734 0.60 18.33 17.01
N LEU D 735 0.91 17.84 18.21
CA LEU D 735 2.01 16.91 18.38
C LEU D 735 1.63 15.51 17.92
N LEU D 736 0.40 15.08 18.18
CA LEU D 736 -0.07 13.77 17.73
C LEU D 736 -0.16 13.70 16.21
N ASN D 737 -0.50 14.81 15.56
CA ASN D 737 -0.47 14.87 14.10
C ASN D 737 0.94 14.71 13.57
N LEU D 738 1.93 15.10 14.35
CA LEU D 738 3.34 15.07 13.98
C LEU D 738 4.00 13.77 14.36
N PHE D 739 3.35 12.99 15.23
CA PHE D 739 3.83 11.66 15.62
C PHE D 739 3.28 10.60 14.68
N ILE D 740 2.08 10.81 14.13
CA ILE D 740 1.59 10.00 13.02
C ILE D 740 2.43 10.23 11.78
N ALA D 741 2.99 11.42 11.63
CA ALA D 741 3.88 11.66 10.50
C ALA D 741 5.22 10.99 10.66
N MET D 742 5.59 10.61 11.87
CA MET D 742 6.85 9.88 12.03
C MET D 742 6.63 8.37 12.05
N LEU D 743 5.50 7.88 12.58
CA LEU D 743 5.16 6.47 12.48
C LEU D 743 5.00 6.03 11.05
N ALA D 744 4.55 6.93 10.19
CA ALA D 744 4.31 6.58 8.82
C ALA D 744 5.47 6.93 7.91
N ASP D 745 6.51 7.58 8.43
CA ASP D 745 7.75 7.67 7.68
C ASP D 745 8.66 6.49 7.96
N THR D 746 8.75 6.06 9.21
CA THR D 746 9.54 4.87 9.51
C THR D 746 8.84 3.60 9.08
N TYR D 747 7.52 3.60 8.91
CA TYR D 747 6.86 2.40 8.38
C TYR D 747 7.27 2.13 6.94
N THR D 748 7.43 3.18 6.13
CA THR D 748 7.67 2.97 4.72
C THR D 748 9.10 2.54 4.47
N ARG D 749 9.98 2.75 5.43
CA ARG D 749 11.36 2.32 5.35
C ARG D 749 11.57 0.96 5.98
N VAL D 750 10.88 0.68 7.08
CA VAL D 750 10.89 -0.67 7.68
C VAL D 750 10.30 -1.69 6.72
N SER D 751 9.17 -1.37 6.10
CA SER D 751 8.46 -2.37 5.31
C SER D 751 9.17 -2.65 4.00
N THR D 752 9.67 -1.61 3.34
CA THR D 752 10.31 -1.81 2.04
C THR D 752 11.73 -2.30 2.20
N GLN D 753 12.50 -1.65 3.06
CA GLN D 753 13.94 -1.56 2.88
C GLN D 753 14.66 -1.81 4.20
N ALA D 754 14.34 -2.91 4.88
CA ALA D 754 15.01 -3.22 6.14
C ALA D 754 16.09 -4.28 6.02
N MET D 755 15.86 -5.33 5.24
CA MET D 755 16.94 -6.26 4.94
C MET D 755 17.95 -5.63 4.00
N VAL D 756 17.54 -4.65 3.19
CA VAL D 756 18.49 -4.00 2.31
C VAL D 756 19.45 -3.13 3.09
N GLU D 757 18.95 -2.42 4.09
CA GLU D 757 19.84 -1.63 4.94
C GLU D 757 20.68 -2.51 5.85
N PHE D 758 20.15 -3.66 6.27
CA PHE D 758 20.91 -4.59 7.09
C PHE D 758 22.03 -5.24 6.31
N ARG D 759 21.76 -5.72 5.11
CA ARG D 759 22.77 -6.40 4.33
C ARG D 759 23.76 -5.45 3.69
N TYR D 760 23.39 -4.20 3.52
CA TYR D 760 24.36 -3.22 3.06
C TYR D 760 25.43 -2.97 4.11
N ARG D 761 25.06 -3.01 5.38
CA ARG D 761 26.02 -2.74 6.44
C ARG D 761 26.97 -3.92 6.64
N LYS D 762 26.47 -5.15 6.49
CA LYS D 762 27.34 -6.32 6.51
C LYS D 762 28.37 -6.27 5.40
N ALA D 763 27.99 -5.83 4.21
CA ALA D 763 28.97 -5.69 3.16
C ALA D 763 29.96 -4.57 3.45
N LYS D 764 29.52 -3.51 4.11
CA LYS D 764 30.43 -2.47 4.54
C LYS D 764 31.21 -2.84 5.79
N LEU D 765 30.81 -3.90 6.48
CA LEU D 765 31.54 -4.34 7.67
C LEU D 765 32.51 -5.46 7.36
N MET D 766 32.18 -6.31 6.39
CA MET D 766 33.07 -7.39 6.02
C MET D 766 34.21 -6.91 5.16
N ALA D 767 34.12 -5.71 4.62
CA ALA D 767 35.16 -5.19 3.78
C ALA D 767 36.10 -4.27 4.52
N SER D 768 35.69 -3.77 5.67
CA SER D 768 36.63 -3.02 6.49
C SER D 768 37.61 -3.95 7.17
N TYR D 769 37.12 -5.04 7.75
CA TYR D 769 37.98 -6.00 8.43
C TYR D 769 38.82 -6.85 7.50
N SER D 770 38.55 -6.82 6.20
CA SER D 770 39.46 -7.48 5.27
C SER D 770 40.74 -6.69 5.10
N ARG D 771 40.63 -5.37 5.00
CA ARG D 771 41.79 -4.49 4.90
C ARG D 771 42.13 -3.86 6.25
N ARG D 772 42.52 -4.71 7.19
CA ARG D 772 42.82 -4.29 8.56
C ARG D 772 43.70 -5.36 9.20
N ASP D 773 44.57 -4.94 10.12
CA ASP D 773 45.33 -5.89 10.94
C ASP D 773 44.47 -6.38 12.11
N PHE D 774 45.10 -7.01 13.09
CA PHE D 774 44.39 -7.67 14.18
C PHE D 774 44.42 -6.86 15.48
N VAL D 775 44.94 -5.65 15.46
CA VAL D 775 45.11 -4.88 16.69
C VAL D 775 43.78 -4.32 17.14
N CYS D 776 43.73 -3.88 18.39
CA CYS D 776 42.61 -3.32 19.08
C CYS D 776 42.97 -1.92 19.54
N PRO D 777 41.99 -1.12 19.97
CA PRO D 777 42.30 0.24 20.45
C PRO D 777 43.26 0.32 21.63
N PRO D 778 43.27 -0.57 22.64
CA PRO D 778 44.30 -0.39 23.68
C PRO D 778 45.70 -0.79 23.26
N PHE D 779 45.88 -1.62 22.24
CA PHE D 779 47.19 -2.18 21.92
C PHE D 779 47.78 -1.67 20.61
N ASN D 780 47.16 -0.71 19.94
CA ASN D 780 47.84 -0.15 18.79
C ASN D 780 48.89 0.87 19.22
N LEU D 781 48.58 1.65 20.26
CA LEU D 781 49.53 2.58 20.85
C LEU D 781 50.72 1.85 21.46
N LEU D 782 50.53 0.58 21.82
CA LEU D 782 51.64 -0.24 22.30
C LEU D 782 52.66 -0.53 21.20
N HIS D 783 52.25 -0.50 19.92
CA HIS D 783 53.23 -0.62 18.84
C HIS D 783 53.41 0.65 18.04
N LEU D 784 52.52 1.64 18.15
CA LEU D 784 52.77 2.95 17.56
C LEU D 784 53.92 3.69 18.25
N VAL D 785 54.35 3.23 19.41
CA VAL D 785 55.63 3.67 19.95
C VAL D 785 56.76 2.72 19.53
N CYS D 786 56.47 1.43 19.41
CA CYS D 786 57.49 0.46 19.03
C CYS D 786 57.84 0.54 17.54
N ALA D 787 56.85 0.80 16.68
CA ALA D 787 57.15 0.97 15.26
C ALA D 787 57.83 2.30 14.97
N ALA D 788 57.79 3.25 15.92
CA ALA D 788 58.61 4.45 15.79
C ALA D 788 60.06 4.17 16.16
N VAL D 789 60.33 3.03 16.80
CA VAL D 789 61.69 2.65 17.17
C VAL D 789 62.16 1.45 16.36
N GLY D 790 61.35 0.40 16.27
CA GLY D 790 61.76 -0.85 15.64
C GLY D 790 61.91 -0.77 14.14
N ASN D 791 61.30 0.22 13.50
CA ASN D 791 61.57 0.45 12.08
C ASN D 791 62.88 1.17 11.86
N GLY D 792 63.23 2.09 12.77
CA GLY D 792 64.44 2.87 12.60
C GLY D 792 65.71 2.10 12.89
N LEU D 793 65.64 1.11 13.78
CA LEU D 793 66.84 0.37 14.15
C LEU D 793 67.32 -0.56 13.05
N ARG D 794 66.48 -0.88 12.08
CA ARG D 794 66.87 -1.70 10.94
C ARG D 794 67.33 -0.86 9.75
N ARG D 795 67.35 0.46 9.89
CA ARG D 795 67.74 1.35 8.81
C ARG D 795 69.09 2.02 9.04
N LEU D 796 69.56 2.09 10.28
CA LEU D 796 70.82 2.73 10.59
C LEU D 796 72.03 1.80 10.44
N VAL D 797 71.88 0.51 10.72
CA VAL D 797 73.00 -0.40 10.57
C VAL D 797 72.73 -1.47 9.51
N TRP D 798 71.49 -1.97 9.44
CA TRP D 798 71.16 -2.93 8.38
C TRP D 798 70.81 -2.23 7.08
N GLY D 799 69.77 -1.40 7.09
CA GLY D 799 69.36 -0.69 5.89
C GLY D 799 68.12 -1.28 5.26
N PRO D 800 68.23 -1.77 4.02
CA PRO D 800 67.08 -2.39 3.36
C PRO D 800 66.74 -3.74 3.96
N ASP D 801 66.03 -3.75 5.09
CA ASP D 801 65.71 -5.00 5.78
C ASP D 801 64.56 -5.72 5.09
N GLY D 802 63.43 -5.05 4.92
CA GLY D 802 62.25 -5.66 4.36
C GLY D 802 61.32 -6.21 5.44
N PHE D 803 60.05 -6.37 5.04
CA PHE D 803 58.88 -6.71 5.87
C PHE D 803 58.87 -6.01 7.23
N THR D 804 59.21 -4.73 7.24
CA THR D 804 59.14 -3.91 8.44
C THR D 804 57.67 -3.66 8.79
N PRO D 805 57.36 -3.57 10.09
CA PRO D 805 55.97 -3.29 10.50
C PRO D 805 55.55 -1.88 10.10
N VAL D 806 54.57 -1.79 9.20
CA VAL D 806 54.07 -0.49 8.78
C VAL D 806 53.20 0.10 9.89
N SER D 807 53.37 1.38 10.14
CA SER D 807 52.52 2.06 11.12
C SER D 807 51.16 2.42 10.52
N MET D 808 51.06 2.46 9.20
CA MET D 808 49.79 2.72 8.56
C MET D 808 48.91 1.49 8.57
N ARG D 809 47.67 1.64 9.03
CA ARG D 809 46.70 0.55 8.93
C ARG D 809 46.12 0.59 7.51
N LYS D 810 45.19 -0.33 7.21
CA LYS D 810 44.61 -0.53 5.88
C LYS D 810 45.71 -0.82 4.85
N ASN D 811 46.21 -2.05 4.93
CA ASN D 811 47.19 -2.56 3.98
C ASN D 811 46.74 -2.40 2.53
N GLU D 812 47.43 -1.52 1.80
CA GLU D 812 47.00 -1.09 0.48
C GLU D 812 47.65 -1.86 -0.65
N THR D 813 48.63 -2.72 -0.34
CA THR D 813 49.28 -3.50 -1.38
C THR D 813 48.36 -4.60 -1.90
N VAL D 814 47.77 -5.38 -1.00
CA VAL D 814 46.97 -6.54 -1.38
C VAL D 814 45.61 -6.08 -1.88
N PRO D 815 45.02 -6.76 -2.86
CA PRO D 815 43.68 -6.39 -3.32
C PRO D 815 42.63 -6.87 -2.35
N LEU D 816 41.37 -6.59 -2.69
CA LEU D 816 40.29 -6.87 -1.77
C LEU D 816 40.02 -8.37 -1.69
N PHE D 817 39.90 -9.02 -2.84
CA PHE D 817 39.66 -10.45 -2.89
C PHE D 817 40.85 -11.15 -3.51
N SER D 818 40.95 -12.45 -3.26
CA SER D 818 42.07 -13.23 -3.77
C SER D 818 41.89 -13.63 -5.22
N TRP D 819 40.69 -13.51 -5.75
CA TRP D 819 40.43 -13.86 -7.13
C TRP D 819 40.44 -12.67 -8.07
N TYR D 820 41.14 -11.58 -7.72
CA TYR D 820 41.04 -10.38 -8.54
C TYR D 820 41.78 -10.48 -9.86
N PHE D 821 43.09 -10.56 -9.83
CA PHE D 821 43.84 -10.52 -11.08
C PHE D 821 44.32 -11.91 -11.42
N PRO D 822 43.75 -12.58 -12.40
CA PRO D 822 44.29 -13.87 -12.82
C PRO D 822 45.57 -13.66 -13.60
N GLN D 823 46.34 -14.73 -13.75
CA GLN D 823 47.70 -14.60 -14.22
C GLN D 823 47.99 -15.49 -15.41
N GLY D 824 47.00 -16.19 -15.95
CA GLY D 824 47.32 -17.29 -16.82
C GLY D 824 46.12 -17.98 -17.39
N GLU D 825 46.05 -19.30 -17.22
CA GLU D 825 44.86 -20.05 -17.60
C GLU D 825 43.61 -19.64 -16.84
N GLU D 826 43.74 -19.04 -15.65
CA GLU D 826 42.56 -18.45 -15.03
C GLU D 826 42.06 -17.24 -15.80
N MET D 827 42.95 -16.49 -16.44
CA MET D 827 42.51 -15.32 -17.18
C MET D 827 41.81 -15.71 -18.46
N ARG D 828 42.23 -16.80 -19.08
CA ARG D 828 41.58 -17.25 -20.29
C ARG D 828 40.24 -17.90 -19.99
N GLN D 829 40.04 -18.43 -18.79
CA GLN D 829 38.75 -19.02 -18.46
C GLN D 829 37.74 -17.97 -18.03
N VAL D 830 38.18 -16.95 -17.30
CA VAL D 830 37.29 -15.88 -16.85
C VAL D 830 36.72 -15.11 -18.05
N VAL D 831 37.53 -14.88 -19.07
CA VAL D 831 37.08 -14.23 -20.29
C VAL D 831 36.04 -15.06 -21.01
N VAL D 832 36.18 -16.38 -20.98
CA VAL D 832 35.16 -17.25 -21.57
C VAL D 832 33.90 -17.25 -20.72
N LEU D 833 34.02 -17.10 -19.41
CA LEU D 833 32.81 -17.04 -18.58
C LEU D 833 32.15 -15.67 -18.61
N GLN D 834 32.87 -14.57 -18.79
CA GLN D 834 32.14 -13.30 -18.83
C GLN D 834 31.49 -13.07 -20.16
N ARG D 835 32.07 -13.58 -21.25
CA ARG D 835 31.39 -13.51 -22.54
C ARG D 835 30.16 -14.39 -22.55
N ARG D 836 30.18 -15.49 -21.81
CA ARG D 836 29.03 -16.38 -21.77
C ARG D 836 27.88 -15.76 -21.01
N VAL D 837 28.19 -15.11 -19.89
CA VAL D 837 27.15 -14.52 -19.06
C VAL D 837 26.57 -13.28 -19.71
N VAL D 838 27.42 -12.32 -20.05
CA VAL D 838 26.90 -11.00 -20.38
C VAL D 838 26.45 -10.90 -21.83
N ASP D 839 26.76 -11.88 -22.69
CA ASP D 839 26.09 -11.93 -23.97
C ASP D 839 24.68 -12.47 -23.86
N ASP D 840 24.33 -13.07 -22.74
CA ASP D 840 22.96 -13.50 -22.54
C ASP D 840 22.23 -12.62 -21.56
N PHE D 841 22.93 -11.70 -20.93
CA PHE D 841 22.32 -10.49 -20.37
C PHE D 841 21.88 -9.55 -21.47
N LEU D 842 22.76 -9.26 -22.42
CA LEU D 842 22.46 -8.27 -23.43
C LEU D 842 21.49 -8.76 -24.48
N ASN D 843 21.32 -10.06 -24.65
CA ASN D 843 20.29 -10.52 -25.57
C ASN D 843 18.92 -10.40 -24.94
N SER D 844 18.79 -10.73 -23.67
CA SER D 844 17.51 -10.72 -23.01
C SER D 844 17.08 -9.34 -22.54
N ASN D 845 17.86 -8.30 -22.86
CA ASN D 845 17.38 -6.94 -22.82
C ASN D 845 16.96 -6.44 -24.17
N ARG D 846 17.56 -6.96 -25.24
CA ARG D 846 17.14 -6.57 -26.56
C ARG D 846 15.77 -7.11 -26.87
N VAL D 847 15.46 -8.30 -26.38
CA VAL D 847 14.15 -8.89 -26.57
C VAL D 847 13.12 -8.22 -25.68
N ALA D 848 13.46 -7.99 -24.42
CA ALA D 848 12.51 -7.44 -23.47
C ALA D 848 12.24 -5.96 -23.67
N LEU D 849 13.09 -5.24 -24.38
CA LEU D 849 12.72 -3.88 -24.79
C LEU D 849 11.80 -3.90 -25.99
N PHE D 850 12.04 -4.82 -26.91
CA PHE D 850 11.23 -4.90 -28.12
C PHE D 850 9.83 -5.36 -27.81
N ARG D 851 9.66 -6.20 -26.79
CA ARG D 851 8.35 -6.65 -26.40
C ARG D 851 7.48 -5.50 -25.91
N GLU D 852 8.06 -4.53 -25.22
CA GLU D 852 7.33 -3.33 -24.81
C GLU D 852 7.10 -2.37 -25.96
N LYS D 853 7.87 -2.48 -27.03
CA LYS D 853 7.56 -1.77 -28.25
C LYS D 853 6.47 -2.48 -29.03
N LEU D 854 6.41 -3.79 -28.96
CA LEU D 854 5.37 -4.47 -29.71
C LEU D 854 4.07 -4.50 -28.92
N ASN D 855 4.09 -4.29 -27.61
CA ASN D 855 2.84 -4.16 -26.90
C ASN D 855 2.13 -2.86 -27.26
N ALA D 856 2.81 -1.74 -27.08
CA ALA D 856 2.18 -0.45 -27.30
C ALA D 856 1.90 -0.15 -28.76
N GLU D 857 2.56 -0.84 -29.68
CA GLU D 857 2.41 -0.58 -31.10
C GLU D 857 1.94 -1.82 -31.83
N LEU D 858 1.15 -2.63 -31.18
CA LEU D 858 0.61 -3.84 -31.79
C LEU D 858 -0.42 -3.60 -32.89
N PRO D 859 -1.38 -2.66 -32.80
CA PRO D 859 -2.26 -2.46 -33.95
C PRO D 859 -1.62 -1.79 -35.14
N ASN D 860 -0.35 -1.43 -35.09
CA ASN D 860 0.33 -0.86 -36.24
C ASN D 860 1.10 -1.91 -37.02
N LEU D 861 1.48 -3.00 -36.37
CA LEU D 861 2.07 -4.12 -37.09
C LEU D 861 1.01 -4.85 -37.89
N VAL D 862 -0.16 -5.04 -37.29
CA VAL D 862 -1.30 -5.66 -37.95
C VAL D 862 -1.81 -4.78 -39.08
N HIS D 863 -1.70 -3.46 -38.92
CA HIS D 863 -2.13 -2.58 -39.99
C HIS D 863 -1.12 -2.53 -41.12
N GLU D 864 0.16 -2.78 -40.84
CA GLU D 864 1.14 -2.87 -41.92
C GLU D 864 1.03 -4.17 -42.70
N MET D 865 0.48 -5.21 -42.09
CA MET D 865 0.26 -6.48 -42.78
C MET D 865 -0.95 -6.42 -43.71
N LEU D 866 -1.81 -5.43 -43.52
CA LEU D 866 -2.95 -5.20 -44.39
C LEU D 866 -2.74 -4.05 -45.34
N LYS D 867 -1.80 -3.17 -45.04
CA LYS D 867 -1.42 -2.07 -45.93
C LYS D 867 -0.74 -2.59 -47.19
N GLN D 868 -0.17 -3.78 -47.13
CA GLN D 868 0.45 -4.36 -48.32
C GLN D 868 -0.60 -4.79 -49.34
N LYS D 869 -1.82 -5.09 -48.90
CA LYS D 869 -2.96 -5.22 -49.80
C LYS D 869 -3.26 -3.91 -50.51
N GLY D 870 -2.95 -2.78 -49.86
CA GLY D 870 -3.09 -1.48 -50.48
C GLY D 870 -2.05 -1.20 -51.56
N LYS D 871 -0.78 -1.53 -51.32
CA LYS D 871 0.22 -1.22 -52.33
C LYS D 871 0.54 -2.42 -53.21
N GLY D 872 1.03 -3.51 -52.63
CA GLY D 872 1.51 -4.63 -53.42
C GLY D 872 1.38 -6.01 -52.81
#